data_7YFH
#
_entry.id   7YFH
#
_cell.length_a   1.00
_cell.length_b   1.00
_cell.length_c   1.00
_cell.angle_alpha   90.00
_cell.angle_beta   90.00
_cell.angle_gamma   90.00
#
_symmetry.space_group_name_H-M   'P 1'
#
loop_
_entity.id
_entity.type
_entity.pdbx_description
1 polymer 'Glutamate receptor ionotropic, NMDA 1'
2 polymer 'Glutamate receptor ionotropic, NMDA 2C'
3 branched alpha-D-mannopyranose-(1-4)-2-acetamido-2-deoxy-beta-D-glucopyranose-(1-4)-2-acetamido-2-deoxy-beta-D-glucopyranose
4 branched 2-acetamido-2-deoxy-beta-D-glucopyranose-(1-4)-2-acetamido-2-deoxy-beta-D-glucopyranose
5 non-polymer 2-acetamido-2-deoxy-beta-D-glucopyranose
6 non-polymer GLYCINE
7 non-polymer 'GLUTAMIC ACID'
8 non-polymer 'methyl 4-[(2~{R})-3-ethanoyl-1-[2-(2-methyl-1~{H}-indol-3-yl)ethyl]-4-oxidanyl-5-oxidanylidene-2~{H}-pyrrol-2-yl]benzoate'
#
loop_
_entity_poly.entity_id
_entity_poly.type
_entity_poly.pdbx_seq_one_letter_code
_entity_poly.pdbx_strand_id
1 'polypeptide(L)'
;MSTMHLLTFALLFSCSFARAACDPKIVNIGAVLSTRKHEQMFREAVNQANKRHGSWKIQLNATSVTHKPNAIQMALSVCE
DLISSQVYAILVSHPPTPNDHFTPTPVSYTAGFYRIPVLGLTTRMSIYSDKSIHLSFLRTVPPYSHQSSVWFEMMRVYNW
NHIILLVSDDHEGRAAQKRLETLLEERESKAEKVLQFDPGTKNVTALLMEARELEARVIILSASEDDAATVYRAAAMLNM
TGSGYVWLVGEREISGNALRYAPDGIIGLQLINGKNESAHISDAVGVVAQAVHELLEKENITDPPRGCVGNTNIWKTGPL
FKRVLMSSKYADGVTGRVEFNEDGDRKFANYSIMNLQNRKLVQVGIYNGTHVIPNDRKIIWPGGETEKPRGYQMSTRLKI
VTIHQEPFVYVKPTMSDGTCKEEFTVNGDPVKKVICTGPNDTSPGSPRHTVPQCCYGFCIDLLIKLARTMNFTYEVHLVA
DGKFGTQERVNNSNKKEWNGMMGELLSGQADMIVAPLTINNERAQYIEFSKPFKYQGLTILVKKEIPRSTLDSFMQPFQS
TLWLLVGLSVHVVAVMLYLLDRFSPFGRFKVNSEEEEEDALTLSSAMWFSWGVLLNSGIGEGAPRSFSARILGMVWAGFA
MIIVASYTANLAAFLVLDRPEERITGINDPRLRNPSDKFIYATVKQSSVDIYFRRQVELSTMYRHMEKHNYESAAEAIQA
VRDNKLHAFIWDSAVLEFEASQKCDLVTTGELFFRSGFGIGMRKDSPWKQNVSLSILKSHENGFMEDLDKTWVRYQECDS
RSNAPATLTFENMAGVFMLVAGGIVAGIFLIFIEIAYKRHKDARRKQLEVLFQGPAAAHHHHHHHH
;
A,C
2 'polypeptide(L)'
;MGGALGPALLLTSLLGAWARLGAGQGEQAVTVAVVFGSSGPLQTQARTRLTSQNFLDLPLEIQPLTVGVNNTNPSSILTQ
ICGLLGAARVHGIVFEDNVDTEAVAQLLDFVSSQTHVPILSISGGSAVVLTPKEPGSAFLQLGVSLEQQLQVLFKVLEEY
DWSAFAVITSLHPGHALFLEGVRAVADASYLSWRLLDVLTLELGPGGPRARTQRLLRQVDAPVLVAYCSREEAEVLFAEA
AQAGLVGPGHVWLVPNLALGSTDAPPAAFPVGLISVVTESWRLSLRQKVRDGVAILALGAHSYRRQYGTLPAPAGDCRSH
PGPVSPAREAFYRHLLNVTWEGRDFSFSPGGYLVRPTMVVIALNRHRLWEMVGRWDHGVLYMKYPVWPRYSTSLQPVVDS
RHLTVATLEERPFVIVESPDPGTGGCVPNTVPCRRQSNHTFSSGDLTPYTKLCCKGFCIDILKKLAKVVKFSYDLYLVTN
GKHGKRVRGVWNGMIGEVYYKRADMAIGSLTINEERSEIIDFSVPFVETGISVMVSRSNGTVSPSAFLEPYSPAVWVMMF
VMCLTVVAITVFMFEYFSPVSYNQNLTKGKKPGGPSFTIGKSVWLLWALVFNNSVPIENPRGTTSKIMVLVWAFFAVIFL
ASYTANLAAFMIQEQYIDTVSGLSDKKFQRPQDQYPPFRFGTVPNGSTERNIRSNYRDMHTHMVKFNQRSVEDALTSLKM
GKLDAFIYDAAVLNYMAGKDEGCKLVTIGSGKVFATTGYGIAMQKDSHWKRAIDLALLQLLGDGETQKLETVWLSGICQN
;
B,D
#
# COMPACT_ATOMS: atom_id res chain seq x y z
N LYS A 25 20.26 2.39 47.44
CA LYS A 25 19.59 1.36 46.65
C LYS A 25 20.48 0.13 46.47
N ILE A 26 20.16 -0.94 47.19
CA ILE A 26 20.91 -2.19 47.13
C ILE A 26 20.16 -3.16 46.23
N VAL A 27 20.88 -3.81 45.32
CA VAL A 27 20.32 -4.77 44.38
C VAL A 27 20.88 -6.14 44.70
N ASN A 28 20.00 -7.11 44.89
CA ASN A 28 20.38 -8.44 45.32
C ASN A 28 20.14 -9.43 44.19
N ILE A 29 21.13 -10.31 43.96
CA ILE A 29 21.04 -11.32 42.93
C ILE A 29 21.19 -12.70 43.58
N GLY A 30 20.55 -13.69 42.97
CA GLY A 30 20.53 -15.03 43.52
C GLY A 30 21.05 -16.04 42.49
N ALA A 31 21.47 -17.19 43.00
CA ALA A 31 21.95 -18.23 42.13
C ALA A 31 21.75 -19.60 42.78
N VAL A 32 21.52 -20.59 41.93
CA VAL A 32 21.45 -21.98 42.33
C VAL A 32 22.58 -22.69 41.60
N LEU A 33 23.60 -23.10 42.33
CA LEU A 33 24.80 -23.71 41.77
C LEU A 33 24.98 -25.09 42.36
N SER A 34 26.08 -25.76 42.02
CA SER A 34 26.24 -27.17 42.33
C SER A 34 27.32 -27.44 43.39
N THR A 35 28.56 -26.98 43.16
CA THR A 35 29.69 -27.45 43.94
C THR A 35 29.98 -26.60 45.18
N ARG A 36 29.28 -25.49 45.36
CA ARG A 36 29.43 -24.60 46.51
C ARG A 36 30.75 -23.82 46.42
N LYS A 37 31.62 -24.23 45.49
CA LYS A 37 32.78 -23.43 45.11
C LYS A 37 32.46 -22.55 43.92
N HIS A 38 31.59 -23.03 43.04
CA HIS A 38 30.99 -22.16 42.03
C HIS A 38 30.29 -20.98 42.67
N GLU A 39 29.79 -21.15 43.89
CA GLU A 39 29.25 -20.00 44.63
C GLU A 39 30.35 -18.99 44.92
N GLN A 40 31.55 -19.45 45.27
CA GLN A 40 32.66 -18.54 45.50
C GLN A 40 33.06 -17.82 44.22
N MET A 41 33.10 -18.52 43.09
CA MET A 41 33.35 -17.83 41.83
C MET A 41 32.25 -16.83 41.51
N PHE A 42 31.00 -17.16 41.86
CA PHE A 42 29.90 -16.22 41.64
C PHE A 42 30.07 -14.96 42.47
N ARG A 43 30.47 -15.11 43.73
CA ARG A 43 30.72 -13.95 44.58
C ARG A 43 31.89 -13.12 44.07
N GLU A 44 32.95 -13.78 43.60
CA GLU A 44 34.07 -13.03 43.03
C GLU A 44 33.65 -12.26 41.79
N ALA A 45 32.84 -12.89 40.93
CA ALA A 45 32.36 -12.22 39.74
C ALA A 45 31.47 -11.04 40.08
N VAL A 46 30.61 -11.18 41.10
CA VAL A 46 29.75 -10.07 41.46
C VAL A 46 30.58 -8.94 42.08
N ASN A 47 31.65 -9.26 42.80
CA ASN A 47 32.55 -8.22 43.30
C ASN A 47 33.22 -7.49 42.14
N GLN A 48 33.70 -8.23 41.14
CA GLN A 48 34.33 -7.60 39.99
C GLN A 48 33.34 -6.70 39.25
N ALA A 49 32.10 -7.16 39.09
CA ALA A 49 31.09 -6.34 38.43
C ALA A 49 30.73 -5.12 39.26
N ASN A 50 30.74 -5.25 40.59
CA ASN A 50 30.38 -4.15 41.46
C ASN A 50 31.49 -3.10 41.51
N LYS A 51 32.73 -3.51 41.26
CA LYS A 51 33.81 -2.53 41.16
C LYS A 51 33.91 -1.91 39.77
N ARG A 52 33.79 -2.71 38.72
CA ARG A 52 33.87 -2.18 37.36
C ARG A 52 32.75 -1.19 37.09
N HIS A 53 31.52 -1.56 37.44
CA HIS A 53 30.38 -0.65 37.37
C HIS A 53 30.34 0.09 38.68
N GLY A 54 30.49 1.42 38.62
CA GLY A 54 30.64 2.25 39.80
C GLY A 54 29.68 1.93 40.92
N SER A 55 30.22 1.53 42.07
CA SER A 55 29.38 1.08 43.18
C SER A 55 28.47 2.20 43.66
N TRP A 56 29.05 3.35 43.99
CA TRP A 56 28.31 4.45 44.59
C TRP A 56 27.39 3.94 45.69
N LYS A 57 26.09 3.91 45.40
CA LYS A 57 25.10 3.31 46.30
C LYS A 57 24.19 2.37 45.49
N ILE A 58 24.80 1.51 44.70
CA ILE A 58 24.07 0.48 43.97
C ILE A 58 24.24 -0.90 44.63
N GLN A 59 25.44 -1.20 45.15
CA GLN A 59 25.68 -2.35 46.00
C GLN A 59 25.07 -3.65 45.49
N LEU A 60 25.59 -4.17 44.39
CA LEU A 60 25.11 -5.46 43.89
C LEU A 60 25.49 -6.56 44.88
N ASN A 61 24.50 -7.05 45.61
CA ASN A 61 24.71 -8.12 46.57
C ASN A 61 24.49 -9.47 45.89
N ALA A 62 25.09 -10.52 46.46
CA ALA A 62 25.00 -11.84 45.88
C ALA A 62 24.70 -12.87 46.95
N THR A 63 23.69 -13.70 46.70
CA THR A 63 23.36 -14.84 47.55
C THR A 63 23.17 -16.07 46.67
N SER A 64 23.45 -17.24 47.23
CA SER A 64 23.46 -18.46 46.45
C SER A 64 23.01 -19.63 47.30
N VAL A 65 22.48 -20.66 46.63
CA VAL A 65 22.09 -21.91 47.26
C VAL A 65 22.52 -23.04 46.34
N THR A 66 22.54 -24.26 46.89
CA THR A 66 22.96 -25.43 46.14
C THR A 66 21.74 -26.22 45.67
N HIS A 67 21.94 -26.98 44.59
CA HIS A 67 20.86 -27.80 44.05
C HIS A 67 20.47 -28.89 45.05
N LYS A 68 19.19 -29.23 45.06
CA LYS A 68 18.70 -30.26 45.93
C LYS A 68 18.14 -31.42 45.12
N PRO A 69 18.24 -32.66 45.61
CA PRO A 69 17.80 -33.80 44.79
C PRO A 69 16.30 -33.78 44.51
N ASN A 70 15.48 -33.61 45.54
CA ASN A 70 14.03 -33.62 45.37
C ASN A 70 13.59 -32.30 44.74
N ALA A 71 12.84 -32.39 43.64
CA ALA A 71 12.48 -31.19 42.88
C ALA A 71 11.53 -30.29 43.66
N ILE A 72 10.56 -30.88 44.36
CA ILE A 72 9.61 -30.08 45.13
C ILE A 72 10.33 -29.32 46.24
N GLN A 73 11.21 -30.00 46.97
CA GLN A 73 11.98 -29.31 47.99
C GLN A 73 12.92 -28.28 47.38
N MET A 74 13.39 -28.50 46.15
CA MET A 74 14.20 -27.50 45.48
C MET A 74 13.39 -26.23 45.21
N ALA A 75 12.15 -26.39 44.74
CA ALA A 75 11.31 -25.22 44.51
C ALA A 75 10.98 -24.50 45.82
N LEU A 76 10.70 -25.26 46.88
CA LEU A 76 10.41 -24.64 48.16
C LEU A 76 11.62 -23.88 48.70
N SER A 77 12.82 -24.44 48.54
CA SER A 77 14.02 -23.74 48.94
C SER A 77 14.29 -22.52 48.07
N VAL A 78 13.89 -22.57 46.79
CA VAL A 78 14.00 -21.39 45.95
C VAL A 78 13.12 -20.28 46.49
N CYS A 79 11.90 -20.61 46.91
CA CYS A 79 11.05 -19.60 47.54
C CYS A 79 11.67 -19.07 48.81
N GLU A 80 12.18 -19.95 49.67
CA GLU A 80 12.59 -19.55 51.01
C GLU A 80 13.95 -18.84 51.04
N ASP A 81 14.84 -19.11 50.09
CA ASP A 81 16.18 -18.57 50.18
C ASP A 81 16.39 -17.40 49.22
N LEU A 82 15.89 -17.49 48.00
CA LEU A 82 16.13 -16.46 46.99
C LEU A 82 14.93 -15.54 46.82
N ILE A 83 13.74 -16.08 46.60
CA ILE A 83 12.57 -15.23 46.40
C ILE A 83 12.24 -14.46 47.66
N SER A 84 12.58 -15.02 48.83
CA SER A 84 12.35 -14.32 50.09
C SER A 84 13.11 -13.00 50.13
N SER A 85 14.35 -12.99 49.67
CA SER A 85 15.08 -11.75 49.51
C SER A 85 14.56 -10.98 48.30
N GLN A 86 14.99 -9.73 48.19
CA GLN A 86 14.57 -8.87 47.08
C GLN A 86 15.41 -9.17 45.83
N VAL A 87 15.34 -10.43 45.39
CA VAL A 87 16.17 -10.88 44.28
C VAL A 87 15.64 -10.29 42.98
N TYR A 88 16.57 -9.81 42.14
CA TYR A 88 16.21 -9.23 40.85
C TYR A 88 16.32 -10.24 39.71
N ALA A 89 17.22 -11.20 39.82
CA ALA A 89 17.34 -12.26 38.84
C ALA A 89 17.99 -13.45 39.52
N ILE A 90 17.66 -14.65 39.03
CA ILE A 90 18.20 -15.89 39.55
C ILE A 90 19.00 -16.57 38.45
N LEU A 91 20.24 -16.94 38.74
CA LEU A 91 21.05 -17.76 37.86
C LEU A 91 20.89 -19.22 38.25
N VAL A 92 20.90 -20.11 37.27
CA VAL A 92 20.76 -21.53 37.56
C VAL A 92 21.76 -22.31 36.71
N SER A 93 22.51 -23.19 37.36
CA SER A 93 23.47 -24.06 36.69
C SER A 93 22.91 -25.48 36.61
N HIS A 94 23.75 -26.40 36.16
CA HIS A 94 23.37 -27.80 35.98
C HIS A 94 24.32 -28.68 36.78
N PRO A 95 23.82 -29.57 37.63
CA PRO A 95 24.69 -30.49 38.36
C PRO A 95 25.44 -31.39 37.39
N PRO A 96 26.65 -31.82 37.77
CA PRO A 96 27.41 -32.72 36.88
C PRO A 96 26.66 -34.01 36.54
N THR A 97 25.88 -34.55 37.47
CA THR A 97 25.14 -35.77 37.22
C THR A 97 24.06 -35.51 36.18
N PRO A 98 24.03 -36.24 35.06
CA PRO A 98 23.06 -35.94 34.00
C PRO A 98 21.63 -36.21 34.44
N ASN A 99 20.81 -35.15 34.43
CA ASN A 99 19.38 -35.28 34.69
C ASN A 99 18.55 -34.54 33.64
N ASP A 100 19.18 -33.95 32.63
CA ASP A 100 18.51 -33.28 31.50
C ASP A 100 17.65 -32.15 32.04
N HIS A 101 16.41 -31.98 31.57
CA HIS A 101 15.57 -30.84 31.91
C HIS A 101 15.03 -30.88 33.33
N PHE A 102 15.29 -31.95 34.07
CA PHE A 102 14.66 -32.12 35.38
C PHE A 102 15.07 -31.03 36.35
N THR A 103 16.34 -30.64 36.35
CA THR A 103 16.88 -29.79 37.40
C THR A 103 16.59 -28.29 37.27
N PRO A 104 16.69 -27.66 36.09
CA PRO A 104 16.45 -26.22 36.03
C PRO A 104 14.98 -25.84 35.94
N THR A 105 14.07 -26.82 35.77
CA THR A 105 12.65 -26.49 35.64
C THR A 105 12.05 -25.89 36.89
N PRO A 106 12.23 -26.45 38.10
CA PRO A 106 11.52 -25.87 39.27
C PRO A 106 11.79 -24.39 39.45
N VAL A 107 13.04 -23.97 39.38
CA VAL A 107 13.35 -22.54 39.48
C VAL A 107 12.56 -21.76 38.45
N SER A 108 12.60 -22.22 37.20
CA SER A 108 11.94 -21.49 36.12
C SER A 108 10.46 -21.31 36.38
N TYR A 109 9.86 -22.21 37.16
CA TYR A 109 8.45 -22.02 37.51
C TYR A 109 8.31 -21.00 38.64
N THR A 110 9.08 -21.19 39.71
CA THR A 110 8.91 -20.33 40.88
C THR A 110 9.27 -18.89 40.57
N ALA A 111 10.38 -18.67 39.87
CA ALA A 111 10.71 -17.31 39.45
C ALA A 111 9.80 -16.85 38.32
N GLY A 112 9.24 -17.80 37.56
CA GLY A 112 8.37 -17.43 36.47
C GLY A 112 7.00 -16.96 36.91
N PHE A 113 6.58 -17.35 38.11
CA PHE A 113 5.31 -16.88 38.64
C PHE A 113 5.32 -15.36 38.81
N TYR A 114 6.43 -14.81 39.28
CA TYR A 114 6.56 -13.40 39.56
C TYR A 114 7.27 -12.63 38.45
N ARG A 115 7.54 -13.28 37.33
CA ARG A 115 8.21 -12.66 36.20
C ARG A 115 9.61 -12.17 36.58
N ILE A 116 10.28 -12.90 37.46
CA ILE A 116 11.67 -12.63 37.81
C ILE A 116 12.55 -13.38 36.82
N PRO A 117 13.37 -12.69 36.02
CA PRO A 117 14.18 -13.40 35.03
C PRO A 117 15.10 -14.41 35.67
N VAL A 118 15.17 -15.60 35.08
CA VAL A 118 16.10 -16.64 35.50
C VAL A 118 16.97 -17.00 34.30
N LEU A 119 18.29 -16.97 34.49
CA LEU A 119 19.25 -17.25 33.44
C LEU A 119 19.85 -18.62 33.66
N GLY A 120 19.66 -19.51 32.68
CA GLY A 120 20.32 -20.79 32.69
C GLY A 120 21.71 -20.66 32.10
N LEU A 121 22.68 -21.24 32.82
CA LEU A 121 24.07 -21.11 32.42
C LEU A 121 24.56 -22.26 31.56
N THR A 122 24.01 -23.46 31.74
CA THR A 122 24.47 -24.62 30.98
C THR A 122 23.35 -25.48 30.44
N THR A 123 22.09 -25.12 30.64
CA THR A 123 20.99 -25.93 30.13
C THR A 123 20.88 -25.79 28.61
N ARG A 124 20.54 -26.90 27.95
CA ARG A 124 20.48 -26.96 26.50
C ARG A 124 19.14 -27.38 25.93
N MET A 125 18.19 -27.82 26.75
CA MET A 125 16.92 -28.29 26.24
C MET A 125 16.17 -27.17 25.55
N SER A 126 15.38 -27.54 24.54
CA SER A 126 14.61 -26.56 23.78
C SER A 126 13.30 -26.18 24.43
N ILE A 127 12.85 -26.93 25.45
CA ILE A 127 11.60 -26.61 26.12
C ILE A 127 11.69 -25.29 26.87
N TYR A 128 12.89 -24.86 27.25
CA TYR A 128 13.05 -23.62 27.99
C TYR A 128 13.03 -22.40 27.10
N SER A 129 13.01 -22.56 25.79
CA SER A 129 12.89 -21.44 24.87
C SER A 129 11.44 -21.15 24.50
N ASP A 130 10.49 -21.90 25.05
CA ASP A 130 9.07 -21.67 24.79
C ASP A 130 8.54 -20.70 25.84
N LYS A 131 8.36 -19.44 25.46
CA LYS A 131 8.02 -18.40 26.41
C LYS A 131 6.61 -18.52 26.95
N SER A 132 5.78 -19.39 26.39
CA SER A 132 4.45 -19.61 26.94
C SER A 132 4.49 -20.47 28.20
N ILE A 133 5.49 -21.32 28.34
CA ILE A 133 5.62 -22.20 29.49
C ILE A 133 6.58 -21.58 30.50
N HIS A 134 7.81 -21.37 30.08
CA HIS A 134 8.84 -20.74 30.92
C HIS A 134 8.86 -19.26 30.56
N LEU A 135 8.10 -18.47 31.33
CA LEU A 135 7.80 -17.10 30.95
C LEU A 135 9.05 -16.21 31.02
N SER A 136 9.62 -16.10 32.20
CA SER A 136 10.80 -15.25 32.41
C SER A 136 12.07 -16.09 32.45
N PHE A 137 12.44 -16.67 31.31
CA PHE A 137 13.64 -17.49 31.22
C PHE A 137 14.55 -16.98 30.12
N LEU A 138 15.83 -16.86 30.42
CA LEU A 138 16.87 -16.53 29.45
C LEU A 138 17.98 -17.56 29.60
N ARG A 139 18.85 -17.64 28.61
CA ARG A 139 19.96 -18.58 28.66
C ARG A 139 21.16 -17.96 27.96
N THR A 140 22.35 -18.32 28.44
CA THR A 140 23.60 -17.86 27.87
C THR A 140 24.21 -18.86 26.91
N VAL A 141 23.55 -19.98 26.65
CA VAL A 141 24.07 -21.03 25.79
C VAL A 141 22.95 -21.52 24.90
N PRO A 142 23.14 -21.63 23.59
CA PRO A 142 22.02 -21.94 22.70
C PRO A 142 21.51 -23.34 22.93
N PRO A 143 20.26 -23.62 22.59
CA PRO A 143 19.72 -24.97 22.72
C PRO A 143 20.26 -25.89 21.64
N TYR A 144 19.86 -27.16 21.73
CA TYR A 144 20.28 -28.13 20.73
C TYR A 144 19.65 -27.86 19.37
N SER A 145 18.47 -27.22 19.35
CA SER A 145 17.81 -26.94 18.09
C SER A 145 18.69 -26.11 17.17
N HIS A 146 19.47 -25.20 17.74
CA HIS A 146 20.32 -24.34 16.92
C HIS A 146 21.42 -25.11 16.22
N GLN A 147 21.71 -26.34 16.65
CA GLN A 147 22.64 -27.17 15.90
C GLN A 147 22.15 -27.44 14.50
N SER A 148 20.86 -27.25 14.23
CA SER A 148 20.38 -27.35 12.87
C SER A 148 20.98 -26.27 11.99
N SER A 149 21.07 -25.04 12.51
CA SER A 149 21.51 -23.93 11.67
C SER A 149 22.90 -24.18 11.11
N VAL A 150 23.84 -24.58 11.97
CA VAL A 150 25.19 -24.89 11.48
C VAL A 150 25.14 -26.01 10.45
N TRP A 151 24.29 -27.02 10.68
CA TRP A 151 24.10 -28.07 9.67
C TRP A 151 23.72 -27.45 8.34
N PHE A 152 22.76 -26.53 8.36
CA PHE A 152 22.35 -25.84 7.15
C PHE A 152 23.54 -25.22 6.45
N GLU A 153 24.44 -24.61 7.21
CA GLU A 153 25.61 -23.98 6.62
C GLU A 153 26.44 -24.99 5.85
N MET A 154 26.65 -26.17 6.43
CA MET A 154 27.39 -27.21 5.71
C MET A 154 26.68 -27.58 4.42
N MET A 155 25.35 -27.64 4.45
CA MET A 155 24.60 -27.96 3.24
C MET A 155 24.83 -26.92 2.16
N ARG A 156 25.13 -25.67 2.56
CA ARG A 156 25.49 -24.66 1.57
C ARG A 156 26.94 -24.82 1.14
N VAL A 157 27.82 -25.23 2.05
CA VAL A 157 29.24 -25.30 1.72
C VAL A 157 29.51 -26.41 0.72
N TYR A 158 28.96 -27.60 0.96
CA TYR A 158 29.21 -28.76 0.12
C TYR A 158 28.09 -29.02 -0.87
N ASN A 159 27.11 -28.13 -0.96
CA ASN A 159 25.99 -28.27 -1.89
C ASN A 159 25.32 -29.63 -1.72
N TRP A 160 24.73 -29.85 -0.56
CA TRP A 160 23.93 -31.04 -0.30
C TRP A 160 22.46 -30.65 -0.32
N ASN A 161 21.67 -31.31 -1.15
CA ASN A 161 20.27 -30.97 -1.31
C ASN A 161 19.32 -32.06 -0.86
N HIS A 162 19.65 -33.33 -1.12
CA HIS A 162 18.80 -34.45 -0.76
C HIS A 162 19.33 -35.04 0.53
N ILE A 163 18.58 -34.83 1.62
CA ILE A 163 18.99 -35.25 2.95
C ILE A 163 17.87 -36.04 3.61
N ILE A 164 18.26 -36.92 4.51
CA ILE A 164 17.33 -37.70 5.34
C ILE A 164 17.49 -37.18 6.77
N LEU A 165 16.37 -37.01 7.45
CA LEU A 165 16.35 -36.45 8.80
C LEU A 165 15.85 -37.53 9.77
N LEU A 166 16.72 -37.99 10.64
CA LEU A 166 16.43 -39.03 11.62
C LEU A 166 16.34 -38.36 12.99
N VAL A 167 15.15 -37.94 13.38
CA VAL A 167 14.95 -37.24 14.64
C VAL A 167 14.19 -38.15 15.60
N SER A 168 14.53 -38.04 16.88
CA SER A 168 13.80 -38.75 17.91
C SER A 168 12.40 -38.15 18.06
N ASP A 169 11.50 -38.92 18.65
CA ASP A 169 10.11 -38.48 18.80
C ASP A 169 9.88 -37.56 19.99
N ASP A 170 10.89 -37.38 20.85
CA ASP A 170 10.76 -36.46 21.97
C ASP A 170 10.68 -35.02 21.49
N HIS A 171 10.35 -34.11 22.41
CA HIS A 171 10.12 -32.72 22.05
C HIS A 171 11.38 -32.07 21.47
N GLU A 172 12.55 -32.48 21.94
CA GLU A 172 13.79 -31.91 21.43
C GLU A 172 14.00 -32.27 19.96
N GLY A 173 13.74 -33.52 19.60
CA GLY A 173 13.86 -33.92 18.21
C GLY A 173 12.87 -33.21 17.31
N ARG A 174 11.64 -33.03 17.80
CA ARG A 174 10.64 -32.30 17.03
C ARG A 174 11.06 -30.85 16.83
N ALA A 175 11.64 -30.23 17.87
CA ALA A 175 12.14 -28.86 17.73
C ALA A 175 13.26 -28.78 16.71
N ALA A 176 14.19 -29.74 16.73
CA ALA A 176 15.27 -29.73 15.76
C ALA A 176 14.73 -29.87 14.34
N GLN A 177 13.78 -30.78 14.14
CA GLN A 177 13.18 -30.98 12.82
C GLN A 177 12.47 -29.72 12.36
N LYS A 178 11.70 -29.09 13.25
CA LYS A 178 10.98 -27.88 12.87
C LYS A 178 11.93 -26.76 12.50
N ARG A 179 13.01 -26.59 13.28
CA ARG A 179 13.98 -25.54 12.98
C ARG A 179 14.65 -25.78 11.63
N LEU A 180 15.07 -27.02 11.37
CA LEU A 180 15.71 -27.31 10.09
C LEU A 180 14.75 -27.13 8.92
N GLU A 181 13.50 -27.55 9.08
CA GLU A 181 12.52 -27.38 8.01
C GLU A 181 12.25 -25.90 7.75
N THR A 182 12.14 -25.11 8.81
CA THR A 182 11.94 -23.67 8.64
C THR A 182 13.13 -23.03 7.91
N LEU A 183 14.35 -23.45 8.25
CA LEU A 183 15.51 -22.95 7.52
C LEU A 183 15.45 -23.33 6.05
N LEU A 184 15.03 -24.56 5.77
CA LEU A 184 15.01 -25.04 4.38
C LEU A 184 13.92 -24.34 3.57
N GLU A 185 12.81 -23.95 4.20
CA GLU A 185 11.74 -23.28 3.47
C GLU A 185 12.22 -21.96 2.89
N GLU A 186 13.06 -21.22 3.63
CA GLU A 186 13.61 -19.98 3.09
C GLU A 186 14.43 -20.24 1.84
N ARG A 187 15.28 -21.27 1.86
CA ARG A 187 15.97 -21.73 0.67
C ARG A 187 15.02 -22.35 -0.33
N GLU A 188 13.78 -22.62 0.08
CA GLU A 188 12.76 -23.25 -0.75
C GLU A 188 13.28 -24.61 -1.26
N SER A 189 13.59 -25.46 -0.30
CA SER A 189 13.97 -26.85 -0.53
C SER A 189 13.18 -27.76 0.39
N LYS A 190 13.55 -29.04 0.47
CA LYS A 190 12.81 -29.96 1.32
C LYS A 190 13.71 -31.13 1.68
N ALA A 191 13.40 -31.76 2.81
CA ALA A 191 14.05 -33.00 3.18
C ALA A 191 13.43 -34.16 2.40
N GLU A 192 14.26 -35.14 2.06
CA GLU A 192 13.76 -36.31 1.35
C GLU A 192 12.65 -36.98 2.14
N LYS A 193 12.91 -37.28 3.41
CA LYS A 193 11.87 -37.74 4.31
C LYS A 193 12.39 -37.63 5.74
N VAL A 194 11.45 -37.63 6.68
CA VAL A 194 11.78 -37.57 8.09
C VAL A 194 11.33 -38.86 8.75
N LEU A 195 12.19 -39.38 9.62
CA LEU A 195 11.94 -40.66 10.28
C LEU A 195 11.98 -40.43 11.79
N GLN A 196 10.82 -40.45 12.42
CA GLN A 196 10.70 -40.26 13.86
C GLN A 196 10.63 -41.62 14.52
N PHE A 197 11.58 -41.91 15.40
CA PHE A 197 11.62 -43.16 16.14
C PHE A 197 11.40 -42.89 17.62
N ASP A 198 10.66 -43.79 18.27
CA ASP A 198 10.30 -43.59 19.67
C ASP A 198 11.55 -43.67 20.55
N PRO A 199 11.72 -42.75 21.50
CA PRO A 199 12.92 -42.75 22.33
C PRO A 199 13.04 -44.03 23.14
N GLY A 200 14.27 -44.52 23.29
CA GLY A 200 14.52 -45.68 24.12
C GLY A 200 14.04 -46.99 23.54
N THR A 201 13.70 -47.04 22.26
CA THR A 201 13.22 -48.26 21.63
C THR A 201 14.35 -48.92 20.86
N LYS A 202 14.36 -50.25 20.89
CA LYS A 202 15.37 -51.03 20.18
C LYS A 202 14.97 -51.20 18.72
N ASN A 203 15.78 -51.97 17.99
CA ASN A 203 15.53 -52.42 16.62
C ASN A 203 14.78 -51.41 15.76
N VAL A 204 15.39 -50.24 15.56
CA VAL A 204 14.82 -49.22 14.68
C VAL A 204 15.18 -49.54 13.24
N THR A 205 15.75 -50.72 13.01
CA THR A 205 16.24 -51.11 11.70
C THR A 205 15.20 -50.94 10.61
N ALA A 206 13.94 -51.26 10.90
CA ALA A 206 12.89 -51.09 9.89
C ALA A 206 12.91 -49.67 9.34
N LEU A 207 12.92 -48.67 10.23
CA LEU A 207 13.00 -47.28 9.76
C LEU A 207 14.26 -47.07 8.93
N LEU A 208 15.41 -47.55 9.42
CA LEU A 208 16.64 -47.42 8.64
C LEU A 208 16.48 -48.05 7.26
N MET A 209 15.73 -49.15 7.16
CA MET A 209 15.52 -49.78 5.87
C MET A 209 14.94 -48.79 4.87
N GLU A 210 13.97 -47.98 5.29
CA GLU A 210 13.43 -46.96 4.40
C GLU A 210 14.53 -45.99 3.96
N ALA A 211 15.38 -45.56 4.89
CA ALA A 211 16.47 -44.67 4.53
C ALA A 211 17.39 -45.33 3.52
N ARG A 212 17.48 -46.66 3.54
CA ARG A 212 18.33 -47.34 2.56
C ARG A 212 17.70 -47.30 1.17
N GLU A 213 16.36 -47.34 1.11
CA GLU A 213 15.71 -47.38 -0.19
C GLU A 213 15.70 -46.02 -0.87
N LEU A 214 15.88 -44.95 -0.13
CA LEU A 214 15.88 -43.62 -0.72
C LEU A 214 17.14 -43.38 -1.54
N GLU A 215 17.09 -42.35 -2.37
CA GLU A 215 18.23 -41.98 -3.20
C GLU A 215 19.21 -41.07 -2.48
N ALA A 216 18.81 -40.48 -1.36
CA ALA A 216 19.70 -39.60 -0.62
C ALA A 216 20.70 -40.40 0.20
N ARG A 217 21.92 -39.88 0.30
CA ARG A 217 23.00 -40.52 1.03
C ARG A 217 23.44 -39.74 2.25
N VAL A 218 22.79 -38.63 2.55
CA VAL A 218 23.13 -37.78 3.70
C VAL A 218 22.11 -38.05 4.78
N ILE A 219 22.57 -38.40 5.98
CA ILE A 219 21.71 -38.65 7.12
C ILE A 219 22.06 -37.67 8.23
N ILE A 220 21.05 -36.97 8.75
CA ILE A 220 21.21 -35.99 9.81
C ILE A 220 20.46 -36.51 11.02
N LEU A 221 21.17 -36.86 12.07
CA LEU A 221 20.61 -37.53 13.23
C LEU A 221 20.47 -36.54 14.39
N SER A 222 19.35 -36.65 15.11
CA SER A 222 19.11 -35.82 16.29
C SER A 222 18.42 -36.71 17.34
N ALA A 223 19.20 -37.23 18.28
CA ALA A 223 18.68 -38.14 19.28
C ALA A 223 19.59 -38.10 20.50
N SER A 224 19.15 -38.79 21.56
CA SER A 224 19.92 -38.87 22.79
C SER A 224 21.11 -39.81 22.60
N GLU A 225 21.91 -39.97 23.65
CA GLU A 225 23.13 -40.77 23.53
C GLU A 225 22.82 -42.25 23.33
N ASP A 226 21.89 -42.80 24.11
CA ASP A 226 21.56 -44.22 23.96
C ASP A 226 20.88 -44.49 22.63
N ASP A 227 19.97 -43.60 22.22
CA ASP A 227 19.35 -43.74 20.91
C ASP A 227 20.38 -43.60 19.80
N ALA A 228 21.35 -42.71 19.97
CA ALA A 228 22.42 -42.58 19.00
C ALA A 228 23.23 -43.87 18.90
N ALA A 229 23.54 -44.49 20.03
CA ALA A 229 24.28 -45.75 19.99
C ALA A 229 23.48 -46.83 19.30
N THR A 230 22.19 -46.92 19.60
CA THR A 230 21.34 -47.91 18.94
C THR A 230 21.30 -47.69 17.44
N VAL A 231 21.12 -46.45 17.01
CA VAL A 231 21.06 -46.15 15.58
C VAL A 231 22.40 -46.46 14.91
N TYR A 232 23.51 -46.16 15.60
CA TYR A 232 24.82 -46.45 15.03
C TYR A 232 25.03 -47.93 14.83
N ARG A 233 24.68 -48.75 15.83
CA ARG A 233 24.87 -50.18 15.66
C ARG A 233 23.95 -50.75 14.58
N ALA A 234 22.70 -50.27 14.53
CA ALA A 234 21.78 -50.74 13.50
C ALA A 234 22.26 -50.38 12.10
N ALA A 235 22.77 -49.15 11.93
CA ALA A 235 23.28 -48.74 10.62
C ALA A 235 24.53 -49.52 10.26
N ALA A 236 25.38 -49.83 11.24
CA ALA A 236 26.54 -50.65 10.96
C ALA A 236 26.13 -52.04 10.47
N MET A 237 25.07 -52.60 11.07
CA MET A 237 24.61 -53.92 10.65
C MET A 237 24.01 -53.89 9.25
N LEU A 238 23.55 -52.73 8.80
CA LEU A 238 22.88 -52.59 7.51
C LEU A 238 23.77 -51.97 6.43
N ASN A 239 25.07 -51.80 6.70
CA ASN A 239 26.02 -51.25 5.74
C ASN A 239 25.63 -49.84 5.30
N MET A 240 25.16 -49.03 6.24
CA MET A 240 24.90 -47.62 5.98
C MET A 240 26.09 -46.73 6.29
N THR A 241 27.18 -47.29 6.80
CA THR A 241 28.37 -46.52 7.13
C THR A 241 29.42 -46.59 6.05
N GLY A 242 29.09 -47.16 4.89
CA GLY A 242 30.05 -47.34 3.82
C GLY A 242 30.28 -46.07 3.04
N SER A 243 30.99 -46.22 1.92
CA SER A 243 31.35 -45.08 1.09
C SER A 243 30.10 -44.45 0.48
N GLY A 244 30.17 -43.13 0.30
CA GLY A 244 29.08 -42.38 -0.29
C GLY A 244 28.09 -41.83 0.71
N TYR A 245 28.07 -42.38 1.93
CA TYR A 245 27.16 -41.90 2.96
C TYR A 245 27.81 -40.81 3.79
N VAL A 246 27.00 -39.87 4.26
CA VAL A 246 27.47 -38.76 5.07
C VAL A 246 26.58 -38.66 6.31
N TRP A 247 27.20 -38.63 7.48
CA TRP A 247 26.47 -38.54 8.74
C TRP A 247 26.75 -37.21 9.41
N LEU A 248 25.69 -36.49 9.75
CA LEU A 248 25.77 -35.21 10.44
C LEU A 248 25.03 -35.35 11.76
N VAL A 249 25.71 -35.04 12.86
CA VAL A 249 25.17 -35.27 14.19
C VAL A 249 25.53 -34.08 15.09
N GLY A 250 24.93 -34.04 16.28
CA GLY A 250 25.24 -33.06 17.28
C GLY A 250 26.16 -33.61 18.36
N GLU A 251 26.28 -32.84 19.45
CA GLU A 251 27.20 -33.24 20.51
C GLU A 251 26.64 -34.36 21.37
N ARG A 252 25.32 -34.54 21.40
CA ARG A 252 24.76 -35.62 22.19
C ARG A 252 25.12 -36.99 21.61
N GLU A 253 25.35 -37.05 20.30
CA GLU A 253 25.60 -38.31 19.61
C GLU A 253 27.07 -38.61 19.39
N ILE A 254 27.97 -37.77 19.92
CA ILE A 254 29.40 -38.03 19.81
C ILE A 254 30.04 -37.98 21.19
N SER A 255 29.27 -38.33 22.23
CA SER A 255 29.81 -38.34 23.58
C SER A 255 29.17 -39.48 24.37
N GLY A 256 29.92 -39.97 25.35
CA GLY A 256 29.40 -41.04 26.17
C GLY A 256 29.35 -42.36 25.42
N ASN A 257 28.29 -43.13 25.67
CA ASN A 257 28.16 -44.44 25.04
C ASN A 257 28.02 -44.33 23.53
N ALA A 258 27.58 -43.18 23.03
CA ALA A 258 27.42 -43.02 21.59
C ALA A 258 28.76 -42.94 20.88
N LEU A 259 29.76 -42.33 21.52
CA LEU A 259 31.06 -42.17 20.89
C LEU A 259 31.73 -43.52 20.66
N ARG A 260 31.55 -44.46 21.58
CA ARG A 260 32.21 -45.76 21.45
C ARG A 260 31.70 -46.52 20.23
N TYR A 261 30.39 -46.48 19.99
CA TYR A 261 29.79 -47.20 18.87
C TYR A 261 29.65 -46.36 17.62
N ALA A 262 30.13 -45.13 17.63
CA ALA A 262 29.96 -44.24 16.48
C ALA A 262 30.77 -44.77 15.29
N PRO A 263 30.18 -44.84 14.11
CA PRO A 263 30.94 -45.27 12.93
C PRO A 263 32.01 -44.26 12.57
N ASP A 264 33.10 -44.77 11.99
CA ASP A 264 34.21 -43.90 11.62
C ASP A 264 33.77 -42.89 10.57
N GLY A 265 34.31 -41.68 10.66
CA GLY A 265 34.11 -40.66 9.66
C GLY A 265 32.92 -39.75 9.86
N ILE A 266 32.10 -39.98 10.89
CA ILE A 266 30.96 -39.09 11.12
C ILE A 266 31.44 -37.69 11.47
N ILE A 267 30.58 -36.72 11.21
CA ILE A 267 30.86 -35.32 11.49
C ILE A 267 29.88 -34.86 12.56
N GLY A 268 30.41 -34.50 13.73
CA GLY A 268 29.61 -33.94 14.78
C GLY A 268 30.08 -32.53 15.09
N LEU A 269 29.54 -31.91 16.14
CA LEU A 269 29.98 -30.57 16.49
C LEU A 269 29.77 -30.33 17.97
N GLN A 270 30.64 -29.52 18.54
CA GLN A 270 30.60 -29.22 19.97
C GLN A 270 30.68 -27.72 20.20
N LEU A 271 29.89 -27.25 21.16
CA LEU A 271 30.01 -25.86 21.58
C LEU A 271 31.35 -25.65 22.27
N ILE A 272 31.96 -24.47 22.04
CA ILE A 272 33.32 -24.24 22.50
C ILE A 272 33.41 -24.33 24.01
N ASN A 273 32.68 -23.47 24.73
CA ASN A 273 32.72 -23.54 26.18
C ASN A 273 31.78 -24.62 26.70
N GLY A 274 30.48 -24.44 26.50
CA GLY A 274 29.53 -25.50 26.72
C GLY A 274 29.35 -25.87 28.17
N LYS A 275 30.39 -26.47 28.76
CA LYS A 275 30.36 -26.95 30.13
C LYS A 275 31.23 -26.11 31.06
N ASN A 276 31.78 -25.01 30.56
CA ASN A 276 32.56 -24.10 31.39
C ASN A 276 31.59 -23.32 32.27
N GLU A 277 31.41 -23.79 33.49
CA GLU A 277 30.48 -23.13 34.41
C GLU A 277 30.98 -21.74 34.80
N SER A 278 32.29 -21.60 35.05
CA SER A 278 32.81 -20.34 35.57
C SER A 278 32.72 -19.22 34.54
N ALA A 279 33.04 -19.52 33.28
CA ALA A 279 32.95 -18.49 32.25
C ALA A 279 31.52 -18.01 32.09
N HIS A 280 30.56 -18.93 32.09
CA HIS A 280 29.16 -18.55 31.99
C HIS A 280 28.70 -17.77 33.21
N ILE A 281 29.18 -18.14 34.40
CA ILE A 281 28.85 -17.38 35.60
C ILE A 281 29.31 -15.94 35.46
N SER A 282 30.56 -15.75 35.03
CA SER A 282 31.09 -14.40 34.89
C SER A 282 30.31 -13.61 33.84
N ASP A 283 30.02 -14.23 32.70
CA ASP A 283 29.30 -13.54 31.64
C ASP A 283 27.89 -13.16 32.09
N ALA A 284 27.20 -14.08 32.76
CA ALA A 284 25.84 -13.80 33.21
C ALA A 284 25.83 -12.69 34.24
N VAL A 285 26.79 -12.70 35.17
CA VAL A 285 26.86 -11.63 36.16
C VAL A 285 27.14 -10.30 35.47
N GLY A 286 28.00 -10.29 34.47
CA GLY A 286 28.25 -9.05 33.74
C GLY A 286 27.01 -8.50 33.07
N VAL A 287 26.28 -9.37 32.36
CA VAL A 287 25.08 -8.92 31.67
C VAL A 287 24.01 -8.47 32.66
N VAL A 288 23.86 -9.21 33.76
CA VAL A 288 22.89 -8.84 34.78
C VAL A 288 23.23 -7.49 35.40
N ALA A 289 24.52 -7.25 35.68
CA ALA A 289 24.94 -5.98 36.26
C ALA A 289 24.65 -4.83 35.31
N GLN A 290 25.00 -5.00 34.02
CA GLN A 290 24.72 -3.97 33.04
C GLN A 290 23.23 -3.68 32.96
N ALA A 291 22.41 -4.74 32.91
CA ALA A 291 20.97 -4.56 32.80
C ALA A 291 20.40 -3.89 34.05
N VAL A 292 20.91 -4.24 35.22
CA VAL A 292 20.43 -3.65 36.47
C VAL A 292 20.74 -2.16 36.49
N HIS A 293 21.95 -1.79 36.09
CA HIS A 293 22.30 -0.37 36.04
C HIS A 293 21.40 0.37 35.07
N GLU A 294 21.18 -0.19 33.88
CA GLU A 294 20.29 0.45 32.92
C GLU A 294 18.88 0.59 33.49
N LEU A 295 18.40 -0.44 34.20
CA LEU A 295 17.04 -0.41 34.72
C LEU A 295 16.88 0.65 35.80
N LEU A 296 17.83 0.73 36.73
CA LEU A 296 17.76 1.76 37.76
C LEU A 296 17.92 3.16 37.17
N GLU A 297 18.60 3.27 36.03
CA GLU A 297 18.58 4.57 35.34
C GLU A 297 17.23 4.87 34.70
N LYS A 298 16.36 3.87 34.58
CA LYS A 298 15.08 4.04 33.90
C LYS A 298 13.97 4.53 34.83
N GLU A 299 14.17 4.48 36.15
CA GLU A 299 13.21 4.89 37.18
C GLU A 299 11.92 4.07 37.11
N ASN A 300 11.06 4.26 38.11
CA ASN A 300 9.83 3.47 38.27
C ASN A 300 10.12 1.98 38.24
N ILE A 301 10.94 1.55 39.22
CA ILE A 301 11.41 0.17 39.23
C ILE A 301 10.75 -0.68 40.31
N THR A 302 9.90 -0.09 41.14
CA THR A 302 9.05 -0.84 42.09
C THR A 302 9.97 -1.69 42.99
N ASP A 303 9.57 -2.92 43.32
CA ASP A 303 10.40 -3.74 44.19
C ASP A 303 9.98 -5.20 44.05
N PRO A 304 10.92 -6.13 44.12
CA PRO A 304 10.57 -7.55 44.08
C PRO A 304 9.60 -7.93 45.19
N PRO A 305 8.88 -9.04 45.05
CA PRO A 305 7.82 -9.38 46.02
C PRO A 305 8.29 -9.56 47.45
N ARG A 306 9.51 -10.07 47.67
CA ARG A 306 10.02 -10.39 49.00
C ARG A 306 9.14 -11.45 49.68
N GLY A 307 9.20 -12.65 49.11
CA GLY A 307 8.55 -13.81 49.72
C GLY A 307 7.43 -14.38 48.86
N CYS A 308 7.48 -15.70 48.66
CA CYS A 308 6.42 -16.36 47.92
C CYS A 308 5.11 -16.33 48.69
N VAL A 309 5.16 -16.60 49.99
CA VAL A 309 3.94 -16.61 50.79
C VAL A 309 3.44 -15.19 51.00
N GLY A 310 2.11 -15.02 50.96
CA GLY A 310 1.52 -13.71 51.09
C GLY A 310 1.38 -12.97 49.77
N ASN A 311 2.48 -12.80 49.06
CA ASN A 311 2.44 -12.12 47.77
C ASN A 311 1.89 -13.05 46.71
N THR A 312 0.83 -12.61 46.03
CA THR A 312 0.20 -13.38 44.97
C THR A 312 0.11 -12.60 43.67
N ASN A 313 0.90 -11.55 43.52
CA ASN A 313 0.92 -10.72 42.33
C ASN A 313 2.28 -10.84 41.66
N ILE A 314 2.32 -10.53 40.36
CA ILE A 314 3.57 -10.55 39.63
C ILE A 314 4.35 -9.29 39.97
N TRP A 315 5.65 -9.31 39.71
CA TRP A 315 6.48 -8.13 39.89
C TRP A 315 6.27 -7.23 38.69
N LYS A 316 5.83 -5.99 38.95
CA LYS A 316 5.41 -5.10 37.87
C LYS A 316 6.57 -4.78 36.93
N THR A 317 7.76 -4.59 37.49
CA THR A 317 8.91 -4.23 36.66
C THR A 317 9.41 -5.43 35.86
N GLY A 318 9.09 -6.64 36.30
CA GLY A 318 9.58 -7.87 35.73
C GLY A 318 9.65 -7.92 34.21
N PRO A 319 8.53 -7.71 33.54
CA PRO A 319 8.57 -7.66 32.06
C PRO A 319 9.51 -6.60 31.53
N LEU A 320 9.56 -5.42 32.14
CA LEU A 320 10.49 -4.39 31.69
C LEU A 320 11.93 -4.81 31.94
N PHE A 321 12.21 -5.43 33.09
CA PHE A 321 13.55 -5.91 33.35
C PHE A 321 13.98 -6.94 32.31
N LYS A 322 13.08 -7.86 31.98
CA LYS A 322 13.40 -8.87 30.96
C LYS A 322 13.62 -8.22 29.60
N ARG A 323 12.81 -7.21 29.25
CA ARG A 323 12.99 -6.53 27.98
C ARG A 323 14.32 -5.81 27.91
N VAL A 324 14.74 -5.19 29.02
CA VAL A 324 16.06 -4.57 29.06
C VAL A 324 17.15 -5.62 28.95
N LEU A 325 16.98 -6.74 29.67
CA LEU A 325 17.99 -7.78 29.68
C LEU A 325 18.20 -8.38 28.30
N MET A 326 17.12 -8.59 27.56
CA MET A 326 17.23 -9.20 26.23
C MET A 326 17.95 -8.27 25.27
N SER A 327 17.66 -6.97 25.33
CA SER A 327 18.30 -5.99 24.46
C SER A 327 19.59 -5.51 25.12
N SER A 328 20.58 -6.39 25.15
CA SER A 328 21.86 -6.07 25.77
C SER A 328 22.98 -6.67 24.93
N LYS A 329 24.04 -5.90 24.74
CA LYS A 329 25.20 -6.32 23.97
C LYS A 329 26.43 -6.19 24.87
N TYR A 330 26.75 -7.27 25.59
CA TYR A 330 27.89 -7.29 26.50
C TYR A 330 29.09 -7.87 25.77
N ALA A 331 29.74 -7.01 24.97
CA ALA A 331 30.84 -7.48 24.13
C ALA A 331 32.16 -7.47 24.89
N ASP A 332 32.18 -8.08 26.08
CA ASP A 332 33.39 -8.17 26.87
C ASP A 332 33.47 -9.51 27.60
N GLY A 333 32.77 -10.53 27.10
CA GLY A 333 32.65 -11.77 27.82
C GLY A 333 33.84 -12.69 27.63
N VAL A 334 33.99 -13.62 28.57
CA VAL A 334 34.99 -14.67 28.41
C VAL A 334 34.64 -15.56 27.23
N THR A 335 33.36 -15.86 27.05
CA THR A 335 32.87 -16.68 25.96
C THR A 335 32.50 -15.86 24.73
N GLY A 336 33.06 -14.66 24.59
CA GLY A 336 32.75 -13.82 23.45
C GLY A 336 31.58 -12.91 23.71
N ARG A 337 31.06 -12.36 22.61
CA ARG A 337 29.94 -11.44 22.69
C ARG A 337 28.72 -12.15 23.24
N VAL A 338 28.02 -11.48 24.15
CA VAL A 338 26.83 -12.04 24.79
C VAL A 338 25.63 -11.24 24.32
N GLU A 339 24.82 -11.86 23.46
CA GLU A 339 23.60 -11.24 22.96
C GLU A 339 22.51 -12.30 22.88
N PHE A 340 21.26 -11.86 22.99
CA PHE A 340 20.12 -12.75 23.02
C PHE A 340 19.19 -12.48 21.83
N ASN A 341 18.53 -13.54 21.37
CA ASN A 341 17.55 -13.43 20.31
C ASN A 341 16.16 -13.22 20.93
N GLU A 342 15.11 -13.37 20.12
CA GLU A 342 13.76 -13.01 20.52
C GLU A 342 13.22 -13.86 21.66
N ASP A 343 13.82 -15.00 21.96
CA ASP A 343 13.34 -15.87 23.02
C ASP A 343 14.43 -16.19 24.02
N GLY A 344 15.41 -15.30 24.14
CA GLY A 344 16.39 -15.42 25.20
C GLY A 344 17.55 -16.34 24.93
N ASP A 345 17.47 -17.14 23.86
CA ASP A 345 18.58 -18.01 23.52
C ASP A 345 19.78 -17.19 23.08
N ARG A 346 20.97 -17.67 23.41
CA ARG A 346 22.20 -16.95 23.09
C ARG A 346 22.40 -16.94 21.59
N LYS A 347 22.41 -15.75 21.00
CA LYS A 347 22.62 -15.62 19.57
C LYS A 347 24.11 -15.57 19.26
N PHE A 348 24.48 -16.07 18.08
CA PHE A 348 25.86 -16.02 17.59
C PHE A 348 26.81 -16.75 18.54
N ALA A 349 26.64 -18.07 18.62
CA ALA A 349 27.56 -18.91 19.36
C ALA A 349 28.61 -19.49 18.43
N ASN A 350 29.64 -20.07 19.04
CA ASN A 350 30.76 -20.67 18.32
C ASN A 350 30.72 -22.18 18.47
N TYR A 351 30.81 -22.89 17.35
CA TYR A 351 30.83 -24.34 17.34
C TYR A 351 32.11 -24.82 16.68
N SER A 352 32.62 -25.95 17.15
CA SER A 352 33.78 -26.61 16.56
C SER A 352 33.30 -27.90 15.89
N ILE A 353 33.63 -28.04 14.61
CA ILE A 353 33.24 -29.22 13.84
C ILE A 353 34.25 -30.32 14.11
N MET A 354 33.77 -31.50 14.50
CA MET A 354 34.63 -32.61 14.84
C MET A 354 34.38 -33.77 13.89
N ASN A 355 35.46 -34.43 13.50
CA ASN A 355 35.42 -35.60 12.62
C ASN A 355 36.06 -36.77 13.35
N LEU A 356 35.40 -37.92 13.27
CA LEU A 356 35.90 -39.12 13.94
C LEU A 356 36.88 -39.81 13.00
N GLN A 357 38.17 -39.58 13.23
CA GLN A 357 39.24 -40.19 12.44
C GLN A 357 39.99 -41.17 13.34
N ASN A 358 39.97 -42.44 12.96
CA ASN A 358 40.69 -43.50 13.68
C ASN A 358 40.41 -43.45 15.18
N ARG A 359 39.11 -43.37 15.49
CA ARG A 359 38.62 -43.38 16.87
C ARG A 359 39.11 -42.17 17.67
N LYS A 360 39.38 -41.06 17.00
CA LYS A 360 39.75 -39.82 17.67
C LYS A 360 38.96 -38.67 17.08
N LEU A 361 38.48 -37.78 17.95
CA LEU A 361 37.65 -36.66 17.52
C LEU A 361 38.57 -35.49 17.17
N VAL A 362 38.91 -35.40 15.89
CA VAL A 362 39.78 -34.34 15.41
C VAL A 362 38.94 -33.13 15.00
N GLN A 363 39.43 -31.94 15.30
CA GLN A 363 38.72 -30.71 14.96
C GLN A 363 39.08 -30.31 13.54
N VAL A 364 38.06 -30.16 12.69
CA VAL A 364 38.28 -29.91 11.27
C VAL A 364 37.54 -28.68 10.82
N GLY A 365 37.35 -27.71 11.69
CA GLY A 365 36.68 -26.48 11.32
C GLY A 365 36.12 -25.78 12.54
N ILE A 366 35.60 -24.58 12.28
CA ILE A 366 34.95 -23.78 13.32
C ILE A 366 33.80 -23.01 12.70
N TYR A 367 32.63 -23.09 13.32
CA TYR A 367 31.45 -22.34 12.87
C TYR A 367 31.35 -21.09 13.72
N ASN A 368 31.79 -19.95 13.16
CA ASN A 368 31.82 -18.72 13.93
C ASN A 368 30.51 -17.94 13.80
N GLY A 369 29.40 -18.61 14.06
CA GLY A 369 28.11 -17.96 14.08
C GLY A 369 27.47 -17.81 12.71
N THR A 370 28.26 -17.59 11.68
CA THR A 370 27.68 -17.39 10.35
C THR A 370 28.29 -18.27 9.28
N HIS A 371 29.58 -18.56 9.34
CA HIS A 371 30.23 -19.42 8.37
C HIS A 371 31.02 -20.50 9.08
N VAL A 372 31.36 -21.55 8.33
CA VAL A 372 32.25 -22.61 8.79
C VAL A 372 33.54 -22.51 8.00
N ILE A 373 34.64 -22.37 8.71
CA ILE A 373 35.96 -22.18 8.10
C ILE A 373 36.82 -23.41 8.41
N PRO A 374 37.30 -24.13 7.39
CA PRO A 374 38.20 -25.26 7.65
C PRO A 374 39.61 -24.74 7.87
N ASN A 375 40.25 -25.21 8.94
CA ASN A 375 41.55 -24.69 9.35
C ASN A 375 42.66 -25.74 9.24
N ASP A 376 42.47 -26.92 9.82
CA ASP A 376 43.53 -27.91 9.90
C ASP A 376 43.00 -29.28 9.51
N ARG A 377 43.93 -30.20 9.27
CA ARG A 377 43.62 -31.61 9.06
C ARG A 377 42.78 -31.85 7.81
N LYS A 378 42.44 -33.10 7.56
CA LYS A 378 41.71 -33.50 6.37
C LYS A 378 40.46 -34.26 6.79
N ILE A 379 39.32 -33.93 6.17
CA ILE A 379 38.07 -34.60 6.51
C ILE A 379 38.09 -36.02 5.94
N ILE A 380 37.83 -36.99 6.80
CA ILE A 380 37.74 -38.40 6.41
C ILE A 380 36.27 -38.77 6.43
N TRP A 381 35.71 -38.99 5.25
CA TRP A 381 34.30 -39.35 5.14
C TRP A 381 34.09 -40.81 5.53
N PRO A 382 32.85 -41.20 5.86
CA PRO A 382 32.63 -42.50 6.51
C PRO A 382 33.21 -43.70 5.78
N GLY A 383 33.21 -43.69 4.45
CA GLY A 383 33.79 -44.82 3.74
C GLY A 383 35.29 -44.79 3.61
N GLY A 384 35.96 -43.88 4.30
CA GLY A 384 37.38 -43.69 4.16
C GLY A 384 37.80 -42.82 3.00
N GLU A 385 36.83 -42.28 2.25
CA GLU A 385 37.14 -41.46 1.09
C GLU A 385 37.85 -40.18 1.50
N THR A 386 38.69 -39.68 0.60
CA THR A 386 39.41 -38.44 0.80
C THR A 386 38.80 -37.29 -0.01
N GLU A 387 37.74 -37.56 -0.75
CA GLU A 387 37.09 -36.57 -1.60
C GLU A 387 35.65 -36.40 -1.17
N LYS A 388 35.11 -35.21 -1.40
CA LYS A 388 33.75 -34.90 -1.00
C LYS A 388 32.77 -35.86 -1.67
N PRO A 389 31.91 -36.54 -0.92
CA PRO A 389 30.92 -37.42 -1.54
C PRO A 389 29.61 -36.70 -1.83
N ARG A 390 29.02 -37.03 -2.97
CA ARG A 390 27.73 -36.45 -3.32
C ARG A 390 26.64 -37.01 -2.43
N GLY A 391 25.58 -36.23 -2.26
CA GLY A 391 24.51 -36.60 -1.35
C GLY A 391 23.40 -37.38 -2.01
N TYR A 392 23.70 -38.05 -3.12
CA TYR A 392 22.69 -38.87 -3.79
C TYR A 392 23.37 -40.04 -4.50
N GLN A 393 22.57 -41.06 -4.76
CA GLN A 393 22.99 -42.30 -5.38
C GLN A 393 22.01 -42.70 -6.48
N MET A 394 21.77 -41.78 -7.41
CA MET A 394 20.88 -42.02 -8.56
C MET A 394 21.01 -43.44 -9.08
N SER A 395 19.89 -44.13 -9.14
CA SER A 395 19.84 -45.51 -9.60
C SER A 395 19.81 -45.59 -11.12
N THR A 396 19.98 -46.79 -11.64
CA THR A 396 19.93 -47.05 -13.07
C THR A 396 18.60 -47.60 -13.53
N ARG A 397 17.98 -48.48 -12.74
CA ARG A 397 16.62 -48.93 -13.04
C ARG A 397 15.65 -47.78 -12.80
N LEU A 398 14.91 -47.41 -13.83
CA LEU A 398 13.94 -46.31 -13.76
C LEU A 398 12.55 -46.84 -14.04
N LYS A 399 11.64 -46.65 -13.08
CA LYS A 399 10.25 -47.03 -13.27
C LYS A 399 9.50 -45.86 -13.86
N ILE A 400 9.02 -46.01 -15.09
CA ILE A 400 8.45 -44.91 -15.87
C ILE A 400 6.97 -45.17 -16.07
N VAL A 401 6.15 -44.25 -15.58
CA VAL A 401 4.71 -44.31 -15.77
C VAL A 401 4.36 -43.58 -17.05
N THR A 402 3.38 -44.09 -17.77
CA THR A 402 2.96 -43.47 -19.02
C THR A 402 1.46 -43.70 -19.20
N ILE A 403 0.87 -42.94 -20.11
CA ILE A 403 -0.57 -42.98 -20.36
C ILE A 403 -0.79 -43.31 -21.83
N HIS A 404 -2.02 -43.72 -22.14
CA HIS A 404 -2.40 -44.09 -23.50
C HIS A 404 -2.95 -42.86 -24.21
N GLN A 405 -2.12 -42.22 -25.02
CA GLN A 405 -2.53 -41.12 -25.89
C GLN A 405 -2.23 -41.51 -27.33
N GLU A 406 -3.22 -41.34 -28.19
CA GLU A 406 -3.22 -42.02 -29.49
C GLU A 406 -2.00 -41.72 -30.36
N PRO A 407 -1.59 -40.46 -30.59
CA PRO A 407 -0.41 -40.24 -31.44
C PRO A 407 0.91 -40.41 -30.74
N PHE A 408 0.92 -40.39 -29.40
CA PHE A 408 2.16 -40.44 -28.64
C PHE A 408 2.45 -41.84 -28.08
N VAL A 409 1.46 -42.47 -27.46
CA VAL A 409 1.64 -43.78 -26.84
C VAL A 409 0.50 -44.68 -27.32
N TYR A 410 0.75 -45.44 -28.39
CA TYR A 410 -0.12 -46.55 -28.76
C TYR A 410 0.15 -47.73 -27.86
N VAL A 411 -0.93 -48.31 -27.33
CA VAL A 411 -0.88 -49.50 -26.48
C VAL A 411 -1.69 -50.60 -27.15
N LYS A 412 -1.04 -51.74 -27.39
CA LYS A 412 -1.68 -52.84 -28.10
C LYS A 412 -1.48 -54.13 -27.33
N PRO A 413 -2.38 -55.09 -27.49
CA PRO A 413 -2.15 -56.41 -26.89
C PRO A 413 -0.96 -57.09 -27.51
N THR A 414 -0.21 -57.83 -26.70
CA THR A 414 0.93 -58.58 -27.18
C THR A 414 0.46 -59.95 -27.69
N MET A 415 1.30 -60.60 -28.48
CA MET A 415 0.93 -61.90 -29.02
C MET A 415 1.00 -62.97 -27.93
N SER A 416 0.53 -64.17 -28.29
CA SER A 416 0.36 -65.25 -27.32
C SER A 416 1.67 -65.71 -26.70
N ASP A 417 2.81 -65.48 -27.36
CA ASP A 417 4.09 -65.94 -26.86
C ASP A 417 4.80 -64.91 -26.00
N GLY A 418 4.16 -63.77 -25.71
CA GLY A 418 4.72 -62.80 -24.79
C GLY A 418 5.76 -61.86 -25.36
N THR A 419 5.74 -61.61 -26.67
CA THR A 419 6.65 -60.67 -27.30
C THR A 419 5.88 -59.83 -28.31
N CYS A 420 6.44 -58.67 -28.64
CA CYS A 420 5.77 -57.73 -29.53
C CYS A 420 5.93 -58.15 -30.99
N LYS A 421 4.87 -57.95 -31.77
CA LYS A 421 4.90 -58.32 -33.18
C LYS A 421 5.88 -57.45 -33.94
N GLU A 422 6.74 -58.07 -34.72
CA GLU A 422 7.67 -57.32 -35.56
C GLU A 422 6.90 -56.55 -36.62
N GLU A 423 7.20 -55.26 -36.73
CA GLU A 423 6.47 -54.40 -37.65
C GLU A 423 7.42 -53.35 -38.19
N PHE A 424 7.28 -53.05 -39.48
CA PHE A 424 8.13 -52.10 -40.17
C PHE A 424 7.34 -50.86 -40.56
N THR A 425 8.03 -49.74 -40.66
CA THR A 425 7.41 -48.49 -41.03
C THR A 425 7.07 -48.49 -42.51
N VAL A 426 6.21 -47.53 -42.90
CA VAL A 426 5.90 -47.36 -44.32
C VAL A 426 7.16 -47.00 -45.10
N ASN A 427 8.04 -46.21 -44.49
CA ASN A 427 9.35 -45.95 -45.08
C ASN A 427 10.16 -47.23 -45.21
N GLY A 428 9.98 -48.17 -44.30
CA GLY A 428 10.68 -49.43 -44.33
C GLY A 428 11.66 -49.68 -43.19
N ASP A 429 11.52 -49.00 -42.06
CA ASP A 429 12.41 -49.14 -40.92
C ASP A 429 11.70 -49.80 -39.75
N PRO A 430 12.41 -50.58 -38.93
CA PRO A 430 11.76 -51.24 -37.80
C PRO A 430 11.22 -50.24 -36.79
N VAL A 431 10.10 -50.59 -36.18
CA VAL A 431 9.46 -49.75 -35.18
C VAL A 431 9.86 -50.26 -33.80
N LYS A 432 10.55 -49.42 -33.04
CA LYS A 432 10.95 -49.82 -31.69
C LYS A 432 9.72 -49.88 -30.79
N LYS A 433 9.62 -50.96 -30.01
CA LYS A 433 8.51 -51.18 -29.12
C LYS A 433 9.02 -51.59 -27.76
N VAL A 434 8.23 -51.32 -26.73
CA VAL A 434 8.59 -51.68 -25.37
C VAL A 434 7.46 -52.47 -24.74
N ILE A 435 7.77 -53.19 -23.68
CA ILE A 435 6.80 -54.01 -22.97
C ILE A 435 6.33 -53.23 -21.74
N CYS A 436 5.09 -52.77 -21.76
CA CYS A 436 4.49 -52.08 -20.64
C CYS A 436 3.60 -53.05 -19.88
N THR A 437 3.25 -52.68 -18.65
CA THR A 437 2.35 -53.49 -17.84
C THR A 437 1.17 -52.60 -17.44
N GLY A 438 0.00 -52.91 -17.96
CA GLY A 438 -1.16 -52.07 -17.73
C GLY A 438 -2.39 -52.84 -17.31
N PRO A 439 -3.41 -52.11 -16.86
CA PRO A 439 -4.67 -52.75 -16.47
C PRO A 439 -5.52 -53.05 -17.70
N ASN A 440 -5.77 -54.33 -17.94
CA ASN A 440 -6.51 -54.78 -19.11
C ASN A 440 -7.94 -54.25 -19.09
N ASP A 441 -8.26 -53.37 -20.04
CA ASP A 441 -9.60 -52.81 -20.20
C ASP A 441 -10.04 -52.04 -18.95
N THR A 442 -11.30 -51.60 -18.94
CA THR A 442 -11.81 -50.87 -17.80
C THR A 442 -11.92 -51.76 -16.57
N SER A 443 -12.08 -51.12 -15.40
CA SER A 443 -12.03 -51.82 -14.12
C SER A 443 -13.02 -52.97 -13.99
N PRO A 444 -14.30 -52.84 -14.33
CA PRO A 444 -15.23 -53.96 -14.10
C PRO A 444 -14.86 -55.22 -14.87
N GLY A 445 -14.62 -55.10 -16.18
CA GLY A 445 -14.27 -56.26 -16.97
C GLY A 445 -12.85 -56.73 -16.78
N SER A 446 -12.02 -55.93 -16.11
CA SER A 446 -10.63 -56.30 -15.91
C SER A 446 -10.53 -57.52 -14.98
N PRO A 447 -9.57 -58.40 -15.20
CA PRO A 447 -9.24 -59.42 -14.20
C PRO A 447 -8.38 -58.91 -13.05
N ARG A 448 -8.16 -57.60 -13.00
CA ARG A 448 -7.39 -56.95 -11.92
C ARG A 448 -5.97 -57.50 -11.83
N HIS A 449 -5.30 -57.63 -12.98
CA HIS A 449 -3.87 -57.90 -13.01
C HIS A 449 -3.22 -57.00 -14.03
N THR A 450 -1.98 -56.60 -13.74
CA THR A 450 -1.19 -55.79 -14.67
C THR A 450 -0.71 -56.72 -15.78
N VAL A 451 -1.48 -56.75 -16.86
CA VAL A 451 -1.15 -57.59 -18.01
C VAL A 451 -0.05 -56.91 -18.81
N PRO A 452 0.92 -57.66 -19.34
CA PRO A 452 1.90 -57.06 -20.25
C PRO A 452 1.33 -56.81 -21.63
N GLN A 453 1.51 -55.57 -22.09
CA GLN A 453 1.08 -55.12 -23.41
C GLN A 453 2.27 -54.46 -24.10
N CYS A 454 2.06 -54.02 -25.33
CA CYS A 454 3.12 -53.46 -26.15
C CYS A 454 2.86 -51.97 -26.34
N CYS A 455 3.83 -51.14 -25.97
CA CYS A 455 3.73 -49.69 -26.07
C CYS A 455 4.72 -49.19 -27.11
N TYR A 456 4.27 -48.25 -27.93
CA TYR A 456 5.15 -47.65 -28.94
C TYR A 456 4.58 -46.29 -29.33
N GLY A 457 5.43 -45.45 -29.92
CA GLY A 457 4.95 -44.19 -30.44
C GLY A 457 5.99 -43.10 -30.29
N PHE A 458 5.49 -41.86 -30.29
CA PHE A 458 6.37 -40.68 -30.19
C PHE A 458 7.13 -40.68 -28.87
N CYS A 459 6.40 -40.80 -27.76
CA CYS A 459 7.03 -40.72 -26.45
C CYS A 459 7.93 -41.91 -26.19
N ILE A 460 7.58 -43.10 -26.70
CA ILE A 460 8.42 -44.27 -26.49
C ILE A 460 9.74 -44.12 -27.23
N ASP A 461 9.71 -43.61 -28.47
CA ASP A 461 10.96 -43.38 -29.20
C ASP A 461 11.79 -42.30 -28.52
N LEU A 462 11.13 -41.24 -28.03
CA LEU A 462 11.85 -40.21 -27.29
C LEU A 462 12.52 -40.81 -26.05
N LEU A 463 11.80 -41.67 -25.33
CA LEU A 463 12.35 -42.32 -24.14
C LEU A 463 13.52 -43.22 -24.49
N ILE A 464 13.42 -43.95 -25.59
CA ILE A 464 14.52 -44.84 -25.98
C ILE A 464 15.77 -44.03 -26.30
N LYS A 465 15.61 -42.94 -27.05
CA LYS A 465 16.76 -42.09 -27.34
C LYS A 465 17.32 -41.49 -26.07
N LEU A 466 16.45 -41.06 -25.17
CA LEU A 466 16.89 -40.44 -23.92
C LEU A 466 17.64 -41.42 -23.04
N ALA A 467 17.16 -42.67 -22.97
CA ALA A 467 17.84 -43.70 -22.18
C ALA A 467 19.18 -44.06 -22.80
N ARG A 468 19.26 -44.12 -24.13
CA ARG A 468 20.55 -44.38 -24.77
C ARG A 468 21.53 -43.26 -24.49
N THR A 469 21.07 -42.01 -24.56
CA THR A 469 21.97 -40.87 -24.34
C THR A 469 22.43 -40.79 -22.90
N MET A 470 21.52 -40.94 -21.95
CA MET A 470 21.82 -40.75 -20.53
C MET A 470 22.27 -42.02 -19.84
N ASN A 471 22.30 -43.15 -20.56
CA ASN A 471 22.84 -44.41 -20.03
C ASN A 471 22.10 -44.88 -18.78
N PHE A 472 20.81 -45.17 -18.95
CA PHE A 472 20.04 -45.80 -17.89
C PHE A 472 19.04 -46.75 -18.52
N THR A 473 18.85 -47.90 -17.87
CA THR A 473 17.81 -48.82 -18.29
C THR A 473 16.48 -48.41 -17.66
N TYR A 474 15.41 -49.06 -18.07
CA TYR A 474 14.08 -48.61 -17.66
C TYR A 474 13.10 -49.77 -17.71
N GLU A 475 12.01 -49.61 -16.97
CA GLU A 475 10.84 -50.45 -17.08
C GLU A 475 9.61 -49.55 -17.12
N VAL A 476 8.73 -49.81 -18.09
CA VAL A 476 7.62 -48.92 -18.40
C VAL A 476 6.33 -49.57 -17.93
N HIS A 477 5.45 -48.78 -17.31
CA HIS A 477 4.14 -49.26 -16.95
C HIS A 477 3.12 -48.16 -17.18
N LEU A 478 1.87 -48.56 -17.33
CA LEU A 478 0.79 -47.62 -17.55
C LEU A 478 0.24 -47.13 -16.23
N VAL A 479 -0.39 -45.95 -16.27
CA VAL A 479 -1.01 -45.39 -15.08
C VAL A 479 -2.21 -46.25 -14.69
N ALA A 480 -2.39 -46.45 -13.38
CA ALA A 480 -3.37 -47.42 -12.90
C ALA A 480 -4.80 -46.97 -13.23
N ASP A 481 -5.13 -45.70 -12.99
CA ASP A 481 -6.49 -45.23 -13.16
C ASP A 481 -6.72 -44.45 -14.45
N GLY A 482 -5.70 -44.31 -15.29
CA GLY A 482 -5.88 -43.66 -16.58
C GLY A 482 -6.26 -42.20 -16.51
N LYS A 483 -5.67 -41.46 -15.56
CA LYS A 483 -5.90 -40.04 -15.42
C LYS A 483 -4.57 -39.31 -15.44
N PHE A 484 -4.55 -38.11 -16.02
CA PHE A 484 -3.31 -37.34 -16.06
C PHE A 484 -2.96 -36.81 -14.67
N GLY A 485 -3.93 -36.28 -13.94
CA GLY A 485 -3.67 -35.86 -12.59
C GLY A 485 -4.19 -34.49 -12.22
N THR A 486 -4.79 -34.38 -11.04
CA THR A 486 -5.29 -33.11 -10.53
C THR A 486 -5.38 -33.23 -9.02
N GLN A 487 -5.59 -32.08 -8.37
CA GLN A 487 -5.78 -32.04 -6.92
C GLN A 487 -7.27 -32.04 -6.61
N GLU A 488 -7.69 -32.96 -5.76
CA GLU A 488 -9.08 -33.04 -5.35
C GLU A 488 -9.15 -33.24 -3.84
N ARG A 489 -10.22 -32.72 -3.24
CA ARG A 489 -10.48 -32.88 -1.81
C ARG A 489 -11.69 -33.79 -1.63
N VAL A 490 -11.42 -35.05 -1.28
CA VAL A 490 -12.50 -35.94 -0.87
C VAL A 490 -13.04 -35.47 0.48
N ASN A 491 -14.34 -35.63 0.68
CA ASN A 491 -14.95 -35.23 1.94
C ASN A 491 -14.31 -35.98 3.11
N ASN A 492 -14.28 -35.30 4.26
CA ASN A 492 -13.71 -35.86 5.49
C ASN A 492 -12.23 -36.22 5.31
N SER A 493 -11.50 -35.35 4.61
CA SER A 493 -10.07 -35.47 4.43
C SER A 493 -9.37 -34.26 5.03
N ASN A 494 -8.19 -34.50 5.60
CA ASN A 494 -7.40 -33.43 6.19
C ASN A 494 -6.62 -32.63 5.16
N LYS A 495 -6.45 -33.14 3.94
CA LYS A 495 -5.71 -32.44 2.91
C LYS A 495 -6.07 -33.02 1.54
N LYS A 496 -5.68 -32.30 0.50
CA LYS A 496 -5.86 -32.75 -0.87
C LYS A 496 -4.61 -33.48 -1.36
N GLU A 497 -4.82 -34.38 -2.31
CA GLU A 497 -3.72 -35.17 -2.86
C GLU A 497 -3.90 -35.35 -4.36
N TRP A 498 -2.77 -35.42 -5.07
CA TRP A 498 -2.79 -35.61 -6.51
C TRP A 498 -3.19 -37.03 -6.86
N ASN A 499 -3.90 -37.18 -7.97
CA ASN A 499 -4.29 -38.47 -8.50
C ASN A 499 -3.55 -38.71 -9.82
N GLY A 500 -3.79 -39.88 -10.39
CA GLY A 500 -3.25 -40.17 -11.71
C GLY A 500 -1.74 -40.23 -11.73
N MET A 501 -1.16 -39.79 -12.85
CA MET A 501 0.28 -39.84 -13.04
C MET A 501 1.02 -38.96 -12.03
N MET A 502 0.46 -37.79 -11.73
CA MET A 502 1.09 -36.91 -10.75
C MET A 502 1.17 -37.58 -9.38
N GLY A 503 0.07 -38.22 -8.96
CA GLY A 503 0.10 -38.94 -7.70
C GLY A 503 1.05 -40.11 -7.73
N GLU A 504 1.13 -40.81 -8.86
CA GLU A 504 2.06 -41.93 -8.98
C GLU A 504 3.50 -41.47 -8.86
N LEU A 505 3.84 -40.34 -9.48
CA LEU A 505 5.22 -39.84 -9.42
C LEU A 505 5.54 -39.30 -8.03
N LEU A 506 4.59 -38.62 -7.40
CA LEU A 506 4.85 -38.05 -6.09
C LEU A 506 4.95 -39.15 -5.03
N SER A 507 4.12 -40.18 -5.13
CA SER A 507 4.10 -41.23 -4.11
C SER A 507 5.34 -42.12 -4.19
N GLY A 508 5.98 -42.20 -5.36
CA GLY A 508 7.16 -43.02 -5.53
C GLY A 508 6.96 -44.22 -6.41
N GLN A 509 5.75 -44.46 -6.90
CA GLN A 509 5.51 -45.58 -7.80
C GLN A 509 6.28 -45.44 -9.10
N ALA A 510 6.57 -44.20 -9.50
CA ALA A 510 7.28 -43.92 -10.74
C ALA A 510 8.46 -43.00 -10.45
N ASP A 511 9.46 -43.04 -11.34
CA ASP A 511 10.61 -42.16 -11.23
C ASP A 511 10.61 -41.05 -12.26
N MET A 512 9.86 -41.20 -13.34
CA MET A 512 9.90 -40.27 -14.45
C MET A 512 8.63 -40.45 -15.27
N ILE A 513 8.03 -39.35 -15.69
CA ILE A 513 6.81 -39.38 -16.49
C ILE A 513 7.19 -39.07 -17.92
N VAL A 514 6.99 -40.03 -18.81
CA VAL A 514 7.24 -39.84 -20.24
C VAL A 514 5.88 -39.96 -20.92
N ALA A 515 5.23 -38.82 -21.11
CA ALA A 515 3.88 -38.76 -21.64
C ALA A 515 3.60 -37.31 -22.03
N PRO A 516 2.57 -37.07 -22.82
CA PRO A 516 2.19 -35.69 -23.12
C PRO A 516 1.63 -34.97 -21.90
N LEU A 517 2.51 -34.64 -20.95
CA LEU A 517 2.14 -34.00 -19.70
C LEU A 517 2.30 -32.50 -19.85
N THR A 518 1.21 -31.76 -19.74
CA THR A 518 1.26 -30.31 -19.90
C THR A 518 1.95 -29.65 -18.72
N ILE A 519 2.71 -28.60 -19.03
CA ILE A 519 3.43 -27.81 -18.03
C ILE A 519 2.55 -26.65 -17.63
N ASN A 520 2.15 -26.59 -16.35
CA ASN A 520 1.40 -25.48 -15.84
C ASN A 520 1.88 -25.15 -14.43
N ASN A 521 1.35 -24.06 -13.87
CA ASN A 521 1.84 -23.59 -12.58
C ASN A 521 1.44 -24.52 -11.46
N GLU A 522 0.24 -25.09 -11.52
CA GLU A 522 -0.24 -25.95 -10.44
C GLU A 522 0.63 -27.17 -10.26
N ARG A 523 1.01 -27.82 -11.35
CA ARG A 523 1.84 -29.00 -11.27
C ARG A 523 3.30 -28.67 -10.95
N ALA A 524 3.79 -27.53 -11.43
CA ALA A 524 5.20 -27.20 -11.29
C ALA A 524 5.61 -26.97 -9.84
N GLN A 525 4.65 -26.65 -8.96
CA GLN A 525 5.00 -26.45 -7.57
C GLN A 525 5.50 -27.73 -6.91
N TYR A 526 4.97 -28.87 -7.34
CA TYR A 526 5.32 -30.15 -6.74
C TYR A 526 6.19 -31.02 -7.63
N ILE A 527 6.44 -30.64 -8.87
CA ILE A 527 7.05 -31.52 -9.85
C ILE A 527 8.03 -30.72 -10.69
N GLU A 528 9.17 -31.32 -11.01
CA GLU A 528 10.17 -30.70 -11.87
C GLU A 528 9.87 -31.06 -13.32
N PHE A 529 9.87 -30.06 -14.19
CA PHE A 529 9.59 -30.26 -15.62
C PHE A 529 10.85 -30.00 -16.42
N SER A 530 11.06 -30.79 -17.46
CA SER A 530 12.17 -30.52 -18.37
C SER A 530 11.78 -29.43 -19.35
N LYS A 531 12.72 -29.02 -20.18
CA LYS A 531 12.38 -28.11 -21.26
C LYS A 531 11.41 -28.81 -22.22
N PRO A 532 10.43 -28.10 -22.76
CA PRO A 532 9.39 -28.76 -23.54
C PRO A 532 9.97 -29.51 -24.74
N PHE A 533 9.47 -30.71 -24.97
CA PHE A 533 9.82 -31.44 -26.18
C PHE A 533 8.78 -31.29 -27.27
N LYS A 534 7.70 -30.56 -27.00
CA LYS A 534 6.70 -30.27 -28.02
C LYS A 534 5.87 -29.09 -27.57
N TYR A 535 5.77 -28.07 -28.43
CA TYR A 535 4.97 -26.90 -28.16
C TYR A 535 3.61 -27.03 -28.83
N GLN A 536 2.55 -26.72 -28.09
CA GLN A 536 1.20 -26.87 -28.60
C GLN A 536 0.29 -25.97 -27.77
N GLY A 537 -1.02 -26.15 -27.94
CA GLY A 537 -1.98 -25.37 -27.18
C GLY A 537 -3.27 -26.13 -26.99
N LEU A 538 -4.35 -25.42 -26.68
CA LEU A 538 -5.66 -26.02 -26.52
C LEU A 538 -6.55 -25.62 -27.67
N THR A 539 -7.38 -26.56 -28.13
CA THR A 539 -8.24 -26.32 -29.27
C THR A 539 -9.53 -27.12 -29.09
N ILE A 540 -10.45 -26.91 -30.02
CA ILE A 540 -11.80 -27.47 -29.96
C ILE A 540 -12.04 -28.31 -31.21
N LEU A 541 -12.58 -29.51 -31.02
CA LEU A 541 -12.88 -30.44 -32.10
C LEU A 541 -14.39 -30.57 -32.23
N VAL A 542 -14.88 -30.46 -33.47
CA VAL A 542 -16.30 -30.53 -33.78
C VAL A 542 -16.49 -31.43 -34.99
N LYS A 543 -17.74 -31.82 -35.22
CA LYS A 543 -18.05 -32.73 -36.31
C LYS A 543 -18.26 -31.98 -37.62
N LYS A 544 -17.94 -32.65 -38.72
CA LYS A 544 -18.06 -32.10 -40.07
C LYS A 544 -17.26 -30.81 -40.23
N GLU A 662 -17.40 -26.42 -38.65
CA GLU A 662 -16.53 -25.25 -38.47
C GLU A 662 -17.38 -24.01 -38.22
N ARG A 663 -18.12 -24.01 -37.12
CA ARG A 663 -19.05 -22.94 -36.79
C ARG A 663 -18.86 -22.48 -35.35
N ILE A 664 -17.62 -22.47 -34.88
CA ILE A 664 -17.31 -22.02 -33.54
C ILE A 664 -16.05 -21.15 -33.61
N THR A 665 -16.13 -19.94 -33.06
CA THR A 665 -14.99 -19.02 -33.05
C THR A 665 -14.25 -19.08 -31.71
N GLY A 666 -13.79 -20.28 -31.36
CA GLY A 666 -13.03 -20.42 -30.13
C GLY A 666 -13.91 -20.34 -28.90
N ILE A 667 -13.28 -19.98 -27.78
CA ILE A 667 -13.97 -19.95 -26.49
C ILE A 667 -14.62 -18.59 -26.27
N ASN A 668 -14.52 -17.72 -27.28
CA ASN A 668 -15.20 -16.44 -27.26
C ASN A 668 -16.54 -16.49 -27.97
N ASP A 669 -16.96 -17.66 -28.44
CA ASP A 669 -18.22 -17.80 -29.14
C ASP A 669 -19.39 -17.56 -28.19
N PRO A 670 -20.46 -16.89 -28.65
CA PRO A 670 -21.59 -16.64 -27.76
C PRO A 670 -22.23 -17.90 -27.18
N ARG A 671 -22.29 -18.98 -27.97
CA ARG A 671 -22.89 -20.21 -27.47
C ARG A 671 -22.03 -20.85 -26.39
N LEU A 672 -20.71 -20.73 -26.50
CA LEU A 672 -19.83 -21.26 -25.46
C LEU A 672 -20.05 -20.55 -24.14
N ARG A 673 -20.22 -19.24 -24.16
CA ARG A 673 -20.44 -18.45 -22.95
C ARG A 673 -21.89 -18.42 -22.52
N ASN A 674 -22.80 -18.98 -23.31
CA ASN A 674 -24.23 -19.07 -22.98
C ASN A 674 -24.62 -20.55 -23.09
N PRO A 675 -24.28 -21.35 -22.10
CA PRO A 675 -24.56 -22.79 -22.19
C PRO A 675 -26.05 -23.09 -22.18
N SER A 676 -26.40 -24.20 -22.81
CA SER A 676 -27.77 -24.69 -22.81
C SER A 676 -27.73 -26.19 -23.05
N ASP A 677 -28.85 -26.85 -22.77
CA ASP A 677 -28.94 -28.29 -23.00
C ASP A 677 -28.79 -28.65 -24.47
N LYS A 678 -29.04 -27.70 -25.38
CA LYS A 678 -28.87 -27.97 -26.80
C LYS A 678 -27.41 -28.23 -27.14
N PHE A 679 -26.50 -27.45 -26.57
CA PHE A 679 -25.08 -27.51 -26.90
C PHE A 679 -24.33 -28.09 -25.72
N ILE A 680 -23.77 -29.29 -25.90
CA ILE A 680 -23.01 -29.96 -24.85
C ILE A 680 -21.55 -30.01 -25.26
N TYR A 681 -20.66 -29.66 -24.34
CA TYR A 681 -19.23 -29.67 -24.57
C TYR A 681 -18.53 -30.03 -23.27
N ALA A 682 -17.43 -30.76 -23.38
CA ALA A 682 -16.69 -31.19 -22.20
C ALA A 682 -15.30 -31.64 -22.60
N THR A 683 -14.48 -31.90 -21.59
CA THR A 683 -13.11 -32.37 -21.77
C THR A 683 -12.91 -33.67 -21.00
N VAL A 684 -11.66 -34.10 -20.88
CA VAL A 684 -11.32 -35.29 -20.11
C VAL A 684 -11.24 -34.94 -18.64
N LYS A 685 -11.75 -35.83 -17.79
CA LYS A 685 -11.71 -35.60 -16.34
C LYS A 685 -10.28 -35.61 -15.82
N GLN A 686 -10.01 -34.73 -14.86
CA GLN A 686 -8.74 -34.68 -14.15
C GLN A 686 -7.56 -34.56 -15.11
N SER A 687 -7.56 -33.46 -15.86
CA SER A 687 -6.52 -33.18 -16.83
C SER A 687 -6.13 -31.72 -16.71
N SER A 688 -5.21 -31.28 -17.56
CA SER A 688 -4.75 -29.90 -17.51
C SER A 688 -5.85 -28.94 -17.92
N VAL A 689 -6.74 -29.36 -18.81
CA VAL A 689 -7.83 -28.49 -19.23
C VAL A 689 -8.78 -28.23 -18.07
N ASP A 690 -9.04 -29.26 -17.27
CA ASP A 690 -9.90 -29.08 -16.11
C ASP A 690 -9.29 -28.10 -15.11
N ILE A 691 -7.98 -28.21 -14.87
CA ILE A 691 -7.30 -27.26 -14.00
C ILE A 691 -7.38 -25.86 -14.56
N TYR A 692 -7.20 -25.74 -15.88
CA TYR A 692 -7.22 -24.42 -16.51
C TYR A 692 -8.59 -23.78 -16.39
N PHE A 693 -9.65 -24.56 -16.57
CA PHE A 693 -10.99 -23.98 -16.53
C PHE A 693 -11.44 -23.72 -15.09
N ARG A 694 -10.98 -24.52 -14.14
CA ARG A 694 -11.37 -24.31 -12.75
C ARG A 694 -10.80 -23.02 -12.16
N ARG A 695 -9.62 -22.61 -12.60
CA ARG A 695 -8.91 -21.48 -12.00
C ARG A 695 -9.33 -20.13 -12.56
N GLN A 696 -10.27 -20.09 -13.50
CA GLN A 696 -10.73 -18.84 -14.10
C GLN A 696 -12.13 -18.53 -13.61
N VAL A 697 -12.29 -17.36 -12.99
CA VAL A 697 -13.61 -16.94 -12.53
C VAL A 697 -14.51 -16.59 -13.71
N GLU A 698 -13.94 -15.99 -14.76
CA GLU A 698 -14.75 -15.61 -15.91
C GLU A 698 -15.31 -16.83 -16.64
N LEU A 699 -14.61 -17.95 -16.59
CA LEU A 699 -15.05 -19.17 -17.24
C LEU A 699 -15.78 -20.12 -16.31
N SER A 700 -16.29 -19.62 -15.18
CA SER A 700 -16.85 -20.50 -14.16
C SER A 700 -18.08 -21.24 -14.66
N THR A 701 -18.98 -20.55 -15.36
CA THR A 701 -20.19 -21.18 -15.86
C THR A 701 -19.87 -22.28 -16.88
N MET A 702 -18.93 -22.01 -17.77
CA MET A 702 -18.47 -23.04 -18.70
C MET A 702 -17.83 -24.18 -17.95
N TYR A 703 -17.12 -23.89 -16.87
CA TYR A 703 -16.51 -24.95 -16.08
C TYR A 703 -17.57 -25.86 -15.47
N ARG A 704 -18.66 -25.26 -14.96
CA ARG A 704 -19.75 -26.05 -14.39
C ARG A 704 -20.41 -26.91 -15.47
N HIS A 705 -20.70 -26.31 -16.63
CA HIS A 705 -21.33 -27.06 -17.70
C HIS A 705 -20.46 -28.22 -18.17
N MET A 706 -19.15 -27.98 -18.30
CA MET A 706 -18.25 -29.05 -18.70
C MET A 706 -18.17 -30.13 -17.64
N GLU A 707 -18.08 -29.73 -16.36
CA GLU A 707 -17.97 -30.71 -15.29
C GLU A 707 -19.20 -31.62 -15.25
N LYS A 708 -20.37 -31.07 -15.59
CA LYS A 708 -21.57 -31.90 -15.60
C LYS A 708 -21.52 -33.02 -16.64
N HIS A 709 -20.66 -32.93 -17.66
CA HIS A 709 -20.63 -33.94 -18.72
C HIS A 709 -19.22 -34.34 -19.14
N ASN A 710 -18.24 -34.25 -18.25
CA ASN A 710 -16.88 -34.59 -18.63
C ASN A 710 -16.74 -36.09 -18.89
N TYR A 711 -15.74 -36.44 -19.69
CA TYR A 711 -15.51 -37.81 -20.13
C TYR A 711 -14.31 -38.41 -19.42
N GLU A 712 -14.12 -39.71 -19.61
CA GLU A 712 -13.08 -40.43 -18.88
C GLU A 712 -11.74 -40.41 -19.59
N SER A 713 -11.74 -40.44 -20.92
CA SER A 713 -10.49 -40.47 -21.67
C SER A 713 -10.70 -39.78 -23.01
N ALA A 714 -9.58 -39.45 -23.65
CA ALA A 714 -9.63 -38.71 -24.91
C ALA A 714 -10.31 -39.52 -26.01
N ALA A 715 -9.99 -40.82 -26.09
CA ALA A 715 -10.57 -41.65 -27.14
C ALA A 715 -12.08 -41.75 -26.98
N GLU A 716 -12.56 -41.91 -25.75
CA GLU A 716 -14.00 -41.99 -25.52
C GLU A 716 -14.70 -40.71 -25.94
N ALA A 717 -14.13 -39.55 -25.61
CA ALA A 717 -14.74 -38.28 -25.98
C ALA A 717 -14.71 -38.07 -27.49
N ILE A 718 -13.62 -38.48 -28.15
CA ILE A 718 -13.56 -38.38 -29.61
C ILE A 718 -14.62 -39.25 -30.25
N GLN A 719 -14.77 -40.48 -29.76
CA GLN A 719 -15.80 -41.37 -30.28
C GLN A 719 -17.19 -40.79 -30.04
N ALA A 720 -17.42 -40.19 -28.87
CA ALA A 720 -18.70 -39.57 -28.58
C ALA A 720 -18.97 -38.40 -29.52
N VAL A 721 -17.93 -37.62 -29.84
CA VAL A 721 -18.10 -36.52 -30.79
C VAL A 721 -18.46 -37.06 -32.17
N ARG A 722 -17.78 -38.12 -32.60
CA ARG A 722 -18.10 -38.70 -33.90
C ARG A 722 -19.47 -39.36 -33.89
N ASP A 723 -19.89 -39.90 -32.75
CA ASP A 723 -21.19 -40.51 -32.60
C ASP A 723 -22.31 -39.51 -32.33
N ASN A 724 -22.04 -38.21 -32.51
CA ASN A 724 -23.03 -37.15 -32.37
C ASN A 724 -23.60 -37.05 -30.96
N LYS A 725 -22.92 -37.61 -29.97
CA LYS A 725 -23.35 -37.50 -28.59
C LYS A 725 -22.78 -36.27 -27.90
N LEU A 726 -21.62 -35.80 -28.34
CA LEU A 726 -20.96 -34.63 -27.78
C LEU A 726 -20.69 -33.66 -28.90
N HIS A 727 -20.99 -32.38 -28.69
CA HIS A 727 -20.94 -31.42 -29.79
C HIS A 727 -19.55 -30.83 -29.98
N ALA A 728 -18.89 -30.44 -28.89
CA ALA A 728 -17.56 -29.85 -28.96
C ALA A 728 -16.67 -30.49 -27.91
N PHE A 729 -15.43 -30.80 -28.28
CA PHE A 729 -14.47 -31.42 -27.39
C PHE A 729 -13.24 -30.53 -27.28
N ILE A 730 -12.90 -30.11 -26.06
CA ILE A 730 -11.80 -29.19 -25.81
C ILE A 730 -10.62 -30.00 -25.29
N TRP A 731 -9.50 -29.95 -26.01
CA TRP A 731 -8.36 -30.81 -25.66
C TRP A 731 -7.08 -30.18 -26.22
N ASP A 732 -6.01 -30.97 -26.22
CA ASP A 732 -4.71 -30.50 -26.69
C ASP A 732 -4.71 -30.27 -28.19
N SER A 733 -3.94 -29.29 -28.63
CA SER A 733 -3.86 -29.00 -30.04
C SER A 733 -3.27 -30.15 -30.83
N ALA A 734 -2.21 -30.78 -30.32
CA ALA A 734 -1.52 -31.81 -31.09
C ALA A 734 -2.38 -33.06 -31.24
N VAL A 735 -2.94 -33.56 -30.14
CA VAL A 735 -3.77 -34.76 -30.19
C VAL A 735 -5.00 -34.53 -31.06
N LEU A 736 -5.68 -33.40 -30.85
CA LEU A 736 -6.90 -33.12 -31.58
C LEU A 736 -6.62 -32.92 -33.07
N GLU A 737 -5.52 -32.25 -33.40
CA GLU A 737 -5.16 -32.06 -34.80
C GLU A 737 -4.85 -33.38 -35.47
N PHE A 738 -4.10 -34.25 -34.77
CA PHE A 738 -3.81 -35.57 -35.34
C PHE A 738 -5.08 -36.37 -35.54
N GLU A 739 -6.01 -36.31 -34.57
CA GLU A 739 -7.26 -37.05 -34.71
C GLU A 739 -8.06 -36.54 -35.89
N ALA A 740 -8.16 -35.22 -36.03
CA ALA A 740 -8.91 -34.64 -37.15
C ALA A 740 -8.29 -35.01 -38.48
N SER A 741 -6.95 -35.00 -38.55
CA SER A 741 -6.29 -35.32 -39.81
C SER A 741 -6.45 -36.79 -40.18
N GLN A 742 -6.19 -37.69 -39.23
CA GLN A 742 -6.20 -39.11 -39.55
C GLN A 742 -7.62 -39.63 -39.74
N LYS A 743 -8.53 -39.27 -38.83
CA LYS A 743 -9.87 -39.83 -38.85
C LYS A 743 -10.80 -39.13 -39.83
N CYS A 744 -10.47 -37.90 -40.23
CA CYS A 744 -11.37 -37.06 -41.03
C CYS A 744 -12.71 -36.93 -40.32
N ASP A 745 -13.73 -36.44 -41.02
CA ASP A 745 -15.09 -36.29 -40.50
C ASP A 745 -15.16 -35.32 -39.31
N LEU A 746 -14.03 -34.77 -38.89
CA LEU A 746 -13.96 -33.87 -37.75
C LEU A 746 -13.01 -32.73 -38.09
N VAL A 747 -13.25 -31.58 -37.48
CA VAL A 747 -12.46 -30.40 -37.75
C VAL A 747 -12.18 -29.66 -36.46
N THR A 748 -11.01 -29.05 -36.38
CA THR A 748 -10.63 -28.19 -35.27
C THR A 748 -11.04 -26.76 -35.57
N THR A 749 -11.52 -26.06 -34.55
CA THR A 749 -12.05 -24.71 -34.71
C THR A 749 -11.37 -23.76 -33.74
N GLY A 750 -11.20 -22.52 -34.18
CA GLY A 750 -10.68 -21.47 -33.34
C GLY A 750 -9.17 -21.52 -33.20
N GLU A 751 -8.64 -20.46 -32.60
CA GLU A 751 -7.22 -20.37 -32.37
C GLU A 751 -6.86 -20.95 -31.00
N LEU A 752 -5.58 -21.31 -30.86
CA LEU A 752 -5.10 -21.88 -29.62
C LEU A 752 -5.23 -20.86 -28.49
N PHE A 753 -5.96 -21.22 -27.43
CA PHE A 753 -6.24 -20.28 -26.37
C PHE A 753 -5.45 -20.54 -25.09
N PHE A 754 -4.65 -21.59 -25.04
CA PHE A 754 -3.76 -21.80 -23.90
C PHE A 754 -2.51 -22.51 -24.41
N ARG A 755 -1.51 -21.72 -24.79
CA ARG A 755 -0.31 -22.26 -25.39
C ARG A 755 0.66 -22.69 -24.30
N SER A 756 1.12 -23.94 -24.39
CA SER A 756 2.05 -24.52 -23.44
C SER A 756 2.83 -25.60 -24.18
N GLY A 757 3.50 -26.47 -23.44
CA GLY A 757 4.24 -27.54 -24.03
C GLY A 757 4.19 -28.79 -23.18
N PHE A 758 4.62 -29.90 -23.77
CA PHE A 758 4.75 -31.15 -23.05
C PHE A 758 6.16 -31.26 -22.51
N GLY A 759 6.30 -31.75 -21.30
CA GLY A 759 7.60 -31.90 -20.70
C GLY A 759 7.71 -33.17 -19.90
N ILE A 760 8.93 -33.70 -19.80
CA ILE A 760 9.19 -34.86 -18.97
C ILE A 760 9.11 -34.45 -17.50
N GLY A 761 8.25 -35.12 -16.74
CA GLY A 761 8.06 -34.82 -15.34
C GLY A 761 8.91 -35.71 -14.46
N MET A 762 9.56 -35.09 -13.47
CA MET A 762 10.41 -35.79 -12.52
C MET A 762 10.15 -35.22 -11.14
N ARG A 763 10.70 -35.89 -10.13
CA ARG A 763 10.56 -35.40 -8.77
C ARG A 763 11.37 -34.13 -8.56
N LYS A 764 10.93 -33.31 -7.61
CA LYS A 764 11.56 -32.03 -7.38
C LYS A 764 13.05 -32.19 -7.04
N ASP A 765 13.85 -31.27 -7.56
CA ASP A 765 15.29 -31.28 -7.33
C ASP A 765 15.92 -32.60 -7.76
N SER A 766 15.46 -33.14 -8.88
CA SER A 766 16.03 -34.36 -9.41
C SER A 766 17.45 -34.08 -9.88
N PRO A 767 18.42 -34.94 -9.55
CA PRO A 767 19.80 -34.70 -9.99
C PRO A 767 19.98 -34.65 -11.50
N TRP A 768 19.25 -35.45 -12.26
CA TRP A 768 19.40 -35.49 -13.71
C TRP A 768 18.34 -34.68 -14.45
N LYS A 769 17.67 -33.75 -13.79
CA LYS A 769 16.78 -32.85 -14.51
C LYS A 769 17.55 -32.04 -15.54
N GLN A 770 18.75 -31.58 -15.17
CA GLN A 770 19.57 -30.83 -16.10
C GLN A 770 19.97 -31.69 -17.29
N ASN A 771 20.31 -32.95 -17.05
CA ASN A 771 20.73 -33.81 -18.15
C ASN A 771 19.58 -34.10 -19.11
N VAL A 772 18.38 -34.34 -18.57
CA VAL A 772 17.22 -34.55 -19.43
C VAL A 772 16.93 -33.29 -20.24
N SER A 773 16.99 -32.12 -19.61
CA SER A 773 16.72 -30.88 -20.34
C SER A 773 17.74 -30.66 -21.43
N LEU A 774 19.02 -30.90 -21.13
CA LEU A 774 20.06 -30.72 -22.13
C LEU A 774 19.89 -31.68 -23.30
N SER A 775 19.53 -32.94 -22.99
CA SER A 775 19.32 -33.92 -24.05
C SER A 775 18.14 -33.53 -24.94
N ILE A 776 17.06 -33.04 -24.33
CA ILE A 776 15.91 -32.60 -25.12
C ILE A 776 16.26 -31.40 -25.98
N LEU A 777 17.02 -30.45 -25.43
CA LEU A 777 17.43 -29.29 -26.22
C LEU A 777 18.31 -29.71 -27.39
N LYS A 778 19.25 -30.62 -27.17
CA LYS A 778 20.07 -31.11 -28.27
C LYS A 778 19.23 -31.83 -29.32
N SER A 779 18.25 -32.62 -28.88
CA SER A 779 17.38 -33.32 -29.82
C SER A 779 16.59 -32.33 -30.66
N HIS A 780 16.08 -31.26 -30.04
CA HIS A 780 15.40 -30.21 -30.80
C HIS A 780 16.36 -29.59 -31.82
N GLU A 781 17.60 -29.34 -31.40
CA GLU A 781 18.51 -28.54 -32.20
C GLU A 781 18.84 -29.22 -33.52
N ASN A 782 19.28 -30.48 -33.48
CA ASN A 782 19.88 -31.03 -34.70
C ASN A 782 18.83 -31.55 -35.68
N GLY A 783 18.22 -32.70 -35.39
CA GLY A 783 17.15 -33.15 -36.26
C GLY A 783 16.10 -34.06 -35.64
N PHE A 784 16.26 -34.42 -34.37
CA PHE A 784 15.56 -35.59 -33.86
C PHE A 784 14.07 -35.32 -33.70
N MET A 785 13.70 -34.15 -33.19
CA MET A 785 12.28 -33.85 -33.02
C MET A 785 11.57 -33.75 -34.36
N GLU A 786 12.22 -33.18 -35.37
CA GLU A 786 11.63 -33.11 -36.70
C GLU A 786 11.42 -34.51 -37.27
N ASP A 787 12.40 -35.39 -37.08
CA ASP A 787 12.27 -36.77 -37.55
C ASP A 787 11.11 -37.47 -36.87
N LEU A 788 11.00 -37.31 -35.54
CA LEU A 788 9.88 -37.90 -34.81
C LEU A 788 8.55 -37.35 -35.29
N ASP A 789 8.49 -36.04 -35.55
CA ASP A 789 7.27 -35.43 -36.04
C ASP A 789 6.86 -35.99 -37.39
N LYS A 790 7.83 -36.11 -38.30
CA LYS A 790 7.53 -36.70 -39.60
C LYS A 790 7.07 -38.14 -39.47
N THR A 791 7.72 -38.92 -38.60
CA THR A 791 7.40 -40.34 -38.51
C THR A 791 6.03 -40.57 -37.91
N TRP A 792 5.73 -39.93 -36.78
CA TRP A 792 4.56 -40.30 -35.97
C TRP A 792 3.35 -39.41 -36.24
N VAL A 793 3.48 -38.11 -36.02
CA VAL A 793 2.36 -37.19 -36.24
C VAL A 793 2.70 -36.23 -37.36
N ARG A 794 2.32 -36.57 -38.59
CA ARG A 794 2.66 -35.77 -39.75
C ARG A 794 1.94 -34.43 -39.75
N ALA B 29 -14.81 -47.22 46.64
CA ALA B 29 -14.90 -45.91 47.27
C ALA B 29 -13.61 -45.11 47.08
N VAL B 30 -13.52 -44.40 45.95
CA VAL B 30 -12.31 -43.63 45.66
C VAL B 30 -12.31 -42.36 46.49
N THR B 31 -11.11 -41.85 46.77
CA THR B 31 -10.93 -40.61 47.52
C THR B 31 -10.52 -39.52 46.54
N VAL B 32 -11.32 -38.45 46.47
CA VAL B 32 -11.07 -37.35 45.55
C VAL B 32 -11.01 -36.07 46.36
N ALA B 33 -9.93 -35.30 46.16
CA ALA B 33 -9.72 -34.05 46.88
C ALA B 33 -9.95 -32.88 45.94
N VAL B 34 -10.59 -31.83 46.47
CA VAL B 34 -10.94 -30.65 45.69
C VAL B 34 -10.19 -29.47 46.27
N VAL B 35 -9.42 -28.79 45.44
CA VAL B 35 -8.67 -27.62 45.85
C VAL B 35 -9.38 -26.39 45.31
N PHE B 36 -9.20 -25.27 45.98
CA PHE B 36 -9.94 -24.05 45.70
C PHE B 36 -8.94 -22.92 45.44
N GLY B 37 -9.44 -21.68 45.48
CA GLY B 37 -8.61 -20.54 45.18
C GLY B 37 -9.38 -19.41 44.54
N SER B 38 -10.63 -19.66 44.18
CA SER B 38 -11.51 -18.58 43.76
C SER B 38 -11.90 -17.67 44.91
N SER B 39 -11.64 -18.07 46.15
CA SER B 39 -11.99 -17.30 47.34
C SER B 39 -13.46 -16.88 47.33
N GLY B 40 -13.70 -15.58 47.16
CA GLY B 40 -15.06 -15.05 47.17
C GLY B 40 -15.70 -15.10 48.53
N PRO B 41 -17.00 -15.38 48.58
CA PRO B 41 -17.70 -15.42 49.86
C PRO B 41 -17.15 -16.51 50.77
N LEU B 42 -17.21 -16.25 52.08
CA LEU B 42 -16.64 -17.15 53.07
C LEU B 42 -17.62 -18.23 53.54
N GLN B 43 -18.91 -17.92 53.63
CA GLN B 43 -19.88 -18.92 54.08
C GLN B 43 -19.98 -20.09 53.12
N THR B 44 -19.63 -19.88 51.84
CA THR B 44 -19.62 -20.98 50.89
C THR B 44 -18.64 -22.08 51.28
N GLN B 45 -17.67 -21.76 52.14
CA GLN B 45 -16.78 -22.79 52.66
C GLN B 45 -17.58 -23.90 53.35
N ALA B 46 -18.67 -23.55 54.02
CA ALA B 46 -19.55 -24.57 54.59
C ALA B 46 -20.07 -25.49 53.51
N ARG B 47 -20.51 -24.92 52.39
CA ARG B 47 -20.89 -25.73 51.23
C ARG B 47 -19.80 -26.73 50.89
N THR B 48 -18.54 -26.30 50.99
CA THR B 48 -17.42 -27.17 50.65
C THR B 48 -17.38 -28.39 51.55
N ARG B 49 -17.68 -28.23 52.85
CA ARG B 49 -17.73 -29.40 53.71
C ARG B 49 -19.09 -30.09 53.67
N LEU B 50 -20.07 -29.49 52.99
CA LEU B 50 -21.34 -30.17 52.75
C LEU B 50 -21.29 -31.07 51.53
N THR B 51 -20.16 -31.11 50.84
CA THR B 51 -20.01 -31.94 49.65
C THR B 51 -19.88 -33.42 49.98
N SER B 52 -19.97 -33.81 51.25
CA SER B 52 -19.77 -35.21 51.61
C SER B 52 -20.83 -36.12 51.00
N GLN B 53 -22.09 -35.92 51.40
CA GLN B 53 -23.19 -36.82 51.02
C GLN B 53 -24.06 -36.19 49.93
N ASN B 54 -23.45 -35.98 48.75
CA ASN B 54 -24.22 -35.54 47.60
C ASN B 54 -23.85 -36.22 46.30
N PHE B 55 -22.80 -37.03 46.26
CA PHE B 55 -22.44 -37.81 45.08
C PHE B 55 -23.10 -39.17 45.05
N LEU B 56 -24.22 -39.33 45.75
CA LEU B 56 -24.86 -40.64 45.89
C LEU B 56 -25.33 -41.19 44.55
N ASP B 57 -25.56 -40.32 43.57
CA ASP B 57 -25.99 -40.79 42.25
C ASP B 57 -24.89 -41.56 41.54
N LEU B 58 -23.64 -41.12 41.64
CA LEU B 58 -22.55 -41.78 40.96
C LEU B 58 -22.29 -43.16 41.56
N PRO B 59 -21.91 -44.14 40.74
CA PRO B 59 -21.54 -45.45 41.26
C PRO B 59 -20.26 -45.35 42.10
N LEU B 60 -20.12 -46.30 43.03
CA LEU B 60 -18.96 -46.37 43.91
C LEU B 60 -18.75 -45.02 44.62
N GLU B 61 -19.71 -44.73 45.51
CA GLU B 61 -19.79 -43.46 46.21
C GLU B 61 -18.43 -42.97 46.66
N ILE B 62 -18.14 -41.71 46.35
CA ILE B 62 -16.81 -41.13 46.46
C ILE B 62 -16.58 -40.56 47.85
N GLN B 63 -15.32 -40.54 48.27
CA GLN B 63 -14.91 -39.91 49.52
C GLN B 63 -14.32 -38.54 49.20
N PRO B 64 -15.06 -37.46 49.38
CA PRO B 64 -14.54 -36.14 49.03
C PRO B 64 -13.64 -35.58 50.12
N LEU B 65 -12.75 -34.70 49.70
CA LEU B 65 -11.90 -33.96 50.63
C LEU B 65 -11.92 -32.50 50.22
N THR B 66 -12.01 -31.62 51.21
CA THR B 66 -12.15 -30.18 50.94
C THR B 66 -10.99 -29.42 51.59
N VAL B 67 -10.14 -28.85 50.75
CA VAL B 67 -9.05 -27.98 51.17
C VAL B 67 -9.06 -26.74 50.29
N GLY B 68 -8.95 -25.57 50.89
CA GLY B 68 -8.89 -24.38 50.09
C GLY B 68 -7.68 -23.52 50.36
N VAL B 69 -6.80 -23.40 49.36
CA VAL B 69 -5.76 -22.39 49.43
C VAL B 69 -6.36 -21.05 49.04
N ASN B 70 -6.18 -20.06 49.90
CA ASN B 70 -6.82 -18.76 49.71
C ASN B 70 -5.85 -17.67 49.30
N ASN B 71 -4.64 -18.04 48.86
CA ASN B 71 -3.70 -17.07 48.33
C ASN B 71 -3.18 -17.43 46.94
N THR B 72 -3.01 -18.71 46.64
CA THR B 72 -2.60 -19.18 45.30
C THR B 72 -1.28 -18.51 44.89
N ASN B 73 -0.23 -19.00 45.53
CA ASN B 73 1.15 -18.70 45.24
C ASN B 73 1.91 -20.01 45.21
N PRO B 74 3.09 -20.06 44.56
CA PRO B 74 3.79 -21.34 44.44
C PRO B 74 4.04 -22.04 45.76
N SER B 75 4.45 -21.30 46.79
CA SER B 75 4.73 -21.94 48.08
C SER B 75 3.45 -22.50 48.69
N SER B 76 2.37 -21.73 48.66
CA SER B 76 1.11 -22.21 49.22
C SER B 76 0.56 -23.39 48.46
N ILE B 77 0.62 -23.35 47.13
CA ILE B 77 0.12 -24.48 46.32
C ILE B 77 0.93 -25.73 46.61
N LEU B 78 2.25 -25.61 46.62
CA LEU B 78 3.10 -26.77 46.87
C LEU B 78 2.86 -27.34 48.26
N THR B 79 2.76 -26.48 49.28
CA THR B 79 2.54 -26.94 50.64
C THR B 79 1.18 -27.61 50.79
N GLN B 80 0.13 -26.99 50.24
CA GLN B 80 -1.20 -27.57 50.34
C GLN B 80 -1.27 -28.94 49.67
N ILE B 81 -0.71 -29.05 48.46
CA ILE B 81 -0.77 -30.32 47.74
C ILE B 81 0.06 -31.38 48.47
N CYS B 82 1.22 -30.98 48.99
CA CYS B 82 2.08 -31.92 49.71
C CYS B 82 1.38 -32.46 50.96
N GLY B 83 0.77 -31.56 51.73
CA GLY B 83 0.05 -31.97 52.92
C GLY B 83 -1.12 -32.86 52.58
N LEU B 84 -1.83 -32.51 51.50
CA LEU B 84 -2.91 -33.37 51.02
C LEU B 84 -2.41 -34.77 50.73
N LEU B 85 -1.34 -34.88 49.93
CA LEU B 85 -0.89 -36.20 49.49
C LEU B 85 -0.37 -37.01 50.66
N GLY B 86 0.30 -36.37 51.61
CA GLY B 86 0.85 -37.10 52.74
C GLY B 86 -0.15 -37.46 53.81
N ALA B 87 -1.26 -36.72 53.90
CA ALA B 87 -2.23 -37.00 54.95
C ALA B 87 -3.08 -38.22 54.61
N ALA B 88 -3.83 -38.16 53.51
CA ALA B 88 -4.73 -39.23 53.12
C ALA B 88 -4.36 -39.71 51.72
N ARG B 89 -4.55 -41.00 51.48
CA ARG B 89 -4.21 -41.57 50.18
C ARG B 89 -5.28 -41.22 49.14
N VAL B 90 -5.09 -40.09 48.45
CA VAL B 90 -6.07 -39.63 47.48
C VAL B 90 -5.83 -40.30 46.12
N HIS B 91 -6.86 -40.30 45.30
CA HIS B 91 -6.81 -40.89 43.97
C HIS B 91 -6.69 -39.83 42.87
N GLY B 92 -7.32 -38.68 43.04
CA GLY B 92 -7.27 -37.62 42.07
C GLY B 92 -7.48 -36.28 42.75
N ILE B 93 -7.22 -35.22 42.00
CA ILE B 93 -7.31 -33.85 42.52
C ILE B 93 -8.09 -33.02 41.53
N VAL B 94 -9.03 -32.22 42.03
CA VAL B 94 -9.80 -31.29 41.22
C VAL B 94 -9.44 -29.88 41.67
N PHE B 95 -8.89 -29.09 40.76
CA PHE B 95 -8.37 -27.76 41.09
C PHE B 95 -9.15 -26.70 40.33
N GLU B 96 -9.60 -25.68 41.06
CA GLU B 96 -10.26 -24.53 40.45
C GLU B 96 -9.61 -23.26 40.95
N ASP B 97 -9.49 -22.28 40.06
CA ASP B 97 -8.77 -21.05 40.40
C ASP B 97 -9.47 -19.83 39.80
N ASN B 98 -8.88 -18.66 39.98
CA ASN B 98 -9.43 -17.42 39.44
C ASN B 98 -9.13 -17.35 37.96
N VAL B 99 -9.85 -16.45 37.27
CA VAL B 99 -9.75 -16.38 35.82
C VAL B 99 -8.41 -15.81 35.38
N ASP B 100 -7.87 -14.84 36.12
CA ASP B 100 -6.73 -14.06 35.66
C ASP B 100 -5.37 -14.66 36.02
N THR B 101 -5.34 -15.78 36.74
CA THR B 101 -4.06 -16.36 37.15
C THR B 101 -3.39 -17.02 35.95
N GLU B 102 -2.10 -16.75 35.76
CA GLU B 102 -1.38 -17.22 34.57
C GLU B 102 -0.60 -18.50 34.83
N ALA B 103 0.32 -18.46 35.81
CA ALA B 103 1.32 -19.51 35.94
C ALA B 103 0.91 -20.65 36.85
N VAL B 104 -0.36 -20.73 37.25
CA VAL B 104 -0.78 -21.81 38.15
C VAL B 104 -0.78 -23.15 37.42
N ALA B 105 -1.13 -23.13 36.13
CA ALA B 105 -1.19 -24.36 35.36
C ALA B 105 0.16 -25.07 35.34
N GLN B 106 1.24 -24.29 35.21
CA GLN B 106 2.58 -24.87 35.18
C GLN B 106 2.90 -25.53 36.52
N LEU B 107 2.52 -24.91 37.63
CA LEU B 107 2.77 -25.50 38.94
C LEU B 107 2.02 -26.81 39.11
N LEU B 108 0.75 -26.84 38.69
CA LEU B 108 -0.01 -28.08 38.80
C LEU B 108 0.58 -29.16 37.91
N ASP B 109 1.02 -28.79 36.71
CA ASP B 109 1.65 -29.75 35.81
C ASP B 109 2.92 -30.31 36.41
N PHE B 110 3.74 -29.46 37.01
CA PHE B 110 4.97 -29.90 37.66
C PHE B 110 4.66 -30.84 38.81
N VAL B 111 3.68 -30.49 39.64
CA VAL B 111 3.32 -31.34 40.78
C VAL B 111 2.85 -32.70 40.29
N SER B 112 2.01 -32.74 39.26
CA SER B 112 1.57 -34.01 38.71
C SER B 112 2.72 -34.80 38.11
N SER B 113 3.73 -34.12 37.54
CA SER B 113 4.90 -34.83 37.03
C SER B 113 5.68 -35.48 38.17
N GLN B 114 5.84 -34.78 39.29
CA GLN B 114 6.60 -35.34 40.40
C GLN B 114 5.83 -36.43 41.13
N THR B 115 4.67 -36.10 41.67
CA THR B 115 3.93 -37.03 42.51
C THR B 115 3.10 -38.05 41.75
N HIS B 116 2.93 -37.89 40.43
CA HIS B 116 2.23 -38.85 39.59
C HIS B 116 0.78 -39.04 40.03
N VAL B 117 0.09 -37.94 40.27
CA VAL B 117 -1.32 -37.95 40.68
C VAL B 117 -2.14 -37.29 39.56
N PRO B 118 -3.20 -37.92 39.09
CA PRO B 118 -4.01 -37.29 38.04
C PRO B 118 -4.80 -36.10 38.56
N ILE B 119 -4.44 -34.90 38.11
CA ILE B 119 -5.15 -33.69 38.51
C ILE B 119 -6.19 -33.39 37.45
N LEU B 120 -7.20 -32.62 37.83
CA LEU B 120 -8.25 -32.15 36.92
C LEU B 120 -8.42 -30.66 37.15
N SER B 121 -8.16 -29.87 36.12
CA SER B 121 -8.30 -28.42 36.22
C SER B 121 -9.63 -28.00 35.62
N ILE B 122 -10.51 -27.47 36.46
CA ILE B 122 -11.84 -27.03 36.04
C ILE B 122 -11.89 -25.52 36.24
N SER B 123 -13.03 -24.92 35.94
CA SER B 123 -13.23 -23.47 36.11
C SER B 123 -12.22 -22.77 35.17
N GLY B 124 -11.60 -21.68 35.60
CA GLY B 124 -10.74 -20.90 34.75
C GLY B 124 -9.35 -20.70 35.32
N GLY B 125 -8.55 -19.93 34.58
CA GLY B 125 -7.19 -19.65 34.97
C GLY B 125 -6.23 -20.79 34.66
N SER B 126 -6.39 -21.89 35.39
CA SER B 126 -5.58 -23.08 35.16
C SER B 126 -6.17 -24.00 34.11
N ALA B 127 -7.34 -23.66 33.56
CA ALA B 127 -7.94 -24.43 32.48
C ALA B 127 -7.57 -23.90 31.11
N VAL B 128 -6.80 -22.82 31.03
CA VAL B 128 -6.22 -22.40 29.76
C VAL B 128 -5.20 -23.45 29.35
N VAL B 129 -5.32 -23.94 28.10
CA VAL B 129 -4.60 -25.14 27.71
C VAL B 129 -3.10 -24.86 27.66
N LEU B 130 -2.33 -25.70 28.34
CA LEU B 130 -0.87 -25.66 28.33
C LEU B 130 -0.42 -26.81 27.44
N THR B 131 -0.18 -26.52 26.16
CA THR B 131 -0.07 -27.59 25.17
C THR B 131 1.12 -28.52 25.42
N PRO B 132 2.36 -28.04 25.58
CA PRO B 132 3.46 -28.97 25.89
C PRO B 132 3.52 -29.26 27.38
N LYS B 133 3.17 -30.48 27.77
CA LYS B 133 3.19 -30.89 29.16
C LYS B 133 4.40 -31.78 29.41
N GLU B 134 4.74 -31.93 30.69
CA GLU B 134 5.82 -32.83 31.05
C GLU B 134 5.47 -34.27 30.67
N PRO B 135 6.47 -35.06 30.25
CA PRO B 135 6.16 -36.39 29.71
C PRO B 135 5.43 -37.31 30.66
N GLY B 136 5.75 -37.27 31.96
CA GLY B 136 5.10 -38.13 32.91
C GLY B 136 3.88 -37.56 33.60
N SER B 137 3.41 -36.39 33.17
CA SER B 137 2.37 -35.69 33.90
C SER B 137 0.99 -36.20 33.53
N ALA B 138 0.01 -35.88 34.38
CA ALA B 138 -1.39 -36.24 34.20
C ALA B 138 -2.28 -35.04 34.47
N PHE B 139 -1.93 -33.90 33.89
CA PHE B 139 -2.61 -32.65 34.25
C PHE B 139 -4.08 -32.65 33.84
N LEU B 140 -4.38 -32.99 32.59
CA LEU B 140 -5.77 -33.15 32.15
C LEU B 140 -6.59 -31.88 32.37
N GLN B 141 -6.26 -30.86 31.59
CA GLN B 141 -7.02 -29.61 31.64
C GLN B 141 -8.40 -29.78 31.01
N LEU B 142 -9.41 -29.16 31.61
CA LEU B 142 -10.77 -29.20 31.09
C LEU B 142 -11.07 -27.99 30.21
N GLY B 143 -10.18 -27.72 29.26
CA GLY B 143 -10.32 -26.60 28.36
C GLY B 143 -10.15 -27.04 26.92
N VAL B 144 -10.17 -26.06 26.03
CA VAL B 144 -10.13 -26.30 24.60
C VAL B 144 -8.94 -25.58 24.00
N SER B 145 -8.27 -26.23 23.05
CA SER B 145 -7.07 -25.69 22.43
C SER B 145 -7.38 -24.41 21.65
N LEU B 146 -6.33 -23.69 21.31
CA LEU B 146 -6.49 -22.47 20.50
C LEU B 146 -6.89 -22.81 19.07
N GLU B 147 -6.39 -23.92 18.54
CA GLU B 147 -6.73 -24.30 17.17
C GLU B 147 -8.20 -24.65 17.03
N GLN B 148 -8.78 -25.29 18.04
CA GLN B 148 -10.21 -25.60 17.97
C GLN B 148 -11.06 -24.33 18.02
N GLN B 149 -10.69 -23.37 18.86
CA GLN B 149 -11.38 -22.10 18.86
C GLN B 149 -11.27 -21.41 17.51
N LEU B 150 -10.09 -21.46 16.90
CA LEU B 150 -9.91 -20.86 15.59
C LEU B 150 -10.79 -21.55 14.55
N GLN B 151 -10.90 -22.88 14.63
CA GLN B 151 -11.75 -23.59 13.69
C GLN B 151 -13.21 -23.16 13.84
N VAL B 152 -13.68 -23.03 15.07
CA VAL B 152 -15.07 -22.60 15.28
C VAL B 152 -15.28 -21.18 14.77
N LEU B 153 -14.31 -20.29 15.02
CA LEU B 153 -14.46 -18.91 14.57
C LEU B 153 -14.46 -18.82 13.04
N PHE B 154 -13.60 -19.60 12.38
CA PHE B 154 -13.61 -19.58 10.92
C PHE B 154 -14.86 -20.24 10.37
N LYS B 155 -15.45 -21.18 11.10
CA LYS B 155 -16.75 -21.70 10.69
C LYS B 155 -17.81 -20.61 10.77
N VAL B 156 -17.74 -19.76 11.80
CA VAL B 156 -18.67 -18.64 11.89
C VAL B 156 -18.48 -17.68 10.71
N LEU B 157 -17.23 -17.39 10.36
CA LEU B 157 -16.97 -16.54 9.20
C LEU B 157 -17.52 -17.15 7.92
N GLU B 158 -17.32 -18.46 7.73
CA GLU B 158 -17.87 -19.13 6.56
C GLU B 158 -19.39 -19.06 6.55
N GLU B 159 -20.01 -19.20 7.72
CA GLU B 159 -21.47 -19.16 7.81
C GLU B 159 -21.99 -17.80 7.39
N TYR B 160 -21.37 -16.72 7.84
CA TYR B 160 -21.83 -15.39 7.51
C TYR B 160 -21.13 -14.81 6.29
N ASP B 161 -20.24 -15.57 5.66
CA ASP B 161 -19.56 -15.17 4.43
C ASP B 161 -18.76 -13.88 4.62
N TRP B 162 -17.78 -13.94 5.52
CA TRP B 162 -16.88 -12.83 5.79
C TRP B 162 -15.50 -13.25 5.31
N SER B 163 -15.24 -13.02 4.02
CA SER B 163 -14.01 -13.52 3.41
C SER B 163 -12.79 -12.69 3.78
N ALA B 164 -12.94 -11.39 3.97
CA ALA B 164 -11.82 -10.51 4.23
C ALA B 164 -11.77 -10.15 5.70
N PHE B 165 -10.59 -10.31 6.31
CA PHE B 165 -10.42 -10.01 7.72
C PHE B 165 -8.97 -9.60 7.96
N ALA B 166 -8.75 -8.90 9.07
CA ALA B 166 -7.44 -8.47 9.50
C ALA B 166 -7.16 -9.02 10.89
N VAL B 167 -5.93 -9.46 11.12
CA VAL B 167 -5.54 -10.07 12.37
C VAL B 167 -4.75 -9.06 13.19
N ILE B 168 -5.16 -8.86 14.43
CA ILE B 168 -4.47 -7.99 15.38
C ILE B 168 -4.01 -8.84 16.54
N THR B 169 -2.71 -8.87 16.78
CA THR B 169 -2.14 -9.65 17.87
C THR B 169 -1.29 -8.76 18.76
N SER B 170 -1.29 -9.05 20.05
CA SER B 170 -0.39 -8.36 20.95
C SER B 170 0.95 -9.09 21.01
N LEU B 171 1.84 -8.61 21.87
CA LEU B 171 3.10 -9.30 22.15
C LEU B 171 2.95 -10.38 23.18
N HIS B 172 1.72 -10.80 23.46
CA HIS B 172 1.47 -11.81 24.47
C HIS B 172 2.16 -13.11 24.08
N PRO B 173 2.75 -13.83 25.03
CA PRO B 173 3.43 -15.08 24.70
C PRO B 173 2.45 -16.12 24.17
N GLY B 174 2.59 -16.48 22.91
CA GLY B 174 1.66 -17.41 22.29
C GLY B 174 1.05 -16.84 21.02
N HIS B 175 1.40 -15.59 20.70
CA HIS B 175 0.87 -14.99 19.48
C HIS B 175 1.41 -15.68 18.24
N ALA B 176 2.62 -16.22 18.32
CA ALA B 176 3.15 -17.00 17.20
C ALA B 176 2.31 -18.25 16.96
N LEU B 177 1.88 -18.90 18.04
CA LEU B 177 0.97 -20.04 17.91
C LEU B 177 -0.35 -19.60 17.31
N PHE B 178 -0.84 -18.42 17.70
CA PHE B 178 -2.09 -17.91 17.13
C PHE B 178 -1.96 -17.67 15.63
N LEU B 179 -0.85 -17.08 15.19
CA LEU B 179 -0.66 -16.84 13.77
C LEU B 179 -0.53 -18.15 13.00
N GLU B 180 0.22 -19.10 13.55
CA GLU B 180 0.31 -20.42 12.93
C GLU B 180 -1.07 -21.05 12.80
N GLY B 181 -1.88 -20.93 13.86
CA GLY B 181 -3.22 -21.52 13.82
C GLY B 181 -4.12 -20.87 12.79
N VAL B 182 -4.11 -19.53 12.72
CA VAL B 182 -4.99 -18.88 11.74
C VAL B 182 -4.55 -19.23 10.33
N ARG B 183 -3.24 -19.30 10.07
CA ARG B 183 -2.79 -19.67 8.73
C ARG B 183 -3.16 -21.11 8.40
N ALA B 184 -2.99 -22.02 9.36
CA ALA B 184 -3.34 -23.42 9.13
C ALA B 184 -4.83 -23.58 8.86
N VAL B 185 -5.67 -22.89 9.62
CA VAL B 185 -7.12 -23.02 9.44
C VAL B 185 -7.55 -22.38 8.14
N ALA B 186 -6.98 -21.21 7.80
CA ALA B 186 -7.34 -20.54 6.56
C ALA B 186 -6.93 -21.37 5.35
N ASP B 187 -5.73 -21.95 5.38
CA ASP B 187 -5.28 -22.74 4.24
C ASP B 187 -6.14 -23.99 4.05
N ALA B 188 -6.48 -24.67 5.13
CA ALA B 188 -7.28 -25.89 5.05
C ALA B 188 -8.77 -25.57 5.14
N SER B 189 -9.22 -24.75 4.20
CA SER B 189 -10.62 -24.36 4.13
C SER B 189 -10.98 -24.08 2.68
N TYR B 190 -12.27 -24.23 2.36
CA TYR B 190 -12.72 -24.13 0.98
C TYR B 190 -12.67 -22.71 0.45
N LEU B 191 -13.17 -21.75 1.22
CA LEU B 191 -13.33 -20.39 0.74
C LEU B 191 -11.98 -19.72 0.57
N SER B 192 -11.86 -18.84 -0.44
CA SER B 192 -10.61 -18.15 -0.70
C SER B 192 -10.49 -16.98 0.27
N TRP B 193 -9.87 -17.26 1.42
CA TRP B 193 -9.71 -16.26 2.47
C TRP B 193 -8.79 -15.13 2.00
N ARG B 194 -9.13 -13.92 2.41
CA ARG B 194 -8.36 -12.73 2.06
C ARG B 194 -7.88 -12.08 3.35
N LEU B 195 -6.68 -12.46 3.80
CA LEU B 195 -6.08 -11.89 5.00
C LEU B 195 -5.47 -10.55 4.63
N LEU B 196 -6.14 -9.47 5.02
CA LEU B 196 -5.74 -8.15 4.55
C LEU B 196 -4.39 -7.73 5.15
N ASP B 197 -4.24 -7.87 6.46
CA ASP B 197 -2.99 -7.50 7.11
C ASP B 197 -2.91 -8.13 8.48
N VAL B 198 -1.67 -8.35 8.93
CA VAL B 198 -1.37 -8.85 10.26
C VAL B 198 -0.43 -7.86 10.92
N LEU B 199 -0.84 -7.28 12.05
CA LEU B 199 0.03 -6.37 12.78
C LEU B 199 0.12 -6.81 14.23
N THR B 200 1.36 -6.83 14.75
CA THR B 200 1.63 -7.24 16.12
C THR B 200 1.72 -5.97 16.97
N LEU B 201 0.59 -5.58 17.56
CA LEU B 201 0.57 -4.37 18.36
C LEU B 201 1.29 -4.60 19.67
N GLU B 202 1.31 -3.55 20.50
CA GLU B 202 1.94 -3.63 21.82
C GLU B 202 1.00 -3.00 22.83
N LEU B 203 0.46 -3.81 23.71
CA LEU B 203 -0.40 -3.33 24.78
C LEU B 203 0.30 -3.53 26.11
N GLY B 204 -0.37 -3.17 27.21
CA GLY B 204 0.24 -3.25 28.51
C GLY B 204 0.06 -1.97 29.29
N PRO B 205 0.46 -1.98 30.57
CA PRO B 205 0.24 -0.81 31.43
C PRO B 205 1.03 0.41 30.99
N GLY B 206 0.33 1.42 30.49
CA GLY B 206 0.96 2.65 30.06
C GLY B 206 1.70 2.48 28.75
N GLY B 207 2.84 1.81 28.81
CA GLY B 207 3.60 1.43 27.65
C GLY B 207 3.90 2.54 26.67
N PRO B 208 4.40 2.19 25.50
CA PRO B 208 4.50 3.15 24.39
C PRO B 208 3.18 3.31 23.67
N ARG B 209 2.31 4.21 24.16
CA ARG B 209 0.99 4.36 23.57
C ARG B 209 1.04 4.77 22.10
N ALA B 210 2.12 5.40 21.67
CA ALA B 210 2.27 5.76 20.27
C ALA B 210 2.63 4.53 19.45
N ARG B 211 2.46 4.66 18.14
CA ARG B 211 2.80 3.64 17.15
C ARG B 211 1.81 2.48 17.21
N THR B 212 0.96 2.45 18.24
CA THR B 212 -0.19 1.56 18.19
C THR B 212 -1.40 2.31 17.67
N GLN B 213 -1.56 3.57 18.06
CA GLN B 213 -2.58 4.42 17.47
C GLN B 213 -2.31 4.64 15.99
N ARG B 214 -1.05 4.85 15.62
CA ARG B 214 -0.73 5.03 14.21
C ARG B 214 -1.07 3.80 13.40
N LEU B 215 -0.74 2.61 13.92
CA LEU B 215 -1.05 1.38 13.21
C LEU B 215 -2.55 1.12 13.16
N LEU B 216 -3.26 1.45 14.24
CA LEU B 216 -4.70 1.24 14.29
C LEU B 216 -5.47 2.23 13.42
N ARG B 217 -4.71 3.21 12.93
CA ARG B 217 -5.27 4.18 12.02
C ARG B 217 -5.11 3.77 10.55
N GLN B 218 -4.48 2.63 10.30
CA GLN B 218 -4.32 2.14 8.93
C GLN B 218 -4.93 0.76 8.75
N VAL B 219 -5.83 0.39 9.65
CA VAL B 219 -6.47 -0.91 9.56
C VAL B 219 -7.77 -0.79 8.76
N ASP B 220 -7.73 -1.23 7.51
CA ASP B 220 -8.93 -1.17 6.67
C ASP B 220 -9.43 -2.57 6.47
N ALA B 221 -10.41 -2.95 7.27
CA ALA B 221 -10.98 -4.28 7.17
C ALA B 221 -12.35 -4.25 7.79
N PRO B 222 -13.25 -5.06 7.26
CA PRO B 222 -14.60 -5.14 7.83
C PRO B 222 -14.70 -6.10 9.00
N VAL B 223 -13.79 -7.08 9.05
CA VAL B 223 -13.77 -8.09 10.10
C VAL B 223 -12.38 -8.11 10.70
N LEU B 224 -12.31 -8.09 12.04
CA LEU B 224 -11.05 -8.05 12.76
C LEU B 224 -11.01 -9.19 13.77
N VAL B 225 -9.91 -9.95 13.74
CA VAL B 225 -9.70 -11.07 14.66
C VAL B 225 -8.54 -10.71 15.56
N ALA B 226 -8.80 -10.59 16.86
CA ALA B 226 -7.81 -10.09 17.80
C ALA B 226 -7.41 -11.17 18.79
N TYR B 227 -6.14 -11.11 19.21
CA TYR B 227 -5.61 -12.04 20.20
C TYR B 227 -4.86 -11.27 21.27
N CYS B 228 -5.35 -11.33 22.50
CA CYS B 228 -4.76 -10.60 23.60
C CYS B 228 -5.35 -11.12 24.91
N SER B 229 -4.70 -10.75 26.02
CA SER B 229 -5.22 -11.05 27.34
C SER B 229 -6.28 -10.04 27.73
N ARG B 230 -6.83 -10.17 28.93
CA ARG B 230 -7.96 -9.32 29.34
C ARG B 230 -7.56 -7.84 29.38
N GLU B 231 -6.48 -7.53 30.09
CA GLU B 231 -6.06 -6.13 30.20
C GLU B 231 -5.59 -5.59 28.85
N GLU B 232 -4.85 -6.40 28.09
CA GLU B 232 -4.47 -5.97 26.76
C GLU B 232 -5.69 -5.80 25.87
N ALA B 233 -6.72 -6.62 26.07
CA ALA B 233 -7.94 -6.45 25.32
C ALA B 233 -8.60 -5.11 25.63
N GLU B 234 -8.64 -4.74 26.92
CA GLU B 234 -9.24 -3.45 27.28
C GLU B 234 -8.45 -2.30 26.68
N VAL B 235 -7.12 -2.38 26.74
CA VAL B 235 -6.30 -1.32 26.14
C VAL B 235 -6.53 -1.25 24.63
N LEU B 236 -6.55 -2.41 23.97
CA LEU B 236 -6.73 -2.44 22.52
C LEU B 236 -8.08 -1.88 22.13
N PHE B 237 -9.12 -2.17 22.90
CA PHE B 237 -10.44 -1.69 22.53
C PHE B 237 -10.59 -0.20 22.79
N ALA B 238 -9.97 0.31 23.85
CA ALA B 238 -9.95 1.76 24.03
C ALA B 238 -9.23 2.44 22.88
N GLU B 239 -8.08 1.90 22.48
CA GLU B 239 -7.33 2.49 21.36
C GLU B 239 -8.13 2.41 20.07
N ALA B 240 -8.82 1.29 19.84
CA ALA B 240 -9.60 1.14 18.61
C ALA B 240 -10.78 2.10 18.58
N ALA B 241 -11.47 2.27 19.71
CA ALA B 241 -12.55 3.25 19.77
C ALA B 241 -12.02 4.65 19.52
N GLN B 242 -10.85 4.97 20.06
CA GLN B 242 -10.23 6.25 19.76
C GLN B 242 -9.87 6.36 18.29
N ALA B 243 -9.64 5.24 17.61
CA ALA B 243 -9.28 5.22 16.21
C ALA B 243 -10.47 4.93 15.30
N GLY B 244 -11.68 4.92 15.85
CA GLY B 244 -12.88 4.68 15.06
C GLY B 244 -12.95 3.32 14.44
N LEU B 245 -12.64 2.28 15.20
CA LEU B 245 -12.65 0.91 14.71
C LEU B 245 -13.76 0.07 15.34
N VAL B 246 -14.75 0.71 15.97
CA VAL B 246 -15.88 0.01 16.53
C VAL B 246 -17.15 0.57 15.91
N GLY B 247 -18.26 -0.13 16.13
CA GLY B 247 -19.53 0.24 15.55
C GLY B 247 -19.88 -0.66 14.40
N PRO B 248 -20.99 -0.38 13.72
CA PRO B 248 -21.38 -1.20 12.57
C PRO B 248 -20.32 -1.15 11.48
N GLY B 249 -20.23 -2.21 10.71
CA GLY B 249 -19.23 -2.32 9.69
C GLY B 249 -17.92 -2.88 10.17
N HIS B 250 -17.75 -3.04 11.47
CA HIS B 250 -16.60 -3.70 12.07
C HIS B 250 -17.10 -4.82 12.95
N VAL B 251 -16.58 -6.01 12.73
CA VAL B 251 -16.91 -7.20 13.52
C VAL B 251 -15.64 -7.71 14.17
N TRP B 252 -15.67 -7.91 15.48
CA TRP B 252 -14.53 -8.40 16.23
C TRP B 252 -14.77 -9.82 16.72
N LEU B 253 -13.78 -10.67 16.54
CA LEU B 253 -13.83 -12.05 17.03
C LEU B 253 -12.59 -12.31 17.87
N VAL B 254 -12.79 -12.81 19.08
CA VAL B 254 -11.68 -13.08 20.01
C VAL B 254 -11.85 -14.46 20.61
N PRO B 255 -10.77 -15.14 20.98
CA PRO B 255 -10.89 -16.38 21.75
C PRO B 255 -11.14 -16.08 23.22
N ASN B 256 -11.22 -17.14 24.03
CA ASN B 256 -11.55 -16.97 25.45
C ASN B 256 -10.52 -16.19 26.22
N LEU B 257 -9.28 -16.13 25.73
CA LEU B 257 -8.22 -15.47 26.48
C LEU B 257 -8.56 -14.02 26.75
N ALA B 258 -9.11 -13.33 25.76
CA ALA B 258 -9.44 -11.92 25.92
C ALA B 258 -10.53 -11.71 26.95
N LEU B 259 -11.51 -12.61 27.03
CA LEU B 259 -12.57 -12.49 28.01
C LEU B 259 -12.04 -12.87 29.39
N GLY B 260 -12.63 -12.26 30.41
CA GLY B 260 -12.34 -12.66 31.78
C GLY B 260 -13.54 -12.39 32.66
N SER B 261 -13.93 -13.38 33.47
CA SER B 261 -15.08 -13.22 34.35
C SER B 261 -16.32 -12.86 33.53
N THR B 262 -16.77 -13.81 32.70
CA THR B 262 -17.89 -13.60 31.79
C THR B 262 -19.10 -12.96 32.47
N ASP B 263 -19.23 -13.09 33.78
CA ASP B 263 -20.37 -12.50 34.48
C ASP B 263 -20.42 -10.98 34.31
N ALA B 264 -19.25 -10.33 34.35
CA ALA B 264 -19.21 -8.88 34.21
C ALA B 264 -18.17 -8.45 33.20
N PRO B 265 -18.57 -8.02 32.01
CA PRO B 265 -17.60 -7.57 31.00
C PRO B 265 -17.27 -6.10 31.20
N PRO B 266 -16.12 -5.66 30.69
CA PRO B 266 -15.76 -4.25 30.84
C PRO B 266 -16.63 -3.34 29.99
N ALA B 267 -16.54 -2.04 30.28
CA ALA B 267 -17.28 -1.07 29.50
C ALA B 267 -16.62 -0.77 28.16
N ALA B 268 -15.35 -1.14 28.00
CA ALA B 268 -14.66 -0.86 26.73
C ALA B 268 -15.00 -1.88 25.65
N PHE B 269 -15.49 -3.06 26.04
CA PHE B 269 -15.80 -4.09 25.06
C PHE B 269 -16.95 -3.65 24.18
N PRO B 270 -16.80 -3.64 22.86
CA PRO B 270 -17.92 -3.28 21.98
C PRO B 270 -19.00 -4.35 21.98
N VAL B 271 -20.23 -3.91 21.74
CA VAL B 271 -21.32 -4.87 21.59
C VAL B 271 -21.17 -5.58 20.25
N GLY B 272 -21.60 -6.84 20.21
CA GLY B 272 -21.38 -7.65 19.04
C GLY B 272 -20.05 -8.35 18.97
N LEU B 273 -19.22 -8.23 20.00
CA LEU B 273 -17.97 -8.97 20.06
C LEU B 273 -18.25 -10.46 20.19
N ILE B 274 -17.58 -11.26 19.36
CA ILE B 274 -17.88 -12.68 19.21
C ILE B 274 -16.75 -13.50 19.81
N SER B 275 -17.09 -14.49 20.63
CA SER B 275 -16.11 -15.39 21.20
C SER B 275 -16.70 -16.80 21.22
N VAL B 276 -15.85 -17.79 21.47
CA VAL B 276 -16.25 -19.20 21.50
C VAL B 276 -15.77 -19.82 22.79
N VAL B 277 -16.70 -20.37 23.58
CA VAL B 277 -16.36 -20.99 24.86
C VAL B 277 -16.85 -22.44 24.86
N THR B 278 -16.62 -23.15 25.95
CA THR B 278 -17.18 -24.48 26.10
C THR B 278 -18.57 -24.40 26.72
N GLU B 279 -19.29 -25.52 26.66
CA GLU B 279 -20.68 -25.52 27.10
C GLU B 279 -20.79 -25.24 28.60
N SER B 280 -19.78 -25.58 29.38
CA SER B 280 -19.81 -25.35 30.80
C SER B 280 -19.57 -23.90 31.19
N TRP B 281 -19.62 -22.94 30.27
CA TRP B 281 -19.35 -21.55 30.64
C TRP B 281 -20.42 -21.00 31.58
N ARG B 282 -21.67 -21.38 31.39
CA ARG B 282 -22.77 -20.89 32.19
C ARG B 282 -22.97 -21.68 33.48
N LEU B 283 -22.34 -22.83 33.62
CA LEU B 283 -22.50 -23.67 34.79
C LEU B 283 -21.91 -23.01 36.02
N SER B 284 -22.47 -23.35 37.17
CA SER B 284 -21.97 -22.83 38.43
C SER B 284 -20.71 -23.58 38.86
N LEU B 285 -20.03 -23.04 39.87
CA LEU B 285 -18.82 -23.69 40.36
C LEU B 285 -19.15 -25.06 40.94
N ARG B 286 -20.29 -25.17 41.61
CA ARG B 286 -20.72 -26.46 42.15
C ARG B 286 -20.92 -27.49 41.04
N GLN B 287 -21.53 -27.08 39.94
CA GLN B 287 -21.75 -28.00 38.82
C GLN B 287 -20.42 -28.41 38.18
N LYS B 288 -19.48 -27.48 38.07
CA LYS B 288 -18.17 -27.83 37.52
C LYS B 288 -17.45 -28.82 38.42
N VAL B 289 -17.49 -28.60 39.73
CA VAL B 289 -16.87 -29.53 40.67
C VAL B 289 -17.50 -30.90 40.55
N ARG B 290 -18.84 -30.94 40.47
CA ARG B 290 -19.53 -32.22 40.32
C ARG B 290 -19.12 -32.91 39.03
N ASP B 291 -18.99 -32.16 37.93
CA ASP B 291 -18.59 -32.77 36.66
C ASP B 291 -17.18 -33.34 36.73
N GLY B 292 -16.25 -32.61 37.34
CA GLY B 292 -14.89 -33.12 37.45
C GLY B 292 -14.80 -34.36 38.32
N VAL B 293 -15.47 -34.33 39.47
CA VAL B 293 -15.47 -35.50 40.35
C VAL B 293 -16.14 -36.67 39.66
N ALA B 294 -17.17 -36.41 38.86
CA ALA B 294 -17.81 -37.46 38.09
C ALA B 294 -16.85 -38.05 37.07
N ILE B 295 -16.04 -37.22 36.43
CA ILE B 295 -15.06 -37.73 35.47
C ILE B 295 -14.09 -38.67 36.17
N LEU B 296 -13.57 -38.26 37.31
CA LEU B 296 -12.65 -39.11 38.06
C LEU B 296 -13.31 -40.42 38.48
N ALA B 297 -14.55 -40.33 38.99
CA ALA B 297 -15.23 -41.52 39.47
C ALA B 297 -15.54 -42.49 38.34
N LEU B 298 -15.96 -41.97 37.17
CA LEU B 298 -16.24 -42.86 36.04
C LEU B 298 -14.97 -43.49 35.51
N GLY B 299 -13.86 -42.74 35.48
CA GLY B 299 -12.60 -43.34 35.10
C GLY B 299 -12.19 -44.46 36.03
N ALA B 300 -12.33 -44.24 37.34
CA ALA B 300 -12.03 -45.29 38.31
C ALA B 300 -12.96 -46.49 38.13
N HIS B 301 -14.24 -46.24 37.86
CA HIS B 301 -15.19 -47.31 37.63
C HIS B 301 -14.79 -48.16 36.44
N SER B 302 -14.45 -47.52 35.31
CA SER B 302 -14.05 -48.29 34.14
C SER B 302 -12.77 -49.06 34.40
N TYR B 303 -11.81 -48.44 35.08
CA TYR B 303 -10.55 -49.14 35.38
C TYR B 303 -10.80 -50.34 36.27
N ARG B 304 -11.63 -50.19 37.30
CA ARG B 304 -11.91 -51.30 38.20
C ARG B 304 -12.67 -52.41 37.48
N ARG B 305 -13.64 -52.05 36.64
CA ARG B 305 -14.39 -53.07 35.93
C ARG B 305 -13.50 -53.83 34.96
N GLN B 306 -12.54 -53.17 34.32
CA GLN B 306 -11.70 -53.88 33.35
C GLN B 306 -10.55 -54.63 34.01
N TYR B 307 -10.03 -54.14 35.14
CA TYR B 307 -8.92 -54.79 35.83
C TYR B 307 -9.34 -55.64 37.01
N GLY B 308 -10.54 -55.41 37.56
CA GLY B 308 -10.97 -56.16 38.72
C GLY B 308 -10.46 -55.65 40.05
N THR B 309 -9.93 -54.44 40.10
CA THR B 309 -9.44 -53.88 41.35
C THR B 309 -9.46 -52.36 41.27
N LEU B 310 -9.61 -51.72 42.43
CA LEU B 310 -9.57 -50.27 42.50
C LEU B 310 -8.17 -49.76 42.19
N PRO B 311 -8.04 -48.61 41.53
CA PRO B 311 -6.72 -48.07 41.22
C PRO B 311 -5.95 -47.71 42.47
N ALA B 312 -4.64 -47.87 42.40
CA ALA B 312 -3.77 -47.55 43.52
C ALA B 312 -3.72 -46.03 43.71
N PRO B 313 -3.73 -45.55 44.95
CA PRO B 313 -3.68 -44.11 45.19
C PRO B 313 -2.33 -43.54 44.79
N ALA B 314 -2.23 -42.22 44.86
CA ALA B 314 -1.03 -41.51 44.45
C ALA B 314 0.07 -41.66 45.48
N GLY B 315 1.23 -41.09 45.19
CA GLY B 315 2.37 -41.18 46.08
C GLY B 315 2.44 -40.02 47.05
N ASP B 316 3.65 -39.50 47.28
CA ASP B 316 3.86 -38.39 48.19
C ASP B 316 4.83 -37.41 47.55
N CYS B 317 5.14 -36.35 48.29
CA CYS B 317 6.10 -35.35 47.84
C CYS B 317 7.53 -35.83 48.09
N ARG B 318 7.67 -37.08 48.54
CA ARG B 318 8.97 -37.68 48.82
C ARG B 318 9.63 -38.14 47.54
N SER B 319 10.67 -38.97 47.67
CA SER B 319 11.40 -39.47 46.51
C SER B 319 10.45 -40.12 45.51
N HIS B 320 10.56 -39.70 44.26
CA HIS B 320 9.63 -40.11 43.22
C HIS B 320 10.15 -41.35 42.50
N PRO B 321 9.27 -42.30 42.17
CA PRO B 321 9.74 -43.61 41.66
C PRO B 321 10.59 -43.51 40.39
N GLY B 322 10.26 -42.59 39.49
CA GLY B 322 10.98 -42.47 38.25
C GLY B 322 10.17 -42.99 37.07
N PRO B 323 10.48 -44.21 36.62
CA PRO B 323 9.69 -44.81 35.55
C PRO B 323 8.23 -44.93 35.93
N VAL B 324 7.35 -44.67 34.97
CA VAL B 324 5.91 -44.68 35.24
C VAL B 324 5.43 -46.12 35.37
N SER B 325 4.69 -46.39 36.44
CA SER B 325 4.17 -47.74 36.67
C SER B 325 3.09 -48.07 35.64
N PRO B 326 2.98 -49.35 35.25
CA PRO B 326 1.89 -49.73 34.34
C PRO B 326 0.51 -49.44 34.89
N ALA B 327 0.32 -49.55 36.20
CA ALA B 327 -0.98 -49.23 36.79
C ALA B 327 -1.33 -47.77 36.61
N ARG B 328 -0.36 -46.87 36.85
CA ARG B 328 -0.61 -45.44 36.67
C ARG B 328 -0.89 -45.11 35.22
N GLU B 329 -0.16 -45.74 34.29
CA GLU B 329 -0.38 -45.52 32.88
C GLU B 329 -1.73 -46.05 32.40
N ALA B 330 -2.21 -47.15 32.97
CA ALA B 330 -3.51 -47.69 32.59
C ALA B 330 -4.66 -46.88 33.18
N PHE B 331 -4.51 -46.43 34.43
CA PHE B 331 -5.54 -45.58 35.01
C PHE B 331 -5.69 -44.28 34.24
N TYR B 332 -4.58 -43.71 33.78
CA TYR B 332 -4.64 -42.51 32.96
C TYR B 332 -5.38 -42.78 31.65
N ARG B 333 -5.09 -43.93 31.03
CA ARG B 333 -5.75 -44.28 29.76
C ARG B 333 -7.26 -44.41 29.95
N HIS B 334 -7.68 -45.06 31.03
CA HIS B 334 -9.12 -45.15 31.29
C HIS B 334 -9.69 -43.81 31.71
N LEU B 335 -8.87 -42.92 32.23
CA LEU B 335 -9.35 -41.61 32.65
C LEU B 335 -9.55 -40.68 31.47
N LEU B 336 -8.83 -40.91 30.37
CA LEU B 336 -8.99 -40.06 29.19
C LEU B 336 -10.40 -40.13 28.63
N ASN B 337 -10.77 -41.28 28.08
CA ASN B 337 -12.09 -41.37 27.45
C ASN B 337 -13.16 -41.68 28.46
N VAL B 338 -13.94 -40.69 28.78
CA VAL B 338 -15.05 -40.78 29.72
C VAL B 338 -16.22 -39.98 29.18
N THR B 339 -17.40 -40.59 29.18
CA THR B 339 -18.63 -39.91 28.80
C THR B 339 -19.56 -39.84 30.02
N TRP B 340 -20.25 -38.72 30.15
CA TRP B 340 -21.02 -38.47 31.37
C TRP B 340 -22.22 -37.58 31.05
N GLU B 341 -23.42 -38.10 31.31
CA GLU B 341 -24.67 -37.37 31.08
C GLU B 341 -24.78 -36.90 29.64
N GLY B 342 -24.53 -37.82 28.71
CA GLY B 342 -24.67 -37.50 27.31
C GLY B 342 -23.43 -36.87 26.71
N ARG B 343 -23.05 -35.69 27.23
CA ARG B 343 -21.87 -35.00 26.74
C ARG B 343 -20.61 -35.76 27.12
N ASP B 344 -19.69 -35.89 26.18
CA ASP B 344 -18.47 -36.65 26.41
C ASP B 344 -17.33 -35.74 26.85
N PHE B 345 -16.43 -36.31 27.65
CA PHE B 345 -15.25 -35.61 28.11
C PHE B 345 -13.99 -36.32 27.62
N SER B 346 -13.98 -36.72 26.35
CA SER B 346 -12.78 -37.33 25.78
C SER B 346 -11.62 -36.34 25.83
N PHE B 347 -10.48 -36.81 26.30
CA PHE B 347 -9.32 -35.96 26.50
C PHE B 347 -8.26 -36.26 25.46
N SER B 348 -7.60 -35.23 24.97
CA SER B 348 -6.55 -35.39 23.99
C SER B 348 -5.31 -35.99 24.63
N PRO B 349 -4.39 -36.55 23.83
CA PRO B 349 -3.08 -36.91 24.38
C PRO B 349 -2.34 -35.71 24.95
N GLY B 350 -2.63 -34.50 24.46
CA GLY B 350 -2.04 -33.30 25.02
C GLY B 350 -2.66 -32.83 26.31
N GLY B 351 -3.75 -33.45 26.75
CA GLY B 351 -4.35 -33.15 28.03
C GLY B 351 -5.59 -32.27 27.97
N TYR B 352 -5.94 -31.73 26.81
CA TYR B 352 -7.13 -30.91 26.69
C TYR B 352 -8.28 -31.76 26.14
N LEU B 353 -9.40 -31.11 25.81
CA LEU B 353 -10.61 -31.79 25.37
C LEU B 353 -10.62 -31.90 23.86
N VAL B 354 -10.98 -33.08 23.36
CA VAL B 354 -11.21 -33.30 21.94
C VAL B 354 -12.70 -33.44 21.69
N ARG B 355 -13.18 -32.81 20.63
CA ARG B 355 -14.58 -32.82 20.24
C ARG B 355 -15.54 -32.48 21.40
N PRO B 356 -15.43 -31.28 21.97
CA PRO B 356 -16.43 -30.84 22.93
C PRO B 356 -17.52 -30.04 22.24
N THR B 357 -18.65 -29.92 22.93
CA THR B 357 -19.73 -29.05 22.47
C THR B 357 -19.32 -27.60 22.73
N MET B 358 -19.24 -26.81 21.67
CA MET B 358 -18.75 -25.44 21.80
C MET B 358 -19.89 -24.45 21.61
N VAL B 359 -19.81 -23.32 22.30
CA VAL B 359 -20.87 -22.33 22.33
C VAL B 359 -20.28 -21.00 21.85
N VAL B 360 -20.81 -20.47 20.76
CA VAL B 360 -20.41 -19.16 20.26
C VAL B 360 -21.29 -18.12 20.93
N ILE B 361 -20.66 -17.25 21.71
CA ILE B 361 -21.37 -16.23 22.47
C ILE B 361 -20.98 -14.86 21.94
N ALA B 362 -21.84 -13.89 22.18
CA ALA B 362 -21.59 -12.52 21.77
C ALA B 362 -22.23 -11.56 22.75
N LEU B 363 -21.72 -10.34 22.79
CA LEU B 363 -22.21 -9.31 23.70
C LEU B 363 -23.39 -8.59 23.06
N ASN B 364 -24.54 -8.61 23.72
CA ASN B 364 -25.73 -8.01 23.14
C ASN B 364 -25.81 -6.52 23.51
N ARG B 365 -26.96 -5.91 23.20
CA ARG B 365 -27.16 -4.51 23.50
C ARG B 365 -27.08 -4.22 24.99
N HIS B 366 -27.56 -5.14 25.82
CA HIS B 366 -27.60 -4.95 27.26
C HIS B 366 -26.28 -5.26 27.94
N ARG B 367 -25.20 -5.38 27.16
CA ARG B 367 -23.87 -5.65 27.71
C ARG B 367 -23.82 -6.95 28.49
N LEU B 368 -24.52 -7.97 27.99
CA LEU B 368 -24.57 -9.28 28.61
C LEU B 368 -24.08 -10.31 27.60
N TRP B 369 -23.23 -11.23 28.05
CA TRP B 369 -22.75 -12.30 27.18
C TRP B 369 -23.88 -13.29 26.97
N GLU B 370 -24.32 -13.46 25.73
CA GLU B 370 -25.43 -14.34 25.43
C GLU B 370 -25.05 -15.32 24.33
N MET B 371 -25.67 -16.49 24.37
CA MET B 371 -25.40 -17.52 23.38
C MET B 371 -25.97 -17.13 22.03
N VAL B 372 -25.17 -17.35 20.98
CA VAL B 372 -25.57 -17.05 19.61
C VAL B 372 -25.52 -18.29 18.72
N GLY B 373 -24.50 -19.12 18.87
CA GLY B 373 -24.39 -20.31 18.06
C GLY B 373 -23.94 -21.50 18.88
N ARG B 374 -24.15 -22.68 18.30
CA ARG B 374 -23.72 -23.94 18.89
C ARG B 374 -22.88 -24.70 17.87
N TRP B 375 -21.99 -25.54 18.38
CA TRP B 375 -21.10 -26.35 17.59
C TRP B 375 -21.07 -27.74 18.21
N ASP B 376 -21.91 -28.62 17.67
CA ASP B 376 -21.96 -30.03 18.05
C ASP B 376 -21.69 -30.89 16.82
N HIS B 377 -20.79 -31.86 16.97
CA HIS B 377 -20.53 -32.86 15.93
C HIS B 377 -20.08 -32.21 14.63
N GLY B 378 -19.34 -31.12 14.73
CA GLY B 378 -18.80 -30.47 13.54
C GLY B 378 -19.82 -29.73 12.70
N VAL B 379 -20.96 -29.37 13.26
CA VAL B 379 -22.02 -28.69 12.52
C VAL B 379 -22.45 -27.45 13.29
N LEU B 380 -22.38 -26.30 12.63
CA LEU B 380 -22.73 -25.03 13.27
C LEU B 380 -24.23 -24.80 13.25
N TYR B 381 -24.75 -24.22 14.32
CA TYR B 381 -26.16 -23.87 14.45
C TYR B 381 -26.22 -22.43 14.96
N MET B 382 -26.49 -21.49 14.08
CA MET B 382 -26.54 -20.09 14.46
C MET B 382 -27.99 -19.61 14.59
N LYS B 383 -28.23 -18.76 15.57
CA LYS B 383 -29.58 -18.28 15.85
C LYS B 383 -29.98 -17.07 15.02
N TYR B 384 -29.05 -16.46 14.30
CA TYR B 384 -29.33 -15.26 13.52
C TYR B 384 -29.12 -15.56 12.04
N PRO B 385 -30.16 -15.49 11.21
CA PRO B 385 -29.94 -15.68 9.76
C PRO B 385 -28.98 -14.68 9.16
N VAL B 386 -29.05 -13.42 9.58
CA VAL B 386 -28.07 -12.40 9.21
C VAL B 386 -27.53 -11.77 10.49
N TRP B 387 -26.25 -11.46 10.49
CA TRP B 387 -25.62 -10.98 11.71
C TRP B 387 -26.14 -9.60 12.05
N PRO B 388 -26.72 -9.39 13.22
CA PRO B 388 -27.20 -8.05 13.58
C PRO B 388 -26.06 -7.11 13.88
N ARG B 389 -26.20 -5.88 13.43
CA ARG B 389 -25.22 -4.83 13.72
C ARG B 389 -26.03 -3.66 14.29
N TYR B 390 -26.28 -3.70 15.60
CA TYR B 390 -27.05 -2.66 16.27
C TYR B 390 -26.17 -1.81 17.18
N SER B 391 -24.89 -1.71 16.88
CA SER B 391 -24.04 -0.82 17.65
C SER B 391 -24.47 0.63 17.45
N THR B 392 -24.21 1.44 18.46
CA THR B 392 -24.62 2.85 18.47
C THR B 392 -23.43 3.77 18.39
N SER B 393 -22.46 3.43 17.53
CA SER B 393 -21.33 4.30 17.25
C SER B 393 -21.51 5.09 15.95
N LEU B 394 -22.74 5.49 15.64
CA LEU B 394 -23.03 6.17 14.39
C LEU B 394 -22.88 7.68 14.52
N GLN B 395 -22.09 8.13 15.50
CA GLN B 395 -21.76 9.56 15.60
C GLN B 395 -21.05 10.09 14.35
N PRO B 396 -20.06 9.41 13.76
CA PRO B 396 -19.53 9.87 12.48
C PRO B 396 -20.40 9.48 11.29
N VAL B 397 -21.30 8.51 11.45
CA VAL B 397 -22.16 8.00 10.38
C VAL B 397 -21.33 7.31 9.30
N VAL B 398 -20.26 7.97 8.86
CA VAL B 398 -19.36 7.39 7.86
C VAL B 398 -18.72 6.12 8.40
N ASP B 399 -18.63 5.99 9.73
CA ASP B 399 -18.10 4.81 10.39
C ASP B 399 -18.82 3.53 9.95
N SER B 400 -20.10 3.65 9.64
CA SER B 400 -20.89 2.49 9.19
C SER B 400 -20.67 2.31 7.69
N ARG B 401 -19.59 1.62 7.35
CA ARG B 401 -19.32 1.23 5.98
C ARG B 401 -20.09 -0.01 5.55
N HIS B 402 -21.05 -0.45 6.34
CA HIS B 402 -21.92 -1.56 5.97
C HIS B 402 -23.21 -1.04 5.36
N LEU B 403 -23.68 -1.71 4.31
CA LEU B 403 -24.87 -1.31 3.59
C LEU B 403 -25.87 -2.46 3.51
N THR B 404 -27.15 -2.13 3.50
CA THR B 404 -28.20 -3.09 3.26
C THR B 404 -28.75 -2.83 1.86
N VAL B 405 -28.55 -3.78 0.96
CA VAL B 405 -28.85 -3.62 -0.46
C VAL B 405 -30.07 -4.45 -0.80
N ALA B 406 -31.09 -3.81 -1.34
CA ALA B 406 -32.28 -4.49 -1.83
C ALA B 406 -32.10 -4.83 -3.31
N THR B 407 -32.80 -5.86 -3.77
CA THR B 407 -32.71 -6.26 -5.15
C THR B 407 -33.96 -7.05 -5.54
N LEU B 408 -34.00 -7.47 -6.80
CA LEU B 408 -35.10 -8.27 -7.33
C LEU B 408 -34.47 -9.31 -8.25
N GLU B 409 -35.28 -10.04 -9.01
CA GLU B 409 -34.78 -11.03 -9.96
C GLU B 409 -35.24 -10.65 -11.36
N GLU B 410 -34.30 -10.22 -12.20
CA GLU B 410 -34.52 -10.08 -13.64
C GLU B 410 -33.47 -10.91 -14.34
N ARG B 411 -33.90 -11.82 -15.22
CA ARG B 411 -33.06 -12.92 -15.67
C ARG B 411 -31.70 -12.52 -16.19
N PRO B 412 -31.54 -11.50 -17.04
CA PRO B 412 -30.18 -11.17 -17.49
C PRO B 412 -29.34 -10.51 -16.42
N PHE B 413 -29.94 -9.77 -15.49
CA PHE B 413 -29.22 -8.89 -14.58
C PHE B 413 -29.08 -9.45 -13.18
N VAL B 414 -30.13 -10.04 -12.63
CA VAL B 414 -30.05 -10.70 -11.33
C VAL B 414 -30.67 -12.08 -11.45
N ILE B 415 -29.88 -13.12 -11.18
CA ILE B 415 -30.32 -14.51 -11.22
C ILE B 415 -30.15 -15.08 -9.82
N VAL B 416 -31.20 -15.70 -9.31
CA VAL B 416 -31.15 -16.36 -8.00
C VAL B 416 -31.18 -17.86 -8.22
N GLU B 417 -30.60 -18.58 -7.26
CA GLU B 417 -30.54 -20.03 -7.36
C GLU B 417 -30.43 -20.62 -5.97
N SER B 418 -30.70 -21.91 -5.87
CA SER B 418 -30.58 -22.60 -4.59
C SER B 418 -29.11 -22.78 -4.22
N PRO B 419 -28.79 -22.78 -2.93
CA PRO B 419 -27.40 -22.96 -2.51
C PRO B 419 -26.85 -24.32 -2.93
N ASP B 420 -25.53 -24.43 -2.90
CA ASP B 420 -24.87 -25.65 -3.34
C ASP B 420 -25.23 -26.80 -2.41
N PRO B 421 -25.73 -27.92 -2.94
CA PRO B 421 -26.13 -29.03 -2.06
C PRO B 421 -25.00 -29.60 -1.24
N GLY B 422 -23.77 -29.60 -1.77
CA GLY B 422 -22.66 -30.21 -1.08
C GLY B 422 -22.29 -29.57 0.24
N THR B 423 -21.81 -28.33 0.19
CA THR B 423 -21.28 -27.65 1.37
C THR B 423 -22.16 -26.47 1.79
N GLY B 424 -23.40 -26.43 1.30
CA GLY B 424 -24.23 -25.27 1.55
C GLY B 424 -23.57 -24.03 0.96
N GLY B 425 -23.71 -22.91 1.67
CA GLY B 425 -23.06 -21.69 1.23
C GLY B 425 -23.48 -21.29 -0.17
N CYS B 426 -22.49 -20.97 -1.00
CA CYS B 426 -22.76 -20.57 -2.38
C CYS B 426 -21.57 -20.97 -3.24
N VAL B 427 -21.81 -21.03 -4.54
CA VAL B 427 -20.77 -21.34 -5.52
C VAL B 427 -19.86 -20.12 -5.62
N PRO B 428 -18.58 -20.29 -5.94
CA PRO B 428 -17.70 -19.12 -6.14
C PRO B 428 -18.30 -18.05 -7.03
N ASN B 429 -17.83 -16.81 -6.87
CA ASN B 429 -18.35 -15.63 -7.56
C ASN B 429 -19.86 -15.65 -7.65
N THR B 430 -20.50 -15.72 -6.47
CA THR B 430 -21.96 -15.73 -6.38
C THR B 430 -22.31 -15.22 -4.98
N VAL B 431 -22.79 -13.99 -4.92
CA VAL B 431 -23.10 -13.32 -3.66
C VAL B 431 -24.25 -14.02 -2.97
N PRO B 432 -24.16 -14.28 -1.66
CA PRO B 432 -25.29 -14.87 -0.93
C PRO B 432 -26.36 -13.84 -0.65
N CYS B 433 -27.56 -14.09 -1.15
CA CYS B 433 -28.69 -13.21 -0.94
C CYS B 433 -29.76 -13.93 -0.14
N ARG B 434 -30.28 -13.26 0.87
CA ARG B 434 -31.31 -13.84 1.73
C ARG B 434 -32.65 -13.27 1.33
N ARG B 435 -33.58 -14.13 0.91
CA ARG B 435 -34.90 -13.64 0.56
C ARG B 435 -35.58 -13.06 1.79
N GLN B 436 -36.26 -11.93 1.62
CA GLN B 436 -36.70 -11.15 2.76
C GLN B 436 -37.77 -11.91 3.55
N SER B 437 -37.35 -12.58 4.61
CA SER B 437 -38.19 -13.42 5.46
C SER B 437 -39.03 -14.34 4.58
N ASN B 438 -40.20 -14.75 5.08
CA ASN B 438 -41.21 -15.34 4.23
C ASN B 438 -42.47 -14.48 4.35
N HIS B 439 -42.30 -13.17 4.21
CA HIS B 439 -43.38 -12.22 4.43
C HIS B 439 -44.51 -12.39 3.42
N THR B 440 -44.27 -13.10 2.32
CA THR B 440 -45.32 -13.41 1.37
C THR B 440 -46.52 -14.07 2.06
N PHE B 441 -46.23 -14.94 3.03
CA PHE B 441 -47.26 -15.56 3.85
C PHE B 441 -47.08 -15.35 5.34
N SER B 442 -45.85 -15.23 5.83
CA SER B 442 -45.60 -15.00 7.26
C SER B 442 -45.69 -13.50 7.55
N SER B 443 -46.87 -13.08 8.00
CA SER B 443 -47.15 -11.68 8.26
C SER B 443 -46.52 -11.22 9.57
N GLY B 444 -45.20 -11.04 9.57
CA GLY B 444 -44.48 -10.54 10.73
C GLY B 444 -44.57 -11.43 11.95
N ASP B 445 -44.59 -12.74 11.74
CA ASP B 445 -44.63 -13.71 12.83
C ASP B 445 -43.43 -14.63 12.89
N LEU B 446 -42.58 -14.63 11.86
CA LEU B 446 -41.42 -15.51 11.81
C LEU B 446 -40.17 -14.70 11.51
N THR B 447 -39.13 -14.92 12.31
CA THR B 447 -37.86 -14.24 12.11
C THR B 447 -37.05 -14.77 10.92
N PRO B 448 -36.89 -16.09 10.71
CA PRO B 448 -35.80 -16.56 9.86
C PRO B 448 -35.98 -16.21 8.40
N TYR B 449 -34.84 -16.12 7.72
CA TYR B 449 -34.76 -15.81 6.29
C TYR B 449 -34.56 -17.12 5.52
N THR B 450 -34.35 -17.00 4.21
CA THR B 450 -34.08 -18.16 3.35
C THR B 450 -32.86 -17.84 2.49
N LYS B 451 -31.83 -18.66 2.58
CA LYS B 451 -30.58 -18.40 1.89
C LYS B 451 -30.65 -18.82 0.43
N LEU B 452 -30.14 -17.97 -0.45
CA LEU B 452 -30.11 -18.19 -1.88
C LEU B 452 -28.80 -17.63 -2.41
N CYS B 453 -28.46 -17.96 -3.65
CA CYS B 453 -27.25 -17.44 -4.27
C CYS B 453 -27.64 -16.55 -5.43
N CYS B 454 -27.10 -15.33 -5.45
CA CYS B 454 -27.43 -14.33 -6.44
C CYS B 454 -26.21 -14.05 -7.31
N LYS B 455 -26.43 -13.89 -8.62
CA LYS B 455 -25.36 -13.54 -9.53
C LYS B 455 -25.96 -12.73 -10.68
N GLY B 456 -25.10 -12.30 -11.61
CA GLY B 456 -25.57 -11.61 -12.79
C GLY B 456 -24.81 -10.32 -13.01
N PHE B 457 -25.31 -9.51 -13.94
CA PHE B 457 -24.65 -8.26 -14.29
C PHE B 457 -24.64 -7.30 -13.12
N CYS B 458 -25.80 -7.07 -12.52
CA CYS B 458 -25.90 -6.12 -11.42
C CYS B 458 -25.09 -6.59 -10.21
N ILE B 459 -25.08 -7.90 -9.97
CA ILE B 459 -24.31 -8.43 -8.84
C ILE B 459 -22.81 -8.27 -9.09
N ASP B 460 -22.37 -8.46 -10.34
CA ASP B 460 -20.96 -8.22 -10.65
C ASP B 460 -20.61 -6.75 -10.49
N ILE B 461 -21.51 -5.86 -10.88
CA ILE B 461 -21.29 -4.43 -10.68
C ILE B 461 -21.18 -4.13 -9.18
N LEU B 462 -22.03 -4.76 -8.37
CA LEU B 462 -21.98 -4.54 -6.94
C LEU B 462 -20.68 -5.05 -6.33
N LYS B 463 -20.20 -6.20 -6.80
CA LYS B 463 -18.92 -6.72 -6.30
C LYS B 463 -17.78 -5.79 -6.67
N LYS B 464 -17.77 -5.30 -7.90
CA LYS B 464 -16.74 -4.37 -8.29
C LYS B 464 -16.78 -3.17 -7.36
N LEU B 465 -17.97 -2.61 -7.14
CA LEU B 465 -18.11 -1.45 -6.27
C LEU B 465 -17.60 -1.72 -4.87
N ALA B 466 -17.97 -2.87 -4.31
CA ALA B 466 -17.50 -3.23 -2.99
C ALA B 466 -15.99 -3.09 -2.90
N LYS B 467 -15.29 -3.57 -3.90
CA LYS B 467 -13.83 -3.50 -3.90
C LYS B 467 -13.33 -2.07 -4.09
N VAL B 468 -13.96 -1.33 -5.00
CA VAL B 468 -13.52 0.03 -5.28
C VAL B 468 -13.78 0.96 -4.11
N VAL B 469 -15.04 1.12 -3.74
CA VAL B 469 -15.40 2.02 -2.65
C VAL B 469 -15.06 1.42 -1.28
N LYS B 470 -14.75 0.11 -1.21
CA LYS B 470 -14.39 -0.45 0.09
C LYS B 470 -15.53 -0.45 1.11
N PHE B 471 -16.67 -1.02 0.77
CA PHE B 471 -17.77 -1.16 1.70
C PHE B 471 -18.19 -2.63 1.80
N SER B 472 -18.94 -2.94 2.85
CA SER B 472 -19.56 -4.25 3.04
C SER B 472 -21.06 -4.12 2.85
N TYR B 473 -21.71 -5.24 2.51
CA TYR B 473 -23.11 -5.16 2.11
C TYR B 473 -23.88 -6.40 2.56
N ASP B 474 -25.20 -6.25 2.61
CA ASP B 474 -26.14 -7.32 2.94
C ASP B 474 -27.21 -7.35 1.84
N LEU B 475 -27.07 -8.28 0.90
CA LEU B 475 -27.98 -8.37 -0.23
C LEU B 475 -29.23 -9.15 0.18
N TYR B 476 -30.40 -8.59 -0.12
CA TYR B 476 -31.65 -9.29 0.15
C TYR B 476 -32.70 -8.93 -0.90
N LEU B 477 -33.53 -9.91 -1.24
CA LEU B 477 -34.54 -9.74 -2.27
C LEU B 477 -35.79 -9.10 -1.69
N VAL B 478 -36.64 -8.60 -2.58
CA VAL B 478 -37.84 -7.86 -2.21
C VAL B 478 -39.04 -8.75 -2.46
N THR B 479 -39.94 -8.82 -1.48
CA THR B 479 -41.14 -9.64 -1.60
C THR B 479 -42.41 -8.82 -1.75
N ASN B 480 -42.36 -7.52 -1.48
CA ASN B 480 -43.53 -6.65 -1.59
C ASN B 480 -43.35 -5.79 -2.84
N GLY B 481 -44.11 -6.09 -3.87
CA GLY B 481 -43.97 -5.38 -5.13
C GLY B 481 -42.76 -5.88 -5.90
N LYS B 482 -42.52 -5.25 -7.04
CA LYS B 482 -41.42 -5.66 -7.90
C LYS B 482 -40.35 -4.58 -8.04
N HIS B 483 -40.70 -3.42 -8.58
CA HIS B 483 -39.69 -2.41 -8.88
C HIS B 483 -40.01 -1.10 -8.18
N GLY B 484 -41.29 -0.83 -8.00
CA GLY B 484 -41.71 0.39 -7.34
C GLY B 484 -42.92 1.01 -8.00
N LYS B 485 -43.95 1.30 -7.22
CA LYS B 485 -45.17 1.88 -7.75
C LYS B 485 -45.91 2.56 -6.62
N ARG B 486 -46.32 3.80 -6.83
CA ARG B 486 -47.08 4.52 -5.83
C ARG B 486 -48.51 3.98 -5.78
N VAL B 487 -48.86 3.33 -4.68
CA VAL B 487 -50.16 2.69 -4.52
C VAL B 487 -50.89 3.42 -3.41
N ARG B 488 -51.79 4.33 -3.78
CA ARG B 488 -52.56 5.14 -2.83
C ARG B 488 -51.64 5.92 -1.89
N GLY B 489 -50.52 6.40 -2.43
CA GLY B 489 -49.63 7.26 -1.71
C GLY B 489 -48.41 6.59 -1.11
N VAL B 490 -48.38 5.27 -1.04
CA VAL B 490 -47.24 4.55 -0.50
C VAL B 490 -46.52 3.83 -1.63
N TRP B 491 -45.22 3.62 -1.43
CA TRP B 491 -44.35 2.99 -2.41
C TRP B 491 -44.02 1.58 -1.98
N ASN B 492 -44.03 0.66 -2.93
CA ASN B 492 -43.57 -0.71 -2.70
C ASN B 492 -42.35 -0.99 -3.57
N GLY B 493 -41.85 -2.22 -3.49
CA GLY B 493 -40.71 -2.60 -4.29
C GLY B 493 -39.40 -2.02 -3.74
N MET B 494 -38.41 -2.01 -4.63
CA MET B 494 -37.09 -1.52 -4.26
C MET B 494 -37.13 -0.03 -3.93
N ILE B 495 -37.95 0.74 -4.66
CA ILE B 495 -38.11 2.16 -4.34
C ILE B 495 -38.71 2.32 -2.95
N GLY B 496 -39.67 1.46 -2.60
CA GLY B 496 -40.23 1.52 -1.25
C GLY B 496 -39.23 1.14 -0.19
N GLU B 497 -38.38 0.15 -0.48
CA GLU B 497 -37.35 -0.24 0.48
C GLU B 497 -36.38 0.90 0.74
N VAL B 498 -35.92 1.57 -0.32
CA VAL B 498 -34.96 2.65 -0.15
C VAL B 498 -35.62 3.88 0.47
N TYR B 499 -36.85 4.19 0.04
CA TYR B 499 -37.51 5.40 0.52
C TYR B 499 -37.80 5.35 2.01
N TYR B 500 -38.22 4.19 2.52
CA TYR B 500 -38.58 4.04 3.93
C TYR B 500 -37.43 3.49 4.76
N LYS B 501 -36.20 3.71 4.30
CA LYS B 501 -34.97 3.46 5.06
C LYS B 501 -34.79 2.00 5.44
N ARG B 502 -35.51 1.08 4.79
CA ARG B 502 -35.26 -0.33 5.05
C ARG B 502 -34.02 -0.84 4.34
N ALA B 503 -33.51 -0.09 3.37
CA ALA B 503 -32.31 -0.45 2.63
C ALA B 503 -31.51 0.80 2.37
N ASP B 504 -30.18 0.70 2.46
CA ASP B 504 -29.33 1.84 2.16
C ASP B 504 -29.32 2.15 0.66
N MET B 505 -29.35 1.12 -0.18
CA MET B 505 -29.40 1.31 -1.62
C MET B 505 -30.08 0.12 -2.25
N ALA B 506 -30.56 0.30 -3.48
CA ALA B 506 -31.21 -0.76 -4.24
C ALA B 506 -30.54 -0.86 -5.59
N ILE B 507 -30.17 -2.08 -5.99
CA ILE B 507 -29.54 -2.32 -7.27
C ILE B 507 -30.33 -3.36 -8.03
N GLY B 508 -30.31 -3.25 -9.33
CA GLY B 508 -31.05 -4.15 -10.19
C GLY B 508 -31.45 -3.43 -11.46
N SER B 509 -32.54 -3.90 -12.06
CA SER B 509 -33.09 -3.30 -13.27
C SER B 509 -34.06 -2.18 -12.91
N LEU B 510 -33.51 -1.13 -12.31
CA LEU B 510 -34.30 0.00 -11.82
C LEU B 510 -34.10 1.19 -12.75
N THR B 511 -35.10 1.49 -13.58
CA THR B 511 -34.98 2.58 -14.53
C THR B 511 -35.07 3.92 -13.84
N ILE B 512 -34.35 4.90 -14.36
CA ILE B 512 -34.39 6.26 -13.86
C ILE B 512 -35.52 6.99 -14.56
N ASN B 513 -36.45 7.54 -13.79
CA ASN B 513 -37.44 8.43 -14.36
C ASN B 513 -37.67 9.58 -13.39
N GLU B 514 -38.46 10.56 -13.84
CA GLU B 514 -38.68 11.75 -13.04
C GLU B 514 -39.46 11.46 -11.77
N GLU B 515 -40.46 10.58 -11.86
CA GLU B 515 -41.30 10.30 -10.71
C GLU B 515 -40.50 9.73 -9.55
N ARG B 516 -39.60 8.79 -9.83
CA ARG B 516 -38.79 8.19 -8.78
C ARG B 516 -37.71 9.14 -8.30
N SER B 517 -37.15 9.94 -9.20
CA SER B 517 -36.06 10.84 -8.82
C SER B 517 -36.51 11.97 -7.90
N GLU B 518 -37.82 12.20 -7.79
CA GLU B 518 -38.29 13.26 -6.91
C GLU B 518 -38.24 12.85 -5.45
N ILE B 519 -38.14 11.55 -5.17
CA ILE B 519 -38.21 11.06 -3.79
C ILE B 519 -36.92 10.38 -3.34
N ILE B 520 -36.06 9.93 -4.24
CA ILE B 520 -34.78 9.33 -3.90
C ILE B 520 -33.71 9.92 -4.80
N ASP B 521 -32.47 9.55 -4.55
CA ASP B 521 -31.32 10.03 -5.32
C ASP B 521 -30.78 8.88 -6.15
N PHE B 522 -30.90 8.99 -7.46
CA PHE B 522 -30.37 7.99 -8.37
C PHE B 522 -28.90 8.27 -8.62
N SER B 523 -28.22 7.27 -9.17
CA SER B 523 -26.81 7.40 -9.49
C SER B 523 -26.64 7.60 -10.99
N VAL B 524 -25.38 7.63 -11.41
CA VAL B 524 -25.06 7.69 -12.85
C VAL B 524 -25.58 6.43 -13.52
N PRO B 525 -26.30 6.53 -14.64
CA PRO B 525 -26.79 5.32 -15.30
C PRO B 525 -25.64 4.47 -15.81
N PHE B 526 -25.64 3.19 -15.45
CA PHE B 526 -24.60 2.29 -15.90
C PHE B 526 -25.06 1.32 -16.98
N VAL B 527 -26.34 1.30 -17.33
CA VAL B 527 -26.84 0.49 -18.43
C VAL B 527 -27.85 1.33 -19.20
N GLU B 528 -27.60 1.57 -20.48
CA GLU B 528 -28.56 2.30 -21.30
C GLU B 528 -29.80 1.44 -21.53
N THR B 529 -30.96 2.07 -21.50
CA THR B 529 -32.22 1.35 -21.62
C THR B 529 -33.29 2.32 -22.10
N GLY B 530 -34.51 1.81 -22.21
CA GLY B 530 -35.61 2.62 -22.70
C GLY B 530 -36.83 1.74 -22.93
N ILE B 531 -37.79 2.27 -23.68
CA ILE B 531 -38.98 1.53 -24.05
C ILE B 531 -38.80 0.98 -25.45
N SER B 532 -39.10 -0.30 -25.64
CA SER B 532 -38.94 -0.95 -26.94
C SER B 532 -40.09 -1.91 -27.19
N VAL B 533 -40.34 -2.17 -28.46
CA VAL B 533 -41.43 -3.02 -28.92
C VAL B 533 -40.84 -4.24 -29.60
N MET B 534 -41.33 -5.42 -29.24
CA MET B 534 -40.86 -6.69 -29.75
C MET B 534 -41.99 -7.36 -30.50
N VAL B 535 -41.68 -7.89 -31.69
CA VAL B 535 -42.66 -8.59 -32.52
C VAL B 535 -42.03 -9.85 -33.07
N SER B 536 -42.88 -10.79 -33.46
CA SER B 536 -42.46 -12.06 -34.05
C SER B 536 -42.30 -11.88 -35.55
N ARG B 537 -41.06 -12.07 -36.03
CA ARG B 537 -40.78 -11.89 -37.46
C ARG B 537 -41.51 -12.92 -38.30
N SER B 538 -41.58 -14.17 -37.85
CA SER B 538 -42.29 -15.21 -38.60
C SER B 538 -43.78 -14.97 -38.58
N ASP B 658 -40.64 -3.35 -40.05
CA ASP B 658 -41.76 -4.28 -40.07
C ASP B 658 -43.08 -3.56 -40.33
N THR B 659 -44.10 -3.95 -39.58
CA THR B 659 -45.45 -3.40 -39.73
C THR B 659 -45.75 -2.26 -38.79
N VAL B 660 -44.95 -2.07 -37.76
CA VAL B 660 -45.13 -1.00 -36.79
C VAL B 660 -43.89 -0.11 -36.80
N SER B 661 -44.12 1.20 -36.84
CA SER B 661 -43.06 2.19 -36.90
C SER B 661 -42.84 2.87 -35.55
N GLY B 662 -43.05 2.14 -34.46
CA GLY B 662 -42.88 2.70 -33.14
C GLY B 662 -44.17 3.21 -32.55
N LEU B 663 -44.04 3.84 -31.37
CA LEU B 663 -45.20 4.34 -30.64
C LEU B 663 -45.91 5.47 -31.36
N SER B 664 -45.25 6.10 -32.34
CA SER B 664 -45.89 7.16 -33.11
C SER B 664 -46.95 6.62 -34.06
N ASP B 665 -46.97 5.30 -34.28
CA ASP B 665 -47.92 4.70 -35.22
C ASP B 665 -49.34 4.97 -34.78
N LYS B 666 -50.22 5.22 -35.76
CA LYS B 666 -51.63 5.39 -35.47
C LYS B 666 -52.26 4.09 -34.97
N LYS B 667 -51.65 2.95 -35.27
CA LYS B 667 -52.14 1.68 -34.72
C LYS B 667 -52.02 1.67 -33.20
N PHE B 668 -50.93 2.22 -32.67
CA PHE B 668 -50.76 2.33 -31.23
C PHE B 668 -51.67 3.40 -30.65
N GLN B 669 -51.73 4.57 -31.30
CA GLN B 669 -52.48 5.70 -30.75
C GLN B 669 -53.98 5.50 -30.92
N ARG B 670 -54.40 4.98 -32.07
CA ARG B 670 -55.81 4.74 -32.37
C ARG B 670 -55.96 3.26 -32.70
N PRO B 671 -56.11 2.40 -31.68
CA PRO B 671 -56.15 0.95 -31.93
C PRO B 671 -57.51 0.41 -32.33
N GLN B 672 -58.58 1.18 -32.20
CA GLN B 672 -59.91 0.72 -32.61
C GLN B 672 -60.22 1.11 -34.05
N ASP B 673 -59.29 0.82 -34.95
CA ASP B 673 -59.47 1.16 -36.36
C ASP B 673 -59.16 0.00 -37.29
N GLN B 674 -58.16 -0.82 -36.98
CA GLN B 674 -57.71 -1.87 -37.89
C GLN B 674 -58.37 -3.18 -37.49
N TYR B 675 -59.45 -3.54 -38.22
CA TYR B 675 -60.22 -4.78 -38.08
C TYR B 675 -60.47 -5.07 -36.60
N PRO B 676 -60.62 -6.32 -36.16
CA PRO B 676 -60.47 -6.62 -34.73
C PRO B 676 -59.24 -5.95 -34.14
N PRO B 677 -59.36 -5.39 -32.94
CA PRO B 677 -58.30 -4.53 -32.41
C PRO B 677 -56.96 -5.25 -32.25
N PHE B 678 -55.89 -4.46 -32.27
CA PHE B 678 -54.53 -4.95 -32.14
C PHE B 678 -54.29 -5.47 -30.72
N ARG B 679 -53.07 -5.95 -30.49
CA ARG B 679 -52.72 -6.59 -29.22
C ARG B 679 -51.45 -5.95 -28.69
N PHE B 680 -51.59 -5.14 -27.63
CA PHE B 680 -50.47 -4.42 -27.02
C PHE B 680 -50.14 -5.12 -25.72
N GLY B 681 -48.95 -5.71 -25.63
CA GLY B 681 -48.55 -6.38 -24.42
C GLY B 681 -47.60 -5.55 -23.58
N THR B 682 -47.75 -5.67 -22.27
CA THR B 682 -46.81 -5.08 -21.33
C THR B 682 -46.98 -5.81 -19.99
N VAL B 683 -46.03 -5.58 -19.09
CA VAL B 683 -46.10 -6.09 -17.73
C VAL B 683 -46.48 -4.93 -16.83
N PRO B 684 -47.63 -4.97 -16.15
CA PRO B 684 -48.10 -3.81 -15.41
C PRO B 684 -47.23 -3.50 -14.20
N ASN B 685 -47.45 -2.31 -13.64
CA ASN B 685 -46.79 -1.77 -12.46
C ASN B 685 -45.31 -1.48 -12.67
N GLY B 686 -44.83 -1.50 -13.92
CA GLY B 686 -43.44 -1.19 -14.16
C GLY B 686 -43.23 0.29 -14.39
N SER B 687 -42.23 0.61 -15.20
CA SER B 687 -41.97 1.99 -15.60
C SER B 687 -42.45 2.31 -17.00
N THR B 688 -42.52 1.33 -17.89
CA THR B 688 -43.09 1.58 -19.22
C THR B 688 -44.58 1.83 -19.12
N GLU B 689 -45.28 1.09 -18.26
CA GLU B 689 -46.70 1.31 -18.09
C GLU B 689 -46.99 2.70 -17.56
N ARG B 690 -46.17 3.19 -16.64
CA ARG B 690 -46.37 4.52 -16.09
C ARG B 690 -46.19 5.58 -17.19
N ASN B 691 -45.15 5.44 -17.99
CA ASN B 691 -44.90 6.41 -19.06
C ASN B 691 -46.02 6.39 -20.09
N ILE B 692 -46.46 5.20 -20.49
CA ILE B 692 -47.53 5.09 -21.46
C ILE B 692 -48.83 5.65 -20.90
N ARG B 693 -49.12 5.38 -19.62
CA ARG B 693 -50.33 5.92 -19.02
C ARG B 693 -50.29 7.44 -18.97
N SER B 694 -49.14 8.01 -18.62
CA SER B 694 -49.07 9.46 -18.51
C SER B 694 -48.98 10.15 -19.87
N ASN B 695 -48.64 9.43 -20.93
CA ASN B 695 -48.52 10.06 -22.24
C ASN B 695 -49.61 9.68 -23.23
N TYR B 696 -50.06 8.43 -23.26
CA TYR B 696 -51.06 7.99 -24.23
C TYR B 696 -52.22 7.33 -23.49
N ARG B 697 -53.33 8.04 -23.34
CA ARG B 697 -54.46 7.51 -22.58
C ARG B 697 -55.14 6.36 -23.31
N ASP B 698 -55.44 6.55 -24.60
CA ASP B 698 -56.10 5.49 -25.37
C ASP B 698 -55.22 4.26 -25.50
N MET B 699 -53.93 4.46 -25.75
CA MET B 699 -53.02 3.33 -25.83
C MET B 699 -52.96 2.58 -24.52
N HIS B 700 -52.96 3.31 -23.40
CA HIS B 700 -52.94 2.66 -22.09
C HIS B 700 -54.22 1.87 -21.85
N THR B 701 -55.37 2.44 -22.21
CA THR B 701 -56.62 1.72 -22.02
C THR B 701 -56.66 0.46 -22.85
N HIS B 702 -56.11 0.49 -24.07
CA HIS B 702 -56.02 -0.72 -24.86
C HIS B 702 -55.04 -1.72 -24.24
N MET B 703 -53.93 -1.24 -23.68
CA MET B 703 -52.95 -2.13 -23.08
C MET B 703 -53.52 -2.85 -21.87
N VAL B 704 -54.39 -2.18 -21.12
CA VAL B 704 -54.93 -2.77 -19.89
C VAL B 704 -55.63 -4.09 -20.18
N LYS B 705 -56.22 -4.22 -21.38
CA LYS B 705 -56.93 -5.44 -21.72
C LYS B 705 -56.00 -6.66 -21.74
N PHE B 706 -54.79 -6.49 -22.27
CA PHE B 706 -53.86 -7.60 -22.46
C PHE B 706 -52.58 -7.44 -21.65
N ASN B 707 -52.67 -7.04 -20.38
CA ASN B 707 -51.50 -7.05 -19.52
C ASN B 707 -51.23 -8.47 -19.01
N GLN B 708 -49.95 -8.85 -18.99
CA GLN B 708 -49.57 -10.26 -18.91
C GLN B 708 -48.62 -10.62 -17.77
N ARG B 709 -48.19 -9.66 -16.96
CA ARG B 709 -47.65 -9.92 -15.62
C ARG B 709 -46.38 -10.77 -15.58
N SER B 710 -45.86 -11.18 -16.74
CA SER B 710 -44.59 -11.90 -16.78
C SER B 710 -43.93 -11.70 -18.13
N VAL B 711 -42.59 -11.66 -18.12
CA VAL B 711 -41.82 -11.46 -19.34
C VAL B 711 -41.74 -12.75 -20.15
N GLU B 712 -41.41 -13.86 -19.48
CA GLU B 712 -41.32 -15.13 -20.17
C GLU B 712 -42.68 -15.59 -20.69
N ASP B 713 -43.73 -15.36 -19.89
CA ASP B 713 -45.07 -15.67 -20.33
C ASP B 713 -45.45 -14.82 -21.54
N ALA B 714 -45.07 -13.53 -21.50
CA ALA B 714 -45.33 -12.65 -22.64
C ALA B 714 -44.61 -13.14 -23.89
N LEU B 715 -43.35 -13.56 -23.75
CA LEU B 715 -42.60 -14.06 -24.88
C LEU B 715 -43.22 -15.33 -25.43
N THR B 716 -43.66 -16.23 -24.56
CA THR B 716 -44.32 -17.44 -25.01
C THR B 716 -45.60 -17.13 -25.76
N SER B 717 -46.42 -16.22 -25.24
CA SER B 717 -47.67 -15.87 -25.91
C SER B 717 -47.39 -15.19 -27.25
N LEU B 718 -46.33 -14.38 -27.31
CA LEU B 718 -45.97 -13.73 -28.57
C LEU B 718 -45.54 -14.75 -29.61
N LYS B 719 -44.77 -15.77 -29.19
CA LYS B 719 -44.39 -16.84 -30.10
C LYS B 719 -45.63 -17.62 -30.57
N MET B 720 -46.54 -17.92 -29.65
CA MET B 720 -47.72 -18.71 -30.01
C MET B 720 -48.67 -17.91 -30.90
N GLY B 721 -48.92 -16.65 -30.57
CA GLY B 721 -49.79 -15.83 -31.38
C GLY B 721 -50.86 -15.12 -30.60
N LYS B 722 -50.73 -15.13 -29.27
CA LYS B 722 -51.73 -14.48 -28.42
C LYS B 722 -51.62 -12.96 -28.42
N LEU B 723 -50.47 -12.41 -28.80
CA LEU B 723 -50.38 -10.98 -29.02
C LEU B 723 -49.48 -10.71 -30.21
N ASP B 724 -49.54 -9.47 -30.71
CA ASP B 724 -48.76 -9.06 -31.86
C ASP B 724 -47.52 -8.25 -31.49
N ALA B 725 -47.60 -7.38 -30.49
CA ALA B 725 -46.47 -6.55 -30.08
C ALA B 725 -46.38 -6.54 -28.57
N PHE B 726 -45.15 -6.64 -28.05
CA PHE B 726 -44.90 -6.60 -26.62
C PHE B 726 -44.03 -5.38 -26.32
N ILE B 727 -44.53 -4.48 -25.48
CA ILE B 727 -43.87 -3.21 -25.18
C ILE B 727 -43.27 -3.32 -23.79
N TYR B 728 -41.95 -3.20 -23.70
CA TYR B 728 -41.29 -3.43 -22.42
C TYR B 728 -39.97 -2.67 -22.39
N ASP B 729 -39.20 -2.92 -21.33
CA ASP B 729 -37.89 -2.31 -21.19
C ASP B 729 -36.95 -2.83 -22.26
N ALA B 730 -36.17 -1.92 -22.84
CA ALA B 730 -35.37 -2.28 -24.02
C ALA B 730 -34.17 -3.13 -23.65
N ALA B 731 -33.56 -2.90 -22.49
CA ALA B 731 -32.36 -3.63 -22.14
C ALA B 731 -32.63 -5.13 -21.99
N VAL B 732 -33.77 -5.49 -21.41
CA VAL B 732 -34.13 -6.90 -21.31
C VAL B 732 -34.65 -7.46 -22.62
N LEU B 733 -35.40 -6.66 -23.39
CA LEU B 733 -35.92 -7.12 -24.67
C LEU B 733 -34.79 -7.44 -25.65
N ASN B 734 -33.75 -6.62 -25.68
CA ASN B 734 -32.62 -6.91 -26.55
C ASN B 734 -31.95 -8.22 -26.16
N TYR B 735 -31.79 -8.46 -24.86
CA TYR B 735 -31.19 -9.71 -24.42
C TYR B 735 -32.07 -10.91 -24.80
N MET B 736 -33.38 -10.76 -24.62
CA MET B 736 -34.30 -11.84 -24.97
C MET B 736 -34.24 -12.14 -26.46
N ALA B 737 -34.14 -11.10 -27.30
CA ALA B 737 -33.97 -11.32 -28.73
C ALA B 737 -32.63 -11.98 -29.02
N GLY B 738 -31.58 -11.59 -28.32
CA GLY B 738 -30.25 -12.13 -28.59
C GLY B 738 -30.15 -13.61 -28.27
N LYS B 739 -30.72 -14.03 -27.14
CA LYS B 739 -30.65 -15.44 -26.78
C LYS B 739 -31.74 -16.29 -27.43
N ASP B 740 -32.60 -15.70 -28.25
CA ASP B 740 -33.66 -16.46 -28.88
C ASP B 740 -33.13 -17.18 -30.12
N GLU B 741 -33.98 -18.03 -30.71
CA GLU B 741 -33.58 -18.80 -31.88
C GLU B 741 -33.34 -17.91 -33.08
N GLY B 742 -34.11 -16.85 -33.24
CA GLY B 742 -33.92 -15.94 -34.34
C GLY B 742 -35.20 -15.37 -34.91
N CYS B 743 -36.34 -15.87 -34.45
CA CYS B 743 -37.62 -15.43 -34.99
C CYS B 743 -38.02 -14.07 -34.43
N LYS B 744 -38.15 -13.98 -33.11
CA LYS B 744 -38.62 -12.74 -32.48
C LYS B 744 -37.54 -11.68 -32.46
N LEU B 745 -37.93 -10.42 -32.69
CA LEU B 745 -36.98 -9.33 -32.73
C LEU B 745 -37.66 -8.02 -32.36
N VAL B 746 -36.84 -7.05 -31.94
CA VAL B 746 -37.31 -5.71 -31.60
C VAL B 746 -37.63 -4.95 -32.88
N THR B 747 -38.59 -4.05 -32.80
CA THR B 747 -39.19 -3.46 -33.99
C THR B 747 -38.32 -2.35 -34.56
N ILE B 748 -38.75 -1.79 -35.68
CA ILE B 748 -38.03 -0.78 -36.45
C ILE B 748 -36.60 -1.24 -36.71
N GLY B 749 -35.62 -0.40 -36.39
CA GLY B 749 -34.26 -0.66 -36.83
C GLY B 749 -33.46 -1.51 -35.88
N SER B 750 -34.07 -2.59 -35.39
CA SER B 750 -33.44 -3.46 -34.40
C SER B 750 -32.94 -2.64 -33.22
N GLY B 751 -33.85 -1.88 -32.63
CA GLY B 751 -33.50 -0.93 -31.59
C GLY B 751 -34.46 0.23 -31.56
N LYS B 752 -33.93 1.45 -31.65
CA LYS B 752 -34.72 2.67 -31.53
C LYS B 752 -35.46 2.66 -30.18
N VAL B 753 -34.66 2.81 -29.13
CA VAL B 753 -35.21 2.98 -27.80
C VAL B 753 -36.09 4.22 -27.78
N PHE B 754 -37.22 4.13 -27.11
CA PHE B 754 -38.07 5.28 -26.86
C PHE B 754 -37.93 5.71 -25.40
N ALA B 755 -37.88 7.02 -25.18
CA ALA B 755 -37.69 7.59 -23.85
C ALA B 755 -36.42 7.04 -23.20
N THR B 756 -35.29 7.33 -23.84
CA THR B 756 -34.01 6.77 -23.44
C THR B 756 -33.66 7.15 -22.02
N THR B 757 -33.35 6.15 -21.20
CA THR B 757 -32.92 6.36 -19.82
C THR B 757 -31.84 5.33 -19.52
N GLY B 758 -31.58 5.10 -18.24
CA GLY B 758 -30.63 4.09 -17.84
C GLY B 758 -31.03 3.43 -16.55
N TYR B 759 -30.40 2.30 -16.28
CA TYR B 759 -30.49 1.68 -14.97
C TYR B 759 -29.60 2.42 -13.98
N GLY B 760 -30.13 2.68 -12.79
CA GLY B 760 -29.39 3.39 -11.78
C GLY B 760 -29.46 2.68 -10.44
N ILE B 761 -28.53 3.04 -9.57
CA ILE B 761 -28.54 2.58 -8.19
C ILE B 761 -29.31 3.60 -7.37
N ALA B 762 -30.44 3.18 -6.83
CA ALA B 762 -31.26 4.09 -6.03
C ALA B 762 -30.70 4.20 -4.63
N MET B 763 -30.55 5.43 -4.15
CA MET B 763 -30.07 5.69 -2.81
C MET B 763 -30.99 6.69 -2.13
N GLN B 764 -30.88 6.78 -0.83
CA GLN B 764 -31.73 7.70 -0.08
C GLN B 764 -31.33 9.14 -0.39
N LYS B 765 -32.30 10.04 -0.22
CA LYS B 765 -32.06 11.46 -0.49
C LYS B 765 -30.94 11.99 0.40
N ASP B 766 -30.08 12.82 -0.18
CA ASP B 766 -28.99 13.47 0.53
C ASP B 766 -28.02 12.47 1.14
N SER B 767 -27.95 11.26 0.59
CA SER B 767 -27.03 10.25 1.10
C SER B 767 -25.59 10.66 0.79
N HIS B 768 -24.70 10.32 1.71
CA HIS B 768 -23.28 10.59 1.51
C HIS B 768 -22.62 9.55 0.62
N TRP B 769 -23.31 8.45 0.30
CA TRP B 769 -22.78 7.44 -0.58
C TRP B 769 -22.89 7.81 -2.04
N LYS B 770 -23.75 8.79 -2.38
CA LYS B 770 -24.06 9.07 -3.78
C LYS B 770 -22.81 9.52 -4.53
N ARG B 771 -22.05 10.44 -3.94
CA ARG B 771 -20.86 10.96 -4.60
C ARG B 771 -19.85 9.86 -4.90
N ALA B 772 -19.53 9.06 -3.89
CA ALA B 772 -18.54 8.00 -4.06
C ALA B 772 -19.01 6.95 -5.04
N ILE B 773 -20.28 6.56 -4.97
CA ILE B 773 -20.80 5.53 -5.87
C ILE B 773 -20.79 6.03 -7.31
N ASP B 774 -21.21 7.27 -7.54
CA ASP B 774 -21.18 7.80 -8.91
C ASP B 774 -19.76 7.87 -9.45
N LEU B 775 -18.82 8.34 -8.62
CA LEU B 775 -17.44 8.42 -9.08
C LEU B 775 -16.88 7.04 -9.40
N ALA B 776 -17.19 6.04 -8.57
CA ALA B 776 -16.72 4.69 -8.85
C ALA B 776 -17.35 4.13 -10.13
N LEU B 777 -18.64 4.38 -10.35
CA LEU B 777 -19.28 3.91 -11.58
C LEU B 777 -18.67 4.56 -12.80
N LEU B 778 -18.41 5.87 -12.74
CA LEU B 778 -17.78 6.54 -13.86
C LEU B 778 -16.38 5.99 -14.10
N GLN B 779 -15.65 5.69 -13.03
CA GLN B 779 -14.32 5.11 -13.19
C GLN B 779 -14.38 3.73 -13.82
N LEU B 780 -15.35 2.90 -13.43
CA LEU B 780 -15.49 1.59 -14.06
C LEU B 780 -15.83 1.72 -15.54
N LEU B 781 -16.73 2.66 -15.87
CA LEU B 781 -17.08 2.88 -17.27
C LEU B 781 -15.89 3.37 -18.08
N GLY B 782 -15.08 4.27 -17.51
CA GLY B 782 -13.94 4.78 -18.23
C GLY B 782 -12.88 3.73 -18.47
N ASP B 783 -12.65 2.85 -17.50
CA ASP B 783 -11.68 1.78 -17.63
C ASP B 783 -12.14 0.66 -18.56
N GLY B 784 -13.40 0.70 -19.01
CA GLY B 784 -13.89 -0.32 -19.91
C GLY B 784 -14.24 -1.64 -19.25
N GLU B 785 -14.42 -1.67 -17.94
CA GLU B 785 -14.79 -2.90 -17.26
C GLU B 785 -16.27 -3.24 -17.39
N THR B 786 -17.10 -2.28 -17.79
CA THR B 786 -18.50 -2.60 -18.06
C THR B 786 -18.66 -3.30 -19.39
N GLN B 787 -17.76 -3.03 -20.34
CA GLN B 787 -17.79 -3.74 -21.62
C GLN B 787 -17.59 -5.25 -21.42
N LYS B 788 -16.66 -5.63 -20.55
CA LYS B 788 -16.45 -7.05 -20.29
C LYS B 788 -17.69 -7.69 -19.67
N LEU B 789 -18.33 -6.98 -18.74
CA LEU B 789 -19.54 -7.50 -18.12
C LEU B 789 -20.66 -7.67 -19.14
N GLU B 790 -20.81 -6.70 -20.05
CA GLU B 790 -21.80 -6.84 -21.10
C GLU B 790 -21.46 -8.02 -22.01
N THR B 791 -20.18 -8.24 -22.27
CA THR B 791 -19.78 -9.37 -23.11
C THR B 791 -20.12 -10.70 -22.45
N VAL B 792 -19.89 -10.82 -21.14
CA VAL B 792 -20.08 -12.10 -20.48
C VAL B 792 -21.53 -12.36 -20.09
N TRP B 793 -22.33 -11.31 -19.89
CA TRP B 793 -23.66 -11.50 -19.33
C TRP B 793 -24.77 -11.22 -20.34
N LEU B 794 -24.53 -10.32 -21.29
CA LEU B 794 -25.58 -9.84 -22.17
C LEU B 794 -25.36 -10.17 -23.63
N SER B 795 -24.25 -10.80 -24.01
CA SER B 795 -23.98 -11.08 -25.41
C SER B 795 -24.80 -12.29 -25.83
N GLY B 796 -25.53 -12.15 -26.94
CA GLY B 796 -26.35 -13.21 -27.47
C GLY B 796 -25.82 -13.73 -28.80
N ILE B 797 -26.33 -14.90 -29.18
CA ILE B 797 -25.89 -15.53 -30.42
C ILE B 797 -26.47 -14.81 -31.64
N CYS B 798 -27.72 -14.37 -31.57
CA CYS B 798 -28.36 -13.79 -32.75
C CYS B 798 -27.82 -12.40 -33.05
N GLN B 799 -27.64 -11.57 -32.02
CA GLN B 799 -27.17 -10.21 -32.21
C GLN B 799 -25.66 -10.17 -32.46
N LYS C 25 20.33 39.35 44.39
CA LYS C 25 20.52 39.65 42.97
C LYS C 25 19.55 40.72 42.51
N ILE C 26 20.00 41.59 41.60
CA ILE C 26 19.17 42.66 41.06
C ILE C 26 18.90 42.32 39.59
N VAL C 27 17.62 42.22 39.25
CA VAL C 27 17.19 41.90 37.90
C VAL C 27 16.67 43.16 37.23
N ASN C 28 17.32 43.57 36.16
CA ASN C 28 17.04 44.83 35.49
C ASN C 28 16.15 44.58 34.28
N ILE C 29 15.14 45.44 34.10
CA ILE C 29 14.20 45.35 33.00
C ILE C 29 14.15 46.69 32.28
N GLY C 30 14.29 46.65 30.95
CA GLY C 30 14.28 47.86 30.16
C GLY C 30 12.97 48.10 29.46
N ALA C 31 12.72 49.35 29.08
CA ALA C 31 11.50 49.69 28.38
C ALA C 31 11.78 50.82 27.41
N VAL C 32 11.04 50.83 26.31
CA VAL C 32 11.11 51.89 25.31
C VAL C 32 9.73 52.52 25.23
N LEU C 33 9.58 53.69 25.83
CA LEU C 33 8.29 54.37 25.92
C LEU C 33 8.40 55.71 25.19
N SER C 34 7.33 56.52 25.23
CA SER C 34 7.31 57.68 24.37
C SER C 34 6.74 58.93 25.04
N THR C 35 6.66 58.95 26.38
CA THR C 35 6.07 60.12 27.03
C THR C 35 6.86 60.66 28.20
N ARG C 36 7.74 59.88 28.83
CA ARG C 36 8.50 60.25 30.01
C ARG C 36 7.58 60.27 31.23
N LYS C 37 6.28 60.16 30.99
CA LYS C 37 5.31 59.91 32.06
C LYS C 37 5.02 58.42 32.18
N HIS C 38 4.85 57.76 31.03
CA HIS C 38 4.73 56.31 31.05
C HIS C 38 5.97 55.66 31.64
N GLU C 39 7.12 56.31 31.54
CA GLU C 39 8.30 55.82 32.25
C GLU C 39 8.10 55.86 33.75
N GLN C 40 7.51 56.94 34.27
CA GLN C 40 7.23 57.02 35.69
C GLN C 40 6.22 55.96 36.12
N MET C 41 5.18 55.75 35.31
CA MET C 41 4.21 54.71 35.64
C MET C 41 4.83 53.33 35.55
N PHE C 42 5.81 53.14 34.66
CA PHE C 42 6.51 51.87 34.57
C PHE C 42 7.37 51.63 35.80
N ARG C 43 8.02 52.68 36.29
CA ARG C 43 8.76 52.57 37.56
C ARG C 43 7.83 52.25 38.71
N GLU C 44 6.67 52.92 38.78
CA GLU C 44 5.71 52.60 39.83
C GLU C 44 5.23 51.17 39.71
N ALA C 45 5.00 50.69 38.48
CA ALA C 45 4.54 49.32 38.28
C ALA C 45 5.59 48.31 38.72
N VAL C 46 6.85 48.56 38.41
CA VAL C 46 7.88 47.61 38.85
C VAL C 46 8.06 47.68 40.37
N ASN C 47 7.87 48.87 40.96
CA ASN C 47 7.90 48.96 42.42
C ASN C 47 6.76 48.15 43.05
N GLN C 48 5.56 48.24 42.48
CA GLN C 48 4.45 47.45 42.98
C GLN C 48 4.73 45.95 42.82
N ALA C 49 5.34 45.57 41.70
CA ALA C 49 5.70 44.17 41.52
C ALA C 49 6.71 43.71 42.56
N ASN C 50 7.67 44.58 42.89
CA ASN C 50 8.64 44.26 43.93
C ASN C 50 7.94 44.10 45.28
N LYS C 51 7.02 45.01 45.60
CA LYS C 51 6.33 44.96 46.88
C LYS C 51 5.41 43.76 46.99
N ARG C 52 4.86 43.30 45.87
CA ARG C 52 3.96 42.15 45.86
C ARG C 52 4.69 40.82 45.77
N HIS C 53 5.89 40.79 45.21
CA HIS C 53 6.63 39.55 45.06
C HIS C 53 7.72 39.35 46.10
N GLY C 54 8.24 40.43 46.68
CA GLY C 54 9.23 40.33 47.72
C GLY C 54 10.64 40.66 47.25
N SER C 55 11.24 41.67 47.88
CA SER C 55 12.62 42.06 47.58
C SER C 55 13.64 41.23 48.37
N TRP C 56 13.18 40.25 49.14
CA TRP C 56 14.09 39.45 49.95
C TRP C 56 15.07 38.67 49.08
N LYS C 57 14.56 37.93 48.09
CA LYS C 57 15.43 37.10 47.26
C LYS C 57 16.06 37.93 46.14
N ILE C 58 15.24 38.48 45.25
CA ILE C 58 15.72 39.26 44.12
C ILE C 58 14.92 40.55 44.02
N GLN C 59 15.61 41.62 43.63
CA GLN C 59 15.03 42.95 43.53
C GLN C 59 14.96 43.39 42.09
N LEU C 60 13.80 43.91 41.69
CA LEU C 60 13.58 44.34 40.33
C LEU C 60 14.05 45.78 40.15
N ASN C 61 14.56 46.09 38.96
CA ASN C 61 15.09 47.39 38.65
C ASN C 61 14.57 47.83 37.28
N ALA C 62 14.36 49.13 37.11
CA ALA C 62 13.72 49.66 35.92
C ALA C 62 14.67 50.59 35.17
N THR C 63 14.76 50.37 33.86
CA THR C 63 15.50 51.26 32.96
C THR C 63 14.59 51.63 31.83
N SER C 64 14.58 52.91 31.46
CA SER C 64 13.62 53.39 30.47
C SER C 64 14.32 54.32 29.49
N VAL C 65 13.92 54.22 28.22
CA VAL C 65 14.38 55.11 27.17
C VAL C 65 13.17 55.58 26.38
N THR C 66 13.39 56.61 25.58
CA THR C 66 12.35 57.20 24.74
C THR C 66 12.66 56.91 23.28
N HIS C 67 11.61 56.90 22.46
CA HIS C 67 11.79 56.60 21.04
C HIS C 67 12.59 57.70 20.35
N LYS C 68 13.37 57.30 19.35
CA LYS C 68 14.11 58.23 18.51
C LYS C 68 13.58 58.17 17.09
N PRO C 69 13.46 59.30 16.41
CA PRO C 69 12.90 59.29 15.04
C PRO C 69 13.67 58.41 14.07
N ASN C 70 14.99 58.37 14.18
CA ASN C 70 15.80 57.57 13.26
C ASN C 70 15.85 56.13 13.74
N ALA C 71 15.42 55.21 12.89
CA ALA C 71 15.37 53.80 13.29
C ALA C 71 16.76 53.26 13.58
N ILE C 72 17.73 53.58 12.74
CA ILE C 72 19.10 53.12 12.96
C ILE C 72 19.65 53.71 14.26
N GLN C 73 19.42 55.01 14.46
CA GLN C 73 19.86 55.64 15.70
C GLN C 73 19.12 55.08 16.90
N MET C 74 17.85 54.70 16.71
CA MET C 74 17.11 54.06 17.79
C MET C 74 17.72 52.72 18.16
N ALA C 75 18.10 51.91 17.18
CA ALA C 75 18.72 50.63 17.47
C ALA C 75 20.08 50.82 18.15
N LEU C 76 20.86 51.80 17.69
CA LEU C 76 22.12 52.08 18.35
C LEU C 76 21.91 52.52 19.78
N SER C 77 20.89 53.34 20.04
CA SER C 77 20.57 53.74 21.40
C SER C 77 20.16 52.54 22.25
N VAL C 78 19.39 51.61 21.68
CA VAL C 78 19.05 50.39 22.42
C VAL C 78 20.31 49.64 22.80
N CYS C 79 21.25 49.50 21.86
CA CYS C 79 22.49 48.79 22.16
C CYS C 79 23.29 49.50 23.25
N GLU C 80 23.37 50.83 23.20
CA GLU C 80 24.20 51.54 24.16
C GLU C 80 23.58 51.55 25.56
N ASP C 81 22.24 51.65 25.64
CA ASP C 81 21.58 51.87 26.93
C ASP C 81 20.92 50.62 27.47
N LEU C 82 20.09 49.96 26.70
CA LEU C 82 19.30 48.83 27.19
C LEU C 82 20.03 47.50 27.10
N ILE C 83 21.25 47.48 26.57
CA ILE C 83 22.00 46.23 26.49
C ILE C 83 23.24 46.36 27.37
N SER C 84 23.74 47.57 27.54
CA SER C 84 24.88 47.78 28.43
C SER C 84 24.55 47.33 29.84
N SER C 85 23.41 47.77 30.36
CA SER C 85 22.87 47.16 31.57
C SER C 85 22.28 45.80 31.23
N GLN C 86 22.46 44.84 32.14
CA GLN C 86 22.08 43.47 31.85
C GLN C 86 20.57 43.31 31.88
N VAL C 87 19.90 43.80 30.83
CA VAL C 87 18.44 43.80 30.79
C VAL C 87 17.93 42.39 30.47
N TYR C 88 16.93 41.95 31.24
CA TYR C 88 16.34 40.64 31.04
C TYR C 88 15.21 40.62 30.03
N ALA C 89 14.46 41.72 29.91
CA ALA C 89 13.37 41.81 28.95
C ALA C 89 13.12 43.27 28.65
N ILE C 90 12.61 43.55 27.45
CA ILE C 90 12.38 44.91 27.00
C ILE C 90 10.91 45.08 26.66
N LEU C 91 10.33 46.18 27.13
CA LEU C 91 8.97 46.58 26.82
C LEU C 91 9.00 47.74 25.84
N VAL C 92 8.19 47.67 24.80
CA VAL C 92 8.20 48.67 23.74
C VAL C 92 6.77 49.11 23.45
N SER C 93 6.56 50.42 23.34
CA SER C 93 5.25 50.99 23.07
C SER C 93 5.34 52.00 21.94
N HIS C 94 4.22 52.17 21.24
CA HIS C 94 4.19 53.04 20.07
C HIS C 94 4.33 54.50 20.48
N PRO C 95 4.97 55.32 19.64
CA PRO C 95 5.03 56.76 19.90
C PRO C 95 3.65 57.39 19.72
N PRO C 96 3.43 58.58 20.28
CA PRO C 96 2.09 59.19 20.18
C PRO C 96 1.62 59.40 18.75
N THR C 97 2.54 59.75 17.84
CA THR C 97 2.15 59.92 16.45
C THR C 97 1.95 58.56 15.81
N PRO C 98 0.78 58.27 15.25
CA PRO C 98 0.52 56.91 14.72
C PRO C 98 1.18 56.62 13.39
N ASN C 99 1.97 57.53 12.83
CA ASN C 99 2.65 57.25 11.58
C ASN C 99 3.75 56.21 11.80
N ASP C 100 4.02 55.42 10.75
CA ASP C 100 5.08 54.43 10.76
C ASP C 100 4.92 53.45 11.93
N HIS C 101 3.86 52.65 11.82
CA HIS C 101 3.47 51.68 12.85
C HIS C 101 4.52 50.61 13.10
N PHE C 102 5.62 50.58 12.36
CA PHE C 102 6.65 49.56 12.51
C PHE C 102 7.81 50.03 13.37
N THR C 103 7.56 50.86 14.37
CA THR C 103 8.60 51.35 15.27
C THR C 103 9.25 50.27 16.13
N PRO C 104 8.56 49.20 16.54
CA PRO C 104 9.24 48.16 17.33
C PRO C 104 10.27 47.35 16.56
N THR C 105 10.44 47.58 15.26
CA THR C 105 11.33 46.73 14.47
C THR C 105 12.80 46.82 14.89
N PRO C 106 13.42 48.00 15.05
CA PRO C 106 14.82 48.01 15.49
C PRO C 106 15.04 47.35 16.85
N VAL C 107 14.15 47.64 17.81
CA VAL C 107 14.26 47.03 19.12
C VAL C 107 14.11 45.52 19.01
N SER C 108 13.15 45.07 18.19
CA SER C 108 12.94 43.64 18.03
C SER C 108 14.17 42.96 17.45
N TYR C 109 14.76 43.53 16.40
CA TYR C 109 15.93 42.90 15.78
C TYR C 109 17.11 42.87 16.75
N THR C 110 17.39 44.00 17.41
CA THR C 110 18.55 44.05 18.29
C THR C 110 18.38 43.12 19.49
N ALA C 111 17.19 43.06 20.07
CA ALA C 111 16.98 42.17 21.20
C ALA C 111 16.94 40.71 20.76
N GLY C 112 16.41 40.45 19.56
CA GLY C 112 16.33 39.09 19.07
C GLY C 112 17.66 38.54 18.60
N PHE C 113 18.65 39.41 18.36
CA PHE C 113 19.99 38.92 18.12
C PHE C 113 20.52 38.13 19.31
N TYR C 114 20.30 38.65 20.52
CA TYR C 114 20.77 38.01 21.74
C TYR C 114 19.69 37.16 22.40
N ARG C 115 18.56 36.97 21.75
CA ARG C 115 17.44 36.19 22.27
C ARG C 115 16.85 36.79 23.54
N ILE C 116 17.10 38.07 23.79
CA ILE C 116 16.46 38.78 24.90
C ILE C 116 15.00 39.00 24.52
N PRO C 117 14.03 38.50 25.29
CA PRO C 117 12.63 38.67 24.90
C PRO C 117 12.21 40.13 24.99
N VAL C 118 11.45 40.56 23.98
CA VAL C 118 10.92 41.91 23.91
C VAL C 118 9.40 41.82 23.84
N LEU C 119 8.71 42.62 24.65
CA LEU C 119 7.26 42.62 24.74
C LEU C 119 6.71 43.91 24.15
N GLY C 120 5.84 43.77 23.15
CA GLY C 120 5.15 44.90 22.58
C GLY C 120 3.80 45.08 23.23
N LEU C 121 3.46 46.32 23.52
CA LEU C 121 2.22 46.64 24.24
C LEU C 121 1.18 47.34 23.40
N THR C 122 1.55 47.92 22.26
CA THR C 122 0.57 48.62 21.45
C THR C 122 0.71 48.34 19.96
N THR C 123 1.46 47.31 19.56
CA THR C 123 1.65 46.99 18.16
C THR C 123 0.72 45.86 17.76
N ARG C 124 -0.05 46.10 16.71
CA ARG C 124 -1.06 45.15 16.24
C ARG C 124 -0.69 44.49 14.93
N MET C 125 0.40 44.91 14.29
CA MET C 125 0.77 44.37 13.01
C MET C 125 1.07 42.88 13.12
N SER C 126 0.70 42.14 12.09
CA SER C 126 0.83 40.69 12.08
C SER C 126 2.20 40.21 11.65
N ILE C 127 3.10 41.11 11.23
CA ILE C 127 4.44 40.69 10.84
C ILE C 127 5.21 40.19 12.06
N TYR C 128 5.00 40.81 13.22
CA TYR C 128 5.72 40.45 14.43
C TYR C 128 5.31 39.09 14.98
N SER C 129 4.26 38.48 14.46
CA SER C 129 3.90 37.14 14.88
C SER C 129 4.70 36.07 14.17
N ASP C 130 5.56 36.45 13.22
CA ASP C 130 6.40 35.49 12.49
C ASP C 130 7.69 35.27 13.28
N LYS C 131 7.76 34.14 13.99
CA LYS C 131 8.91 33.85 14.83
C LYS C 131 10.17 33.53 14.04
N SER C 132 10.05 33.32 12.74
CA SER C 132 11.24 33.10 11.93
C SER C 132 12.04 34.39 11.80
N ILE C 133 11.38 35.54 11.76
CA ILE C 133 12.05 36.82 11.62
C ILE C 133 12.29 37.44 12.98
N HIS C 134 11.23 37.69 13.74
CA HIS C 134 11.32 38.21 15.09
C HIS C 134 11.40 37.02 16.04
N LEU C 135 12.63 36.60 16.33
CA LEU C 135 12.86 35.34 17.02
C LEU C 135 12.30 35.35 18.42
N SER C 136 12.51 36.43 19.16
CA SER C 136 12.09 36.53 20.56
C SER C 136 11.21 37.78 20.69
N PHE C 137 9.91 37.61 20.47
CA PHE C 137 8.97 38.72 20.54
C PHE C 137 7.65 38.20 21.09
N LEU C 138 7.13 38.88 22.11
CA LEU C 138 5.83 38.59 22.67
C LEU C 138 5.01 39.87 22.64
N ARG C 139 3.68 39.72 22.69
CA ARG C 139 2.83 40.89 22.71
C ARG C 139 1.65 40.64 23.63
N THR C 140 1.23 41.70 24.33
CA THR C 140 0.09 41.63 25.23
C THR C 140 -1.18 42.13 24.54
N VAL C 141 -1.17 42.25 23.23
CA VAL C 141 -2.30 42.76 22.47
C VAL C 141 -2.42 41.91 21.21
N PRO C 142 -3.61 41.40 20.86
CA PRO C 142 -3.70 40.50 19.72
C PRO C 142 -3.47 41.24 18.42
N PRO C 143 -2.98 40.56 17.39
CA PRO C 143 -2.77 41.22 16.10
C PRO C 143 -4.10 41.45 15.38
N TYR C 144 -4.02 42.23 14.30
CA TYR C 144 -5.21 42.49 13.50
C TYR C 144 -5.76 41.22 12.88
N SER C 145 -4.89 40.24 12.60
CA SER C 145 -5.34 39.02 11.93
C SER C 145 -6.39 38.29 12.76
N HIS C 146 -6.25 38.34 14.09
CA HIS C 146 -7.20 37.64 14.94
C HIS C 146 -8.60 38.23 14.85
N GLN C 147 -8.76 39.42 14.29
CA GLN C 147 -10.09 39.95 14.05
C GLN C 147 -10.89 39.04 13.14
N SER C 148 -10.23 38.18 12.38
CA SER C 148 -10.97 37.24 11.54
C SER C 148 -11.80 36.29 12.40
N SER C 149 -11.27 35.86 13.54
CA SER C 149 -11.93 34.84 14.34
C SER C 149 -13.35 35.28 14.70
N VAL C 150 -13.50 36.47 15.27
CA VAL C 150 -14.82 36.97 15.63
C VAL C 150 -15.71 37.06 14.40
N TRP C 151 -15.17 37.47 13.26
CA TRP C 151 -15.96 37.48 12.04
C TRP C 151 -16.57 36.11 11.81
N PHE C 152 -15.75 35.07 11.87
CA PHE C 152 -16.26 33.71 11.72
C PHE C 152 -17.38 33.45 12.71
N GLU C 153 -17.18 33.85 13.97
CA GLU C 153 -18.20 33.64 14.98
C GLU C 153 -19.51 34.33 14.59
N MET C 154 -19.41 35.56 14.08
CA MET C 154 -20.62 36.24 13.63
C MET C 154 -21.30 35.47 12.52
N MET C 155 -20.52 34.94 11.58
CA MET C 155 -21.12 34.15 10.51
C MET C 155 -21.80 32.90 11.07
N ARG C 156 -21.33 32.39 12.20
CA ARG C 156 -22.01 31.28 12.84
C ARG C 156 -23.32 31.73 13.48
N VAL C 157 -23.32 32.93 14.06
CA VAL C 157 -24.51 33.40 14.77
C VAL C 157 -25.62 33.75 13.80
N TYR C 158 -25.29 34.42 12.71
CA TYR C 158 -26.30 34.93 11.78
C TYR C 158 -26.46 34.07 10.53
N ASN C 159 -25.81 32.90 10.48
CA ASN C 159 -25.95 31.97 9.36
C ASN C 159 -25.63 32.64 8.02
N TRP C 160 -24.53 33.39 7.99
CA TRP C 160 -24.04 33.99 6.75
C TRP C 160 -23.02 33.03 6.14
N ASN C 161 -23.45 32.30 5.11
CA ASN C 161 -22.56 31.29 4.53
C ASN C 161 -21.72 31.87 3.40
N HIS C 162 -22.36 32.51 2.43
CA HIS C 162 -21.65 33.10 1.31
C HIS C 162 -21.15 34.49 1.69
N ILE C 163 -19.83 34.68 1.66
CA ILE C 163 -19.20 35.95 2.00
C ILE C 163 -18.24 36.36 0.90
N ILE C 164 -18.03 37.66 0.77
CA ILE C 164 -17.03 38.21 -0.13
C ILE C 164 -15.92 38.79 0.74
N LEU C 165 -14.67 38.46 0.43
CA LEU C 165 -13.54 38.87 1.27
C LEU C 165 -12.73 39.89 0.48
N LEU C 166 -12.96 41.17 0.76
CA LEU C 166 -12.28 42.26 0.09
C LEU C 166 -11.07 42.63 0.95
N VAL C 167 -9.87 42.32 0.45
CA VAL C 167 -8.68 42.37 1.28
C VAL C 167 -7.59 43.15 0.57
N SER C 168 -6.66 43.68 1.35
CA SER C 168 -5.50 44.36 0.79
C SER C 168 -4.48 43.33 0.28
N ASP C 169 -3.53 43.82 -0.50
CA ASP C 169 -2.53 42.95 -1.11
C ASP C 169 -1.22 42.88 -0.33
N ASP C 170 -1.11 43.61 0.78
CA ASP C 170 0.11 43.60 1.57
C ASP C 170 0.12 42.39 2.49
N HIS C 171 1.08 42.37 3.42
CA HIS C 171 1.24 41.21 4.29
C HIS C 171 0.09 41.09 5.28
N GLU C 172 -0.42 42.21 5.78
CA GLU C 172 -1.48 42.15 6.77
C GLU C 172 -2.76 41.58 6.19
N GLY C 173 -3.12 42.01 4.98
CA GLY C 173 -4.30 41.46 4.33
C GLY C 173 -4.16 39.99 4.03
N ARG C 174 -2.98 39.58 3.57
CA ARG C 174 -2.75 38.17 3.31
C ARG C 174 -2.86 37.35 4.59
N ALA C 175 -2.35 37.87 5.71
CA ALA C 175 -2.46 37.16 6.98
C ALA C 175 -3.91 37.03 7.42
N ALA C 176 -4.69 38.11 7.30
CA ALA C 176 -6.09 38.04 7.69
C ALA C 176 -6.85 37.06 6.82
N GLN C 177 -6.61 37.08 5.50
CA GLN C 177 -7.25 36.14 4.61
C GLN C 177 -6.88 34.70 4.94
N LYS C 178 -5.60 34.45 5.21
CA LYS C 178 -5.15 33.11 5.53
C LYS C 178 -5.82 32.61 6.81
N ARG C 179 -5.90 33.47 7.83
CA ARG C 179 -6.55 33.10 9.08
C ARG C 179 -8.03 32.76 8.85
N LEU C 180 -8.73 33.62 8.13
CA LEU C 180 -10.16 33.37 7.89
C LEU C 180 -10.38 32.12 7.05
N GLU C 181 -9.57 31.90 6.03
CA GLU C 181 -9.72 30.71 5.20
C GLU C 181 -9.45 29.45 6.01
N THR C 182 -8.42 29.47 6.85
CA THR C 182 -8.14 28.32 7.71
C THR C 182 -9.30 28.04 8.64
N LEU C 183 -9.89 29.10 9.22
CA LEU C 183 -11.02 28.92 10.11
C LEU C 183 -12.22 28.35 9.37
N LEU C 184 -12.46 28.81 8.15
CA LEU C 184 -13.62 28.34 7.40
C LEU C 184 -13.42 26.93 6.87
N GLU C 185 -12.17 26.51 6.66
CA GLU C 185 -11.91 25.20 6.10
C GLU C 185 -12.36 24.09 7.05
N GLU C 186 -12.19 24.29 8.36
CA GLU C 186 -12.67 23.30 9.32
C GLU C 186 -14.17 23.10 9.22
N ARG C 187 -14.91 24.16 8.88
CA ARG C 187 -16.35 24.07 8.66
C ARG C 187 -16.69 23.51 7.29
N GLU C 188 -15.69 23.25 6.45
CA GLU C 188 -15.89 22.80 5.07
C GLU C 188 -16.72 23.81 4.29
N SER C 189 -16.38 25.09 4.44
CA SER C 189 -17.01 26.17 3.70
C SER C 189 -15.91 27.08 3.18
N LYS C 190 -16.23 27.82 2.12
CA LYS C 190 -15.27 28.75 1.53
C LYS C 190 -15.97 30.06 1.21
N ALA C 191 -15.18 31.12 1.12
CA ALA C 191 -15.70 32.41 0.73
C ALA C 191 -16.16 32.37 -0.72
N GLU C 192 -17.15 33.21 -1.04
CA GLU C 192 -17.62 33.30 -2.42
C GLU C 192 -16.47 33.71 -3.34
N LYS C 193 -15.71 34.73 -2.95
CA LYS C 193 -14.44 35.01 -3.61
C LYS C 193 -13.66 36.01 -2.78
N VAL C 194 -12.36 36.06 -3.04
CA VAL C 194 -11.41 36.94 -2.36
C VAL C 194 -10.86 37.92 -3.39
N LEU C 195 -11.01 39.20 -3.10
CA LEU C 195 -10.58 40.28 -4.00
C LEU C 195 -9.45 41.05 -3.35
N GLN C 196 -8.23 40.86 -3.85
CA GLN C 196 -7.05 41.50 -3.32
C GLN C 196 -6.78 42.76 -4.12
N PHE C 197 -6.84 43.92 -3.46
CA PHE C 197 -6.51 45.17 -4.13
C PHE C 197 -5.18 45.71 -3.62
N ASP C 198 -4.38 46.23 -4.52
CA ASP C 198 -3.07 46.77 -4.17
C ASP C 198 -3.25 47.98 -3.25
N PRO C 199 -2.51 48.06 -2.15
CA PRO C 199 -2.74 49.16 -1.20
C PRO C 199 -2.36 50.51 -1.78
N GLY C 200 -3.06 51.53 -1.32
CA GLY C 200 -2.74 52.90 -1.72
C GLY C 200 -3.09 53.24 -3.15
N THR C 201 -4.07 52.54 -3.74
CA THR C 201 -4.48 52.79 -5.11
C THR C 201 -5.88 53.38 -5.13
N LYS C 202 -6.04 54.45 -5.89
CA LYS C 202 -7.34 55.05 -6.12
C LYS C 202 -8.08 54.27 -7.21
N ASN C 203 -9.38 54.52 -7.32
CA ASN C 203 -10.23 53.87 -8.31
C ASN C 203 -10.17 52.36 -8.16
N VAL C 204 -10.73 51.89 -7.04
CA VAL C 204 -10.85 50.47 -6.77
C VAL C 204 -12.16 49.98 -7.38
N THR C 205 -12.85 50.86 -8.11
CA THR C 205 -14.20 50.59 -8.59
C THR C 205 -14.28 49.28 -9.38
N ALA C 206 -13.32 49.05 -10.29
CA ALA C 206 -13.33 47.81 -11.05
C ALA C 206 -13.45 46.60 -10.13
N LEU C 207 -12.62 46.56 -9.08
CA LEU C 207 -12.71 45.46 -8.13
C LEU C 207 -14.11 45.34 -7.55
N LEU C 208 -14.69 46.44 -7.08
CA LEU C 208 -16.01 46.36 -6.49
C LEU C 208 -17.05 45.91 -7.51
N MET C 209 -16.82 46.18 -8.79
CA MET C 209 -17.74 45.69 -9.81
C MET C 209 -17.80 44.17 -9.80
N GLU C 210 -16.65 43.52 -9.64
CA GLU C 210 -16.62 42.07 -9.52
C GLU C 210 -17.45 41.60 -8.34
N ALA C 211 -17.49 42.40 -7.27
CA ALA C 211 -18.29 42.02 -6.12
C ALA C 211 -19.77 42.25 -6.36
N ARG C 212 -20.12 43.14 -7.28
CA ARG C 212 -21.52 43.48 -7.49
C ARG C 212 -22.28 42.32 -8.11
N GLU C 213 -21.65 41.60 -9.04
CA GLU C 213 -22.34 40.54 -9.76
C GLU C 213 -22.50 39.27 -8.95
N LEU C 214 -21.75 39.13 -7.86
CA LEU C 214 -21.79 37.89 -7.08
C LEU C 214 -23.13 37.76 -6.35
N GLU C 215 -23.45 36.52 -5.96
CA GLU C 215 -24.68 36.28 -5.22
C GLU C 215 -24.57 36.70 -3.77
N ALA C 216 -23.37 36.63 -3.18
CA ALA C 216 -23.21 36.96 -1.77
C ALA C 216 -23.42 38.45 -1.53
N ARG C 217 -24.00 38.77 -0.38
CA ARG C 217 -24.30 40.16 -0.03
C ARG C 217 -23.49 40.68 1.14
N VAL C 218 -22.72 39.84 1.83
CA VAL C 218 -21.95 40.25 3.00
C VAL C 218 -20.49 40.42 2.59
N ILE C 219 -19.95 41.61 2.81
CA ILE C 219 -18.60 41.97 2.41
C ILE C 219 -17.77 42.19 3.66
N ILE C 220 -16.62 41.51 3.73
CA ILE C 220 -15.69 41.61 4.84
C ILE C 220 -14.46 42.33 4.33
N LEU C 221 -14.21 43.53 4.84
CA LEU C 221 -13.15 44.39 4.35
C LEU C 221 -11.97 44.34 5.29
N SER C 222 -10.77 44.19 4.74
CA SER C 222 -9.53 44.16 5.52
C SER C 222 -8.50 45.04 4.83
N ALA C 223 -8.40 46.28 5.29
CA ALA C 223 -7.49 47.25 4.67
C ALA C 223 -7.18 48.34 5.68
N SER C 224 -6.21 49.19 5.34
CA SER C 224 -5.87 50.32 6.17
C SER C 224 -7.00 51.36 6.11
N GLU C 225 -6.86 52.43 6.89
CA GLU C 225 -7.95 53.40 6.99
C GLU C 225 -8.14 54.16 5.69
N ASP C 226 -7.04 54.48 4.99
CA ASP C 226 -7.17 55.20 3.72
C ASP C 226 -7.82 54.33 2.65
N ASP C 227 -7.38 53.06 2.55
CA ASP C 227 -8.01 52.14 1.60
C ASP C 227 -9.46 51.87 2.00
N ALA C 228 -9.73 51.82 3.31
CA ALA C 228 -11.11 51.67 3.74
C ALA C 228 -11.96 52.84 3.29
N ALA C 229 -11.45 54.06 3.40
CA ALA C 229 -12.18 55.22 2.93
C ALA C 229 -12.39 55.17 1.42
N THR C 230 -11.37 54.75 0.68
CA THR C 230 -11.49 54.67 -0.78
C THR C 230 -12.57 53.67 -1.18
N VAL C 231 -12.56 52.48 -0.58
CA VAL C 231 -13.58 51.50 -0.96
C VAL C 231 -14.95 51.93 -0.46
N TYR C 232 -15.02 52.67 0.65
CA TYR C 232 -16.32 53.18 1.10
C TYR C 232 -16.90 54.14 0.08
N ARG C 233 -16.07 55.05 -0.44
CA ARG C 233 -16.55 55.99 -1.45
C ARG C 233 -16.97 55.25 -2.72
N ALA C 234 -16.15 54.30 -3.17
CA ALA C 234 -16.48 53.59 -4.41
C ALA C 234 -17.76 52.77 -4.25
N ALA C 235 -17.95 52.15 -3.09
CA ALA C 235 -19.16 51.37 -2.85
C ALA C 235 -20.38 52.27 -2.76
N ALA C 236 -20.23 53.47 -2.20
CA ALA C 236 -21.33 54.42 -2.20
C ALA C 236 -21.70 54.83 -3.62
N MET C 237 -20.71 55.00 -4.49
CA MET C 237 -20.99 55.36 -5.88
C MET C 237 -21.68 54.23 -6.62
N LEU C 238 -21.40 52.98 -6.25
CA LEU C 238 -21.90 51.82 -6.99
C LEU C 238 -23.14 51.19 -6.37
N ASN C 239 -23.81 51.90 -5.45
CA ASN C 239 -25.01 51.39 -4.78
C ASN C 239 -24.74 50.13 -3.99
N MET C 240 -23.48 49.90 -3.60
CA MET C 240 -23.12 48.71 -2.86
C MET C 240 -23.39 48.82 -1.37
N THR C 241 -23.74 50.01 -0.88
CA THR C 241 -23.98 50.21 0.54
C THR C 241 -25.46 50.24 0.89
N GLY C 242 -26.34 49.93 -0.06
CA GLY C 242 -27.76 50.02 0.16
C GLY C 242 -28.31 48.86 0.95
N SER C 243 -29.63 48.72 0.92
CA SER C 243 -30.29 47.65 1.65
C SER C 243 -29.91 46.30 1.06
N GLY C 244 -29.92 45.28 1.93
CA GLY C 244 -29.54 43.94 1.55
C GLY C 244 -28.08 43.63 1.78
N TYR C 245 -27.20 44.60 1.53
CA TYR C 245 -25.79 44.44 1.80
C TYR C 245 -25.52 44.56 3.30
N VAL C 246 -24.50 43.86 3.76
CA VAL C 246 -24.06 43.95 5.15
C VAL C 246 -22.53 43.94 5.16
N TRP C 247 -21.94 44.89 5.89
CA TRP C 247 -20.49 45.06 5.92
C TRP C 247 -19.95 44.71 7.30
N LEU C 248 -18.96 43.84 7.33
CA LEU C 248 -18.16 43.61 8.54
C LEU C 248 -16.75 44.05 8.23
N VAL C 249 -16.21 44.92 9.08
CA VAL C 249 -14.88 45.47 8.89
C VAL C 249 -14.08 45.23 10.17
N GLY C 250 -12.85 45.75 10.18
CA GLY C 250 -11.96 45.62 11.29
C GLY C 250 -11.93 46.85 12.17
N GLU C 251 -10.93 46.93 13.03
CA GLU C 251 -10.81 48.06 13.94
C GLU C 251 -10.31 49.31 13.26
N ARG C 252 -9.37 49.17 12.32
CA ARG C 252 -8.75 50.32 11.70
C ARG C 252 -9.49 50.77 10.44
N GLU C 253 -10.63 50.16 10.14
CA GLU C 253 -11.50 50.62 9.05
C GLU C 253 -12.68 51.43 9.54
N ILE C 254 -12.79 51.70 10.85
CA ILE C 254 -13.86 52.52 11.37
C ILE C 254 -13.25 53.67 12.18
N SER C 255 -12.06 54.11 11.79
CA SER C 255 -11.38 55.18 12.49
C SER C 255 -10.74 56.12 11.49
N GLY C 256 -10.59 57.39 11.89
CA GLY C 256 -9.97 58.37 11.02
C GLY C 256 -10.89 58.75 9.88
N ASN C 257 -10.31 58.91 8.69
CA ASN C 257 -11.11 59.25 7.51
C ASN C 257 -12.09 58.14 7.16
N ALA C 258 -11.74 56.88 7.45
CA ALA C 258 -12.64 55.78 7.18
C ALA C 258 -13.96 55.93 7.92
N LEU C 259 -13.89 56.37 9.18
CA LEU C 259 -15.11 56.63 9.94
C LEU C 259 -15.90 57.78 9.32
N ARG C 260 -15.21 58.80 8.81
CA ARG C 260 -15.90 59.92 8.19
C ARG C 260 -16.68 59.47 6.96
N TYR C 261 -16.08 58.62 6.13
CA TYR C 261 -16.72 58.18 4.89
C TYR C 261 -17.47 56.86 5.03
N ALA C 262 -17.52 56.28 6.22
CA ALA C 262 -18.16 54.98 6.39
C ALA C 262 -19.66 55.08 6.17
N PRO C 263 -20.27 54.13 5.49
CA PRO C 263 -21.73 54.11 5.37
C PRO C 263 -22.38 53.71 6.69
N ASP C 264 -23.61 54.19 6.89
CA ASP C 264 -24.33 53.86 8.10
C ASP C 264 -24.69 52.38 8.12
N GLY C 265 -24.64 51.79 9.31
CA GLY C 265 -25.05 50.41 9.50
C GLY C 265 -23.94 49.38 9.44
N ILE C 266 -22.71 49.77 9.15
CA ILE C 266 -21.63 48.80 9.10
C ILE C 266 -21.31 48.33 10.51
N ILE C 267 -20.78 47.12 10.62
CA ILE C 267 -20.43 46.51 11.89
C ILE C 267 -18.92 46.41 11.96
N GLY C 268 -18.31 47.21 12.82
CA GLY C 268 -16.89 47.12 13.11
C GLY C 268 -16.67 46.53 14.48
N LEU C 269 -15.42 46.53 14.91
CA LEU C 269 -15.12 46.08 16.26
C LEU C 269 -13.94 46.88 16.81
N GLN C 270 -13.85 46.89 18.13
CA GLN C 270 -12.81 47.63 18.82
C GLN C 270 -12.25 46.78 19.95
N LEU C 271 -10.97 46.94 20.21
CA LEU C 271 -10.37 46.28 21.35
C LEU C 271 -10.64 47.07 22.62
N ILE C 272 -10.90 46.35 23.73
CA ILE C 272 -11.38 47.00 24.94
C ILE C 272 -10.34 47.96 25.50
N ASN C 273 -9.08 47.51 25.58
CA ASN C 273 -8.02 48.33 26.15
C ASN C 273 -6.80 48.37 25.24
N GLY C 274 -7.03 48.32 23.93
CA GLY C 274 -5.91 48.33 23.00
C GLY C 274 -5.10 49.61 23.08
N LYS C 275 -5.78 50.75 23.24
CA LYS C 275 -5.07 52.02 23.27
C LYS C 275 -4.71 52.47 24.68
N ASN C 276 -5.15 51.75 25.72
CA ASN C 276 -4.80 52.08 27.10
C ASN C 276 -3.40 51.57 27.36
N GLU C 277 -2.42 52.47 27.34
CA GLU C 277 -1.04 52.05 27.52
C GLU C 277 -0.74 51.71 28.98
N SER C 278 -1.41 52.39 29.91
CA SER C 278 -1.13 52.17 31.33
C SER C 278 -1.46 50.76 31.77
N ALA C 279 -2.65 50.27 31.39
CA ALA C 279 -3.05 48.92 31.78
C ALA C 279 -2.12 47.88 31.17
N HIS C 280 -1.71 48.09 29.92
CA HIS C 280 -0.81 47.16 29.27
C HIS C 280 0.56 47.17 29.93
N ILE C 281 1.06 48.34 30.32
CA ILE C 281 2.33 48.42 31.03
C ILE C 281 2.23 47.66 32.35
N SER C 282 1.14 47.85 33.08
CA SER C 282 0.99 47.15 34.36
C SER C 282 0.94 45.64 34.15
N ASP C 283 0.16 45.18 33.17
CA ASP C 283 0.07 43.75 32.93
C ASP C 283 1.41 43.17 32.48
N ALA C 284 2.12 43.88 31.61
CA ALA C 284 3.41 43.39 31.15
C ALA C 284 4.42 43.31 32.28
N VAL C 285 4.47 44.34 33.12
CA VAL C 285 5.39 44.32 34.24
C VAL C 285 5.05 43.19 35.20
N GLY C 286 3.75 43.00 35.46
CA GLY C 286 3.36 41.91 36.36
C GLY C 286 3.75 40.55 35.83
N VAL C 287 3.45 40.29 34.55
CA VAL C 287 3.76 38.97 34.00
C VAL C 287 5.27 38.77 33.87
N VAL C 288 6.02 39.83 33.57
CA VAL C 288 7.47 39.70 33.46
C VAL C 288 8.08 39.44 34.83
N ALA C 289 7.59 40.13 35.86
CA ALA C 289 8.10 39.87 37.21
C ALA C 289 7.77 38.45 37.67
N GLN C 290 6.55 37.99 37.38
CA GLN C 290 6.21 36.62 37.72
C GLN C 290 7.11 35.63 36.99
N ALA C 291 7.38 35.87 35.71
CA ALA C 291 8.23 34.99 34.94
C ALA C 291 9.66 34.99 35.46
N VAL C 292 10.18 36.17 35.83
CA VAL C 292 11.54 36.24 36.36
C VAL C 292 11.64 35.47 37.66
N HIS C 293 10.67 35.64 38.55
CA HIS C 293 10.69 34.91 39.81
C HIS C 293 10.60 33.40 39.58
N GLU C 294 9.76 32.99 38.63
CA GLU C 294 9.65 31.56 38.35
C GLU C 294 10.89 31.01 37.67
N LEU C 295 11.61 31.85 36.92
CA LEU C 295 12.84 31.40 36.27
C LEU C 295 13.99 31.26 37.25
N LEU C 296 14.15 32.23 38.15
CA LEU C 296 15.31 32.24 39.03
C LEU C 296 15.35 31.09 40.01
N GLU C 297 14.24 30.37 40.20
CA GLU C 297 14.28 29.18 41.05
C GLU C 297 15.09 28.07 40.40
N LYS C 298 15.16 28.04 39.07
CA LYS C 298 15.95 27.04 38.37
C LYS C 298 17.43 27.42 38.39
N GLU C 299 18.28 26.42 38.16
CA GLU C 299 19.71 26.62 38.10
C GLU C 299 20.16 26.83 36.65
N ASN C 300 21.48 26.94 36.47
CA ASN C 300 22.10 27.23 35.17
C ASN C 300 21.68 28.58 34.62
N ILE C 301 21.24 29.49 35.47
CA ILE C 301 20.83 30.81 35.02
C ILE C 301 22.06 31.63 34.70
N THR C 302 22.12 32.15 33.48
CA THR C 302 23.27 32.91 33.00
C THR C 302 22.87 34.36 32.78
N ASP C 303 23.75 35.27 33.16
CA ASP C 303 23.48 36.68 33.00
C ASP C 303 23.38 37.07 31.53
N PRO C 304 22.50 38.01 31.19
CA PRO C 304 22.44 38.49 29.82
C PRO C 304 23.71 39.20 29.45
N PRO C 305 24.04 39.25 28.16
CA PRO C 305 25.26 39.95 27.74
C PRO C 305 25.22 41.42 28.09
N ARG C 306 26.39 41.95 28.43
CA ARG C 306 26.56 43.35 28.75
C ARG C 306 27.15 44.07 27.55
N GLY C 307 26.36 44.98 26.96
CA GLY C 307 26.81 45.74 25.82
C GLY C 307 26.76 44.94 24.52
N CYS C 308 26.42 45.62 23.43
CA CYS C 308 26.43 44.95 22.14
C CYS C 308 27.84 44.75 21.63
N VAL C 309 28.73 45.71 21.87
CA VAL C 309 30.10 45.62 21.39
C VAL C 309 30.85 44.56 22.17
N GLY C 310 31.56 43.69 21.46
CA GLY C 310 32.34 42.64 22.07
C GLY C 310 31.59 41.36 22.38
N ASN C 311 30.31 41.29 22.07
CA ASN C 311 29.50 40.10 22.33
C ASN C 311 28.88 39.63 21.03
N THR C 312 29.23 38.43 20.59
CA THR C 312 28.71 37.85 19.37
C THR C 312 27.91 36.58 19.61
N ASN C 313 27.63 36.23 20.87
CA ASN C 313 26.94 35.01 21.22
C ASN C 313 25.60 35.33 21.86
N ILE C 314 24.61 34.48 21.59
CA ILE C 314 23.28 34.70 22.15
C ILE C 314 23.30 34.42 23.64
N TRP C 315 22.26 34.89 24.31
CA TRP C 315 22.08 34.64 25.74
C TRP C 315 21.51 33.25 25.92
N LYS C 316 22.28 32.39 26.62
CA LYS C 316 21.89 30.98 26.73
C LYS C 316 20.56 30.82 27.45
N THR C 317 20.34 31.61 28.51
CA THR C 317 19.10 31.48 29.27
C THR C 317 17.89 32.02 28.52
N GLY C 318 18.10 32.87 27.51
CA GLY C 318 17.04 33.60 26.85
C GLY C 318 15.94 32.76 26.24
N PRO C 319 16.29 31.71 25.49
CA PRO C 319 15.23 30.82 24.97
C PRO C 319 14.40 30.18 26.07
N LEU C 320 15.02 29.73 27.16
CA LEU C 320 14.24 29.16 28.26
C LEU C 320 13.38 30.23 28.93
N PHE C 321 13.91 31.44 29.06
CA PHE C 321 13.12 32.52 29.65
C PHE C 321 11.89 32.81 28.80
N LYS C 322 12.06 32.86 27.48
CA LYS C 322 10.93 33.05 26.59
C LYS C 322 9.94 31.89 26.72
N ARG C 323 10.45 30.66 26.84
CA ARG C 323 9.57 29.51 26.92
C ARG C 323 8.74 29.52 28.21
N VAL C 324 9.35 29.92 29.33
CA VAL C 324 8.59 29.95 30.58
C VAL C 324 7.68 31.16 30.64
N LEU C 325 8.05 32.25 29.96
CA LEU C 325 7.22 33.44 29.95
C LEU C 325 6.00 33.26 29.06
N MET C 326 6.15 32.52 27.96
CA MET C 326 5.02 32.25 27.09
C MET C 326 3.98 31.37 27.77
N SER C 327 4.43 30.43 28.60
CA SER C 327 3.53 29.49 29.25
C SER C 327 2.99 29.99 30.58
N SER C 328 3.35 31.21 30.99
CA SER C 328 2.88 31.76 32.26
C SER C 328 1.50 32.38 32.09
N LYS C 329 0.66 32.18 33.10
CA LYS C 329 -0.69 32.73 33.13
C LYS C 329 -0.79 33.72 34.29
N TYR C 330 -1.30 34.91 34.01
CA TYR C 330 -1.37 36.00 34.98
C TYR C 330 -2.81 36.48 35.03
N ALA C 331 -3.55 36.06 36.05
CA ALA C 331 -4.98 36.32 36.10
C ALA C 331 -5.33 37.61 36.83
N ASP C 332 -4.42 38.17 37.62
CA ASP C 332 -4.68 39.38 38.37
C ASP C 332 -4.50 40.65 37.53
N GLY C 333 -4.42 40.53 36.22
CA GLY C 333 -4.14 41.68 35.39
C GLY C 333 -5.32 42.62 35.28
N VAL C 334 -5.03 43.88 34.95
CA VAL C 334 -6.08 44.87 34.72
C VAL C 334 -6.92 44.47 33.52
N THR C 335 -6.27 44.04 32.44
CA THR C 335 -6.96 43.66 31.21
C THR C 335 -7.43 42.22 31.22
N GLY C 336 -7.55 41.61 32.39
CA GLY C 336 -8.00 40.24 32.47
C GLY C 336 -6.84 39.25 32.46
N ARG C 337 -7.17 38.01 32.13
CA ARG C 337 -6.16 36.98 32.05
C ARG C 337 -5.17 37.29 30.93
N VAL C 338 -3.89 37.06 31.22
CA VAL C 338 -2.82 37.31 30.25
C VAL C 338 -2.22 35.95 29.90
N GLU C 339 -2.72 35.34 28.84
CA GLU C 339 -2.27 34.04 28.39
C GLU C 339 -1.87 34.15 26.92
N PHE C 340 -0.69 33.66 26.58
CA PHE C 340 -0.19 33.71 25.21
C PHE C 340 -0.42 32.38 24.51
N ASN C 341 -0.60 32.44 23.20
CA ASN C 341 -0.73 31.24 22.39
C ASN C 341 0.64 30.72 22.01
N GLU C 342 0.67 29.65 21.20
CA GLU C 342 1.93 29.06 20.79
C GLU C 342 2.74 29.98 19.89
N ASP C 343 2.13 31.01 19.33
CA ASP C 343 2.80 31.94 18.44
C ASP C 343 3.25 33.22 19.13
N GLY C 344 3.07 33.33 20.44
CA GLY C 344 3.47 34.50 21.18
C GLY C 344 2.46 35.63 21.23
N ASP C 345 1.28 35.46 20.65
CA ASP C 345 0.23 36.47 20.67
C ASP C 345 -0.73 36.20 21.82
N ARG C 346 -1.29 37.28 22.36
CA ARG C 346 -2.18 37.14 23.50
C ARG C 346 -3.48 36.45 23.11
N LYS C 347 -3.95 35.55 23.97
CA LYS C 347 -5.20 34.86 23.76
C LYS C 347 -6.32 35.50 24.57
N PHE C 348 -7.55 35.30 24.10
CA PHE C 348 -8.76 35.61 24.86
C PHE C 348 -8.81 37.10 25.22
N ALA C 349 -8.91 37.91 24.17
CA ALA C 349 -9.07 39.35 24.30
C ALA C 349 -10.51 39.72 23.97
N ASN C 350 -11.14 40.48 24.86
CA ASN C 350 -12.52 40.90 24.65
C ASN C 350 -12.59 41.96 23.56
N TYR C 351 -13.64 41.89 22.74
CA TYR C 351 -13.88 42.86 21.70
C TYR C 351 -15.24 43.51 21.91
N SER C 352 -15.41 44.71 21.38
CA SER C 352 -16.69 45.40 21.44
C SER C 352 -17.17 45.60 20.00
N ILE C 353 -18.30 44.99 19.65
CA ILE C 353 -18.86 45.17 18.32
C ILE C 353 -19.55 46.53 18.25
N MET C 354 -19.20 47.32 17.24
CA MET C 354 -19.73 48.66 17.10
C MET C 354 -20.55 48.76 15.81
N ASN C 355 -21.61 49.55 15.88
CA ASN C 355 -22.50 49.77 14.75
C ASN C 355 -22.62 51.27 14.49
N LEU C 356 -22.56 51.65 13.22
CA LEU C 356 -22.65 53.06 12.85
C LEU C 356 -24.12 53.43 12.74
N GLN C 357 -24.69 53.87 13.85
CA GLN C 357 -26.09 54.29 13.91
C GLN C 357 -26.11 55.82 13.88
N ASN C 358 -26.39 56.38 12.70
CA ASN C 358 -26.50 57.83 12.51
C ASN C 358 -25.19 58.54 12.91
N ARG C 359 -24.13 58.18 12.20
CA ARG C 359 -22.81 58.81 12.33
C ARG C 359 -22.17 58.60 13.69
N LYS C 360 -22.68 57.67 14.50
CA LYS C 360 -22.15 57.42 15.83
C LYS C 360 -22.05 55.92 16.08
N LEU C 361 -20.95 55.50 16.69
CA LEU C 361 -20.74 54.09 17.00
C LEU C 361 -21.48 53.75 18.29
N VAL C 362 -22.27 52.69 18.25
CA VAL C 362 -22.94 52.18 19.44
C VAL C 362 -22.61 50.70 19.59
N GLN C 363 -22.38 50.28 20.83
CA GLN C 363 -22.14 48.86 21.08
C GLN C 363 -23.41 48.06 20.86
N VAL C 364 -23.27 46.94 20.15
CA VAL C 364 -24.40 46.05 19.92
C VAL C 364 -24.02 44.66 20.39
N GLY C 365 -22.90 44.55 21.06
CA GLY C 365 -22.47 43.27 21.60
C GLY C 365 -21.04 43.29 22.04
N ILE C 366 -20.70 42.29 22.85
CA ILE C 366 -19.34 42.06 23.32
C ILE C 366 -18.90 40.69 22.86
N TYR C 367 -17.76 40.62 22.19
CA TYR C 367 -17.16 39.35 21.80
C TYR C 367 -16.28 38.88 22.94
N ASN C 368 -16.74 37.87 23.67
CA ASN C 368 -15.92 37.21 24.67
C ASN C 368 -14.76 36.49 24.00
N GLY C 369 -13.91 35.87 24.79
CA GLY C 369 -12.75 35.17 24.24
C GLY C 369 -13.11 34.09 23.24
N THR C 370 -14.29 33.50 23.37
CA THR C 370 -14.71 32.41 22.51
C THR C 370 -16.05 32.65 21.82
N HIS C 371 -17.00 33.29 22.49
CA HIS C 371 -18.32 33.50 21.94
C HIS C 371 -18.62 34.99 21.87
N VAL C 372 -19.72 35.31 21.17
CA VAL C 372 -20.20 36.67 21.01
C VAL C 372 -21.62 36.74 21.56
N ILE C 373 -21.88 37.72 22.41
CA ILE C 373 -23.18 37.89 23.03
C ILE C 373 -23.70 39.29 22.71
N PRO C 374 -24.89 39.42 22.13
CA PRO C 374 -25.50 40.74 21.93
C PRO C 374 -26.29 41.14 23.16
N ASN C 375 -26.03 42.35 23.66
CA ASN C 375 -26.69 42.81 24.89
C ASN C 375 -28.04 43.44 24.59
N ASP C 376 -28.03 44.57 23.89
CA ASP C 376 -29.22 45.38 23.64
C ASP C 376 -28.92 46.22 22.41
N ARG C 377 -29.71 47.27 22.18
CA ARG C 377 -29.46 48.24 21.13
C ARG C 377 -29.48 47.55 19.76
N LYS C 378 -30.68 47.09 19.40
CA LYS C 378 -30.90 46.32 18.18
C LYS C 378 -30.14 46.91 17.00
N ILE C 379 -29.53 46.03 16.21
CA ILE C 379 -28.63 46.46 15.15
C ILE C 379 -29.43 47.11 14.02
N ILE C 380 -28.94 48.24 13.54
CA ILE C 380 -29.50 48.89 12.36
C ILE C 380 -28.58 48.60 11.18
N TRP C 381 -29.13 47.91 10.18
CA TRP C 381 -28.37 47.44 9.03
C TRP C 381 -28.24 48.54 7.99
N PRO C 382 -27.38 48.37 6.99
CA PRO C 382 -27.06 49.49 6.09
C PRO C 382 -28.25 50.16 5.42
N GLY C 383 -29.28 49.41 5.07
CA GLY C 383 -30.41 50.02 4.40
C GLY C 383 -31.41 50.63 5.35
N GLY C 384 -31.02 50.79 6.62
CA GLY C 384 -31.94 51.21 7.63
C GLY C 384 -32.86 50.13 8.14
N GLU C 385 -32.66 48.90 7.69
CA GLU C 385 -33.54 47.80 8.06
C GLU C 385 -33.39 47.47 9.54
N THR C 386 -34.51 47.20 10.19
CA THR C 386 -34.49 46.69 11.56
C THR C 386 -34.49 45.18 11.60
N GLU C 387 -34.58 44.53 10.45
CA GLU C 387 -34.61 43.07 10.36
C GLU C 387 -33.30 42.58 9.78
N LYS C 388 -32.79 41.48 10.34
CA LYS C 388 -31.54 40.91 9.89
C LYS C 388 -31.63 40.54 8.40
N PRO C 389 -30.75 41.05 7.56
CA PRO C 389 -30.81 40.72 6.14
C PRO C 389 -30.05 39.45 5.83
N ARG C 390 -30.65 38.57 5.04
CA ARG C 390 -29.92 37.40 4.56
C ARG C 390 -28.79 37.83 3.65
N GLY C 391 -27.62 37.25 3.85
CA GLY C 391 -26.46 37.63 3.06
C GLY C 391 -26.36 36.87 1.76
N TYR C 392 -27.45 36.80 1.01
CA TYR C 392 -27.48 36.02 -0.22
C TYR C 392 -28.67 36.48 -1.06
N GLN C 393 -28.52 36.36 -2.37
CA GLN C 393 -29.59 36.65 -3.31
C GLN C 393 -29.45 35.75 -4.52
N MET C 394 -30.42 34.87 -4.74
CA MET C 394 -30.36 33.96 -5.87
C MET C 394 -30.40 34.73 -7.18
N SER C 395 -29.52 34.37 -8.11
CA SER C 395 -29.41 35.05 -9.38
C SER C 395 -30.30 34.34 -10.40
N THR C 396 -31.28 35.07 -10.94
CA THR C 396 -32.16 34.51 -11.95
C THR C 396 -31.60 34.63 -13.36
N ARG C 397 -30.54 35.39 -13.56
CA ARG C 397 -29.91 35.52 -14.86
C ARG C 397 -28.62 34.74 -14.87
N LEU C 398 -28.48 33.83 -15.84
CA LEU C 398 -27.36 32.91 -15.87
C LEU C 398 -26.45 33.21 -17.05
N LYS C 399 -25.15 33.04 -16.82
CA LYS C 399 -24.14 33.16 -17.86
C LYS C 399 -23.82 31.76 -18.35
N ILE C 400 -24.01 31.53 -19.65
CA ILE C 400 -23.92 30.20 -20.23
C ILE C 400 -22.81 30.20 -21.27
N VAL C 401 -21.89 29.25 -21.14
CA VAL C 401 -20.80 29.10 -22.09
C VAL C 401 -21.14 27.93 -23.01
N THR C 402 -20.81 28.08 -24.28
CA THR C 402 -21.15 27.07 -25.27
C THR C 402 -20.00 26.92 -26.26
N ILE C 403 -19.97 25.76 -26.91
CA ILE C 403 -18.95 25.44 -27.89
C ILE C 403 -19.59 25.51 -29.28
N HIS C 404 -18.76 25.45 -30.32
CA HIS C 404 -19.22 25.38 -31.70
C HIS C 404 -19.14 23.91 -32.14
N GLN C 405 -20.28 23.23 -32.09
CA GLN C 405 -20.43 21.88 -32.62
C GLN C 405 -21.59 21.88 -33.61
N GLU C 406 -21.34 21.38 -34.81
CA GLU C 406 -22.29 21.60 -35.90
C GLU C 406 -23.67 21.03 -35.64
N PRO C 407 -23.85 19.75 -35.28
CA PRO C 407 -25.23 19.25 -35.09
C PRO C 407 -25.93 19.86 -33.90
N PHE C 408 -25.21 20.41 -32.93
CA PHE C 408 -25.78 20.88 -31.68
C PHE C 408 -25.81 22.40 -31.56
N VAL C 409 -24.69 23.08 -31.79
CA VAL C 409 -24.62 24.53 -31.68
C VAL C 409 -24.10 25.06 -33.01
N TYR C 410 -25.01 25.48 -33.88
CA TYR C 410 -24.65 26.24 -35.06
C TYR C 410 -24.40 27.68 -34.67
N VAL C 411 -23.28 28.24 -35.13
CA VAL C 411 -22.94 29.64 -34.92
C VAL C 411 -22.81 30.31 -36.28
N LYS C 412 -23.58 31.38 -36.48
CA LYS C 412 -23.58 32.08 -37.75
C LYS C 412 -23.41 33.57 -37.52
N PRO C 413 -22.82 34.29 -38.48
CA PRO C 413 -22.73 35.74 -38.33
C PRO C 413 -24.10 36.40 -38.40
N THR C 414 -24.28 37.45 -37.62
CA THR C 414 -25.48 38.26 -37.71
C THR C 414 -25.39 39.19 -38.91
N MET C 415 -26.54 39.67 -39.37
CA MET C 415 -26.48 40.63 -40.46
C MET C 415 -26.14 42.02 -39.94
N SER C 416 -26.23 42.99 -40.85
CA SER C 416 -25.79 44.36 -40.54
C SER C 416 -26.64 44.98 -39.44
N ASP C 417 -27.95 44.73 -39.45
CA ASP C 417 -28.80 45.33 -38.42
C ASP C 417 -28.53 44.77 -37.03
N GLY C 418 -27.95 43.56 -36.93
CA GLY C 418 -27.59 42.96 -35.67
C GLY C 418 -28.25 41.63 -35.37
N THR C 419 -29.34 41.28 -36.04
CA THR C 419 -30.06 40.04 -35.79
C THR C 419 -30.12 39.25 -37.08
N CYS C 420 -29.64 38.01 -37.05
CA CYS C 420 -29.55 37.23 -38.28
C CYS C 420 -30.92 36.78 -38.74
N LYS C 421 -31.04 36.52 -40.05
CA LYS C 421 -32.34 36.24 -40.65
C LYS C 421 -33.01 35.07 -39.97
N GLU C 422 -34.31 35.21 -39.74
CA GLU C 422 -35.12 34.07 -39.34
C GLU C 422 -35.25 33.11 -40.51
N GLU C 423 -35.22 31.83 -40.19
CA GLU C 423 -35.39 30.79 -41.19
C GLU C 423 -36.40 29.78 -40.67
N PHE C 424 -36.83 28.89 -41.54
CA PHE C 424 -37.82 27.88 -41.21
C PHE C 424 -37.27 26.50 -41.52
N THR C 425 -37.76 25.51 -40.78
CA THR C 425 -37.28 24.15 -40.94
C THR C 425 -37.84 23.54 -42.22
N VAL C 426 -37.52 22.26 -42.44
CA VAL C 426 -38.03 21.54 -43.60
C VAL C 426 -39.55 21.46 -43.55
N ASN C 427 -40.12 21.33 -42.36
CA ASN C 427 -41.56 21.27 -42.18
C ASN C 427 -42.20 22.64 -42.06
N GLY C 428 -41.42 23.72 -42.17
CA GLY C 428 -41.96 25.06 -42.10
C GLY C 428 -42.02 25.67 -40.71
N ASP C 429 -41.57 24.94 -39.69
CA ASP C 429 -41.61 25.48 -38.33
C ASP C 429 -40.53 26.56 -38.17
N PRO C 430 -40.79 27.60 -37.39
CA PRO C 430 -39.78 28.64 -37.19
C PRO C 430 -38.60 28.12 -36.39
N VAL C 431 -37.43 28.70 -36.66
CA VAL C 431 -36.19 28.29 -36.02
C VAL C 431 -35.85 29.27 -34.92
N LYS C 432 -35.58 28.76 -33.72
CA LYS C 432 -35.26 29.61 -32.58
C LYS C 432 -33.77 29.91 -32.55
N LYS C 433 -33.44 31.19 -32.50
CA LYS C 433 -32.05 31.63 -32.46
C LYS C 433 -31.85 32.57 -31.29
N VAL C 434 -30.61 32.62 -30.79
CA VAL C 434 -30.24 33.52 -29.71
C VAL C 434 -28.99 34.26 -30.13
N ILE C 435 -28.72 35.38 -29.45
CA ILE C 435 -27.51 36.16 -29.71
C ILE C 435 -26.44 35.67 -28.76
N CYS C 436 -25.33 35.20 -29.32
CA CYS C 436 -24.22 34.67 -28.55
C CYS C 436 -22.96 35.45 -28.85
N THR C 437 -22.31 35.93 -27.80
CA THR C 437 -21.06 36.66 -27.93
C THR C 437 -19.90 35.69 -28.11
N GLY C 438 -19.04 35.95 -29.09
CA GLY C 438 -17.93 35.08 -29.35
C GLY C 438 -16.70 35.82 -29.80
N PRO C 439 -15.55 35.16 -29.77
CA PRO C 439 -14.28 35.84 -30.07
C PRO C 439 -13.94 35.92 -31.54
N ASN C 440 -14.50 35.06 -32.38
CA ASN C 440 -14.28 35.05 -33.82
C ASN C 440 -12.78 34.91 -34.15
N ASP C 441 -12.26 33.74 -33.76
CA ASP C 441 -10.92 33.30 -34.15
C ASP C 441 -9.85 34.31 -33.74
N THR C 442 -9.67 34.42 -32.42
CA THR C 442 -8.69 35.33 -31.84
C THR C 442 -7.35 35.26 -32.55
N SER C 443 -6.87 36.41 -33.02
CA SER C 443 -5.59 36.51 -33.71
C SER C 443 -5.01 37.90 -33.50
N PRO C 444 -3.71 38.00 -33.23
CA PRO C 444 -3.09 39.33 -33.08
C PRO C 444 -3.23 40.21 -34.31
N GLY C 445 -3.17 39.64 -35.50
CA GLY C 445 -3.37 40.44 -36.71
C GLY C 445 -4.81 40.89 -36.87
N SER C 446 -5.75 40.14 -36.31
CA SER C 446 -7.15 40.51 -36.37
C SER C 446 -7.40 41.77 -35.55
N PRO C 447 -8.44 42.53 -35.89
CA PRO C 447 -8.71 43.77 -35.15
C PRO C 447 -9.11 43.58 -33.69
N ARG C 448 -9.07 42.34 -33.19
CA ARG C 448 -9.39 42.03 -31.79
C ARG C 448 -10.81 42.40 -31.41
N HIS C 449 -11.72 42.42 -32.38
CA HIS C 449 -13.10 42.77 -32.11
C HIS C 449 -13.90 41.52 -31.73
N THR C 450 -14.43 41.51 -30.51
CA THR C 450 -15.34 40.45 -30.10
C THR C 450 -16.70 40.64 -30.77
N VAL C 451 -17.20 39.59 -31.40
CA VAL C 451 -18.35 39.73 -32.29
C VAL C 451 -19.57 39.09 -31.68
N PRO C 452 -20.73 39.73 -31.72
CA PRO C 452 -21.97 39.01 -31.39
C PRO C 452 -22.54 38.29 -32.60
N GLN C 453 -22.50 36.96 -32.58
CA GLN C 453 -23.07 36.14 -33.64
C GLN C 453 -24.40 35.59 -33.15
N CYS C 454 -25.04 34.75 -33.96
CA CYS C 454 -26.28 34.12 -33.55
C CYS C 454 -26.11 32.60 -33.52
N CYS C 455 -26.57 32.01 -32.43
CA CYS C 455 -26.47 30.57 -32.18
C CYS C 455 -27.85 29.94 -32.26
N TYR C 456 -27.88 28.72 -32.77
CA TYR C 456 -29.12 27.96 -32.85
C TYR C 456 -28.78 26.49 -33.06
N GLY C 457 -29.65 25.61 -32.59
CA GLY C 457 -29.45 24.20 -32.81
C GLY C 457 -30.09 23.37 -31.72
N PHE C 458 -29.58 22.15 -31.58
CA PHE C 458 -30.12 21.21 -30.59
C PHE C 458 -29.99 21.76 -29.18
N CYS C 459 -28.77 22.17 -28.81
CA CYS C 459 -28.52 22.60 -27.44
C CYS C 459 -29.21 23.93 -27.14
N ILE C 460 -29.32 24.81 -28.13
CA ILE C 460 -30.01 26.07 -27.90
C ILE C 460 -31.51 25.84 -27.69
N ASP C 461 -32.11 24.93 -28.46
CA ASP C 461 -33.51 24.63 -28.26
C ASP C 461 -33.75 23.98 -26.91
N LEU C 462 -32.85 23.08 -26.50
CA LEU C 462 -32.95 22.51 -25.17
C LEU C 462 -32.81 23.58 -24.09
N LEU C 463 -31.89 24.52 -24.28
CA LEU C 463 -31.70 25.60 -23.33
C LEU C 463 -32.95 26.46 -23.22
N ILE C 464 -33.57 26.78 -24.35
CA ILE C 464 -34.78 27.60 -24.32
C ILE C 464 -35.90 26.88 -23.59
N LYS C 465 -36.08 25.58 -23.88
CA LYS C 465 -37.10 24.81 -23.17
C LYS C 465 -36.82 24.79 -21.67
N LEU C 466 -35.55 24.61 -21.30
CA LEU C 466 -35.18 24.51 -19.90
C LEU C 466 -35.41 25.82 -19.17
N ALA C 467 -35.03 26.94 -19.80
CA ALA C 467 -35.24 28.25 -19.20
C ALA C 467 -36.72 28.58 -19.06
N ARG C 468 -37.53 28.20 -20.05
CA ARG C 468 -38.97 28.40 -19.92
C ARG C 468 -39.53 27.55 -18.79
N THR C 469 -39.05 26.31 -18.65
CA THR C 469 -39.58 25.44 -17.60
C THR C 469 -39.21 25.93 -16.21
N MET C 470 -38.00 26.46 -16.02
CA MET C 470 -37.54 26.88 -14.71
C MET C 470 -37.60 28.39 -14.49
N ASN C 471 -38.03 29.13 -15.50
CA ASN C 471 -38.16 30.59 -15.47
C ASN C 471 -36.90 31.25 -14.90
N PHE C 472 -35.81 31.10 -15.65
CA PHE C 472 -34.61 31.89 -15.44
C PHE C 472 -34.18 32.52 -16.76
N THR C 473 -33.70 33.75 -16.69
CA THR C 473 -33.18 34.43 -17.86
C THR C 473 -31.74 33.99 -18.10
N TYR C 474 -31.25 34.20 -19.32
CA TYR C 474 -29.94 33.70 -19.69
C TYR C 474 -29.28 34.64 -20.68
N GLU C 475 -27.95 34.54 -20.75
CA GLU C 475 -27.17 35.17 -21.80
C GLU C 475 -26.06 34.23 -22.20
N VAL C 476 -25.96 33.95 -23.50
CA VAL C 476 -25.09 32.90 -24.02
C VAL C 476 -23.85 33.54 -24.61
N HIS C 477 -22.68 32.99 -24.30
CA HIS C 477 -21.44 33.41 -24.91
C HIS C 477 -20.60 32.19 -25.23
N LEU C 478 -19.75 32.31 -26.24
CA LEU C 478 -18.90 31.21 -26.66
C LEU C 478 -17.60 31.24 -25.88
N VAL C 479 -17.02 30.05 -25.67
CA VAL C 479 -15.80 29.95 -24.90
C VAL C 479 -14.67 30.63 -25.66
N ALA C 480 -13.75 31.24 -24.90
CA ALA C 480 -12.72 32.09 -25.50
C ALA C 480 -11.80 31.29 -26.43
N ASP C 481 -11.24 30.20 -25.92
CA ASP C 481 -10.25 29.43 -26.66
C ASP C 481 -10.85 28.28 -27.46
N GLY C 482 -12.16 28.05 -27.35
CA GLY C 482 -12.79 27.00 -28.14
C GLY C 482 -12.34 25.59 -27.82
N LYS C 483 -12.15 25.29 -26.54
CA LYS C 483 -11.74 23.96 -26.10
C LYS C 483 -12.75 23.43 -25.09
N PHE C 484 -12.98 22.11 -25.12
CA PHE C 484 -13.90 21.52 -24.17
C PHE C 484 -13.31 21.53 -22.75
N GLY C 485 -12.06 21.12 -22.61
CA GLY C 485 -11.39 21.26 -21.33
C GLY C 485 -10.74 20.02 -20.76
N THR C 486 -9.45 20.11 -20.44
CA THR C 486 -8.72 19.08 -19.72
C THR C 486 -7.90 19.75 -18.63
N GLN C 487 -7.17 18.93 -17.88
CA GLN C 487 -6.28 19.44 -16.84
C GLN C 487 -4.86 19.47 -17.36
N GLU C 488 -4.23 20.64 -17.27
CA GLU C 488 -2.84 20.81 -17.66
C GLU C 488 -2.10 21.53 -16.55
N ARG C 489 -0.86 21.12 -16.31
CA ARG C 489 -0.05 21.75 -15.27
C ARG C 489 0.41 23.12 -15.73
N VAL C 490 0.48 24.07 -14.78
CA VAL C 490 0.97 25.40 -15.10
C VAL C 490 2.47 25.34 -15.36
N ASN C 491 2.89 25.89 -16.50
CA ASN C 491 4.27 25.97 -16.96
C ASN C 491 5.21 24.92 -16.36
N ASN C 492 6.03 25.32 -15.39
CA ASN C 492 7.08 24.46 -14.85
C ASN C 492 6.52 23.45 -13.87
N SER C 493 5.68 22.52 -14.34
CA SER C 493 5.14 21.43 -13.53
C SER C 493 4.51 21.93 -12.25
N ASN C 494 3.83 23.06 -12.35
CA ASN C 494 3.13 23.65 -11.22
C ASN C 494 1.74 23.03 -11.10
N LYS C 495 0.87 23.69 -10.33
CA LYS C 495 -0.47 23.19 -10.07
C LYS C 495 -1.25 23.01 -11.36
N LYS C 496 -2.15 22.04 -11.39
CA LYS C 496 -2.91 21.78 -12.60
C LYS C 496 -4.18 22.64 -12.64
N GLU C 497 -4.52 23.09 -13.83
CA GLU C 497 -5.69 23.93 -14.05
C GLU C 497 -6.48 23.45 -15.26
N TRP C 498 -7.72 23.91 -15.34
CA TRP C 498 -8.64 23.49 -16.39
C TRP C 498 -8.64 24.50 -17.53
N ASN C 499 -8.82 24.00 -18.75
CA ASN C 499 -8.93 24.83 -19.93
C ASN C 499 -10.38 24.93 -20.39
N GLY C 500 -10.62 25.87 -21.29
CA GLY C 500 -11.87 25.90 -22.02
C GLY C 500 -13.09 26.05 -21.14
N MET C 501 -14.15 25.33 -21.52
CA MET C 501 -15.45 25.52 -20.88
C MET C 501 -15.41 25.12 -19.42
N MET C 502 -14.67 24.06 -19.08
CA MET C 502 -14.55 23.65 -17.69
C MET C 502 -13.87 24.74 -16.87
N GLY C 503 -12.82 25.35 -17.42
CA GLY C 503 -12.17 26.44 -16.71
C GLY C 503 -13.08 27.64 -16.55
N GLU C 504 -13.87 27.96 -17.58
CA GLU C 504 -14.81 29.07 -17.47
C GLU C 504 -15.85 28.81 -16.39
N LEU C 505 -16.37 27.59 -16.32
CA LEU C 505 -17.37 27.25 -15.31
C LEU C 505 -16.76 27.29 -13.92
N LEU C 506 -15.58 26.69 -13.75
CA LEU C 506 -14.96 26.61 -12.43
C LEU C 506 -14.54 27.98 -11.93
N SER C 507 -13.97 28.82 -12.81
CA SER C 507 -13.47 30.12 -12.40
C SER C 507 -14.60 31.08 -12.05
N GLY C 508 -15.79 30.88 -12.59
CA GLY C 508 -16.92 31.74 -12.33
C GLY C 508 -17.39 32.58 -13.50
N GLN C 509 -16.76 32.44 -14.67
CA GLN C 509 -17.19 33.22 -15.82
C GLN C 509 -18.51 32.72 -16.40
N ALA C 510 -18.89 31.48 -16.12
CA ALA C 510 -20.16 30.92 -16.59
C ALA C 510 -20.84 30.21 -15.44
N ASP C 511 -22.16 30.25 -15.43
CA ASP C 511 -22.94 29.55 -14.41
C ASP C 511 -23.48 28.21 -14.86
N MET C 512 -23.30 27.86 -16.13
CA MET C 512 -23.86 26.64 -16.70
C MET C 512 -23.16 26.36 -18.02
N ILE C 513 -22.90 25.09 -18.30
CA ILE C 513 -22.32 24.67 -19.57
C ILE C 513 -23.41 23.94 -20.34
N VAL C 514 -23.87 24.54 -21.43
CA VAL C 514 -24.87 23.92 -22.29
C VAL C 514 -24.18 23.63 -23.62
N ALA C 515 -23.65 22.42 -23.74
CA ALA C 515 -22.88 22.00 -24.89
C ALA C 515 -22.79 20.48 -24.89
N PRO C 516 -22.38 19.85 -25.98
CA PRO C 516 -22.15 18.40 -25.93
C PRO C 516 -20.94 18.06 -25.09
N LEU C 517 -21.08 18.16 -23.77
CA LEU C 517 -19.99 17.92 -22.84
C LEU C 517 -20.08 16.48 -22.35
N THR C 518 -19.04 15.70 -22.59
CA THR C 518 -19.06 14.30 -22.21
C THR C 518 -18.86 14.13 -20.71
N ILE C 519 -19.66 13.26 -20.12
CA ILE C 519 -19.55 12.93 -18.69
C ILE C 519 -18.42 11.92 -18.52
N ASN C 520 -17.44 12.26 -17.68
CA ASN C 520 -16.37 11.33 -17.35
C ASN C 520 -15.91 11.61 -15.93
N ASN C 521 -15.05 10.72 -15.43
CA ASN C 521 -14.69 10.74 -14.01
C ASN C 521 -13.90 11.99 -13.66
N GLU C 522 -12.96 12.40 -14.51
CA GLU C 522 -12.08 13.51 -14.18
C GLU C 522 -12.86 14.81 -14.03
N ARG C 523 -13.81 15.07 -14.93
CA ARG C 523 -14.59 16.29 -14.84
C ARG C 523 -15.61 16.23 -13.71
N ALA C 524 -16.11 15.03 -13.41
CA ALA C 524 -17.15 14.90 -12.39
C ALA C 524 -16.62 15.13 -10.99
N GLN C 525 -15.30 15.08 -10.81
CA GLN C 525 -14.73 15.36 -9.50
C GLN C 525 -14.83 16.83 -9.14
N TYR C 526 -14.96 17.71 -10.12
CA TYR C 526 -14.97 19.15 -9.89
C TYR C 526 -16.31 19.80 -10.18
N ILE C 527 -17.03 19.37 -11.21
CA ILE C 527 -18.32 19.94 -11.55
C ILE C 527 -19.40 18.89 -11.34
N GLU C 528 -20.65 19.34 -11.42
CA GLU C 528 -21.81 18.47 -11.27
C GLU C 528 -22.52 18.35 -12.61
N PHE C 529 -22.66 17.12 -13.10
CA PHE C 529 -23.35 16.87 -14.36
C PHE C 529 -24.81 16.57 -14.11
N SER C 530 -25.65 16.95 -15.05
CA SER C 530 -27.05 16.56 -15.00
C SER C 530 -27.20 15.12 -15.47
N LYS C 531 -28.43 14.63 -15.49
CA LYS C 531 -28.69 13.37 -16.14
C LYS C 531 -28.41 13.52 -17.64
N PRO C 532 -27.89 12.49 -18.30
CA PRO C 532 -27.55 12.63 -19.72
C PRO C 532 -28.78 12.98 -20.54
N PHE C 533 -28.65 14.01 -21.37
CA PHE C 533 -29.71 14.32 -22.31
C PHE C 533 -29.49 13.66 -23.67
N LYS C 534 -28.37 12.97 -23.87
CA LYS C 534 -28.14 12.22 -25.10
C LYS C 534 -27.09 11.17 -24.82
N TYR C 535 -27.43 9.90 -25.04
CA TYR C 535 -26.50 8.80 -24.89
C TYR C 535 -25.83 8.52 -26.22
N GLN C 536 -24.52 8.33 -26.19
CA GLN C 536 -23.74 8.14 -27.41
C GLN C 536 -22.42 7.46 -27.03
N GLY C 537 -21.50 7.38 -27.98
CA GLY C 537 -20.21 6.79 -27.73
C GLY C 537 -19.10 7.42 -28.56
N LEU C 538 -17.94 6.80 -28.58
CA LEU C 538 -16.84 7.24 -29.43
C LEU C 538 -16.74 6.34 -30.64
N THR C 539 -16.37 6.91 -31.78
CA THR C 539 -16.28 6.14 -33.00
C THR C 539 -15.28 6.81 -33.94
N ILE C 540 -14.96 6.09 -35.01
CA ILE C 540 -13.91 6.47 -35.95
C ILE C 540 -14.57 6.83 -37.28
N LEU C 541 -14.15 7.95 -37.85
CA LEU C 541 -14.63 8.42 -39.15
C LEU C 541 -13.48 8.36 -40.14
N VAL C 542 -13.72 7.72 -41.29
CA VAL C 542 -12.72 7.56 -42.33
C VAL C 542 -13.35 7.85 -43.68
N LYS C 543 -12.52 8.25 -44.63
CA LYS C 543 -13.01 8.57 -45.97
C LYS C 543 -13.46 7.29 -46.69
N LYS C 544 -14.60 7.38 -47.36
CA LYS C 544 -15.15 6.24 -48.06
C LYS C 544 -14.41 6.02 -49.38
N GLU C 545 -14.23 4.75 -49.74
CA GLU C 545 -13.57 4.38 -50.98
C GLU C 545 -14.62 3.83 -51.95
N ILE C 546 -14.75 4.47 -53.10
CA ILE C 546 -15.70 4.03 -54.12
C ILE C 546 -15.06 2.93 -54.96
N PRO C 547 -15.63 1.73 -55.01
CA PRO C 547 -15.08 0.68 -55.87
C PRO C 547 -15.17 1.07 -57.34
N ARG C 548 -14.14 0.72 -58.10
CA ARG C 548 -14.16 0.94 -59.54
C ARG C 548 -14.81 -0.24 -60.24
N SER C 549 -15.83 0.05 -61.06
CA SER C 549 -16.59 -0.96 -61.79
C SER C 549 -17.20 -1.99 -60.84
N ARG C 663 -11.20 -0.49 -44.71
CA ARG C 663 -11.86 -0.18 -43.44
C ARG C 663 -10.90 -0.32 -42.27
N ILE C 664 -11.28 0.28 -41.15
CA ILE C 664 -10.61 0.11 -39.86
C ILE C 664 -11.66 -0.33 -38.86
N THR C 665 -11.46 -1.49 -38.26
CA THR C 665 -12.47 -2.14 -37.43
C THR C 665 -12.22 -1.81 -35.97
N GLY C 666 -12.73 -0.67 -35.52
CA GLY C 666 -12.64 -0.31 -34.11
C GLY C 666 -11.25 0.06 -33.65
N ILE C 667 -11.07 0.22 -32.35
CA ILE C 667 -9.74 0.52 -31.81
C ILE C 667 -8.84 -0.71 -31.74
N ASN C 668 -9.38 -1.89 -31.95
CA ASN C 668 -8.59 -3.11 -31.90
C ASN C 668 -7.92 -3.44 -33.23
N ASP C 669 -8.07 -2.59 -34.23
CA ASP C 669 -7.40 -2.82 -35.50
C ASP C 669 -5.89 -2.73 -35.33
N PRO C 670 -5.14 -3.66 -35.93
CA PRO C 670 -3.68 -3.63 -35.78
C PRO C 670 -3.03 -2.36 -36.33
N ARG C 671 -3.65 -1.71 -37.31
CA ARG C 671 -3.06 -0.48 -37.85
C ARG C 671 -3.00 0.61 -36.78
N LEU C 672 -4.06 0.77 -35.99
CA LEU C 672 -4.03 1.76 -34.92
C LEU C 672 -3.05 1.36 -33.82
N ARG C 673 -3.01 0.07 -33.48
CA ARG C 673 -2.09 -0.40 -32.44
C ARG C 673 -0.64 -0.39 -32.90
N ASN C 674 -0.38 -0.31 -34.20
CA ASN C 674 0.97 -0.27 -34.75
C ASN C 674 1.10 1.00 -35.59
N PRO C 675 1.32 2.14 -34.94
CA PRO C 675 1.38 3.41 -35.69
C PRO C 675 2.52 3.40 -36.69
N SER C 676 2.28 4.05 -37.83
CA SER C 676 3.31 4.27 -38.84
C SER C 676 3.16 5.67 -39.39
N ASP C 677 4.20 6.15 -40.07
CA ASP C 677 4.17 7.49 -40.62
C ASP C 677 3.09 7.63 -41.68
N LYS C 678 2.84 6.56 -42.44
CA LYS C 678 1.86 6.62 -43.53
C LYS C 678 0.45 6.79 -43.00
N PHE C 679 0.08 6.04 -41.97
CA PHE C 679 -1.25 6.15 -41.38
C PHE C 679 -1.28 7.25 -40.32
N ILE C 680 -2.26 8.15 -40.44
CA ILE C 680 -2.34 9.32 -39.58
C ILE C 680 -3.75 9.37 -38.99
N TYR C 681 -3.86 9.23 -37.68
CA TYR C 681 -5.14 9.33 -36.99
C TYR C 681 -4.97 10.20 -35.75
N ALA C 682 -5.98 11.02 -35.45
CA ALA C 682 -5.87 11.98 -34.37
C ALA C 682 -7.26 12.36 -33.88
N THR C 683 -7.30 13.28 -32.92
CA THR C 683 -8.55 13.79 -32.36
C THR C 683 -8.41 15.26 -32.05
N VAL C 684 -9.34 15.82 -31.28
CA VAL C 684 -9.33 17.24 -30.96
C VAL C 684 -8.57 17.46 -29.67
N LYS C 685 -7.78 18.53 -29.63
CA LYS C 685 -7.04 18.87 -28.42
C LYS C 685 -7.96 19.28 -27.30
N GLN C 686 -7.55 18.99 -26.07
CA GLN C 686 -8.28 19.37 -24.85
C GLN C 686 -9.74 18.93 -24.92
N SER C 687 -9.94 17.63 -25.10
CA SER C 687 -11.28 17.07 -25.19
C SER C 687 -11.34 15.81 -24.34
N SER C 688 -12.50 15.16 -24.35
CA SER C 688 -12.68 13.96 -23.56
C SER C 688 -11.90 12.79 -24.13
N VAL C 689 -11.71 12.76 -25.46
CA VAL C 689 -10.95 11.68 -26.06
C VAL C 689 -9.48 11.74 -25.63
N ASP C 690 -8.95 12.94 -25.45
CA ASP C 690 -7.60 13.08 -24.92
C ASP C 690 -7.49 12.46 -23.53
N ILE C 691 -8.45 12.76 -22.67
CA ILE C 691 -8.46 12.18 -21.33
C ILE C 691 -8.56 10.66 -21.41
N TYR C 692 -9.44 10.17 -22.28
CA TYR C 692 -9.65 8.74 -22.36
C TYR C 692 -8.39 8.01 -22.79
N PHE C 693 -7.70 8.53 -23.81
CA PHE C 693 -6.49 7.86 -24.27
C PHE C 693 -5.32 8.09 -23.32
N ARG C 694 -5.32 9.19 -22.58
CA ARG C 694 -4.23 9.46 -21.65
C ARG C 694 -4.32 8.58 -20.42
N ARG C 695 -5.54 8.35 -19.90
CA ARG C 695 -5.67 7.56 -18.68
C ARG C 695 -5.39 6.08 -18.94
N GLN C 696 -5.65 5.59 -20.15
CA GLN C 696 -5.35 4.20 -20.46
C GLN C 696 -3.86 4.00 -20.67
N VAL C 697 -3.34 2.88 -20.18
CA VAL C 697 -1.93 2.55 -20.31
C VAL C 697 -1.66 1.72 -21.56
N GLU C 698 -2.56 0.80 -21.90
CA GLU C 698 -2.40 -0.03 -23.08
C GLU C 698 -2.57 0.74 -24.37
N LEU C 699 -3.01 2.00 -24.32
CA LEU C 699 -3.15 2.83 -25.49
C LEU C 699 -2.08 3.91 -25.55
N SER C 700 -0.87 3.62 -25.04
CA SER C 700 0.17 4.63 -24.96
C SER C 700 0.69 5.01 -26.34
N THR C 701 1.01 4.01 -27.17
CA THR C 701 1.54 4.31 -28.49
C THR C 701 0.53 5.09 -29.33
N MET C 702 -0.74 4.68 -29.28
CA MET C 702 -1.78 5.42 -29.97
C MET C 702 -1.90 6.82 -29.41
N TYR C 703 -1.74 6.99 -28.11
CA TYR C 703 -1.79 8.32 -27.52
C TYR C 703 -0.69 9.21 -28.06
N ARG C 704 0.54 8.68 -28.14
CA ARG C 704 1.64 9.49 -28.66
C ARG C 704 1.41 9.85 -30.13
N HIS C 705 1.01 8.88 -30.93
CA HIS C 705 0.78 9.15 -32.35
C HIS C 705 -0.33 10.17 -32.53
N MET C 706 -1.41 10.07 -31.77
CA MET C 706 -2.49 11.04 -31.86
C MET C 706 -2.04 12.42 -31.40
N GLU C 707 -1.29 12.49 -30.31
CA GLU C 707 -0.85 13.78 -29.80
C GLU C 707 0.05 14.48 -30.80
N LYS C 708 0.82 13.72 -31.59
CA LYS C 708 1.69 14.36 -32.58
C LYS C 708 0.89 15.09 -33.67
N HIS C 709 -0.36 14.69 -33.91
CA HIS C 709 -1.12 15.23 -35.04
C HIS C 709 -2.51 15.72 -34.64
N ASN C 710 -2.71 16.08 -33.39
CA ASN C 710 -4.04 16.51 -32.92
C ASN C 710 -4.46 17.80 -33.60
N TYR C 711 -5.77 17.94 -33.81
CA TYR C 711 -6.33 19.09 -34.48
C TYR C 711 -6.98 20.03 -33.46
N GLU C 712 -7.22 21.26 -33.91
CA GLU C 712 -7.73 22.30 -33.01
C GLU C 712 -9.24 22.21 -32.80
N SER C 713 -9.99 21.79 -33.81
CA SER C 713 -11.44 21.74 -33.71
C SER C 713 -11.95 20.57 -34.52
N ALA C 714 -13.21 20.19 -34.25
CA ALA C 714 -13.81 19.07 -34.96
C ALA C 714 -13.99 19.38 -36.44
N ALA C 715 -14.39 20.60 -36.77
CA ALA C 715 -14.63 20.94 -38.18
C ALA C 715 -13.34 20.84 -38.99
N GLU C 716 -12.23 21.30 -38.43
CA GLU C 716 -10.96 21.20 -39.13
C GLU C 716 -10.57 19.75 -39.37
N ALA C 717 -10.79 18.88 -38.38
CA ALA C 717 -10.47 17.47 -38.56
C ALA C 717 -11.37 16.83 -39.60
N ILE C 718 -12.65 17.19 -39.63
CA ILE C 718 -13.54 16.67 -40.66
C ILE C 718 -13.06 17.09 -42.04
N GLN C 719 -12.69 18.36 -42.18
CA GLN C 719 -12.18 18.84 -43.47
C GLN C 719 -10.90 18.11 -43.86
N ALA C 720 -10.01 17.88 -42.90
CA ALA C 720 -8.78 17.16 -43.19
C ALA C 720 -9.09 15.73 -43.64
N VAL C 721 -10.08 15.09 -43.03
CA VAL C 721 -10.46 13.75 -43.47
C VAL C 721 -11.00 13.79 -44.90
N ARG C 722 -11.80 14.80 -45.23
CA ARG C 722 -12.28 14.91 -46.61
C ARG C 722 -11.14 15.18 -47.58
N ASP C 723 -10.10 15.89 -47.15
CA ASP C 723 -9.01 16.31 -48.02
C ASP C 723 -7.84 15.33 -47.99
N ASN C 724 -8.01 14.15 -47.40
CA ASN C 724 -7.01 13.09 -47.35
C ASN C 724 -5.77 13.46 -46.56
N LYS C 725 -5.79 14.59 -45.84
CA LYS C 725 -4.66 14.92 -44.99
C LYS C 725 -4.62 14.06 -43.73
N LEU C 726 -5.78 13.56 -43.30
CA LEU C 726 -5.89 12.73 -42.11
C LEU C 726 -6.69 11.49 -42.46
N HIS C 727 -6.24 10.34 -41.98
CA HIS C 727 -6.85 9.07 -42.39
C HIS C 727 -8.05 8.72 -41.53
N ALA C 728 -7.91 8.82 -40.22
CA ALA C 728 -9.01 8.48 -39.30
C ALA C 728 -9.17 9.59 -38.28
N PHE C 729 -10.42 9.90 -37.93
CA PHE C 729 -10.74 10.89 -36.92
C PHE C 729 -11.60 10.22 -35.84
N ILE C 730 -11.13 10.29 -34.59
CA ILE C 730 -11.80 9.62 -33.48
C ILE C 730 -12.57 10.68 -32.69
N TRP C 731 -13.89 10.53 -32.62
CA TRP C 731 -14.71 11.58 -32.02
C TRP C 731 -16.06 11.01 -31.62
N ASP C 732 -16.96 11.89 -31.18
CA ASP C 732 -18.23 11.47 -30.61
C ASP C 732 -19.11 10.81 -31.65
N SER C 733 -19.96 9.89 -31.19
CA SER C 733 -20.80 9.12 -32.11
C SER C 733 -21.85 10.00 -32.78
N ALA C 734 -22.47 10.90 -32.02
CA ALA C 734 -23.57 11.70 -32.57
C ALA C 734 -23.06 12.65 -33.65
N VAL C 735 -21.95 13.36 -33.36
CA VAL C 735 -21.39 14.31 -34.31
C VAL C 735 -20.96 13.60 -35.59
N LEU C 736 -20.27 12.47 -35.45
CA LEU C 736 -19.77 11.76 -36.62
C LEU C 736 -20.89 11.09 -37.40
N GLU C 737 -21.94 10.62 -36.72
CA GLU C 737 -23.09 10.10 -37.44
C GLU C 737 -23.76 11.19 -38.26
N PHE C 738 -23.91 12.38 -37.67
CA PHE C 738 -24.49 13.51 -38.41
C PHE C 738 -23.60 13.89 -39.59
N GLU C 739 -22.27 13.92 -39.38
CA GLU C 739 -21.37 14.28 -40.48
C GLU C 739 -21.42 13.25 -41.60
N ALA C 740 -21.48 11.96 -41.25
CA ALA C 740 -21.55 10.92 -42.27
C ALA C 740 -22.85 11.01 -43.05
N SER C 741 -23.96 11.32 -42.37
CA SER C 741 -25.21 11.50 -43.10
C SER C 741 -25.16 12.72 -44.01
N GLN C 742 -24.53 13.80 -43.54
CA GLN C 742 -24.51 15.04 -44.31
C GLN C 742 -23.61 14.94 -45.53
N LYS C 743 -22.40 14.41 -45.35
CA LYS C 743 -21.40 14.48 -46.41
C LYS C 743 -21.54 13.34 -47.42
N CYS C 744 -21.77 12.13 -46.93
CA CYS C 744 -22.01 10.91 -47.72
C CYS C 744 -20.75 10.43 -48.44
N ASP C 745 -19.64 11.15 -48.37
CA ASP C 745 -18.36 10.67 -48.85
C ASP C 745 -17.45 10.22 -47.72
N LEU C 746 -17.95 10.24 -46.48
CA LEU C 746 -17.25 9.73 -45.32
C LEU C 746 -18.11 8.66 -44.65
N VAL C 747 -17.48 7.82 -43.86
CA VAL C 747 -18.18 6.70 -43.24
C VAL C 747 -17.59 6.44 -41.86
N THR C 748 -18.46 6.06 -40.92
CA THR C 748 -18.04 5.67 -39.59
C THR C 748 -17.81 4.16 -39.54
N THR C 749 -16.71 3.76 -38.92
CA THR C 749 -16.32 2.37 -38.86
C THR C 749 -16.05 1.97 -37.41
N GLY C 750 -16.42 0.75 -37.07
CA GLY C 750 -16.21 0.22 -35.74
C GLY C 750 -17.38 0.51 -34.80
N GLU C 751 -17.42 -0.26 -33.72
CA GLU C 751 -18.46 -0.10 -32.72
C GLU C 751 -18.06 0.94 -31.68
N LEU C 752 -19.05 1.40 -30.93
CA LEU C 752 -18.82 2.43 -29.91
C LEU C 752 -18.00 1.82 -28.78
N PHE C 753 -16.73 2.22 -28.66
CA PHE C 753 -15.86 1.62 -27.67
C PHE C 753 -15.84 2.37 -26.34
N PHE C 754 -16.47 3.52 -26.24
CA PHE C 754 -16.55 4.25 -24.97
C PHE C 754 -17.90 4.94 -24.90
N ARG C 755 -18.87 4.26 -24.31
CA ARG C 755 -20.25 4.74 -24.31
C ARG C 755 -20.47 5.62 -23.10
N SER C 756 -20.92 6.84 -23.35
CA SER C 756 -21.19 7.80 -22.29
C SER C 756 -22.37 8.66 -22.75
N GLY C 757 -22.52 9.82 -22.14
CA GLY C 757 -23.59 10.72 -22.49
C GLY C 757 -23.16 12.16 -22.37
N PHE C 758 -23.96 13.03 -22.96
CA PHE C 758 -23.77 14.46 -22.82
C PHE C 758 -24.61 14.96 -21.65
N GLY C 759 -24.01 15.83 -20.84
CA GLY C 759 -24.73 16.37 -19.69
C GLY C 759 -24.52 17.86 -19.61
N ILE C 760 -25.42 18.51 -18.90
CA ILE C 760 -25.29 19.93 -18.61
C ILE C 760 -24.45 20.08 -17.35
N GLY C 761 -23.34 20.80 -17.46
CA GLY C 761 -22.42 20.96 -16.36
C GLY C 761 -22.74 22.19 -15.54
N MET C 762 -22.80 22.01 -14.23
CA MET C 762 -22.97 23.10 -13.29
C MET C 762 -21.93 22.97 -12.18
N ARG C 763 -21.83 24.03 -11.37
CA ARG C 763 -20.94 23.96 -10.23
C ARG C 763 -21.60 23.14 -9.11
N LYS C 764 -20.77 22.66 -8.19
CA LYS C 764 -21.27 21.78 -7.14
C LYS C 764 -22.27 22.49 -6.24
N ASP C 765 -22.11 23.79 -6.05
CA ASP C 765 -22.97 24.56 -5.16
C ASP C 765 -24.17 25.16 -5.89
N SER C 766 -24.38 24.80 -7.14
CA SER C 766 -25.45 25.42 -7.92
C SER C 766 -26.81 25.02 -7.34
N PRO C 767 -27.75 25.96 -7.24
CA PRO C 767 -29.10 25.63 -6.78
C PRO C 767 -30.05 25.14 -7.87
N TRP C 768 -29.56 24.87 -9.08
CA TRP C 768 -30.41 24.40 -10.16
C TRP C 768 -30.14 22.97 -10.57
N LYS C 769 -29.18 22.28 -9.96
CA LYS C 769 -28.79 20.96 -10.44
C LYS C 769 -29.96 19.99 -10.42
N GLN C 770 -30.68 19.92 -9.29
CA GLN C 770 -31.76 18.96 -9.18
C GLN C 770 -32.89 19.27 -10.16
N ASN C 771 -33.24 20.55 -10.28
CA ASN C 771 -34.34 20.90 -11.19
C ASN C 771 -33.93 20.74 -12.64
N VAL C 772 -32.66 20.97 -12.97
CA VAL C 772 -32.20 20.72 -14.34
C VAL C 772 -32.29 19.24 -14.67
N SER C 773 -31.84 18.38 -13.75
CA SER C 773 -31.93 16.94 -14.01
C SER C 773 -33.38 16.49 -14.12
N LEU C 774 -34.26 17.02 -13.26
CA LEU C 774 -35.67 16.66 -13.34
C LEU C 774 -36.28 17.09 -14.68
N SER C 775 -35.94 18.29 -15.14
CA SER C 775 -36.46 18.76 -16.41
C SER C 775 -35.94 17.93 -17.57
N ILE C 776 -34.67 17.51 -17.51
CA ILE C 776 -34.13 16.68 -18.58
C ILE C 776 -34.83 15.31 -18.61
N LEU C 777 -35.06 14.72 -17.43
CA LEU C 777 -35.78 13.45 -17.40
C LEU C 777 -37.20 13.61 -17.92
N LYS C 778 -37.87 14.69 -17.55
CA LYS C 778 -39.22 14.94 -18.05
C LYS C 778 -39.21 15.10 -19.56
N SER C 779 -38.21 15.79 -20.10
CA SER C 779 -38.12 15.95 -21.55
C SER C 779 -37.88 14.63 -22.24
N HIS C 780 -37.08 13.75 -21.64
CA HIS C 780 -36.89 12.43 -22.21
C HIS C 780 -38.20 11.65 -22.24
N GLU C 781 -38.96 11.71 -21.15
CA GLU C 781 -40.20 10.93 -21.07
C GLU C 781 -41.27 11.48 -22.00
N ASN C 782 -41.37 12.80 -22.13
CA ASN C 782 -42.41 13.43 -22.95
C ASN C 782 -42.18 13.26 -24.44
N GLY C 783 -41.01 12.82 -24.87
CA GLY C 783 -40.70 12.78 -26.28
C GLY C 783 -40.17 14.07 -26.84
N PHE C 784 -39.91 15.07 -25.99
CA PHE C 784 -39.33 16.32 -26.49
C PHE C 784 -37.93 16.09 -27.05
N MET C 785 -37.14 15.24 -26.39
CA MET C 785 -35.83 14.90 -26.93
C MET C 785 -35.94 14.18 -28.26
N GLU C 786 -36.99 13.36 -28.44
CA GLU C 786 -37.19 12.73 -29.74
C GLU C 786 -37.49 13.76 -30.81
N ASP C 787 -38.30 14.77 -30.49
CA ASP C 787 -38.55 15.85 -31.45
C ASP C 787 -37.28 16.61 -31.78
N LEU C 788 -36.45 16.88 -30.77
CA LEU C 788 -35.18 17.54 -31.01
C LEU C 788 -34.29 16.71 -31.92
N ASP C 789 -34.28 15.39 -31.71
CA ASP C 789 -33.49 14.52 -32.58
C ASP C 789 -34.03 14.52 -34.01
N LYS C 790 -35.36 14.52 -34.16
CA LYS C 790 -35.95 14.55 -35.49
C LYS C 790 -35.63 15.85 -36.22
N THR C 791 -35.63 16.97 -35.51
CA THR C 791 -35.45 18.25 -36.17
C THR C 791 -34.02 18.44 -36.66
N TRP C 792 -33.04 18.13 -35.81
CA TRP C 792 -31.64 18.42 -36.12
C TRP C 792 -30.82 17.20 -36.53
N VAL C 793 -30.83 16.15 -35.70
CA VAL C 793 -29.93 15.03 -35.94
C VAL C 793 -30.37 14.22 -37.16
N ARG C 794 -31.66 13.97 -37.31
CA ARG C 794 -32.17 13.11 -38.36
C ARG C 794 -32.76 13.94 -39.51
N TYR C 795 -33.35 13.23 -40.47
CA TYR C 795 -33.96 13.83 -41.66
C TYR C 795 -32.98 14.69 -42.44
N GLN C 796 -31.73 14.25 -42.52
CA GLN C 796 -30.71 14.98 -43.26
C GLN C 796 -30.36 14.23 -44.54
N ALA D 29 33.69 53.11 -12.72
CA ALA D 29 33.39 54.28 -11.90
C ALA D 29 32.46 53.89 -10.76
N VAL D 30 31.77 52.77 -10.90
CA VAL D 30 30.87 52.30 -9.86
C VAL D 30 31.68 51.75 -8.68
N THR D 31 31.25 52.08 -7.48
CA THR D 31 31.94 51.69 -6.26
C THR D 31 31.16 50.58 -5.56
N VAL D 32 31.86 49.52 -5.17
CA VAL D 32 31.27 48.38 -4.49
C VAL D 32 32.01 48.18 -3.18
N ALA D 33 31.25 48.05 -2.10
CA ALA D 33 31.81 47.83 -0.78
C ALA D 33 31.72 46.35 -0.44
N VAL D 34 32.84 45.77 0.00
CA VAL D 34 32.90 44.37 0.40
C VAL D 34 33.11 44.32 1.90
N VAL D 35 32.18 43.69 2.60
CA VAL D 35 32.19 43.60 4.05
C VAL D 35 32.47 42.16 4.42
N PHE D 36 33.50 41.95 5.23
CA PHE D 36 33.88 40.61 5.68
C PHE D 36 33.47 40.44 7.13
N GLY D 37 32.64 39.43 7.40
CA GLY D 37 32.18 39.18 8.75
C GLY D 37 32.86 37.99 9.40
N SER D 38 33.65 37.28 8.63
CA SER D 38 34.34 36.10 9.16
C SER D 38 35.33 36.50 10.24
N SER D 39 35.31 35.76 11.36
CA SER D 39 36.11 36.08 12.53
C SER D 39 37.43 35.31 12.56
N GLY D 40 37.86 34.72 11.44
CA GLY D 40 39.11 34.02 11.39
C GLY D 40 40.23 34.89 10.86
N PRO D 41 40.75 34.55 9.67
CA PRO D 41 41.79 35.38 9.06
C PRO D 41 41.20 36.60 8.36
N LEU D 42 40.60 37.50 9.14
CA LEU D 42 39.97 38.70 8.59
C LEU D 42 40.99 39.61 7.91
N GLN D 43 42.15 39.78 8.54
CA GLN D 43 43.19 40.63 7.96
C GLN D 43 43.70 40.06 6.65
N THR D 44 43.84 38.73 6.57
CA THR D 44 44.25 38.09 5.33
C THR D 44 43.24 38.37 4.22
N GLN D 45 41.95 38.24 4.52
CA GLN D 45 40.90 38.51 3.55
C GLN D 45 40.94 39.95 3.08
N ALA D 46 41.12 40.88 4.01
CA ALA D 46 41.20 42.29 3.66
C ALA D 46 42.40 42.57 2.77
N ARG D 47 43.53 41.91 3.06
CA ARG D 47 44.75 42.16 2.31
C ARG D 47 44.71 41.51 0.93
N THR D 48 43.94 40.45 0.76
CA THR D 48 43.83 39.78 -0.54
C THR D 48 43.21 40.68 -1.60
N ARG D 49 42.42 41.66 -1.17
CA ARG D 49 41.59 42.44 -2.09
C ARG D 49 41.74 43.94 -1.82
N LEU D 50 40.78 44.72 -2.34
CA LEU D 50 40.71 46.18 -2.26
C LEU D 50 41.57 46.79 -3.37
N THR D 51 42.15 45.94 -4.21
CA THR D 51 42.87 46.40 -5.39
C THR D 51 41.88 46.66 -6.51
N SER D 52 41.86 47.89 -7.02
CA SER D 52 40.93 48.24 -8.08
C SER D 52 41.34 47.63 -9.41
N GLN D 53 42.61 47.24 -9.54
CA GLN D 53 43.09 46.67 -10.80
C GLN D 53 42.46 45.30 -11.06
N ASN D 54 41.93 44.67 -10.02
CA ASN D 54 41.17 43.44 -10.19
C ASN D 54 39.84 43.73 -10.88
N PHE D 55 39.14 42.67 -11.26
CA PHE D 55 37.86 42.77 -11.96
C PHE D 55 37.96 43.57 -13.25
N LEU D 56 38.78 43.10 -14.19
CA LEU D 56 38.83 43.66 -15.54
C LEU D 56 37.84 43.05 -16.51
N ASP D 57 37.33 41.84 -16.24
CA ASP D 57 36.36 41.23 -17.14
C ASP D 57 35.08 42.04 -17.19
N LEU D 58 34.67 42.59 -16.05
CA LEU D 58 33.46 43.39 -15.98
C LEU D 58 33.62 44.65 -16.83
N PRO D 59 32.56 45.09 -17.49
CA PRO D 59 32.68 46.26 -18.37
C PRO D 59 32.59 47.58 -17.63
N LEU D 60 33.28 47.69 -16.49
CA LEU D 60 33.29 48.90 -15.69
C LEU D 60 34.58 48.97 -14.91
N GLU D 61 34.90 50.17 -14.44
CA GLU D 61 36.03 50.40 -13.55
C GLU D 61 35.56 50.23 -12.11
N ILE D 62 35.54 48.96 -11.67
CA ILE D 62 35.10 48.65 -10.32
C ILE D 62 36.01 49.34 -9.32
N GLN D 63 35.41 49.98 -8.33
CA GLN D 63 36.15 50.57 -7.21
C GLN D 63 35.79 49.78 -5.96
N PRO D 64 36.60 48.80 -5.57
CA PRO D 64 36.30 48.04 -4.36
C PRO D 64 36.70 48.81 -3.11
N LEU D 65 35.92 48.63 -2.06
CA LEU D 65 36.20 49.27 -0.78
C LEU D 65 35.94 48.25 0.33
N THR D 66 36.98 47.86 1.04
CA THR D 66 36.86 46.83 2.06
C THR D 66 36.50 47.43 3.40
N VAL D 67 35.82 46.63 4.24
CA VAL D 67 35.42 47.08 5.57
C VAL D 67 35.92 46.11 6.63
N GLY D 68 35.48 44.86 6.59
CA GLY D 68 35.95 43.87 7.52
C GLY D 68 35.50 44.08 8.95
N VAL D 69 34.19 43.91 9.22
CA VAL D 69 33.70 44.03 10.59
C VAL D 69 34.41 43.03 11.47
N ASN D 70 34.45 43.34 12.77
CA ASN D 70 35.30 42.59 13.70
C ASN D 70 34.52 41.47 14.39
N ASN D 71 33.45 41.83 15.10
CA ASN D 71 32.68 40.87 15.89
C ASN D 71 31.26 40.63 15.38
N THR D 72 30.88 41.26 14.26
CA THR D 72 29.59 41.09 13.60
C THR D 72 28.39 41.07 14.54
N ASN D 73 28.46 41.81 15.64
CA ASN D 73 27.30 42.05 16.48
C ASN D 73 26.48 43.21 15.92
N PRO D 74 25.23 43.38 16.37
CA PRO D 74 24.40 44.45 15.79
C PRO D 74 25.03 45.84 15.82
N SER D 75 25.66 46.21 16.93
CA SER D 75 26.23 47.55 17.03
C SER D 75 27.36 47.74 16.02
N SER D 76 28.27 46.76 15.93
CA SER D 76 29.38 46.88 15.00
C SER D 76 28.88 46.92 13.56
N ILE D 77 27.94 46.04 13.20
CA ILE D 77 27.42 46.03 11.84
C ILE D 77 26.81 47.37 11.49
N LEU D 78 25.92 47.87 12.35
CA LEU D 78 25.24 49.12 12.08
C LEU D 78 26.24 50.28 11.98
N THR D 79 27.16 50.36 12.94
CA THR D 79 28.10 51.49 12.97
C THR D 79 29.02 51.46 11.75
N GLN D 80 29.59 50.30 11.44
CA GLN D 80 30.50 50.22 10.31
C GLN D 80 29.80 50.49 9.00
N ILE D 81 28.61 49.92 8.79
CA ILE D 81 27.92 50.14 7.54
C ILE D 81 27.48 51.60 7.42
N CYS D 82 27.09 52.23 8.53
CA CYS D 82 26.71 53.64 8.46
C CYS D 82 27.91 54.53 8.19
N GLY D 83 29.05 54.26 8.82
CA GLY D 83 30.24 55.04 8.55
C GLY D 83 30.73 54.85 7.13
N LEU D 84 30.61 53.62 6.61
CA LEU D 84 31.00 53.35 5.24
C LEU D 84 30.09 54.08 4.26
N LEU D 85 28.77 54.00 4.49
CA LEU D 85 27.81 54.45 3.50
C LEU D 85 27.76 55.97 3.42
N GLY D 86 27.91 56.64 4.56
CA GLY D 86 27.77 58.08 4.61
C GLY D 86 29.05 58.82 4.28
N ALA D 87 30.06 58.08 3.85
CA ALA D 87 31.35 58.68 3.52
C ALA D 87 31.70 58.57 2.05
N ALA D 88 31.62 57.37 1.48
CA ALA D 88 32.18 57.10 0.16
C ALA D 88 31.14 56.97 -0.95
N ARG D 89 29.90 57.40 -0.71
CA ARG D 89 28.81 57.34 -1.69
C ARG D 89 28.83 56.03 -2.48
N VAL D 90 28.71 54.93 -1.74
CA VAL D 90 28.81 53.58 -2.29
C VAL D 90 27.53 53.25 -3.07
N HIS D 91 27.68 52.42 -4.10
CA HIS D 91 26.53 51.96 -4.88
C HIS D 91 25.92 50.68 -4.29
N GLY D 92 26.75 49.70 -3.96
CA GLY D 92 26.27 48.44 -3.44
C GLY D 92 27.21 47.90 -2.39
N ILE D 93 26.71 46.93 -1.63
CA ILE D 93 27.47 46.29 -0.57
C ILE D 93 27.42 44.79 -0.78
N VAL D 94 28.56 44.12 -0.59
CA VAL D 94 28.64 42.66 -0.63
C VAL D 94 29.05 42.19 0.76
N PHE D 95 28.21 41.34 1.35
CA PHE D 95 28.38 40.92 2.74
C PHE D 95 28.62 39.42 2.82
N GLU D 96 29.51 39.02 3.72
CA GLU D 96 29.80 37.61 3.93
C GLU D 96 30.14 37.41 5.40
N ASP D 97 29.64 36.33 5.98
CA ASP D 97 29.95 36.00 7.37
C ASP D 97 30.01 34.48 7.48
N ASN D 98 30.14 33.99 8.72
CA ASN D 98 30.24 32.57 8.97
C ASN D 98 28.86 31.95 9.14
N VAL D 99 28.82 30.62 9.15
CA VAL D 99 27.54 29.92 9.20
C VAL D 99 26.93 29.93 10.59
N ASP D 100 27.67 30.35 11.61
CA ASP D 100 27.14 30.35 12.97
C ASP D 100 26.08 31.42 13.15
N THR D 101 26.20 32.54 12.45
CA THR D 101 25.30 33.66 12.65
C THR D 101 23.87 33.31 12.25
N GLU D 102 22.92 33.83 13.01
CA GLU D 102 21.50 33.57 12.77
C GLU D 102 20.70 34.82 12.45
N ALA D 103 20.84 35.87 13.24
CA ALA D 103 20.03 37.07 13.07
C ALA D 103 20.71 38.16 12.26
N VAL D 104 21.82 37.87 11.59
CA VAL D 104 22.51 38.90 10.81
C VAL D 104 21.70 39.28 9.58
N ALA D 105 20.99 38.34 8.97
CA ALA D 105 20.19 38.64 7.80
C ALA D 105 19.13 39.70 8.10
N GLN D 106 18.51 39.60 9.28
CA GLN D 106 17.51 40.59 9.67
C GLN D 106 18.12 41.98 9.78
N LEU D 107 19.31 42.08 10.37
CA LEU D 107 19.97 43.37 10.50
C LEU D 107 20.34 43.93 9.12
N LEU D 108 20.83 43.09 8.22
CA LEU D 108 21.17 43.56 6.90
C LEU D 108 19.94 44.06 6.16
N ASP D 109 18.82 43.34 6.29
CA ASP D 109 17.58 43.77 5.67
C ASP D 109 17.09 45.09 6.25
N PHE D 110 17.21 45.25 7.57
CA PHE D 110 16.82 46.51 8.21
C PHE D 110 17.66 47.67 7.71
N VAL D 111 18.97 47.46 7.58
CA VAL D 111 19.84 48.51 7.07
C VAL D 111 19.48 48.86 5.64
N SER D 112 19.21 47.85 4.81
CA SER D 112 18.83 48.10 3.44
C SER D 112 17.52 48.88 3.35
N SER D 113 16.57 48.56 4.22
CA SER D 113 15.32 49.32 4.25
C SER D 113 15.58 50.77 4.64
N GLN D 114 16.44 50.99 5.63
CA GLN D 114 16.66 52.35 6.12
C GLN D 114 17.41 53.20 5.12
N THR D 115 18.40 52.64 4.42
CA THR D 115 19.27 53.43 3.56
C THR D 115 19.07 53.18 2.08
N HIS D 116 18.26 52.20 1.70
CA HIS D 116 17.94 51.92 0.29
C HIS D 116 19.19 51.57 -0.52
N VAL D 117 20.18 50.96 0.11
CA VAL D 117 21.40 50.53 -0.57
C VAL D 117 21.24 49.07 -0.97
N PRO D 118 21.48 48.70 -2.22
CA PRO D 118 21.45 47.28 -2.59
C PRO D 118 22.53 46.52 -1.87
N ILE D 119 22.18 45.35 -1.36
CA ILE D 119 23.11 44.48 -0.64
C ILE D 119 23.10 43.12 -1.31
N LEU D 120 24.24 42.44 -1.27
CA LEU D 120 24.39 41.09 -1.82
C LEU D 120 25.02 40.25 -0.72
N SER D 121 24.22 39.41 -0.09
CA SER D 121 24.76 38.50 0.92
C SER D 121 25.20 37.21 0.26
N ILE D 122 26.48 36.88 0.44
CA ILE D 122 27.08 35.68 -0.14
C ILE D 122 27.64 34.83 0.98
N SER D 123 27.27 33.56 1.00
CA SER D 123 27.75 32.59 1.99
C SER D 123 27.39 32.97 3.42
N GLY D 124 27.50 32.02 4.34
CA GLY D 124 27.26 32.29 5.73
C GLY D 124 25.79 32.28 6.09
N GLY D 125 25.52 32.61 7.34
CA GLY D 125 24.16 32.64 7.83
C GLY D 125 23.30 33.73 7.23
N SER D 126 23.93 34.77 6.70
CA SER D 126 23.18 35.85 6.06
C SER D 126 22.60 35.46 4.71
N ALA D 127 23.02 34.34 4.15
CA ALA D 127 22.49 33.86 2.88
C ALA D 127 21.32 32.89 3.05
N VAL D 128 20.89 32.62 4.28
CA VAL D 128 19.70 31.82 4.51
C VAL D 128 18.48 32.67 4.24
N VAL D 129 17.54 32.13 3.46
CA VAL D 129 16.50 32.96 2.86
C VAL D 129 15.52 33.44 3.92
N LEU D 130 15.32 34.76 3.97
CA LEU D 130 14.24 35.39 4.73
C LEU D 130 13.08 35.66 3.77
N THR D 131 11.99 34.90 3.90
CA THR D 131 10.93 35.00 2.90
C THR D 131 10.24 36.37 2.94
N PRO D 132 9.76 36.89 4.09
CA PRO D 132 9.22 38.25 4.08
C PRO D 132 10.29 39.30 4.33
N LYS D 133 10.51 40.18 3.35
CA LYS D 133 11.60 41.14 3.40
C LYS D 133 11.05 42.56 3.21
N GLU D 134 10.59 43.17 4.30
CA GLU D 134 10.55 44.63 4.48
C GLU D 134 10.26 45.37 3.18
N PRO D 135 9.01 45.35 2.69
CA PRO D 135 8.72 45.57 1.26
C PRO D 135 9.67 46.50 0.50
N GLY D 136 10.03 47.63 1.08
CA GLY D 136 10.97 48.52 0.44
C GLY D 136 12.42 48.25 0.84
N SER D 137 12.98 47.12 0.40
CA SER D 137 14.34 46.75 0.77
C SER D 137 14.96 45.89 -0.31
N ALA D 138 16.18 46.22 -0.69
CA ALA D 138 16.95 45.44 -1.67
C ALA D 138 18.02 44.60 -0.96
N PHE D 139 17.60 43.43 -0.46
CA PHE D 139 18.53 42.58 0.25
C PHE D 139 19.20 41.55 -0.65
N LEU D 140 18.45 40.82 -1.47
CA LEU D 140 19.02 39.97 -2.51
C LEU D 140 20.01 38.96 -1.94
N GLN D 141 19.48 38.00 -1.19
CA GLN D 141 20.31 36.91 -0.70
C GLN D 141 20.69 35.96 -1.83
N LEU D 142 21.93 35.49 -1.80
CA LEU D 142 22.41 34.55 -2.81
C LEU D 142 22.25 33.11 -2.35
N GLY D 143 21.03 32.78 -1.93
CA GLY D 143 20.70 31.43 -1.49
C GLY D 143 19.36 31.00 -2.07
N VAL D 144 19.03 29.74 -1.80
CA VAL D 144 17.85 29.12 -2.40
C VAL D 144 16.80 28.90 -1.31
N SER D 145 15.54 28.98 -1.73
CA SER D 145 14.42 28.88 -0.81
C SER D 145 14.29 27.47 -0.25
N LEU D 146 13.45 27.33 0.77
CA LEU D 146 13.24 26.02 1.38
C LEU D 146 12.36 25.14 0.49
N GLU D 147 11.39 25.74 -0.21
CA GLU D 147 10.53 24.95 -1.09
C GLU D 147 11.30 24.44 -2.29
N GLN D 148 12.32 25.16 -2.76
CA GLN D 148 13.13 24.66 -3.87
C GLN D 148 13.98 23.48 -3.43
N GLN D 149 14.55 23.55 -2.22
CA GLN D 149 15.26 22.40 -1.69
C GLN D 149 14.35 21.21 -1.54
N LEU D 150 13.12 21.44 -1.08
CA LEU D 150 12.16 20.35 -0.95
C LEU D 150 11.82 19.75 -2.31
N GLN D 151 11.69 20.60 -3.34
CA GLN D 151 11.44 20.10 -4.68
C GLN D 151 12.56 19.19 -5.15
N VAL D 152 13.81 19.61 -4.95
CA VAL D 152 14.93 18.79 -5.39
C VAL D 152 15.00 17.49 -4.60
N LEU D 153 14.77 17.56 -3.29
CA LEU D 153 14.82 16.36 -2.47
C LEU D 153 13.71 15.38 -2.84
N PHE D 154 12.54 15.89 -3.17
CA PHE D 154 11.46 14.99 -3.59
C PHE D 154 11.71 14.42 -4.98
N LYS D 155 12.38 15.16 -5.85
CA LYS D 155 12.81 14.56 -7.11
C LYS D 155 13.81 13.45 -6.87
N VAL D 156 14.70 13.62 -5.89
CA VAL D 156 15.64 12.56 -5.52
C VAL D 156 14.90 11.34 -5.01
N LEU D 157 13.88 11.54 -4.17
CA LEU D 157 13.07 10.42 -3.71
C LEU D 157 12.37 9.73 -4.88
N GLU D 158 11.91 10.51 -5.85
CA GLU D 158 11.29 9.94 -7.05
C GLU D 158 12.28 9.08 -7.82
N GLU D 159 13.52 9.54 -7.95
CA GLU D 159 14.48 8.86 -8.79
C GLU D 159 14.77 7.44 -8.31
N TYR D 160 14.91 7.25 -7.01
CA TYR D 160 15.23 5.94 -6.45
C TYR D 160 14.00 5.19 -5.99
N ASP D 161 12.80 5.66 -6.33
CA ASP D 161 11.54 5.00 -5.97
C ASP D 161 11.47 4.83 -4.46
N TRP D 162 11.56 5.97 -3.77
CA TRP D 162 11.44 6.02 -2.32
C TRP D 162 10.12 6.72 -1.98
N SER D 163 9.19 5.97 -1.43
CA SER D 163 7.98 6.54 -0.88
C SER D 163 7.90 6.15 0.59
N ALA D 164 6.78 6.48 1.22
CA ALA D 164 6.57 6.16 2.63
C ALA D 164 7.70 6.71 3.48
N PHE D 165 7.91 8.00 3.39
CA PHE D 165 8.91 8.70 4.18
C PHE D 165 8.27 9.24 5.45
N ALA D 166 9.10 9.76 6.35
CA ALA D 166 8.62 10.39 7.58
C ALA D 166 9.36 11.70 7.75
N VAL D 167 8.73 12.62 8.47
CA VAL D 167 9.25 13.97 8.66
C VAL D 167 9.54 14.18 10.13
N ILE D 168 10.77 14.58 10.44
CA ILE D 168 11.19 14.87 11.80
C ILE D 168 11.61 16.33 11.85
N THR D 169 10.95 17.12 12.69
CA THR D 169 11.27 18.52 12.84
C THR D 169 11.50 18.83 14.32
N SER D 170 12.26 19.88 14.56
CA SER D 170 12.50 20.34 15.92
C SER D 170 11.62 21.57 16.19
N LEU D 171 11.82 22.19 17.34
CA LEU D 171 11.15 23.44 17.68
C LEU D 171 11.80 24.64 17.03
N HIS D 172 12.69 24.41 16.07
CA HIS D 172 13.38 25.50 15.40
C HIS D 172 12.36 26.38 14.70
N PRO D 173 12.41 27.70 14.86
CA PRO D 173 11.45 28.57 14.19
C PRO D 173 11.51 28.38 12.68
N GLY D 174 10.33 28.36 12.05
CA GLY D 174 10.24 28.09 10.64
C GLY D 174 9.93 26.66 10.29
N HIS D 175 9.79 25.78 11.28
CA HIS D 175 9.42 24.40 10.99
C HIS D 175 8.01 24.31 10.42
N ALA D 176 7.14 25.25 10.77
CA ALA D 176 5.81 25.28 10.18
C ALA D 176 5.88 25.51 8.68
N LEU D 177 6.77 26.39 8.24
CA LEU D 177 6.98 26.60 6.81
C LEU D 177 7.52 25.33 6.16
N PHE D 178 8.40 24.60 6.85
CA PHE D 178 8.90 23.35 6.31
C PHE D 178 7.79 22.32 6.13
N LEU D 179 6.90 22.21 7.12
CA LEU D 179 5.80 21.26 6.99
C LEU D 179 4.85 21.67 5.87
N GLU D 180 4.56 22.97 5.76
CA GLU D 180 3.73 23.44 4.66
C GLU D 180 4.38 23.12 3.32
N GLY D 181 5.69 23.30 3.23
CA GLY D 181 6.39 22.99 1.99
C GLY D 181 6.36 21.53 1.63
N VAL D 182 6.60 20.65 2.60
CA VAL D 182 6.59 19.22 2.28
C VAL D 182 5.19 18.78 1.87
N ARG D 183 4.16 19.29 2.54
CA ARG D 183 2.80 18.92 2.16
C ARG D 183 2.45 19.44 0.76
N ALA D 184 2.83 20.68 0.46
CA ALA D 184 2.54 21.22 -0.86
C ALA D 184 3.27 20.47 -1.96
N VAL D 185 4.55 20.13 -1.73
CA VAL D 185 5.31 19.42 -2.74
C VAL D 185 4.77 18.00 -2.93
N ALA D 186 4.46 17.31 -1.82
CA ALA D 186 3.95 15.96 -1.94
C ALA D 186 2.60 15.93 -2.64
N ASP D 187 1.71 16.86 -2.29
CA ASP D 187 0.39 16.88 -2.91
C ASP D 187 0.47 17.24 -4.39
N ALA D 188 1.32 18.20 -4.73
CA ALA D 188 1.44 18.67 -6.12
C ALA D 188 2.51 17.86 -6.86
N SER D 189 2.29 16.54 -6.90
CA SER D 189 3.18 15.65 -7.63
C SER D 189 2.37 14.44 -8.11
N TYR D 190 2.73 13.95 -9.30
CA TYR D 190 1.99 12.84 -9.89
C TYR D 190 2.15 11.57 -9.07
N LEU D 191 3.35 11.31 -8.56
CA LEU D 191 3.57 10.12 -7.76
C LEU D 191 2.77 10.20 -6.47
N SER D 192 2.19 9.07 -6.07
CA SER D 192 1.36 9.00 -4.88
C SER D 192 2.27 8.92 -3.64
N TRP D 193 2.63 10.10 -3.13
CA TRP D 193 3.40 10.18 -1.91
C TRP D 193 2.57 9.74 -0.72
N ARG D 194 3.22 9.07 0.22
CA ARG D 194 2.53 8.57 1.42
C ARG D 194 3.37 8.95 2.63
N LEU D 195 3.02 10.06 3.26
CA LEU D 195 3.71 10.51 4.46
C LEU D 195 3.24 9.69 5.65
N LEU D 196 4.16 9.01 6.31
CA LEU D 196 3.80 8.11 7.39
C LEU D 196 3.39 8.88 8.64
N ASP D 197 4.31 9.67 9.20
CA ASP D 197 3.99 10.46 10.37
C ASP D 197 4.95 11.64 10.46
N VAL D 198 4.51 12.69 11.14
CA VAL D 198 5.35 13.82 11.48
C VAL D 198 5.43 13.88 13.00
N LEU D 199 6.62 14.16 13.51
CA LEU D 199 6.81 14.23 14.95
C LEU D 199 7.82 15.31 15.28
N THR D 200 7.51 16.09 16.31
CA THR D 200 8.31 17.26 16.69
C THR D 200 9.01 16.98 18.00
N LEU D 201 10.31 17.29 18.05
CA LEU D 201 11.14 17.00 19.21
C LEU D 201 11.80 18.28 19.70
N GLU D 202 12.11 18.32 20.99
CA GLU D 202 12.76 19.50 21.56
C GLU D 202 14.15 19.68 21.00
N LEU D 203 14.98 18.63 21.05
CA LEU D 203 16.34 18.66 20.52
C LEU D 203 17.16 19.82 21.08
N GLY D 204 16.91 20.20 22.32
CA GLY D 204 17.65 21.26 22.96
C GLY D 204 18.93 20.75 23.59
N PRO D 205 19.89 21.64 23.81
CA PRO D 205 21.15 21.22 24.42
C PRO D 205 20.96 20.90 25.90
N GLY D 206 21.36 19.68 26.29
CA GLY D 206 21.30 19.25 27.67
C GLY D 206 19.94 19.39 28.30
N GLY D 207 18.96 18.63 27.81
CA GLY D 207 17.62 18.69 28.33
C GLY D 207 16.94 17.34 28.36
N PRO D 208 15.64 17.32 28.08
CA PRO D 208 14.88 16.06 28.08
C PRO D 208 15.33 15.16 26.93
N ARG D 209 15.94 14.03 27.28
CA ARG D 209 16.40 13.06 26.31
C ARG D 209 15.55 11.80 26.25
N ALA D 210 15.01 11.36 27.39
CA ALA D 210 14.15 10.18 27.40
C ALA D 210 12.87 10.42 26.62
N ARG D 211 12.34 11.65 26.68
CA ARG D 211 11.11 11.96 25.97
C ARG D 211 11.27 11.80 24.46
N THR D 212 12.37 12.31 23.91
CA THR D 212 12.60 12.15 22.48
C THR D 212 13.07 10.75 22.13
N GLN D 213 13.81 10.11 23.04
CA GLN D 213 14.25 8.73 22.79
C GLN D 213 13.07 7.78 22.72
N ARG D 214 12.03 8.05 23.51
CA ARG D 214 10.83 7.21 23.46
C ARG D 214 10.18 7.27 22.08
N LEU D 215 10.06 8.47 21.52
CA LEU D 215 9.40 8.62 20.22
C LEU D 215 10.30 8.13 19.09
N LEU D 216 11.61 8.31 19.21
CA LEU D 216 12.52 7.90 18.14
C LEU D 216 12.60 6.38 18.00
N ARG D 217 12.19 5.64 19.02
CA ARG D 217 12.18 4.18 18.93
C ARG D 217 10.93 3.64 18.27
N GLN D 218 9.96 4.49 17.95
CA GLN D 218 8.69 4.07 17.37
C GLN D 218 8.62 4.33 15.87
N VAL D 219 9.66 4.95 15.30
CA VAL D 219 9.64 5.27 13.88
C VAL D 219 9.96 4.02 13.07
N ASP D 220 9.12 3.74 12.07
CA ASP D 220 9.29 2.58 11.20
C ASP D 220 9.59 2.94 9.77
N ALA D 221 9.61 4.22 9.41
CA ALA D 221 9.80 4.61 8.04
C ALA D 221 11.23 4.31 7.58
N PRO D 222 11.41 3.89 6.33
CA PRO D 222 12.77 3.66 5.82
C PRO D 222 13.45 4.92 5.31
N VAL D 223 12.70 6.00 5.09
CA VAL D 223 13.25 7.26 4.61
C VAL D 223 12.82 8.36 5.58
N LEU D 224 13.77 9.14 6.06
CA LEU D 224 13.53 10.13 7.11
C LEU D 224 14.01 11.48 6.64
N VAL D 225 13.12 12.47 6.67
CA VAL D 225 13.43 13.84 6.26
C VAL D 225 13.42 14.70 7.51
N ALA D 226 14.53 15.40 7.76
CA ALA D 226 14.71 16.12 9.00
C ALA D 226 14.89 17.61 8.72
N TYR D 227 14.53 18.41 9.71
CA TYR D 227 14.70 19.86 9.62
C TYR D 227 15.09 20.38 10.99
N CYS D 228 16.32 20.87 11.11
CA CYS D 228 16.82 21.40 12.38
C CYS D 228 18.08 22.18 12.08
N SER D 229 18.57 22.90 13.10
CA SER D 229 19.83 23.60 12.99
C SER D 229 20.97 22.60 13.16
N ARG D 230 22.22 23.10 13.13
CA ARG D 230 23.37 22.21 13.19
C ARG D 230 23.44 21.48 14.53
N GLU D 231 23.33 22.22 15.63
CA GLU D 231 23.43 21.60 16.94
C GLU D 231 22.29 20.61 17.17
N GLU D 232 21.07 21.02 16.82
CA GLU D 232 19.95 20.09 16.91
C GLU D 232 20.14 18.90 15.98
N ALA D 233 20.78 19.11 14.84
CA ALA D 233 21.06 18.00 13.94
C ALA D 233 22.00 16.99 14.61
N GLU D 234 23.04 17.49 15.27
CA GLU D 234 23.97 16.58 15.94
C GLU D 234 23.28 15.82 17.06
N VAL D 235 22.46 16.51 17.86
CA VAL D 235 21.73 15.84 18.93
C VAL D 235 20.79 14.79 18.35
N LEU D 236 20.07 15.14 17.30
CA LEU D 236 19.12 14.22 16.69
C LEU D 236 19.81 12.99 16.14
N PHE D 237 20.97 13.17 15.51
CA PHE D 237 21.66 12.04 14.93
C PHE D 237 22.28 11.16 16.02
N ALA D 238 22.75 11.75 17.11
CA ALA D 238 23.19 10.94 18.24
C ALA D 238 22.06 10.08 18.79
N GLU D 239 20.90 10.69 19.03
CA GLU D 239 19.77 9.92 19.56
C GLU D 239 19.31 8.86 18.57
N ALA D 240 19.31 9.18 17.28
CA ALA D 240 18.93 8.20 16.27
C ALA D 240 19.90 7.04 16.24
N ALA D 241 21.20 7.31 16.43
CA ALA D 241 22.16 6.23 16.55
C ALA D 241 21.87 5.38 17.77
N GLN D 242 21.48 6.00 18.89
CA GLN D 242 21.08 5.22 20.05
C GLN D 242 19.83 4.40 19.78
N ALA D 243 18.94 4.88 18.92
CA ALA D 243 17.70 4.19 18.60
C ALA D 243 17.82 3.28 17.39
N GLY D 244 19.01 3.16 16.81
CA GLY D 244 19.20 2.27 15.68
C GLY D 244 18.49 2.69 14.42
N LEU D 245 18.51 3.98 14.09
CA LEU D 245 17.97 4.49 12.83
C LEU D 245 19.06 5.01 11.90
N VAL D 246 20.25 4.41 11.95
CA VAL D 246 21.40 4.94 11.21
C VAL D 246 21.94 3.86 10.28
N GLY D 247 21.49 2.62 10.49
CA GLY D 247 22.00 1.49 9.75
C GLY D 247 21.77 1.58 8.25
N PRO D 248 22.10 0.50 7.53
CA PRO D 248 21.98 0.52 6.07
C PRO D 248 20.55 0.54 5.56
N GLY D 249 19.55 0.41 6.43
CA GLY D 249 18.17 0.42 5.99
C GLY D 249 17.44 1.70 6.35
N HIS D 250 18.16 2.83 6.33
CA HIS D 250 17.57 4.11 6.69
C HIS D 250 18.30 5.20 5.91
N VAL D 251 17.54 6.07 5.25
CA VAL D 251 18.09 7.19 4.49
C VAL D 251 17.62 8.49 5.13
N TRP D 252 18.56 9.38 5.42
CA TRP D 252 18.26 10.68 6.00
C TRP D 252 18.52 11.77 4.95
N LEU D 253 17.58 12.70 4.82
CA LEU D 253 17.72 13.84 3.93
C LEU D 253 17.46 15.11 4.71
N VAL D 254 18.34 16.10 4.55
CA VAL D 254 18.22 17.36 5.27
C VAL D 254 18.53 18.51 4.33
N PRO D 255 17.94 19.67 4.59
CA PRO D 255 18.26 20.88 3.81
C PRO D 255 19.60 21.47 4.25
N ASN D 256 19.96 22.60 3.63
CA ASN D 256 21.24 23.24 3.91
C ASN D 256 21.35 23.67 5.37
N LEU D 257 20.22 24.02 5.97
CA LEU D 257 20.26 24.58 7.32
C LEU D 257 20.84 23.58 8.31
N ALA D 258 20.52 22.30 8.16
CA ALA D 258 20.97 21.30 9.11
C ALA D 258 22.49 21.20 9.16
N LEU D 259 23.13 21.21 8.00
CA LEU D 259 24.58 21.16 7.96
C LEU D 259 25.15 22.57 8.10
N GLY D 260 26.43 22.63 8.41
CA GLY D 260 27.10 23.90 8.58
C GLY D 260 28.23 24.06 7.58
N SER D 261 29.45 24.14 8.09
CA SER D 261 30.63 24.17 7.23
C SER D 261 30.81 22.79 6.62
N THR D 262 30.60 22.67 5.30
CA THR D 262 30.73 21.38 4.64
C THR D 262 32.16 20.87 4.63
N ASP D 263 33.14 21.75 4.88
CA ASP D 263 34.53 21.32 4.85
C ASP D 263 34.85 20.35 6.00
N ALA D 264 34.18 20.51 7.14
CA ALA D 264 34.43 19.68 8.32
C ALA D 264 33.11 19.16 8.87
N PRO D 265 32.58 18.09 8.29
CA PRO D 265 31.35 17.49 8.82
C PRO D 265 31.59 16.90 10.20
N PRO D 266 30.62 16.99 11.10
CA PRO D 266 30.82 16.46 12.45
C PRO D 266 30.75 14.94 12.47
N ALA D 267 31.17 14.39 13.61
CA ALA D 267 31.23 12.94 13.76
C ALA D 267 29.86 12.30 13.94
N ALA D 268 28.86 13.06 14.40
CA ALA D 268 27.55 12.48 14.61
C ALA D 268 26.81 12.23 13.30
N PHE D 269 27.16 12.95 12.25
CA PHE D 269 26.47 12.80 10.97
C PHE D 269 26.69 11.41 10.40
N PRO D 270 25.64 10.69 10.02
CA PRO D 270 25.82 9.37 9.43
C PRO D 270 26.26 9.46 7.98
N VAL D 271 26.89 8.38 7.51
CA VAL D 271 27.22 8.29 6.09
C VAL D 271 25.95 8.13 5.29
N GLY D 272 25.95 8.68 4.07
CA GLY D 272 24.78 8.64 3.23
C GLY D 272 23.76 9.73 3.50
N LEU D 273 24.06 10.67 4.40
CA LEU D 273 23.19 11.82 4.59
C LEU D 273 23.15 12.65 3.32
N ILE D 274 21.95 12.99 2.87
CA ILE D 274 21.74 13.66 1.59
C ILE D 274 21.31 15.09 1.84
N SER D 275 21.90 16.03 1.10
CA SER D 275 21.46 17.41 1.17
C SER D 275 21.60 18.03 -0.21
N VAL D 276 20.99 19.20 -0.38
CA VAL D 276 21.01 19.91 -1.65
C VAL D 276 21.52 21.33 -1.43
N VAL D 277 22.58 21.69 -2.13
CA VAL D 277 23.20 23.00 -1.99
C VAL D 277 23.24 23.68 -3.35
N THR D 278 23.69 24.93 -3.37
CA THR D 278 23.86 25.62 -4.63
C THR D 278 25.21 25.28 -5.26
N GLU D 279 25.40 25.72 -6.50
CA GLU D 279 26.60 25.35 -7.25
C GLU D 279 27.85 26.06 -6.74
N SER D 280 27.70 27.12 -5.94
CA SER D 280 28.83 27.84 -5.39
C SER D 280 29.30 27.28 -4.06
N TRP D 281 28.92 26.04 -3.74
CA TRP D 281 29.32 25.47 -2.45
C TRP D 281 30.80 25.15 -2.40
N ARG D 282 31.43 24.90 -3.55
CA ARG D 282 32.83 24.52 -3.61
C ARG D 282 33.72 25.70 -3.99
N LEU D 283 33.14 26.88 -4.14
CA LEU D 283 33.90 28.08 -4.51
C LEU D 283 34.58 28.66 -3.28
N SER D 284 35.74 29.27 -3.51
CA SER D 284 36.45 29.96 -2.45
C SER D 284 35.80 31.31 -2.16
N LEU D 285 36.22 31.93 -1.06
CA LEU D 285 35.66 33.22 -0.68
C LEU D 285 35.95 34.27 -1.75
N ARG D 286 37.16 34.26 -2.31
CA ARG D 286 37.51 35.23 -3.34
C ARG D 286 36.62 35.06 -4.57
N GLN D 287 36.35 33.82 -4.95
CA GLN D 287 35.50 33.57 -6.12
C GLN D 287 34.07 34.05 -5.88
N LYS D 288 33.54 33.82 -4.68
CA LYS D 288 32.18 34.27 -4.38
C LYS D 288 32.10 35.80 -4.34
N VAL D 289 33.13 36.45 -3.77
CA VAL D 289 33.16 37.91 -3.78
C VAL D 289 33.22 38.42 -5.21
N ARG D 290 34.01 37.77 -6.05
CA ARG D 290 34.09 38.16 -7.45
C ARG D 290 32.74 38.02 -8.13
N ASP D 291 32.02 36.93 -7.86
CA ASP D 291 30.70 36.74 -8.45
C ASP D 291 29.73 37.83 -7.99
N GLY D 292 29.74 38.17 -6.70
CA GLY D 292 28.84 39.20 -6.23
C GLY D 292 29.13 40.56 -6.83
N VAL D 293 30.41 40.94 -6.88
CA VAL D 293 30.79 42.20 -7.49
C VAL D 293 30.43 42.19 -8.98
N ALA D 294 30.56 41.03 -9.63
CA ALA D 294 30.16 40.92 -11.02
C ALA D 294 28.67 41.15 -11.20
N ILE D 295 27.86 40.60 -10.29
CA ILE D 295 26.41 40.81 -10.38
C ILE D 295 26.09 42.29 -10.24
N LEU D 296 26.68 42.95 -9.26
CA LEU D 296 26.42 44.38 -9.08
C LEU D 296 26.89 45.18 -10.29
N ALA D 297 28.06 44.86 -10.83
CA ALA D 297 28.58 45.58 -11.98
C ALA D 297 27.70 45.37 -13.20
N LEU D 298 27.24 44.14 -13.44
CA LEU D 298 26.39 43.89 -14.59
C LEU D 298 25.05 44.59 -14.46
N GLY D 299 24.49 44.62 -13.25
CA GLY D 299 23.25 45.37 -13.06
C GLY D 299 23.44 46.85 -13.34
N ALA D 300 24.52 47.43 -12.81
CA ALA D 300 24.79 48.84 -13.07
C ALA D 300 25.05 49.10 -14.55
N HIS D 301 25.74 48.17 -15.22
CA HIS D 301 26.03 48.32 -16.63
C HIS D 301 24.77 48.30 -17.47
N SER D 302 23.84 47.38 -17.17
CA SER D 302 22.57 47.36 -17.89
C SER D 302 21.78 48.64 -17.62
N TYR D 303 21.76 49.10 -16.37
CA TYR D 303 21.03 50.32 -16.05
C TYR D 303 21.61 51.52 -16.80
N ARG D 304 22.94 51.61 -16.87
CA ARG D 304 23.57 52.70 -17.61
C ARG D 304 23.30 52.59 -19.11
N ARG D 305 23.37 51.37 -19.65
CA ARG D 305 23.13 51.18 -21.08
C ARG D 305 21.71 51.58 -21.46
N GLN D 306 20.74 51.36 -20.58
CA GLN D 306 19.39 51.78 -20.91
C GLN D 306 19.11 53.25 -20.60
N TYR D 307 19.60 53.75 -19.47
CA TYR D 307 19.30 55.12 -19.03
C TYR D 307 20.38 56.12 -19.38
N GLY D 308 21.51 55.66 -19.93
CA GLY D 308 22.55 56.59 -20.34
C GLY D 308 23.34 57.21 -19.21
N THR D 309 23.22 56.68 -17.99
CA THR D 309 23.95 57.23 -16.87
C THR D 309 24.08 56.16 -15.79
N LEU D 310 25.12 56.29 -14.96
CA LEU D 310 25.31 55.36 -13.86
C LEU D 310 24.27 55.58 -12.77
N PRO D 311 23.88 54.52 -12.07
CA PRO D 311 22.89 54.68 -11.00
C PRO D 311 23.41 55.55 -9.86
N ALA D 312 22.49 56.26 -9.22
CA ALA D 312 22.86 57.16 -8.15
C ALA D 312 23.36 56.38 -6.94
N PRO D 313 24.30 56.95 -6.19
CA PRO D 313 24.78 56.28 -4.98
C PRO D 313 23.72 56.25 -3.88
N ALA D 314 23.93 55.34 -2.94
CA ALA D 314 22.98 55.14 -1.86
C ALA D 314 22.98 56.33 -0.91
N GLY D 315 21.91 56.42 -0.11
CA GLY D 315 21.75 57.53 0.81
C GLY D 315 22.60 57.41 2.06
N ASP D 316 22.06 57.81 3.20
CA ASP D 316 22.80 57.81 4.45
C ASP D 316 21.88 57.39 5.57
N CYS D 317 22.48 57.00 6.70
CA CYS D 317 21.68 56.58 7.84
C CYS D 317 20.99 57.75 8.54
N ARG D 318 21.51 58.97 8.43
CA ARG D 318 20.90 60.11 9.11
C ARG D 318 19.78 60.74 8.29
N SER D 319 18.88 59.89 7.79
CA SER D 319 17.73 60.31 7.01
C SER D 319 16.88 59.09 6.73
N HIS D 320 15.64 59.34 6.31
CA HIS D 320 14.74 58.26 5.92
C HIS D 320 14.01 58.66 4.64
N PRO D 321 14.48 58.20 3.48
CA PRO D 321 13.87 58.55 2.19
C PRO D 321 12.55 57.80 1.95
N GLY D 322 11.49 58.38 2.54
CA GLY D 322 10.19 57.75 2.56
C GLY D 322 9.77 57.20 1.21
N PRO D 323 9.82 58.01 0.17
CA PRO D 323 9.46 57.49 -1.20
C PRO D 323 10.51 56.54 -1.73
N VAL D 324 10.05 55.62 -2.57
CA VAL D 324 10.91 54.64 -3.24
C VAL D 324 11.84 55.26 -4.26
N SER D 325 11.53 56.48 -4.72
CA SER D 325 12.35 57.21 -5.67
C SER D 325 12.65 56.35 -6.90
N PRO D 326 11.66 56.18 -7.84
CA PRO D 326 11.74 55.15 -8.88
C PRO D 326 13.09 54.99 -9.59
N ALA D 327 13.97 55.98 -9.48
CA ALA D 327 15.36 55.77 -9.89
C ALA D 327 15.98 54.59 -9.14
N ARG D 328 15.69 54.47 -7.84
CA ARG D 328 16.17 53.31 -7.08
C ARG D 328 15.48 52.03 -7.49
N GLU D 329 14.16 52.08 -7.70
CA GLU D 329 13.40 50.89 -8.03
C GLU D 329 13.83 50.32 -9.37
N ALA D 330 14.10 51.20 -10.35
CA ALA D 330 14.58 50.74 -11.64
C ALA D 330 15.92 50.03 -11.52
N PHE D 331 16.82 50.58 -10.71
CA PHE D 331 18.11 49.93 -10.49
C PHE D 331 17.93 48.57 -9.83
N TYR D 332 17.00 48.46 -8.87
CA TYR D 332 16.72 47.18 -8.26
C TYR D 332 16.19 46.19 -9.29
N ARG D 333 15.29 46.64 -10.17
CA ARG D 333 14.76 45.77 -11.21
C ARG D 333 15.85 45.28 -12.14
N HIS D 334 16.80 46.16 -12.48
CA HIS D 334 17.92 45.75 -13.33
C HIS D 334 18.81 44.77 -12.59
N LEU D 335 18.96 44.95 -11.28
CA LEU D 335 19.78 44.04 -10.48
C LEU D 335 19.16 42.65 -10.39
N LEU D 336 17.84 42.55 -10.50
CA LEU D 336 17.19 41.24 -10.39
C LEU D 336 17.71 40.26 -11.44
N ASN D 337 17.48 40.56 -12.71
CA ASN D 337 17.82 39.64 -13.80
C ASN D 337 19.24 39.90 -14.27
N VAL D 338 20.15 38.98 -13.95
CA VAL D 338 21.55 39.11 -14.34
C VAL D 338 22.07 37.73 -14.72
N THR D 339 22.79 37.67 -15.82
CA THR D 339 23.50 36.47 -16.24
C THR D 339 24.99 36.76 -16.27
N TRP D 340 25.78 35.76 -15.87
CA TRP D 340 27.22 35.97 -15.71
C TRP D 340 27.93 34.64 -15.89
N GLU D 341 28.83 34.58 -16.87
CA GLU D 341 29.63 33.39 -17.14
C GLU D 341 28.76 32.17 -17.40
N GLY D 342 27.64 32.38 -18.09
CA GLY D 342 26.74 31.29 -18.38
C GLY D 342 25.98 30.75 -17.20
N ARG D 343 25.92 31.51 -16.10
CA ARG D 343 25.17 31.11 -14.92
C ARG D 343 24.06 32.12 -14.69
N ASP D 344 22.87 31.62 -14.40
CA ASP D 344 21.69 32.46 -14.23
C ASP D 344 21.60 32.89 -12.77
N PHE D 345 21.80 34.18 -12.53
CA PHE D 345 21.64 34.77 -11.20
C PHE D 345 20.33 35.54 -11.10
N SER D 346 19.30 35.09 -11.80
CA SER D 346 18.01 35.76 -11.75
C SER D 346 17.43 35.65 -10.35
N PHE D 347 16.97 36.78 -9.82
CA PHE D 347 16.52 36.89 -8.44
C PHE D 347 15.00 36.97 -8.42
N SER D 348 14.40 36.22 -7.51
CA SER D 348 12.97 36.30 -7.31
C SER D 348 12.58 37.65 -6.72
N PRO D 349 11.34 38.07 -6.89
CA PRO D 349 10.88 39.29 -6.20
C PRO D 349 10.95 39.18 -4.69
N GLY D 350 11.03 37.96 -4.15
CA GLY D 350 11.28 37.75 -2.75
C GLY D 350 12.72 37.91 -2.34
N GLY D 351 13.57 38.35 -3.26
CA GLY D 351 14.97 38.61 -2.97
C GLY D 351 15.80 37.38 -2.67
N TYR D 352 15.55 36.28 -3.39
CA TYR D 352 16.39 35.10 -3.28
C TYR D 352 16.56 34.50 -4.67
N LEU D 353 17.50 33.58 -4.78
CA LEU D 353 17.86 33.01 -6.06
C LEU D 353 16.71 32.18 -6.61
N VAL D 354 16.32 32.44 -7.85
CA VAL D 354 15.27 31.67 -8.52
C VAL D 354 15.91 30.91 -9.68
N ARG D 355 15.30 29.78 -10.04
CA ARG D 355 15.79 28.82 -11.02
C ARG D 355 17.32 28.69 -11.01
N PRO D 356 17.94 28.39 -9.88
CA PRO D 356 19.39 28.27 -9.85
C PRO D 356 19.85 26.86 -10.14
N THR D 357 21.14 26.72 -10.43
CA THR D 357 21.74 25.41 -10.60
C THR D 357 22.10 24.84 -9.24
N MET D 358 21.42 23.76 -8.86
CA MET D 358 21.60 23.14 -7.57
C MET D 358 22.31 21.80 -7.73
N VAL D 359 23.07 21.42 -6.72
CA VAL D 359 23.71 20.12 -6.72
C VAL D 359 23.26 19.37 -5.47
N VAL D 360 23.23 18.05 -5.58
CA VAL D 360 22.84 17.17 -4.49
C VAL D 360 24.09 16.47 -4.00
N ILE D 361 24.44 16.69 -2.74
CA ILE D 361 25.64 16.17 -2.15
C ILE D 361 25.27 15.15 -1.07
N ALA D 362 26.24 14.29 -0.75
CA ALA D 362 26.04 13.27 0.26
C ALA D 362 27.35 12.99 0.97
N LEU D 363 27.25 12.42 2.16
CA LEU D 363 28.41 12.11 2.99
C LEU D 363 28.81 10.66 2.73
N ASN D 364 30.01 10.48 2.17
CA ASN D 364 30.44 9.16 1.73
C ASN D 364 31.12 8.41 2.89
N ARG D 365 31.76 7.29 2.57
CA ARG D 365 32.37 6.45 3.59
C ARG D 365 33.54 7.17 4.28
N HIS D 366 34.30 7.94 3.51
CA HIS D 366 35.44 8.68 4.04
C HIS D 366 35.04 9.93 4.81
N ARG D 367 33.74 10.10 5.08
CA ARG D 367 33.23 11.26 5.83
C ARG D 367 33.59 12.56 5.13
N LEU D 368 33.29 12.62 3.84
CA LEU D 368 33.46 13.82 3.03
C LEU D 368 32.18 14.11 2.28
N TRP D 369 31.91 15.40 2.06
CA TRP D 369 30.70 15.80 1.35
C TRP D 369 30.96 15.66 -0.14
N GLU D 370 30.62 14.48 -0.66
CA GLU D 370 30.79 14.19 -2.08
C GLU D 370 29.58 14.64 -2.86
N MET D 371 29.82 15.12 -4.08
CA MET D 371 28.75 15.53 -4.98
C MET D 371 28.15 14.29 -5.64
N VAL D 372 26.81 14.23 -5.67
CA VAL D 372 26.09 13.06 -6.17
C VAL D 372 25.29 13.39 -7.42
N GLY D 373 24.43 14.41 -7.36
CA GLY D 373 23.56 14.73 -8.47
C GLY D 373 23.61 16.20 -8.81
N ARG D 374 22.99 16.54 -9.94
CA ARG D 374 22.88 17.92 -10.39
C ARG D 374 21.43 18.24 -10.71
N TRP D 375 21.09 19.51 -10.64
CA TRP D 375 19.73 19.98 -10.93
C TRP D 375 19.76 20.97 -12.09
N ASP D 376 20.46 20.63 -13.16
CA ASP D 376 20.50 21.49 -14.33
C ASP D 376 19.09 21.70 -14.85
N HIS D 377 18.65 22.96 -14.89
CA HIS D 377 17.30 23.34 -15.29
C HIS D 377 16.32 22.58 -14.41
N GLY D 378 15.32 21.90 -14.97
CA GLY D 378 14.39 21.16 -14.15
C GLY D 378 14.56 19.66 -14.27
N VAL D 379 15.78 19.22 -14.58
CA VAL D 379 16.07 17.82 -14.83
C VAL D 379 17.12 17.35 -13.85
N LEU D 380 16.94 16.15 -13.32
CA LEU D 380 17.89 15.56 -12.38
C LEU D 380 18.86 14.64 -13.12
N TYR D 381 20.15 14.89 -12.95
CA TYR D 381 21.20 14.01 -13.46
C TYR D 381 22.06 13.61 -12.27
N MET D 382 21.96 12.35 -11.86
CA MET D 382 22.71 11.90 -10.70
C MET D 382 23.45 10.62 -11.00
N LYS D 383 24.65 10.49 -10.44
CA LYS D 383 25.39 9.25 -10.50
C LYS D 383 24.68 8.19 -9.65
N TYR D 384 25.29 7.02 -9.57
CA TYR D 384 24.76 5.93 -8.74
C TYR D 384 23.33 5.60 -9.14
N PRO D 385 23.13 4.91 -10.27
CA PRO D 385 21.76 4.51 -10.64
C PRO D 385 21.09 3.67 -9.59
N VAL D 386 21.84 2.98 -8.74
CA VAL D 386 21.33 2.35 -7.54
C VAL D 386 22.03 2.98 -6.34
N TRP D 387 21.24 3.38 -5.35
CA TRP D 387 21.79 4.09 -4.21
C TRP D 387 22.67 3.15 -3.37
N PRO D 388 23.94 3.47 -3.17
CA PRO D 388 24.80 2.59 -2.38
C PRO D 388 24.54 2.74 -0.89
N ARG D 389 24.52 1.61 -0.20
CA ARG D 389 24.26 1.58 1.24
C ARG D 389 25.39 0.86 1.95
N TYR D 390 25.86 1.46 3.04
CA TYR D 390 26.99 0.97 3.81
C TYR D 390 26.50 0.53 5.19
N SER D 391 27.01 -0.60 5.67
CA SER D 391 26.72 -1.04 7.02
C SER D 391 27.59 -0.26 8.01
N THR D 392 27.06 0.85 8.52
CA THR D 392 27.78 1.69 9.47
C THR D 392 29.14 2.12 8.93
N SER D 393 30.20 1.44 9.38
CA SER D 393 31.55 1.86 9.05
C SER D 393 31.89 1.53 7.60
N LEU D 394 31.79 0.27 7.24
CA LEU D 394 32.27 -0.27 5.97
C LEU D 394 31.32 -1.36 5.52
N GLN D 395 31.78 -2.25 4.65
CA GLN D 395 30.99 -3.37 4.17
C GLN D 395 29.76 -2.87 3.43
N PRO D 396 29.91 -2.40 2.20
CA PRO D 396 28.76 -1.88 1.45
C PRO D 396 27.75 -2.96 1.14
N VAL D 397 26.93 -3.33 2.12
CA VAL D 397 25.95 -4.39 1.94
C VAL D 397 25.06 -4.09 0.74
N VAL D 398 24.70 -5.13 0.01
CA VAL D 398 23.87 -5.03 -1.18
C VAL D 398 22.48 -5.55 -0.84
N ASP D 399 21.46 -4.91 -1.39
CA ASP D 399 20.09 -5.31 -1.12
C ASP D 399 19.83 -6.70 -1.69
N SER D 400 19.16 -7.53 -0.90
CA SER D 400 18.92 -8.91 -1.32
C SER D 400 17.81 -9.02 -2.36
N ARG D 401 16.95 -8.02 -2.47
CA ARG D 401 15.84 -8.06 -3.40
C ARG D 401 16.06 -7.17 -4.62
N HIS D 402 17.28 -6.69 -4.83
CA HIS D 402 17.58 -5.83 -5.97
C HIS D 402 18.34 -6.64 -7.00
N LEU D 403 17.71 -6.81 -8.17
CA LEU D 403 18.33 -7.56 -9.26
C LEU D 403 18.87 -6.61 -10.31
N THR D 404 20.03 -6.97 -10.88
CA THR D 404 20.61 -6.22 -11.98
C THR D 404 20.31 -6.97 -13.28
N VAL D 405 19.55 -6.33 -14.17
CA VAL D 405 19.02 -6.96 -15.36
C VAL D 405 19.72 -6.37 -16.58
N ALA D 406 20.25 -7.25 -17.43
CA ALA D 406 20.87 -6.84 -18.69
C ALA D 406 19.93 -7.13 -19.84
N THR D 407 20.08 -6.36 -20.92
CA THR D 407 19.20 -6.47 -22.07
C THR D 407 19.85 -5.74 -23.23
N LEU D 408 19.18 -5.77 -24.39
CA LEU D 408 19.51 -4.82 -25.45
C LEU D 408 18.33 -4.70 -26.40
N GLU D 409 18.38 -3.67 -27.24
CA GLU D 409 17.28 -3.36 -28.13
C GLU D 409 17.15 -4.42 -29.22
N GLU D 410 15.93 -4.89 -29.43
CA GLU D 410 15.63 -5.83 -30.51
C GLU D 410 14.47 -5.43 -31.40
N ARG D 411 13.63 -4.48 -30.97
CA ARG D 411 12.57 -3.74 -31.67
C ARG D 411 11.17 -4.24 -31.27
N PRO D 412 10.73 -5.46 -31.59
CA PRO D 412 9.42 -5.86 -31.07
C PRO D 412 9.40 -6.10 -29.58
N PHE D 413 10.55 -6.38 -28.97
CA PHE D 413 10.65 -6.74 -27.56
C PHE D 413 11.30 -5.67 -26.68
N VAL D 414 12.37 -5.04 -27.13
CA VAL D 414 13.01 -3.96 -26.37
C VAL D 414 13.18 -2.77 -27.30
N ILE D 415 12.62 -1.63 -26.89
CA ILE D 415 12.68 -0.38 -27.64
C ILE D 415 13.24 0.68 -26.71
N VAL D 416 14.27 1.38 -27.16
CA VAL D 416 14.90 2.43 -26.36
C VAL D 416 14.54 3.78 -26.96
N GLU D 417 14.35 4.75 -26.07
CA GLU D 417 14.02 6.11 -26.46
C GLU D 417 14.79 7.09 -25.58
N SER D 418 14.97 8.28 -26.08
CA SER D 418 15.50 9.33 -25.23
C SER D 418 14.35 10.02 -24.48
N PRO D 419 14.48 10.20 -23.18
CA PRO D 419 13.45 10.92 -22.44
C PRO D 419 13.35 12.37 -22.90
N ASP D 420 12.15 12.92 -22.79
CA ASP D 420 11.94 14.28 -23.27
C ASP D 420 12.63 15.26 -22.33
N PRO D 421 13.55 16.10 -22.83
CA PRO D 421 14.19 17.09 -21.95
C PRO D 421 13.21 18.10 -21.37
N GLY D 422 12.08 18.34 -22.04
CA GLY D 422 11.11 19.27 -21.50
C GLY D 422 10.50 18.79 -20.20
N THR D 423 10.14 17.52 -20.14
CA THR D 423 9.52 16.94 -18.95
C THR D 423 10.54 16.32 -18.01
N GLY D 424 11.78 16.13 -18.46
CA GLY D 424 12.81 15.52 -17.65
C GLY D 424 12.77 14.01 -17.69
N GLY D 425 11.69 13.42 -17.19
CA GLY D 425 11.52 11.98 -17.20
C GLY D 425 10.98 11.48 -18.53
N CYS D 426 10.32 10.33 -18.48
CA CYS D 426 9.70 9.76 -19.66
C CYS D 426 8.33 9.21 -19.31
N VAL D 427 7.56 8.90 -20.35
CA VAL D 427 6.14 8.59 -20.17
C VAL D 427 5.99 7.31 -19.37
N PRO D 428 4.86 7.06 -18.71
CA PRO D 428 4.67 5.79 -18.01
C PRO D 428 4.67 4.62 -18.98
N ASN D 429 4.64 3.42 -18.40
CA ASN D 429 4.70 2.17 -19.18
C ASN D 429 6.08 2.02 -19.82
N THR D 430 6.99 2.92 -19.46
CA THR D 430 8.34 2.91 -20.01
C THR D 430 9.33 2.97 -18.85
N VAL D 431 10.07 1.89 -18.64
CA VAL D 431 10.97 1.79 -17.49
C VAL D 431 12.28 2.51 -17.79
N PRO D 432 12.84 3.27 -16.85
CA PRO D 432 14.13 3.92 -17.10
C PRO D 432 15.25 2.89 -17.20
N CYS D 433 16.11 3.06 -18.19
CA CYS D 433 17.26 2.20 -18.41
C CYS D 433 18.50 3.04 -18.64
N ARG D 434 19.65 2.40 -18.56
CA ARG D 434 20.93 3.08 -18.73
C ARG D 434 21.80 2.30 -19.71
N ARG D 435 22.84 2.97 -20.19
CA ARG D 435 23.80 2.35 -21.09
C ARG D 435 24.82 1.57 -20.26
N GLN D 436 25.59 0.70 -20.91
CA GLN D 436 26.65 -0.06 -20.26
C GLN D 436 27.97 0.67 -20.49
N SER D 437 28.24 1.66 -19.65
CA SER D 437 29.44 2.48 -19.80
C SER D 437 29.86 3.00 -18.43
N ASN D 438 31.16 3.20 -18.28
CA ASN D 438 31.75 3.73 -17.07
C ASN D 438 32.14 5.19 -17.25
N HIS D 439 32.85 5.73 -16.26
CA HIS D 439 33.23 7.14 -16.28
C HIS D 439 34.40 7.40 -17.22
N THR D 440 34.20 7.20 -18.52
CA THR D 440 35.17 7.65 -19.52
C THR D 440 34.56 8.49 -20.63
N PHE D 441 33.28 8.35 -20.95
CA PHE D 441 32.58 9.25 -21.84
C PHE D 441 31.90 10.39 -21.09
N SER D 442 31.93 10.35 -19.76
CA SER D 442 31.34 11.42 -18.96
C SER D 442 32.10 12.73 -19.14
N SER D 443 33.42 12.65 -19.26
CA SER D 443 34.28 13.84 -19.34
C SER D 443 34.06 14.75 -18.13
N GLY D 444 34.01 14.13 -16.95
CA GLY D 444 33.75 14.86 -15.73
C GLY D 444 32.42 14.50 -15.10
N ASP D 445 31.50 15.46 -15.03
CA ASP D 445 30.21 15.22 -14.40
C ASP D 445 29.05 15.77 -15.22
N LEU D 446 29.22 15.97 -16.53
CA LEU D 446 28.13 16.45 -17.37
C LEU D 446 27.03 15.40 -17.48
N THR D 447 27.38 14.22 -17.99
CA THR D 447 26.46 13.08 -18.01
C THR D 447 27.29 11.84 -17.73
N PRO D 448 27.32 11.37 -16.48
CA PRO D 448 28.11 10.16 -16.17
C PRO D 448 27.59 8.90 -16.81
N TYR D 449 26.28 8.77 -16.98
CA TYR D 449 25.69 7.61 -17.64
C TYR D 449 24.49 8.05 -18.46
N THR D 450 24.31 7.42 -19.61
CA THR D 450 23.25 7.77 -20.53
C THR D 450 21.92 7.30 -19.96
N LYS D 451 20.99 8.22 -19.79
CA LYS D 451 19.68 7.93 -19.21
C LYS D 451 18.66 7.79 -20.34
N LEU D 452 18.27 6.56 -20.65
CA LEU D 452 17.29 6.28 -21.69
C LEU D 452 16.05 5.68 -21.05
N CYS D 453 15.04 5.41 -21.87
CA CYS D 453 13.83 4.77 -21.38
C CYS D 453 13.47 3.62 -22.31
N CYS D 454 13.26 2.44 -21.73
CA CYS D 454 13.05 1.20 -22.46
C CYS D 454 11.60 0.74 -22.27
N LYS D 455 11.04 0.17 -23.34
CA LYS D 455 9.71 -0.40 -23.31
C LYS D 455 9.68 -1.63 -24.21
N GLY D 456 8.54 -2.31 -24.24
CA GLY D 456 8.37 -3.42 -25.16
C GLY D 456 7.78 -4.62 -24.48
N PHE D 457 7.78 -5.75 -25.21
CA PHE D 457 7.17 -6.98 -24.70
C PHE D 457 7.94 -7.51 -23.49
N CYS D 458 9.26 -7.63 -23.63
CA CYS D 458 10.07 -8.17 -22.54
C CYS D 458 10.09 -7.23 -21.34
N ILE D 459 10.03 -5.93 -21.57
CA ILE D 459 9.99 -5.00 -20.44
C ILE D 459 8.68 -5.11 -19.69
N ASP D 460 7.56 -5.32 -20.41
CA ASP D 460 6.29 -5.55 -19.74
C ASP D 460 6.33 -6.85 -18.94
N ILE D 461 6.93 -7.90 -19.50
CA ILE D 461 7.10 -9.14 -18.74
C ILE D 461 7.91 -8.90 -17.48
N LEU D 462 8.98 -8.10 -17.59
CA LEU D 462 9.82 -7.82 -16.43
C LEU D 462 9.06 -7.03 -15.37
N LYS D 463 8.25 -6.06 -15.78
CA LYS D 463 7.47 -5.29 -14.81
C LYS D 463 6.45 -6.18 -14.09
N LYS D 464 5.78 -7.07 -14.82
CA LYS D 464 4.84 -7.99 -14.18
C LYS D 464 5.57 -8.91 -13.21
N LEU D 465 6.74 -9.42 -13.62
CA LEU D 465 7.52 -10.28 -12.74
C LEU D 465 7.95 -9.54 -11.49
N ALA D 466 8.34 -8.27 -11.62
CA ALA D 466 8.74 -7.50 -10.47
C ALA D 466 7.57 -7.27 -9.52
N LYS D 467 6.39 -7.01 -10.06
CA LYS D 467 5.25 -6.76 -9.18
C LYS D 467 4.75 -8.05 -8.52
N VAL D 468 5.00 -9.21 -9.14
CA VAL D 468 4.55 -10.47 -8.56
C VAL D 468 5.57 -11.03 -7.58
N VAL D 469 6.79 -11.31 -8.07
CA VAL D 469 7.85 -11.83 -7.22
C VAL D 469 8.33 -10.83 -6.19
N LYS D 470 7.95 -9.56 -6.33
CA LYS D 470 8.27 -8.51 -5.37
C LYS D 470 9.79 -8.35 -5.21
N PHE D 471 10.43 -7.91 -6.29
CA PHE D 471 11.83 -7.52 -6.24
C PHE D 471 11.99 -6.16 -6.90
N SER D 472 13.06 -5.48 -6.54
CA SER D 472 13.48 -4.25 -7.19
C SER D 472 14.55 -4.57 -8.23
N TYR D 473 14.74 -3.65 -9.16
CA TYR D 473 15.70 -3.89 -10.23
C TYR D 473 16.11 -2.58 -10.87
N ASP D 474 17.29 -2.57 -11.46
CA ASP D 474 17.67 -1.58 -12.44
C ASP D 474 17.73 -2.25 -13.80
N LEU D 475 18.13 -1.51 -14.82
CA LEU D 475 18.13 -2.02 -16.19
C LEU D 475 19.26 -1.35 -16.93
N TYR D 476 20.13 -2.14 -17.54
CA TYR D 476 21.22 -1.59 -18.34
C TYR D 476 21.39 -2.41 -19.60
N LEU D 477 21.60 -1.70 -20.71
CA LEU D 477 21.80 -2.33 -22.00
C LEU D 477 23.21 -2.91 -22.08
N VAL D 478 23.51 -3.51 -23.23
CA VAL D 478 24.76 -4.23 -23.42
C VAL D 478 25.48 -3.61 -24.62
N THR D 479 26.77 -3.37 -24.47
CA THR D 479 27.57 -2.77 -25.54
C THR D 479 28.73 -3.67 -25.99
N ASN D 480 28.96 -4.79 -25.32
CA ASN D 480 30.00 -5.74 -25.70
C ASN D 480 29.31 -6.96 -26.28
N GLY D 481 29.24 -7.02 -27.60
CA GLY D 481 28.47 -8.07 -28.26
C GLY D 481 27.00 -7.75 -28.22
N LYS D 482 26.20 -8.68 -28.75
CA LYS D 482 24.75 -8.53 -28.77
C LYS D 482 24.04 -9.57 -27.91
N HIS D 483 24.19 -10.85 -28.23
CA HIS D 483 23.40 -11.88 -27.59
C HIS D 483 24.22 -12.91 -26.85
N GLY D 484 25.40 -13.24 -27.34
CA GLY D 484 26.23 -14.23 -26.69
C GLY D 484 26.92 -15.13 -27.68
N LYS D 485 28.24 -15.23 -27.58
CA LYS D 485 29.02 -16.06 -28.47
C LYS D 485 30.35 -16.37 -27.81
N ARG D 486 30.66 -17.65 -27.67
CA ARG D 486 31.89 -18.05 -27.02
C ARG D 486 33.07 -17.78 -27.96
N VAL D 487 33.72 -16.64 -27.78
CA VAL D 487 34.85 -16.23 -28.60
C VAL D 487 36.12 -16.63 -27.87
N ARG D 488 36.80 -17.66 -28.37
CA ARG D 488 38.05 -18.14 -27.79
C ARG D 488 37.89 -18.46 -26.30
N GLY D 489 36.74 -19.04 -25.96
CA GLY D 489 36.46 -19.40 -24.58
C GLY D 489 35.92 -18.30 -23.72
N VAL D 490 35.71 -17.11 -24.26
CA VAL D 490 35.19 -15.97 -23.51
C VAL D 490 33.84 -15.58 -24.10
N TRP D 491 32.86 -15.39 -23.22
CA TRP D 491 31.49 -15.09 -23.62
C TRP D 491 31.27 -13.58 -23.58
N ASN D 492 30.61 -13.06 -24.61
CA ASN D 492 30.19 -11.66 -24.67
C ASN D 492 28.67 -11.59 -24.67
N GLY D 493 28.14 -10.37 -24.74
CA GLY D 493 26.70 -10.21 -24.79
C GLY D 493 26.04 -10.47 -23.44
N MET D 494 24.72 -10.69 -23.48
CA MET D 494 23.99 -10.95 -22.24
C MET D 494 24.50 -12.21 -21.56
N ILE D 495 24.80 -13.26 -22.34
CA ILE D 495 25.30 -14.49 -21.75
C ILE D 495 26.63 -14.23 -21.06
N GLY D 496 27.48 -13.41 -21.66
CA GLY D 496 28.72 -13.05 -21.00
C GLY D 496 28.51 -12.28 -19.72
N GLU D 497 27.56 -11.34 -19.73
CA GLU D 497 27.30 -10.56 -18.53
C GLU D 497 26.80 -11.42 -17.39
N VAL D 498 25.87 -12.35 -17.68
CA VAL D 498 25.31 -13.19 -16.64
C VAL D 498 26.32 -14.22 -16.17
N TYR D 499 27.09 -14.78 -17.09
CA TYR D 499 28.07 -15.82 -16.74
C TYR D 499 29.16 -15.28 -15.83
N TYR D 500 29.63 -14.07 -16.11
CA TYR D 500 30.71 -13.46 -15.35
C TYR D 500 30.22 -12.64 -14.17
N LYS D 501 29.02 -12.92 -13.68
CA LYS D 501 28.45 -12.37 -12.45
C LYS D 501 28.26 -10.85 -12.50
N ARG D 502 28.37 -10.23 -13.67
CA ARG D 502 28.17 -8.78 -13.74
C ARG D 502 26.70 -8.39 -13.63
N ALA D 503 25.79 -9.26 -14.06
CA ALA D 503 24.37 -9.00 -13.99
C ALA D 503 23.66 -10.19 -13.37
N ASP D 504 22.62 -9.92 -12.57
CA ASP D 504 21.89 -11.00 -11.93
C ASP D 504 21.13 -11.85 -12.93
N MET D 505 20.54 -11.23 -13.94
CA MET D 505 19.76 -11.94 -14.94
C MET D 505 19.69 -11.10 -16.21
N ALA D 506 19.38 -11.76 -17.32
CA ALA D 506 19.28 -11.10 -18.61
C ALA D 506 17.93 -11.43 -19.24
N ILE D 507 17.30 -10.42 -19.81
CA ILE D 507 16.00 -10.58 -20.45
C ILE D 507 16.08 -9.96 -21.84
N GLY D 508 15.17 -10.37 -22.70
CA GLY D 508 15.16 -9.88 -24.06
C GLY D 508 14.93 -11.00 -25.05
N SER D 509 15.43 -10.82 -26.28
CA SER D 509 15.30 -11.84 -27.32
C SER D 509 16.41 -12.88 -27.20
N LEU D 510 16.41 -13.58 -26.07
CA LEU D 510 17.47 -14.52 -25.72
C LEU D 510 16.94 -15.95 -25.94
N THR D 511 17.49 -16.64 -26.93
CA THR D 511 17.04 -17.97 -27.29
C THR D 511 17.71 -19.02 -26.42
N ILE D 512 16.98 -20.08 -26.11
CA ILE D 512 17.48 -21.18 -25.31
C ILE D 512 18.07 -22.24 -26.23
N ASN D 513 19.35 -22.56 -26.03
CA ASN D 513 19.96 -23.69 -26.72
C ASN D 513 20.88 -24.40 -25.74
N GLU D 514 21.49 -25.49 -26.21
CA GLU D 514 22.26 -26.34 -25.30
C GLU D 514 23.54 -25.65 -24.83
N GLU D 515 24.25 -24.97 -25.74
CA GLU D 515 25.54 -24.40 -25.37
C GLU D 515 25.38 -23.33 -24.29
N ARG D 516 24.32 -22.53 -24.36
CA ARG D 516 24.09 -21.53 -23.33
C ARG D 516 23.54 -22.17 -22.06
N SER D 517 22.71 -23.20 -22.20
CA SER D 517 22.10 -23.82 -21.04
C SER D 517 23.10 -24.58 -20.21
N GLU D 518 24.20 -25.03 -20.82
CA GLU D 518 25.28 -25.65 -20.05
C GLU D 518 25.92 -24.64 -19.10
N ILE D 519 26.07 -23.40 -19.55
CA ILE D 519 26.84 -22.41 -18.80
C ILE D 519 25.98 -21.72 -17.75
N ILE D 520 24.74 -21.37 -18.07
CA ILE D 520 23.87 -20.65 -17.15
C ILE D 520 22.50 -21.32 -17.12
N ASP D 521 21.71 -20.91 -16.14
CA ASP D 521 20.36 -21.42 -15.97
C ASP D 521 19.37 -20.59 -16.78
N PHE D 522 18.34 -21.25 -17.29
CA PHE D 522 17.32 -20.61 -18.11
C PHE D 522 15.96 -20.84 -17.48
N SER D 523 15.08 -19.85 -17.62
CA SER D 523 13.72 -20.01 -17.13
C SER D 523 12.89 -20.78 -18.16
N VAL D 524 11.61 -20.95 -17.86
CA VAL D 524 10.70 -21.58 -18.83
C VAL D 524 10.53 -20.65 -20.02
N PRO D 525 10.41 -21.16 -21.24
CA PRO D 525 10.26 -20.29 -22.41
C PRO D 525 8.88 -19.63 -22.41
N PHE D 526 8.87 -18.30 -22.31
CA PHE D 526 7.60 -17.59 -22.26
C PHE D 526 7.10 -17.14 -23.63
N VAL D 527 7.88 -17.34 -24.69
CA VAL D 527 7.41 -17.09 -26.05
C VAL D 527 8.16 -18.00 -27.01
N GLU D 528 7.42 -18.75 -27.81
CA GLU D 528 8.01 -19.75 -28.70
C GLU D 528 8.66 -19.10 -29.92
N THR D 529 9.66 -19.77 -30.46
CA THR D 529 10.49 -19.23 -31.52
C THR D 529 11.31 -20.38 -32.12
N GLY D 530 12.13 -20.04 -33.10
CA GLY D 530 12.99 -21.02 -33.72
C GLY D 530 13.54 -20.47 -35.03
N ILE D 531 14.17 -21.34 -35.79
CA ILE D 531 14.73 -20.95 -37.07
C ILE D 531 13.61 -20.85 -38.10
N SER D 532 13.58 -19.76 -38.84
CA SER D 532 12.56 -19.56 -39.86
C SER D 532 13.17 -18.86 -41.06
N VAL D 533 12.62 -19.17 -42.24
CA VAL D 533 13.13 -18.68 -43.50
C VAL D 533 12.11 -17.73 -44.11
N MET D 534 12.58 -16.56 -44.55
CA MET D 534 11.75 -15.51 -45.09
C MET D 534 12.12 -15.26 -46.55
N VAL D 535 11.12 -15.24 -47.41
CA VAL D 535 11.30 -15.02 -48.83
C VAL D 535 10.34 -13.92 -49.26
N SER D 536 10.65 -13.30 -50.39
CA SER D 536 9.84 -12.23 -50.96
C SER D 536 9.09 -12.76 -52.17
N ARG D 537 7.78 -12.55 -52.20
CA ARG D 537 6.99 -12.99 -53.33
C ARG D 537 6.51 -11.80 -54.16
N ASP D 658 7.17 -21.89 -50.41
CA ASP D 658 6.82 -22.31 -51.75
C ASP D 658 8.06 -22.47 -52.64
N THR D 659 8.99 -21.53 -52.51
CA THR D 659 10.22 -21.61 -53.30
C THR D 659 11.07 -22.81 -52.87
N VAL D 660 11.29 -22.95 -51.57
CA VAL D 660 12.08 -24.07 -51.04
C VAL D 660 11.24 -25.02 -50.21
N SER D 661 10.34 -24.48 -49.38
CA SER D 661 9.42 -25.27 -48.57
C SER D 661 10.17 -26.28 -47.71
N GLY D 662 11.21 -25.81 -47.03
CA GLY D 662 11.98 -26.67 -46.16
C GLY D 662 13.43 -26.27 -46.02
N LEU D 663 13.95 -26.30 -44.79
CA LEU D 663 15.35 -25.97 -44.57
C LEU D 663 16.27 -27.03 -45.13
N SER D 664 15.80 -28.28 -45.24
CA SER D 664 16.59 -29.37 -45.78
C SER D 664 16.41 -29.53 -47.27
N ASP D 665 16.03 -28.46 -47.98
CA ASP D 665 15.81 -28.55 -49.41
C ASP D 665 17.15 -28.68 -50.14
N LYS D 666 17.06 -29.04 -51.42
CA LYS D 666 18.26 -29.23 -52.22
C LYS D 666 19.01 -27.92 -52.40
N LYS D 667 18.28 -26.81 -52.58
CA LYS D 667 18.92 -25.53 -52.86
C LYS D 667 19.81 -25.09 -51.70
N PHE D 668 19.36 -25.31 -50.46
CA PHE D 668 20.17 -24.93 -49.31
C PHE D 668 21.38 -25.84 -49.15
N GLN D 669 21.20 -27.14 -49.37
CA GLN D 669 22.28 -28.10 -49.11
C GLN D 669 23.43 -27.95 -50.12
N ARG D 670 23.10 -27.81 -51.40
CA ARG D 670 24.10 -27.70 -52.46
C ARG D 670 23.79 -26.51 -53.37
N PRO D 671 23.98 -25.29 -52.88
CA PRO D 671 23.75 -24.11 -53.74
C PRO D 671 24.69 -24.04 -54.93
N GLN D 672 25.92 -24.53 -54.77
CA GLN D 672 26.94 -24.35 -55.80
C GLN D 672 26.81 -25.36 -56.94
N ASP D 673 25.86 -26.28 -56.85
CA ASP D 673 25.72 -27.35 -57.85
C ASP D 673 25.52 -26.80 -59.26
N GLN D 674 24.55 -25.91 -59.44
CA GLN D 674 24.25 -25.35 -60.76
C GLN D 674 23.40 -24.10 -60.55
N TYR D 675 22.96 -23.48 -61.66
CA TYR D 675 22.06 -22.34 -61.78
C TYR D 675 22.59 -21.12 -61.02
N PRO D 676 22.04 -19.93 -61.25
CA PRO D 676 22.46 -18.75 -60.47
C PRO D 676 22.35 -19.04 -58.99
N PRO D 677 23.45 -18.88 -58.24
CA PRO D 677 23.49 -19.35 -56.85
C PRO D 677 22.35 -18.82 -55.99
N PHE D 678 21.77 -19.69 -55.18
CA PHE D 678 20.75 -19.28 -54.22
C PHE D 678 21.39 -18.38 -53.18
N ARG D 679 20.88 -17.16 -53.05
CA ARG D 679 21.49 -16.14 -52.21
C ARG D 679 20.75 -16.08 -50.89
N PHE D 680 21.27 -16.75 -49.87
CA PHE D 680 20.66 -16.77 -48.55
C PHE D 680 21.72 -16.53 -47.50
N GLY D 681 21.40 -15.72 -46.49
CA GLY D 681 22.33 -15.41 -45.43
C GLY D 681 21.63 -15.07 -44.14
N THR D 682 22.39 -14.65 -43.13
CA THR D 682 21.83 -14.34 -41.82
C THR D 682 22.77 -13.39 -41.10
N VAL D 683 22.25 -12.79 -40.03
CA VAL D 683 23.07 -12.01 -39.12
C VAL D 683 23.84 -12.98 -38.24
N PRO D 684 25.17 -12.93 -38.21
CA PRO D 684 25.94 -13.93 -37.48
C PRO D 684 25.92 -13.65 -35.98
N ASN D 685 26.61 -14.53 -35.24
CA ASN D 685 26.74 -14.44 -33.78
C ASN D 685 25.38 -14.55 -33.09
N GLY D 686 24.72 -15.70 -33.29
CA GLY D 686 23.43 -15.92 -32.69
C GLY D 686 23.14 -17.41 -32.62
N SER D 687 21.93 -17.73 -32.16
CA SER D 687 21.52 -19.12 -32.11
C SER D 687 21.39 -19.72 -33.50
N THR D 688 20.86 -18.95 -34.45
CA THR D 688 20.64 -19.47 -35.79
C THR D 688 21.94 -19.82 -36.47
N GLU D 689 22.93 -18.93 -36.39
CA GLU D 689 24.23 -19.21 -37.00
C GLU D 689 24.89 -20.41 -36.34
N ARG D 690 24.79 -20.51 -35.01
CA ARG D 690 25.35 -21.65 -34.30
C ARG D 690 24.70 -22.95 -34.74
N ASN D 691 23.38 -22.96 -34.87
CA ASN D 691 22.66 -24.15 -35.30
C ASN D 691 23.07 -24.55 -36.71
N ILE D 692 23.15 -23.58 -37.61
CA ILE D 692 23.52 -23.87 -38.99
C ILE D 692 24.94 -24.41 -39.07
N ARG D 693 25.88 -23.80 -38.33
CA ARG D 693 27.25 -24.28 -38.35
C ARG D 693 27.35 -25.69 -37.76
N SER D 694 26.65 -25.95 -36.66
CA SER D 694 26.77 -27.25 -36.02
C SER D 694 26.11 -28.36 -36.83
N ASN D 695 25.10 -28.04 -37.64
CA ASN D 695 24.39 -29.07 -38.38
C ASN D 695 24.80 -29.17 -39.84
N TYR D 696 24.91 -28.05 -40.55
CA TYR D 696 25.11 -28.07 -42.00
C TYR D 696 26.38 -27.28 -42.32
N ARG D 697 27.48 -27.99 -42.60
CA ARG D 697 28.74 -27.31 -42.83
C ARG D 697 28.75 -26.58 -44.17
N ASP D 698 28.28 -27.23 -45.23
CA ASP D 698 28.31 -26.61 -46.55
C ASP D 698 27.42 -25.38 -46.61
N MET D 699 26.24 -25.44 -46.00
CA MET D 699 25.36 -24.28 -46.00
C MET D 699 25.99 -23.12 -45.25
N HIS D 700 26.64 -23.40 -44.12
CA HIS D 700 27.29 -22.33 -43.37
C HIS D 700 28.44 -21.73 -44.18
N THR D 701 29.21 -22.58 -44.86
CA THR D 701 30.30 -22.08 -45.69
C THR D 701 29.78 -21.18 -46.79
N HIS D 702 28.65 -21.55 -47.39
CA HIS D 702 28.07 -20.69 -48.42
C HIS D 702 27.51 -19.39 -47.84
N MET D 703 26.87 -19.46 -46.67
CA MET D 703 26.32 -18.25 -46.06
C MET D 703 27.38 -17.35 -45.48
N VAL D 704 28.63 -17.79 -45.38
CA VAL D 704 29.70 -16.91 -44.93
C VAL D 704 29.80 -15.69 -45.84
N LYS D 705 29.58 -15.88 -47.14
CA LYS D 705 29.67 -14.77 -48.08
C LYS D 705 28.64 -13.69 -47.79
N PHE D 706 27.38 -14.09 -47.63
CA PHE D 706 26.29 -13.15 -47.39
C PHE D 706 26.06 -12.91 -45.91
N ASN D 707 27.11 -12.49 -45.20
CA ASN D 707 27.03 -12.27 -43.76
C ASN D 707 26.48 -10.86 -43.52
N GLN D 708 25.16 -10.77 -43.44
CA GLN D 708 24.52 -9.48 -43.20
C GLN D 708 24.82 -8.99 -41.80
N ARG D 709 24.57 -7.71 -41.57
CA ARG D 709 24.90 -7.09 -40.30
C ARG D 709 23.71 -6.64 -39.48
N SER D 710 22.60 -6.29 -40.12
CA SER D 710 21.40 -5.82 -39.43
C SER D 710 20.19 -6.50 -40.03
N VAL D 711 19.14 -6.66 -39.21
CA VAL D 711 17.90 -7.26 -39.68
C VAL D 711 17.23 -6.33 -40.70
N GLU D 712 17.25 -5.03 -40.41
CA GLU D 712 16.68 -4.06 -41.34
C GLU D 712 17.45 -4.04 -42.66
N ASP D 713 18.77 -4.10 -42.58
CA ASP D 713 19.58 -4.16 -43.79
C ASP D 713 19.28 -5.42 -44.57
N ALA D 714 19.06 -6.54 -43.87
CA ALA D 714 18.72 -7.79 -44.54
C ALA D 714 17.37 -7.71 -45.23
N LEU D 715 16.39 -7.06 -44.59
CA LEU D 715 15.09 -6.89 -45.25
C LEU D 715 15.21 -5.98 -46.47
N THR D 716 16.01 -4.93 -46.36
CA THR D 716 16.25 -4.06 -47.51
C THR D 716 16.87 -4.83 -48.67
N SER D 717 17.88 -5.64 -48.38
CA SER D 717 18.51 -6.45 -49.42
C SER D 717 17.54 -7.46 -49.99
N LEU D 718 16.66 -8.01 -49.16
CA LEU D 718 15.66 -8.95 -49.64
C LEU D 718 14.69 -8.29 -50.60
N LYS D 719 14.25 -7.07 -50.29
CA LYS D 719 13.34 -6.35 -51.16
C LYS D 719 14.02 -5.90 -52.45
N MET D 720 15.28 -5.48 -52.36
CA MET D 720 15.99 -5.00 -53.54
C MET D 720 16.32 -6.15 -54.49
N GLY D 721 16.57 -7.34 -53.96
CA GLY D 721 16.86 -8.49 -54.79
C GLY D 721 18.27 -9.02 -54.63
N LYS D 722 19.02 -8.48 -53.67
CA LYS D 722 20.39 -8.94 -53.43
C LYS D 722 20.43 -10.30 -52.74
N LEU D 723 19.34 -10.70 -52.09
CA LEU D 723 19.19 -12.07 -51.62
C LEU D 723 17.71 -12.39 -51.63
N ASP D 724 17.40 -13.69 -51.71
CA ASP D 724 16.02 -14.13 -51.81
C ASP D 724 15.57 -15.04 -50.68
N ALA D 725 16.45 -15.36 -49.73
CA ALA D 725 16.06 -16.09 -48.54
C ALA D 725 16.83 -15.54 -47.36
N PHE D 726 16.13 -15.28 -46.25
CA PHE D 726 16.73 -14.75 -45.03
C PHE D 726 16.38 -15.69 -43.89
N ILE D 727 17.39 -16.25 -43.24
CA ILE D 727 17.21 -17.24 -42.19
C ILE D 727 17.46 -16.56 -40.85
N TYR D 728 16.47 -16.58 -39.98
CA TYR D 728 16.59 -15.84 -38.72
C TYR D 728 15.63 -16.43 -37.69
N ASP D 729 15.39 -15.66 -36.63
CA ASP D 729 14.54 -16.10 -35.55
C ASP D 729 13.07 -16.00 -35.95
N ALA D 730 12.28 -16.99 -35.54
CA ALA D 730 10.88 -17.02 -35.98
C ALA D 730 10.05 -15.93 -35.33
N ALA D 731 10.28 -15.66 -34.04
CA ALA D 731 9.46 -14.68 -33.34
C ALA D 731 9.60 -13.28 -33.93
N VAL D 732 10.81 -12.91 -34.34
CA VAL D 732 11.00 -11.59 -34.92
C VAL D 732 10.67 -11.57 -36.41
N LEU D 733 10.91 -12.67 -37.13
CA LEU D 733 10.55 -12.70 -38.54
C LEU D 733 9.05 -12.65 -38.72
N ASN D 734 8.29 -13.30 -37.85
CA ASN D 734 6.83 -13.20 -37.94
C ASN D 734 6.36 -11.77 -37.72
N TYR D 735 6.96 -11.06 -36.76
CA TYR D 735 6.60 -9.67 -36.55
C TYR D 735 6.95 -8.83 -37.76
N MET D 736 8.14 -9.04 -38.34
CA MET D 736 8.54 -8.26 -39.51
C MET D 736 7.63 -8.53 -40.69
N ALA D 737 7.18 -9.78 -40.83
CA ALA D 737 6.24 -10.11 -41.90
C ALA D 737 4.88 -9.47 -41.67
N GLY D 738 4.43 -9.41 -40.42
CA GLY D 738 3.09 -8.90 -40.16
C GLY D 738 2.94 -7.44 -40.54
N LYS D 739 3.90 -6.61 -40.13
CA LYS D 739 3.81 -5.17 -40.38
C LYS D 739 4.55 -4.77 -41.66
N ASP D 740 4.24 -5.41 -42.77
CA ASP D 740 4.91 -5.13 -44.03
C ASP D 740 3.92 -4.60 -45.05
N GLU D 741 4.32 -3.57 -45.80
CA GLU D 741 3.49 -3.06 -46.88
C GLU D 741 3.39 -4.08 -48.02
N GLY D 742 4.51 -4.67 -48.40
CA GLY D 742 4.53 -5.73 -49.40
C GLY D 742 4.13 -7.10 -48.90
N CYS D 743 3.95 -7.24 -47.58
CA CYS D 743 3.48 -8.46 -46.96
C CYS D 743 4.35 -9.66 -47.36
N LYS D 744 5.60 -9.60 -46.93
CA LYS D 744 6.51 -10.71 -47.13
C LYS D 744 5.97 -11.97 -46.46
N LEU D 745 6.19 -13.11 -47.09
CA LEU D 745 5.66 -14.37 -46.63
C LEU D 745 6.79 -15.26 -46.14
N VAL D 746 6.58 -15.92 -45.01
CA VAL D 746 7.50 -16.95 -44.54
C VAL D 746 7.40 -18.16 -45.47
N THR D 747 8.47 -18.94 -45.54
CA THR D 747 8.64 -19.92 -46.60
C THR D 747 7.55 -20.98 -46.63
N ILE D 748 6.95 -21.29 -45.47
CA ILE D 748 5.80 -22.18 -45.38
C ILE D 748 4.82 -21.59 -44.39
N GLY D 749 3.63 -22.17 -44.33
CA GLY D 749 2.62 -21.76 -43.36
C GLY D 749 3.16 -21.74 -41.96
N SER D 750 2.82 -20.69 -41.20
CA SER D 750 3.32 -20.50 -39.84
C SER D 750 4.85 -20.51 -39.80
N GLY D 751 5.47 -20.33 -40.96
CA GLY D 751 6.91 -20.40 -41.08
C GLY D 751 7.47 -21.81 -40.99
N LYS D 752 6.67 -22.75 -40.51
CA LYS D 752 7.15 -24.08 -40.16
C LYS D 752 8.43 -23.96 -39.34
N VAL D 753 8.32 -23.40 -38.14
CA VAL D 753 9.45 -23.20 -37.23
C VAL D 753 10.30 -24.45 -37.13
N PHE D 754 11.57 -24.34 -37.50
CA PHE D 754 12.54 -25.41 -37.33
C PHE D 754 13.36 -25.19 -36.07
N ALA D 755 13.78 -26.27 -35.44
CA ALA D 755 14.55 -26.24 -34.19
C ALA D 755 13.83 -25.42 -33.13
N THR D 756 12.62 -25.88 -32.80
CA THR D 756 11.72 -25.10 -31.96
C THR D 756 12.30 -24.91 -30.57
N THR D 757 12.38 -23.66 -30.13
CA THR D 757 12.81 -23.30 -28.79
C THR D 757 11.95 -22.13 -28.32
N GLY D 758 12.41 -21.42 -27.30
CA GLY D 758 11.69 -20.26 -26.82
C GLY D 758 12.65 -19.24 -26.25
N TYR D 759 12.12 -18.06 -25.96
CA TYR D 759 12.89 -17.04 -25.27
C TYR D 759 12.84 -17.31 -23.78
N GLY D 760 14.00 -17.25 -23.13
CA GLY D 760 14.08 -17.49 -21.71
C GLY D 760 14.78 -16.35 -21.01
N ILE D 761 14.61 -16.31 -19.69
CA ILE D 761 15.32 -15.37 -18.84
C ILE D 761 16.57 -16.07 -18.30
N ALA D 762 17.73 -15.67 -18.80
CA ALA D 762 18.97 -16.27 -18.36
C ALA D 762 19.29 -15.81 -16.94
N MET D 763 19.72 -16.76 -16.10
CA MET D 763 20.09 -16.47 -14.73
C MET D 763 21.41 -17.14 -14.42
N GLN D 764 22.06 -16.68 -13.36
CA GLN D 764 23.29 -17.30 -12.92
C GLN D 764 23.02 -18.75 -12.50
N LYS D 765 24.01 -19.60 -12.72
CA LYS D 765 23.84 -21.02 -12.42
C LYS D 765 23.60 -21.23 -10.94
N ASP D 766 22.64 -22.10 -10.62
CA ASP D 766 22.30 -22.45 -9.25
C ASP D 766 21.82 -21.23 -8.45
N SER D 767 21.19 -20.28 -9.12
CA SER D 767 20.65 -19.11 -8.44
C SER D 767 19.36 -19.47 -7.71
N HIS D 768 19.03 -18.68 -6.70
CA HIS D 768 17.83 -18.93 -5.92
C HIS D 768 16.59 -18.25 -6.49
N TRP D 769 16.74 -17.37 -7.47
CA TRP D 769 15.57 -16.76 -8.11
C TRP D 769 14.94 -17.65 -9.16
N LYS D 770 15.58 -18.76 -9.52
CA LYS D 770 15.14 -19.54 -10.67
C LYS D 770 13.73 -20.08 -10.48
N ARG D 771 13.48 -20.74 -9.35
CA ARG D 771 12.17 -21.35 -9.11
C ARG D 771 11.07 -20.31 -9.02
N ALA D 772 11.33 -19.21 -8.30
CA ALA D 772 10.32 -18.18 -8.15
C ALA D 772 9.97 -17.55 -9.50
N ILE D 773 10.99 -17.29 -10.32
CA ILE D 773 10.73 -16.70 -11.63
C ILE D 773 10.03 -17.70 -12.56
N ASP D 774 10.38 -18.98 -12.47
CA ASP D 774 9.69 -19.98 -13.28
C ASP D 774 8.22 -20.06 -12.91
N LEU D 775 7.92 -20.09 -11.61
CA LEU D 775 6.52 -20.14 -11.18
C LEU D 775 5.77 -18.88 -11.59
N ALA D 776 6.42 -17.72 -11.49
CA ALA D 776 5.77 -16.49 -11.91
C ALA D 776 5.46 -16.49 -13.39
N LEU D 777 6.40 -16.96 -14.21
CA LEU D 777 6.16 -17.02 -15.65
C LEU D 777 5.05 -17.99 -15.99
N LEU D 778 5.03 -19.15 -15.32
CA LEU D 778 3.95 -20.10 -15.58
C LEU D 778 2.60 -19.53 -15.17
N GLN D 779 2.55 -18.81 -14.06
CA GLN D 779 1.31 -18.16 -13.65
C GLN D 779 0.86 -17.12 -14.66
N LEU D 780 1.81 -16.33 -15.17
CA LEU D 780 1.46 -15.33 -16.18
C LEU D 780 0.93 -15.99 -17.45
N LEU D 781 1.55 -17.10 -17.86
CA LEU D 781 1.07 -17.83 -19.03
C LEU D 781 -0.33 -18.39 -18.80
N GLY D 782 -0.58 -18.93 -17.60
CA GLY D 782 -1.88 -19.50 -17.33
C GLY D 782 -3.00 -18.48 -17.29
N ASP D 783 -2.73 -17.31 -16.76
CA ASP D 783 -3.75 -16.27 -16.60
C ASP D 783 -4.09 -15.56 -17.90
N GLY D 784 -3.35 -15.81 -18.97
CA GLY D 784 -3.63 -15.16 -20.23
C GLY D 784 -3.09 -13.76 -20.36
N GLU D 785 -2.21 -13.33 -19.44
CA GLU D 785 -1.61 -12.01 -19.56
C GLU D 785 -0.61 -11.94 -20.69
N THR D 786 0.13 -13.04 -20.93
CA THR D 786 1.04 -13.07 -22.07
C THR D 786 0.30 -12.94 -23.39
N GLN D 787 -0.91 -13.49 -23.48
CA GLN D 787 -1.72 -13.32 -24.69
C GLN D 787 -2.08 -11.86 -24.89
N LYS D 788 -2.44 -11.15 -23.83
CA LYS D 788 -2.73 -9.72 -23.95
C LYS D 788 -1.49 -8.95 -24.39
N LEU D 789 -0.33 -9.29 -23.82
CA LEU D 789 0.90 -8.63 -24.25
C LEU D 789 1.19 -8.89 -25.73
N GLU D 790 0.96 -10.12 -26.18
CA GLU D 790 1.17 -10.43 -27.59
C GLU D 790 0.22 -9.66 -28.48
N THR D 791 -1.04 -9.52 -28.04
CA THR D 791 -2.00 -8.75 -28.80
C THR D 791 -1.59 -7.28 -28.90
N VAL D 792 -1.10 -6.71 -27.80
CA VAL D 792 -0.77 -5.29 -27.79
C VAL D 792 0.60 -5.00 -28.39
N TRP D 793 1.46 -6.01 -28.56
CA TRP D 793 2.81 -5.78 -29.05
C TRP D 793 3.14 -6.48 -30.36
N LEU D 794 2.60 -7.67 -30.60
CA LEU D 794 2.98 -8.47 -31.76
C LEU D 794 1.88 -8.53 -32.82
N SER D 795 0.83 -7.72 -32.70
CA SER D 795 -0.23 -7.71 -33.69
C SER D 795 0.28 -7.17 -35.02
N GLY D 796 -0.15 -7.80 -36.11
CA GLY D 796 0.35 -7.46 -37.42
C GLY D 796 -0.74 -6.91 -38.32
N ILE D 797 -0.32 -6.02 -39.22
CA ILE D 797 -1.26 -5.38 -40.14
C ILE D 797 -1.88 -6.40 -41.08
N CYS D 798 -1.04 -7.23 -41.70
CA CYS D 798 -1.51 -8.20 -42.68
C CYS D 798 -1.15 -9.63 -42.31
N GLN D 799 -1.02 -9.93 -41.02
CA GLN D 799 -0.86 -11.31 -40.60
C GLN D 799 -2.10 -12.13 -40.90
N ASN D 800 -3.27 -11.55 -40.68
CA ASN D 800 -4.55 -12.22 -40.95
C ASN D 800 -4.71 -12.53 -42.44
#